data_7PQ9
#
_entry.id   7PQ9
#
_cell.length_a   250.840
_cell.length_b   250.840
_cell.length_c   370.300
_cell.angle_alpha   90.000
_cell.angle_beta   90.000
_cell.angle_gamma   120.000
#
_symmetry.space_group_name_H-M   'P 61 2 2'
#
loop_
_entity.id
_entity.type
_entity.pdbx_description
1 polymer 'PLP-dependent aminotransferase family protein'
2 non-polymer 'CALCIUM ION'
3 non-polymer 'CHLORIDE ION'
4 non-polymer 'TRIETHYLENE GLYCOL'
5 non-polymer 1,2-ETHANEDIOL
6 non-polymer DI(HYDROXYETHYL)ETHER
7 non-polymer 'HEXAETHYLENE GLYCOL'
8 water water
#
_entity_poly.entity_id   1
_entity_poly.type   'polypeptide(L)'
_entity_poly.pdbx_seq_one_letter_code
;MELLWCELNRDLPTPLYEQLYAHIKTEITEGRIGYGTKLPSKRKLADSLKLSQNTVEAAYEQLVAEGYVEVIPRKGFYVQ
AYEDLEYIRAPQAPGDALATKQDTIRYNFHPTHIDTTSFPFEQWRKYFKQTMCKENHRLLLNGDHQGEASFRREIAYYLH
HSRGVNCTPEQVVVGAGVETLLQQLFLLLGESKVYGIEDPGYQLMRKLLSHYPNDYVPFQVDEEGIDVDSIVRTAVDVVY
TTPSRHFPYGSVLSINRRKQLLHWAEAHENRYIIEDDYDSEFRYTGKTIPSLQSMDVHNKVIYLGAFSKSLIPSVRISYM
VLPAPLAHLYKNKFSYYHSTVSRIDQQVLTAFMKQGDFEKHLNRMRKIYRRKLEKVLSLLKRYEDKLLIIGERSGLHIVL
VVKNGMDEQTLVEKALAAKAKVYPLSAYSLERAIHPPQIVLGFGSIPEDELEEAIATVLNAWGFLVPRGSLEHHHHHH
;
_entity_poly.pdbx_strand_id   AAA,BBB,CCC,DDD,EEE,FFF,GGG,HHH,III,JJJ,KKK
#
# COMPACT_ATOMS: atom_id res chain seq x y z
N ASP A 103 -46.91 -28.44 9.24
CA ASP A 103 -48.23 -29.03 9.57
C ASP A 103 -48.09 -30.54 9.80
N THR A 104 -49.12 -31.17 10.37
CA THR A 104 -49.49 -32.51 9.96
C THR A 104 -50.61 -32.39 8.92
N ILE A 105 -50.51 -33.23 7.88
CA ILE A 105 -51.57 -33.66 6.96
C ILE A 105 -52.66 -34.42 7.72
N ARG A 106 -53.91 -34.00 7.49
CA ARG A 106 -55.04 -34.51 8.25
C ARG A 106 -55.70 -35.66 7.49
N TYR A 107 -55.78 -35.50 6.16
CA TYR A 107 -56.37 -36.47 5.24
C TYR A 107 -55.38 -36.84 4.14
N ASN A 108 -55.02 -38.13 4.09
CA ASN A 108 -54.03 -38.60 3.13
C ASN A 108 -54.68 -39.55 2.14
N PHE A 109 -54.90 -39.05 0.91
CA PHE A 109 -55.62 -39.81 -0.09
C PHE A 109 -54.71 -40.74 -0.87
N HIS A 110 -53.89 -41.51 -0.16
CA HIS A 110 -52.91 -42.38 -0.77
C HIS A 110 -53.57 -43.62 -1.37
N PRO A 111 -53.26 -43.92 -2.66
CA PRO A 111 -53.84 -45.08 -3.35
C PRO A 111 -53.55 -46.44 -2.73
N THR A 112 -52.46 -46.56 -1.95
CA THR A 112 -52.07 -47.87 -1.46
C THR A 112 -52.36 -48.01 0.04
N HIS A 113 -53.00 -47.01 0.64
CA HIS A 113 -53.25 -47.06 2.07
C HIS A 113 -54.38 -48.03 2.35
N ILE A 114 -54.36 -48.58 3.57
CA ILE A 114 -55.41 -49.47 4.01
C ILE A 114 -56.19 -48.81 5.15
N ASP A 115 -57.34 -49.39 5.49
CA ASP A 115 -58.08 -48.97 6.65
C ASP A 115 -57.41 -49.52 7.90
N THR A 116 -56.55 -48.71 8.52
CA THR A 116 -55.73 -49.16 9.63
C THR A 116 -56.57 -49.40 10.88
N THR A 117 -57.65 -48.64 11.03
CA THR A 117 -58.45 -48.69 12.26
C THR A 117 -59.20 -50.03 12.35
N SER A 118 -59.47 -50.65 11.19
CA SER A 118 -60.26 -51.86 11.00
C SER A 118 -59.49 -53.14 11.27
N PHE A 119 -58.18 -53.07 11.47
CA PHE A 119 -57.36 -54.26 11.40
C PHE A 119 -57.62 -55.13 12.64
N PRO A 120 -57.67 -56.49 12.51
CA PRO A 120 -57.84 -57.36 13.68
C PRO A 120 -56.67 -57.44 14.65
N PHE A 121 -56.39 -56.33 15.35
CA PHE A 121 -55.28 -56.26 16.29
C PHE A 121 -55.31 -57.43 17.28
N GLU A 122 -56.52 -57.81 17.71
CA GLU A 122 -56.61 -58.74 18.81
C GLU A 122 -56.14 -60.12 18.36
N GLN A 123 -56.59 -60.48 17.14
CA GLN A 123 -56.25 -61.79 16.60
C GLN A 123 -54.76 -61.85 16.32
N TRP A 124 -54.24 -60.76 15.70
CA TRP A 124 -52.84 -60.73 15.31
C TRP A 124 -51.99 -60.94 16.55
N ARG A 125 -52.39 -60.22 17.61
CA ARG A 125 -51.67 -60.26 18.87
C ARG A 125 -51.72 -61.67 19.45
N LYS A 126 -52.87 -62.34 19.27
CA LYS A 126 -53.07 -63.71 19.71
C LYS A 126 -52.08 -64.63 19.02
N TYR A 127 -52.01 -64.54 17.68
CA TYR A 127 -51.11 -65.41 16.96
C TYR A 127 -49.65 -65.10 17.30
N PHE A 128 -49.38 -63.80 17.54
CA PHE A 128 -48.04 -63.43 17.95
C PHE A 128 -47.67 -64.16 19.24
N LYS A 129 -48.60 -64.10 20.21
CA LYS A 129 -48.45 -64.74 21.51
C LYS A 129 -48.18 -66.24 21.35
N GLN A 130 -48.92 -66.90 20.44
CA GLN A 130 -48.75 -68.32 20.19
C GLN A 130 -47.39 -68.63 19.60
N THR A 131 -46.88 -67.74 18.71
CA THR A 131 -45.65 -68.03 18.00
C THR A 131 -44.40 -67.66 18.79
N MET A 132 -44.41 -66.46 19.41
CA MET A 132 -43.21 -65.91 20.03
C MET A 132 -43.21 -66.32 21.51
N CYS A 133 -42.55 -67.46 21.79
CA CYS A 133 -42.64 -68.07 23.12
C CYS A 133 -41.60 -69.19 23.25
N LYS A 134 -41.32 -69.57 24.52
CA LYS A 134 -40.18 -70.41 24.87
C LYS A 134 -40.16 -71.73 24.06
N GLU A 135 -41.36 -72.28 23.75
CA GLU A 135 -41.45 -73.58 23.09
C GLU A 135 -40.97 -73.48 21.64
N ASN A 136 -41.16 -72.31 21.03
CA ASN A 136 -40.78 -72.07 19.65
C ASN A 136 -39.41 -71.40 19.54
N HIS A 137 -38.56 -71.62 20.54
CA HIS A 137 -37.31 -70.91 20.63
C HIS A 137 -36.48 -71.08 19.35
N ARG A 138 -36.69 -72.17 18.61
CA ARG A 138 -35.85 -72.41 17.45
C ARG A 138 -36.21 -71.45 16.31
N LEU A 139 -37.39 -70.85 16.37
CA LEU A 139 -37.83 -69.85 15.39
C LEU A 139 -36.90 -68.63 15.39
N LEU A 140 -36.14 -68.42 16.48
CA LEU A 140 -35.25 -67.28 16.56
C LEU A 140 -34.01 -67.48 15.68
N LEU A 141 -33.66 -68.72 15.31
CA LEU A 141 -32.57 -68.90 14.35
C LEU A 141 -33.09 -68.76 12.93
N ASN A 142 -32.19 -68.54 11.97
CA ASN A 142 -32.69 -68.28 10.61
C ASN A 142 -33.19 -69.57 9.97
N GLY A 143 -34.29 -69.48 9.22
CA GLY A 143 -34.89 -70.59 8.52
C GLY A 143 -34.40 -70.71 7.06
N ASP A 144 -35.27 -71.26 6.22
CA ASP A 144 -34.96 -71.44 4.81
C ASP A 144 -34.95 -70.04 4.20
N HIS A 145 -33.86 -69.73 3.45
CA HIS A 145 -33.77 -68.45 2.75
C HIS A 145 -35.01 -68.09 1.93
N GLN A 146 -35.60 -69.09 1.29
CA GLN A 146 -36.63 -68.89 0.29
C GLN A 146 -37.95 -68.56 0.97
N GLY A 147 -38.02 -68.85 2.28
CA GLY A 147 -39.29 -68.71 3.01
C GLY A 147 -39.51 -69.95 3.86
N GLU A 148 -40.29 -69.85 4.93
CA GLU A 148 -40.71 -71.02 5.68
C GLU A 148 -41.58 -71.92 4.83
N ALA A 149 -41.30 -73.23 4.87
CA ALA A 149 -42.09 -74.17 4.07
C ALA A 149 -43.58 -74.08 4.43
N SER A 150 -43.93 -74.07 5.72
CA SER A 150 -45.31 -73.82 6.12
C SER A 150 -45.90 -72.61 5.39
N PHE A 151 -45.10 -71.56 5.23
CA PHE A 151 -45.68 -70.29 4.81
C PHE A 151 -45.83 -70.34 3.30
N ARG A 152 -44.84 -70.95 2.65
CA ARG A 152 -44.87 -71.10 1.20
C ARG A 152 -46.07 -71.93 0.80
N ARG A 153 -46.33 -72.99 1.59
CA ARG A 153 -47.49 -73.86 1.44
C ARG A 153 -48.80 -73.07 1.49
N GLU A 154 -49.00 -72.26 2.52
CA GLU A 154 -50.19 -71.43 2.63
C GLU A 154 -50.31 -70.44 1.46
N ILE A 155 -49.16 -70.02 0.91
CA ILE A 155 -49.18 -69.02 -0.14
C ILE A 155 -49.73 -69.71 -1.36
N ALA A 156 -49.20 -70.91 -1.63
CA ALA A 156 -49.60 -71.71 -2.78
C ALA A 156 -51.09 -72.06 -2.69
N TYR A 157 -51.55 -72.50 -1.51
CA TYR A 157 -52.96 -72.67 -1.25
C TYR A 157 -53.76 -71.41 -1.56
N TYR A 158 -53.39 -70.29 -0.91
CA TYR A 158 -54.12 -69.02 -1.02
C TYR A 158 -54.22 -68.62 -2.50
N LEU A 159 -53.10 -68.79 -3.24
CA LEU A 159 -53.03 -68.22 -4.57
C LEU A 159 -53.91 -69.04 -5.50
N HIS A 160 -54.03 -70.34 -5.18
CA HIS A 160 -54.86 -71.25 -5.95
C HIS A 160 -56.34 -70.86 -5.80
N HIS A 161 -56.83 -70.82 -4.56
CA HIS A 161 -58.23 -70.46 -4.33
C HIS A 161 -58.60 -69.06 -4.80
N SER A 162 -57.69 -68.09 -4.71
CA SER A 162 -58.08 -66.69 -4.90
C SER A 162 -57.86 -66.26 -6.34
N ARG A 163 -56.86 -66.86 -7.02
CA ARG A 163 -56.39 -66.32 -8.29
C ARG A 163 -56.21 -67.43 -9.32
N GLY A 164 -56.30 -68.67 -8.89
CA GLY A 164 -56.17 -69.81 -9.79
C GLY A 164 -54.72 -70.10 -10.13
N VAL A 165 -53.83 -69.70 -9.25
CA VAL A 165 -52.43 -69.84 -9.56
C VAL A 165 -52.03 -71.28 -9.27
N ASN A 166 -51.25 -71.84 -10.17
CA ASN A 166 -50.83 -73.21 -9.95
C ASN A 166 -49.35 -73.22 -9.72
N CYS A 167 -48.95 -73.56 -8.49
CA CYS A 167 -47.53 -73.64 -8.22
C CYS A 167 -47.29 -74.57 -7.04
N THR A 168 -46.05 -75.06 -6.95
CA THR A 168 -45.62 -75.79 -5.78
C THR A 168 -45.06 -74.79 -4.78
N PRO A 169 -45.00 -75.16 -3.49
CA PRO A 169 -44.35 -74.31 -2.49
C PRO A 169 -42.88 -74.03 -2.81
N GLU A 170 -42.25 -74.90 -3.60
CA GLU A 170 -40.82 -74.78 -3.85
C GLU A 170 -40.60 -73.74 -4.95
N GLN A 171 -41.68 -73.20 -5.50
CA GLN A 171 -41.56 -72.20 -6.54
C GLN A 171 -41.87 -70.81 -5.96
N VAL A 172 -42.21 -70.77 -4.67
CA VAL A 172 -42.60 -69.53 -4.02
C VAL A 172 -41.38 -68.97 -3.30
N VAL A 173 -41.02 -67.72 -3.67
CA VAL A 173 -39.96 -66.98 -2.98
C VAL A 173 -40.56 -65.84 -2.17
N VAL A 174 -40.26 -65.85 -0.87
CA VAL A 174 -40.73 -64.83 0.07
C VAL A 174 -39.63 -63.77 0.27
N GLY A 175 -40.00 -62.51 0.03
CA GLY A 175 -39.08 -61.41 0.26
C GLY A 175 -39.71 -60.13 0.82
N ALA A 176 -38.84 -59.23 1.29
CA ALA A 176 -39.27 -58.02 1.95
C ALA A 176 -39.67 -56.96 0.93
N GLY A 177 -40.91 -57.07 0.48
CA GLY A 177 -41.41 -56.13 -0.52
C GLY A 177 -41.07 -56.53 -1.95
N VAL A 178 -41.95 -56.02 -2.83
CA VAL A 178 -41.83 -56.33 -4.24
C VAL A 178 -40.44 -55.96 -4.76
N GLU A 179 -39.91 -54.83 -4.28
CA GLU A 179 -38.63 -54.32 -4.73
C GLU A 179 -37.52 -55.32 -4.45
N THR A 180 -37.54 -55.98 -3.29
CA THR A 180 -36.50 -56.96 -2.97
C THR A 180 -36.50 -58.07 -4.00
N LEU A 181 -37.71 -58.53 -4.37
CA LEU A 181 -37.86 -59.70 -5.24
C LEU A 181 -37.48 -59.34 -6.68
N LEU A 182 -38.02 -58.23 -7.21
CA LEU A 182 -37.58 -57.79 -8.53
C LEU A 182 -36.06 -57.62 -8.62
N GLN A 183 -35.39 -57.19 -7.55
CA GLN A 183 -33.94 -57.04 -7.66
C GLN A 183 -33.32 -58.41 -7.86
N GLN A 184 -33.84 -59.40 -7.12
CA GLN A 184 -33.27 -60.73 -7.24
C GLN A 184 -33.56 -61.28 -8.63
N LEU A 185 -34.76 -60.95 -9.10
CA LEU A 185 -35.14 -61.41 -10.42
C LEU A 185 -34.20 -60.82 -11.47
N PHE A 186 -33.86 -59.53 -11.37
CA PHE A 186 -33.05 -58.87 -12.38
C PHE A 186 -31.68 -59.54 -12.47
N LEU A 187 -31.13 -59.89 -11.29
CA LEU A 187 -29.85 -60.59 -11.19
C LEU A 187 -29.97 -61.98 -11.79
N LEU A 188 -31.11 -62.65 -11.53
CA LEU A 188 -31.31 -64.03 -11.92
C LEU A 188 -31.38 -64.17 -13.44
N LEU A 189 -32.22 -63.37 -14.09
CA LEU A 189 -32.44 -63.46 -15.54
C LEU A 189 -31.29 -62.93 -16.38
N GLY A 190 -30.36 -62.18 -15.74
CA GLY A 190 -29.17 -61.72 -16.43
C GLY A 190 -29.28 -60.31 -17.00
N GLU A 191 -28.07 -59.82 -17.35
CA GLU A 191 -27.79 -58.41 -17.62
C GLU A 191 -28.27 -58.00 -19.00
N SER A 192 -28.56 -58.98 -19.86
CA SER A 192 -28.85 -58.76 -21.27
C SER A 192 -30.34 -58.52 -21.47
N LYS A 193 -31.19 -58.93 -20.53
CA LYS A 193 -32.63 -58.89 -20.75
C LYS A 193 -33.07 -57.44 -20.89
N VAL A 194 -34.08 -57.24 -21.74
CA VAL A 194 -34.72 -55.94 -21.92
C VAL A 194 -36.16 -55.99 -21.43
N TYR A 195 -36.57 -55.05 -20.59
CA TYR A 195 -37.87 -55.10 -19.91
C TYR A 195 -38.85 -54.15 -20.58
N GLY A 196 -40.06 -54.64 -20.81
CA GLY A 196 -41.12 -53.73 -21.17
C GLY A 196 -42.03 -53.47 -19.98
N ILE A 197 -42.48 -52.23 -19.82
CA ILE A 197 -43.23 -51.83 -18.64
C ILE A 197 -44.44 -51.01 -19.04
N GLU A 198 -45.45 -50.97 -18.16
CA GLU A 198 -46.68 -50.27 -18.46
C GLU A 198 -46.51 -48.77 -18.23
N ASP A 199 -47.11 -47.99 -19.13
CA ASP A 199 -47.28 -46.57 -18.95
C ASP A 199 -48.72 -46.17 -19.24
N PRO A 200 -49.42 -45.44 -18.35
CA PRO A 200 -48.90 -45.07 -17.04
C PRO A 200 -48.80 -46.25 -16.10
N GLY A 201 -48.33 -46.02 -14.88
CA GLY A 201 -48.37 -46.99 -13.80
C GLY A 201 -47.43 -46.56 -12.67
N TYR A 202 -47.35 -47.44 -11.67
CA TYR A 202 -46.44 -47.26 -10.57
C TYR A 202 -45.02 -47.21 -11.17
N GLN A 203 -44.16 -46.36 -10.60
CA GLN A 203 -42.89 -46.08 -11.24
C GLN A 203 -41.76 -47.00 -10.76
N LEU A 204 -42.09 -47.83 -9.75
CA LEU A 204 -41.12 -48.67 -9.08
C LEU A 204 -40.22 -49.40 -10.07
N MET A 205 -40.84 -49.96 -11.11
CA MET A 205 -40.12 -50.88 -11.97
C MET A 205 -39.06 -50.09 -12.74
N ARG A 206 -39.47 -48.96 -13.30
CA ARG A 206 -38.54 -48.12 -14.04
C ARG A 206 -37.40 -47.67 -13.13
N LYS A 207 -37.78 -47.21 -11.92
CA LYS A 207 -36.82 -46.65 -10.99
C LYS A 207 -35.77 -47.71 -10.63
N LEU A 208 -36.21 -48.92 -10.24
CA LEU A 208 -35.27 -49.99 -9.91
C LEU A 208 -34.34 -50.26 -11.09
N LEU A 209 -34.89 -50.23 -12.30
CA LEU A 209 -34.11 -50.67 -13.44
C LEU A 209 -32.97 -49.70 -13.73
N SER A 210 -33.12 -48.46 -13.25
CA SER A 210 -32.07 -47.47 -13.44
C SER A 210 -30.74 -47.89 -12.78
N HIS A 211 -30.77 -48.80 -11.78
CA HIS A 211 -29.56 -49.21 -11.11
C HIS A 211 -28.94 -50.47 -11.72
N TYR A 212 -29.65 -51.10 -12.66
CA TYR A 212 -29.18 -52.37 -13.19
C TYR A 212 -28.79 -52.18 -14.66
N PRO A 213 -27.88 -53.02 -15.19
CA PRO A 213 -27.45 -52.96 -16.59
C PRO A 213 -28.59 -52.94 -17.61
N ASN A 214 -29.69 -53.59 -17.25
CA ASN A 214 -30.85 -53.89 -18.08
C ASN A 214 -31.55 -52.62 -18.55
N ASP A 215 -32.01 -52.63 -19.82
CA ASP A 215 -32.72 -51.49 -20.38
C ASP A 215 -34.22 -51.74 -20.33
N TYR A 216 -35.01 -50.68 -20.51
CA TYR A 216 -36.46 -50.83 -20.41
C TYR A 216 -37.10 -50.03 -21.51
N VAL A 217 -38.35 -50.39 -21.84
CA VAL A 217 -39.14 -49.75 -22.87
C VAL A 217 -40.55 -49.66 -22.33
N PRO A 218 -41.18 -48.48 -22.35
CA PRO A 218 -42.57 -48.33 -21.90
C PRO A 218 -43.53 -48.63 -23.04
N PHE A 219 -44.70 -49.17 -22.69
CA PHE A 219 -45.77 -49.47 -23.62
C PHE A 219 -47.08 -48.92 -23.07
N GLN A 220 -47.92 -48.42 -23.98
CA GLN A 220 -49.21 -47.84 -23.61
C GLN A 220 -50.14 -48.92 -23.06
N VAL A 221 -51.08 -48.47 -22.24
CA VAL A 221 -52.16 -49.28 -21.75
C VAL A 221 -53.45 -48.57 -22.15
N ASP A 222 -54.43 -49.38 -22.59
CA ASP A 222 -55.73 -48.85 -22.96
C ASP A 222 -56.82 -49.66 -22.24
N GLU A 223 -58.05 -49.58 -22.77
CA GLU A 223 -59.21 -50.19 -22.15
C GLU A 223 -59.03 -51.70 -22.02
N GLU A 224 -58.14 -52.27 -22.85
CA GLU A 224 -57.97 -53.72 -22.96
C GLU A 224 -56.59 -54.17 -22.45
N GLY A 225 -55.85 -53.23 -21.84
CA GLY A 225 -54.59 -53.56 -21.20
C GLY A 225 -53.37 -53.13 -22.02
N ILE A 226 -52.24 -53.80 -21.79
CA ILE A 226 -50.98 -53.41 -22.39
C ILE A 226 -51.00 -53.61 -23.90
N ASP A 227 -50.21 -52.81 -24.62
CA ASP A 227 -50.20 -52.79 -26.06
C ASP A 227 -49.32 -53.94 -26.58
N VAL A 228 -49.94 -55.11 -26.72
CA VAL A 228 -49.19 -56.30 -27.09
C VAL A 228 -48.66 -56.18 -28.53
N ASP A 229 -49.38 -55.43 -29.37
CA ASP A 229 -48.99 -55.27 -30.77
C ASP A 229 -47.61 -54.64 -30.85
N SER A 230 -47.39 -53.60 -30.03
CA SER A 230 -46.11 -52.91 -29.98
C SER A 230 -45.03 -53.82 -29.41
N ILE A 231 -45.40 -54.58 -28.36
CA ILE A 231 -44.41 -55.40 -27.69
C ILE A 231 -43.77 -56.32 -28.72
N VAL A 232 -44.61 -56.92 -29.56
CA VAL A 232 -44.23 -57.96 -30.49
C VAL A 232 -43.23 -57.44 -31.52
N ARG A 233 -43.30 -56.13 -31.80
CA ARG A 233 -42.43 -55.50 -32.79
C ARG A 233 -41.12 -55.02 -32.18
N THR A 234 -40.93 -55.20 -30.85
CA THR A 234 -40.01 -54.34 -30.12
C THR A 234 -38.75 -54.97 -29.53
N ALA A 235 -38.48 -56.27 -29.62
CA ALA A 235 -37.19 -56.71 -29.09
C ALA A 235 -37.02 -56.64 -27.55
N VAL A 236 -38.10 -56.50 -26.78
CA VAL A 236 -38.08 -56.78 -25.37
C VAL A 236 -38.04 -58.27 -25.11
N ASP A 237 -37.55 -58.69 -23.95
CA ASP A 237 -37.47 -60.08 -23.53
C ASP A 237 -38.43 -60.37 -22.39
N VAL A 238 -38.65 -59.39 -21.49
CA VAL A 238 -39.48 -59.64 -20.33
C VAL A 238 -40.53 -58.54 -20.26
N VAL A 239 -41.80 -58.95 -20.12
CA VAL A 239 -42.85 -57.96 -20.11
C VAL A 239 -43.44 -57.92 -18.72
N TYR A 240 -43.47 -56.73 -18.13
CA TYR A 240 -44.07 -56.49 -16.84
C TYR A 240 -45.48 -55.94 -17.06
N THR A 241 -46.49 -56.61 -16.51
CA THR A 241 -47.84 -56.10 -16.65
C THR A 241 -48.70 -56.45 -15.43
N THR A 242 -49.77 -55.65 -15.22
CA THR A 242 -50.72 -55.81 -14.14
C THR A 242 -52.08 -56.18 -14.75
N PRO A 243 -52.28 -57.45 -15.17
CA PRO A 243 -53.38 -57.80 -16.04
C PRO A 243 -54.76 -57.75 -15.39
N SER A 244 -54.81 -57.94 -14.07
CA SER A 244 -56.04 -58.07 -13.31
C SER A 244 -56.73 -56.72 -13.15
N ARG A 245 -55.96 -55.66 -12.96
CA ARG A 245 -56.49 -54.33 -12.73
C ARG A 245 -55.33 -53.34 -12.75
N HIS A 246 -55.16 -52.68 -13.89
CA HIS A 246 -54.05 -51.76 -14.12
C HIS A 246 -54.20 -50.53 -13.23
N PHE A 247 -53.05 -50.02 -12.77
CA PHE A 247 -53.06 -48.77 -12.00
C PHE A 247 -52.62 -47.65 -12.92
N PRO A 248 -53.34 -46.49 -12.99
CA PRO A 248 -54.45 -46.21 -12.08
C PRO A 248 -55.87 -46.37 -12.59
N TYR A 249 -56.03 -46.66 -13.89
CA TYR A 249 -57.33 -46.56 -14.56
C TYR A 249 -58.20 -47.78 -14.32
N GLY A 250 -57.60 -48.93 -14.03
CA GLY A 250 -58.40 -50.10 -13.67
C GLY A 250 -58.61 -51.11 -14.79
N SER A 251 -58.07 -50.79 -15.97
CA SER A 251 -58.09 -51.61 -17.19
C SER A 251 -57.79 -53.08 -16.86
N VAL A 252 -58.43 -54.00 -17.61
CA VAL A 252 -58.18 -55.42 -17.53
C VAL A 252 -57.60 -55.89 -18.86
N LEU A 253 -56.54 -56.73 -18.79
CA LEU A 253 -55.95 -57.27 -19.99
C LEU A 253 -56.92 -58.29 -20.59
N SER A 254 -57.44 -57.93 -21.77
CA SER A 254 -58.47 -58.69 -22.48
C SER A 254 -57.96 -60.08 -22.80
N ILE A 255 -58.91 -60.99 -22.91
CA ILE A 255 -58.60 -62.39 -23.05
C ILE A 255 -57.83 -62.66 -24.35
N ASN A 256 -58.10 -61.85 -25.39
CA ASN A 256 -57.35 -61.96 -26.64
C ASN A 256 -55.88 -61.64 -26.40
N ARG A 257 -55.65 -60.52 -25.71
CA ARG A 257 -54.31 -60.00 -25.51
C ARG A 257 -53.53 -60.93 -24.59
N ARG A 258 -54.23 -61.52 -23.61
CA ARG A 258 -53.60 -62.55 -22.78
C ARG A 258 -53.03 -63.66 -23.65
N LYS A 259 -53.86 -64.14 -24.60
CA LYS A 259 -53.48 -65.23 -25.47
C LYS A 259 -52.33 -64.78 -26.37
N GLN A 260 -52.44 -63.56 -26.89
CA GLN A 260 -51.45 -63.00 -27.80
C GLN A 260 -50.11 -62.89 -27.09
N LEU A 261 -50.14 -62.45 -25.82
CA LEU A 261 -48.94 -62.20 -25.06
C LEU A 261 -48.28 -63.53 -24.72
N LEU A 262 -49.10 -64.51 -24.29
CA LEU A 262 -48.54 -65.81 -23.99
C LEU A 262 -47.92 -66.44 -25.24
N HIS A 263 -48.58 -66.18 -26.39
CA HIS A 263 -48.08 -66.71 -27.64
C HIS A 263 -46.70 -66.11 -27.92
N TRP A 264 -46.60 -64.79 -27.69
CA TRP A 264 -45.36 -64.05 -27.86
C TRP A 264 -44.25 -64.68 -27.04
N ALA A 265 -44.60 -65.09 -25.83
CA ALA A 265 -43.64 -65.61 -24.86
C ALA A 265 -43.18 -67.00 -25.26
N GLU A 266 -44.12 -67.76 -25.85
CA GLU A 266 -43.91 -69.14 -26.27
C GLU A 266 -42.94 -69.19 -27.45
N ALA A 267 -42.86 -68.08 -28.20
CA ALA A 267 -42.10 -68.00 -29.42
C ALA A 267 -40.58 -67.99 -29.23
N HIS A 268 -40.09 -67.87 -27.99
CA HIS A 268 -38.64 -67.77 -27.80
C HIS A 268 -38.24 -68.22 -26.40
N GLU A 269 -37.07 -68.86 -26.31
CA GLU A 269 -36.57 -69.48 -25.10
C GLU A 269 -36.27 -68.42 -24.02
N ASN A 270 -35.93 -67.20 -24.46
CA ASN A 270 -35.48 -66.16 -23.55
C ASN A 270 -36.60 -65.31 -22.95
N ARG A 271 -37.84 -65.52 -23.39
CA ARG A 271 -38.89 -64.56 -23.04
C ARG A 271 -39.62 -65.00 -21.77
N TYR A 272 -40.05 -64.01 -20.98
CA TYR A 272 -40.86 -64.24 -19.80
C TYR A 272 -41.85 -63.10 -19.61
N ILE A 273 -42.85 -63.33 -18.75
CA ILE A 273 -43.84 -62.33 -18.41
C ILE A 273 -43.88 -62.19 -16.90
N ILE A 274 -43.81 -60.95 -16.39
CA ILE A 274 -44.01 -60.71 -14.97
C ILE A 274 -45.45 -60.24 -14.76
N GLU A 275 -46.18 -61.04 -14.00
CA GLU A 275 -47.57 -60.71 -13.70
C GLU A 275 -47.60 -60.13 -12.29
N ASP A 276 -47.90 -58.84 -12.22
CA ASP A 276 -48.02 -58.16 -10.96
C ASP A 276 -49.46 -58.17 -10.49
N ASP A 277 -49.69 -58.78 -9.33
CA ASP A 277 -51.00 -58.79 -8.69
C ASP A 277 -50.92 -58.14 -7.30
N TYR A 278 -50.07 -57.11 -7.17
CA TYR A 278 -49.96 -56.25 -6.00
C TYR A 278 -51.35 -55.70 -5.65
N ASP A 279 -52.15 -55.44 -6.70
CA ASP A 279 -53.44 -54.83 -6.61
C ASP A 279 -54.62 -55.82 -6.63
N SER A 280 -54.56 -57.01 -6.01
CA SER A 280 -55.42 -58.08 -6.46
C SER A 280 -56.84 -58.14 -5.88
N GLU A 281 -57.03 -57.80 -4.61
CA GLU A 281 -58.14 -58.39 -3.89
C GLU A 281 -59.50 -57.66 -4.00
N PHE A 282 -59.50 -56.35 -4.26
CA PHE A 282 -60.76 -55.64 -4.03
C PHE A 282 -61.41 -55.20 -5.33
N ARG A 283 -62.16 -56.14 -5.92
CA ARG A 283 -62.97 -55.88 -7.09
C ARG A 283 -64.43 -56.06 -6.71
N TYR A 284 -65.29 -55.17 -7.23
CA TYR A 284 -66.69 -55.14 -6.87
C TYR A 284 -67.56 -55.35 -8.12
N THR A 285 -67.05 -54.99 -9.30
CA THR A 285 -67.83 -54.88 -10.51
C THR A 285 -67.00 -55.36 -11.70
N GLY A 286 -67.69 -55.77 -12.78
CA GLY A 286 -67.08 -56.47 -13.89
C GLY A 286 -66.98 -57.97 -13.63
N LYS A 287 -66.47 -58.70 -14.62
CA LYS A 287 -66.20 -60.13 -14.51
C LYS A 287 -64.98 -60.28 -13.57
N THR A 288 -65.10 -61.21 -12.62
CA THR A 288 -63.97 -61.64 -11.80
C THR A 288 -63.14 -62.63 -12.62
N ILE A 289 -61.91 -62.28 -13.03
CA ILE A 289 -61.18 -63.04 -14.05
C ILE A 289 -59.88 -63.58 -13.46
N PRO A 290 -59.36 -64.76 -13.87
CA PRO A 290 -58.22 -65.39 -13.22
C PRO A 290 -56.84 -64.82 -13.60
N SER A 291 -55.80 -65.35 -12.96
CA SER A 291 -54.42 -65.02 -13.28
C SER A 291 -54.04 -65.47 -14.67
N LEU A 292 -53.19 -64.67 -15.32
CA LEU A 292 -52.55 -65.04 -16.54
C LEU A 292 -51.64 -66.25 -16.29
N GLN A 293 -51.18 -66.40 -15.05
CA GLN A 293 -50.27 -67.49 -14.70
C GLN A 293 -51.00 -68.81 -14.83
N SER A 294 -52.31 -68.78 -14.58
CA SER A 294 -53.16 -69.96 -14.60
C SER A 294 -53.31 -70.53 -16.01
N MET A 295 -53.27 -69.65 -17.03
CA MET A 295 -53.23 -70.03 -18.44
C MET A 295 -51.83 -70.50 -18.87
N ASP A 296 -50.80 -70.27 -18.07
CA ASP A 296 -49.48 -70.50 -18.61
C ASP A 296 -49.16 -71.98 -18.47
N VAL A 297 -48.88 -72.60 -19.60
CA VAL A 297 -48.49 -74.00 -19.54
C VAL A 297 -47.06 -74.14 -20.05
N HIS A 298 -46.43 -73.02 -20.37
CA HIS A 298 -45.09 -73.10 -20.95
C HIS A 298 -43.97 -72.56 -20.06
N ASN A 299 -44.27 -72.30 -18.77
CA ASN A 299 -43.26 -71.84 -17.82
C ASN A 299 -42.69 -70.49 -18.22
N LYS A 300 -43.61 -69.56 -18.50
CA LYS A 300 -43.27 -68.30 -19.11
C LYS A 300 -43.63 -67.15 -18.16
N VAL A 301 -44.53 -67.38 -17.20
CA VAL A 301 -45.06 -66.33 -16.35
C VAL A 301 -44.50 -66.40 -14.91
N ILE A 302 -43.92 -65.28 -14.46
CA ILE A 302 -43.46 -65.04 -13.09
C ILE A 302 -44.53 -64.24 -12.36
N TYR A 303 -44.99 -64.75 -11.22
CA TYR A 303 -46.17 -64.16 -10.59
C TYR A 303 -45.74 -63.51 -9.29
N LEU A 304 -46.24 -62.30 -9.10
CA LEU A 304 -45.70 -61.39 -8.10
C LEU A 304 -46.88 -60.86 -7.28
N GLY A 305 -46.75 -60.92 -5.96
CA GLY A 305 -47.79 -60.36 -5.13
C GLY A 305 -47.32 -60.11 -3.72
N ALA A 306 -48.20 -59.47 -2.94
CA ALA A 306 -47.81 -59.06 -1.60
C ALA A 306 -48.99 -58.98 -0.65
N PHE A 307 -48.69 -59.12 0.63
CA PHE A 307 -49.61 -58.86 1.71
C PHE A 307 -49.67 -57.38 2.09
N SER A 308 -49.90 -56.47 1.13
CA SER A 308 -49.98 -55.05 1.50
C SER A 308 -51.41 -54.55 1.55
N LYS A 309 -52.19 -54.66 0.44
CA LYS A 309 -53.53 -54.10 0.47
C LYS A 309 -54.49 -55.00 1.28
N SER A 310 -54.29 -56.33 1.23
CA SER A 310 -54.75 -57.21 2.29
C SER A 310 -53.77 -57.02 3.45
N LEU A 311 -54.09 -57.50 4.63
CA LEU A 311 -53.15 -57.41 5.75
C LEU A 311 -52.55 -56.00 6.03
N ILE A 312 -51.22 -55.88 6.04
CA ILE A 312 -50.49 -54.76 6.64
C ILE A 312 -49.30 -54.31 5.78
N PRO A 313 -49.33 -53.14 5.10
CA PRO A 313 -48.22 -52.74 4.24
C PRO A 313 -46.84 -52.74 4.89
N SER A 314 -46.79 -52.38 6.18
CA SER A 314 -45.53 -52.02 6.80
C SER A 314 -44.79 -53.27 7.30
N VAL A 315 -45.39 -54.45 7.13
CA VAL A 315 -44.75 -55.67 7.58
C VAL A 315 -43.75 -56.16 6.54
N ARG A 316 -43.92 -55.61 5.32
CA ARG A 316 -43.08 -55.88 4.17
C ARG A 316 -42.95 -57.38 3.90
N ILE A 317 -44.11 -58.01 3.61
CA ILE A 317 -44.10 -59.43 3.23
C ILE A 317 -44.66 -59.59 1.82
N SER A 318 -43.80 -60.09 0.92
CA SER A 318 -44.17 -60.23 -0.47
C SER A 318 -43.71 -61.60 -0.97
N TYR A 319 -44.25 -61.98 -2.13
CA TYR A 319 -43.94 -63.30 -2.69
C TYR A 319 -43.80 -63.17 -4.19
N MET A 320 -42.86 -63.95 -4.72
CA MET A 320 -42.77 -64.10 -6.16
C MET A 320 -42.78 -65.60 -6.47
N VAL A 321 -43.63 -66.00 -7.44
CA VAL A 321 -43.76 -67.39 -7.87
C VAL A 321 -43.02 -67.58 -9.18
N LEU A 322 -42.00 -68.42 -9.14
CA LEU A 322 -41.15 -68.63 -10.32
C LEU A 322 -41.55 -69.88 -11.09
N PRO A 323 -41.60 -69.86 -12.43
CA PRO A 323 -41.62 -71.09 -13.22
C PRO A 323 -40.54 -72.07 -12.78
N ALA A 324 -40.84 -73.36 -12.83
CA ALA A 324 -40.06 -74.31 -12.06
C ALA A 324 -38.59 -74.35 -12.47
N PRO A 325 -38.21 -74.24 -13.78
CA PRO A 325 -36.78 -74.09 -14.13
C PRO A 325 -36.08 -72.91 -13.44
N LEU A 326 -36.70 -71.73 -13.43
CA LEU A 326 -36.19 -70.53 -12.75
C LEU A 326 -36.06 -70.78 -11.25
N ALA A 327 -37.07 -71.42 -10.66
CA ALA A 327 -37.00 -71.71 -9.24
C ALA A 327 -35.78 -72.55 -8.94
N HIS A 328 -35.37 -73.42 -9.85
CA HIS A 328 -34.27 -74.33 -9.55
C HIS A 328 -32.99 -73.53 -9.63
N LEU A 329 -32.95 -72.65 -10.63
CA LEU A 329 -31.82 -71.76 -10.84
C LEU A 329 -31.66 -70.80 -9.67
N TYR A 330 -32.76 -70.20 -9.25
CA TYR A 330 -32.80 -69.36 -8.05
C TYR A 330 -32.20 -70.11 -6.85
N LYS A 331 -32.70 -71.31 -6.53
CA LYS A 331 -32.23 -72.02 -5.35
C LYS A 331 -30.74 -72.27 -5.41
N ASN A 332 -30.14 -72.28 -6.62
CA ASN A 332 -28.71 -72.56 -6.76
C ASN A 332 -27.90 -71.27 -6.64
N LYS A 333 -28.31 -70.27 -7.44
CA LYS A 333 -27.65 -68.98 -7.56
C LYS A 333 -27.59 -68.28 -6.20
N PHE A 334 -28.68 -68.34 -5.45
CA PHE A 334 -28.83 -67.58 -4.22
C PHE A 334 -28.83 -68.49 -2.99
N SER A 335 -28.05 -69.60 -3.08
CA SER A 335 -28.07 -70.60 -2.03
C SER A 335 -27.59 -70.03 -0.69
N TYR A 336 -26.78 -68.97 -0.74
CA TYR A 336 -26.04 -68.50 0.41
C TYR A 336 -26.75 -67.31 1.07
N TYR A 337 -27.82 -66.81 0.44
CA TYR A 337 -28.62 -65.74 1.02
C TYR A 337 -29.37 -66.20 2.26
N HIS A 338 -29.93 -65.24 2.97
CA HIS A 338 -30.79 -65.42 4.10
C HIS A 338 -32.11 -64.76 3.73
N SER A 339 -33.15 -65.12 4.44
CA SER A 339 -34.45 -64.52 4.20
C SER A 339 -34.38 -63.03 4.54
N THR A 340 -35.16 -62.25 3.82
CA THR A 340 -35.32 -60.86 4.24
C THR A 340 -36.61 -60.66 4.98
N VAL A 341 -37.29 -61.74 5.42
CA VAL A 341 -38.54 -61.57 6.17
C VAL A 341 -38.45 -62.32 7.49
N SER A 342 -38.96 -61.69 8.56
CA SER A 342 -38.81 -62.29 9.87
C SER A 342 -39.49 -63.66 9.91
N ARG A 343 -38.78 -64.72 10.32
CA ARG A 343 -39.42 -66.01 10.58
C ARG A 343 -40.63 -65.85 11.49
N ILE A 344 -40.51 -65.09 12.57
CA ILE A 344 -41.62 -64.97 13.50
C ILE A 344 -42.83 -64.45 12.73
N ASP A 345 -42.61 -63.48 11.83
CA ASP A 345 -43.75 -62.82 11.20
C ASP A 345 -44.35 -63.80 10.20
N GLN A 346 -43.47 -64.60 9.58
CA GLN A 346 -43.90 -65.63 8.63
C GLN A 346 -44.82 -66.61 9.35
N GLN A 347 -44.33 -67.17 10.47
CA GLN A 347 -45.08 -68.10 11.30
C GLN A 347 -46.43 -67.51 11.72
N VAL A 348 -46.41 -66.27 12.18
CA VAL A 348 -47.63 -65.60 12.61
C VAL A 348 -48.61 -65.58 11.44
N LEU A 349 -48.18 -65.07 10.29
CA LEU A 349 -49.09 -64.94 9.15
C LEU A 349 -49.53 -66.33 8.69
N THR A 350 -48.62 -67.32 8.77
CA THR A 350 -48.93 -68.69 8.41
C THR A 350 -50.16 -69.13 9.21
N ALA A 351 -50.08 -69.02 10.55
CA ALA A 351 -51.19 -69.37 11.42
C ALA A 351 -52.46 -68.59 11.05
N PHE A 352 -52.33 -67.27 10.95
CA PHE A 352 -53.49 -66.42 10.67
C PHE A 352 -54.20 -66.92 9.41
N MET A 353 -53.43 -67.52 8.50
CA MET A 353 -53.99 -67.92 7.22
C MET A 353 -54.65 -69.29 7.39
N LYS A 354 -53.90 -70.22 7.97
CA LYS A 354 -54.32 -71.60 8.18
C LYS A 354 -55.66 -71.72 8.89
N GLN A 355 -55.85 -70.98 9.97
CA GLN A 355 -57.08 -71.04 10.77
C GLN A 355 -58.18 -70.16 10.18
N GLY A 356 -57.99 -69.62 8.97
CA GLY A 356 -59.09 -68.99 8.27
C GLY A 356 -59.37 -67.54 8.60
N ASP A 357 -58.61 -67.00 9.57
CA ASP A 357 -58.71 -65.59 9.98
C ASP A 357 -58.31 -64.64 8.85
N PHE A 358 -57.30 -65.04 8.06
CA PHE A 358 -56.95 -64.24 6.90
C PHE A 358 -58.16 -64.12 5.98
N GLU A 359 -58.85 -65.26 5.78
CA GLU A 359 -59.92 -65.24 4.81
C GLU A 359 -61.08 -64.41 5.33
N LYS A 360 -61.32 -64.51 6.65
CA LYS A 360 -62.34 -63.68 7.30
C LYS A 360 -61.98 -62.21 7.13
N HIS A 361 -60.70 -61.89 7.41
CA HIS A 361 -60.21 -60.52 7.30
C HIS A 361 -60.55 -59.97 5.91
N LEU A 362 -60.19 -60.75 4.87
CA LEU A 362 -60.37 -60.30 3.52
C LEU A 362 -61.83 -59.94 3.23
N ASN A 363 -62.75 -60.78 3.71
CA ASN A 363 -64.16 -60.60 3.42
C ASN A 363 -64.67 -59.36 4.13
N ARG A 364 -64.30 -59.25 5.41
CA ARG A 364 -64.68 -58.12 6.24
C ARG A 364 -64.22 -56.81 5.60
N MET A 365 -62.98 -56.81 5.11
CA MET A 365 -62.39 -55.60 4.54
C MET A 365 -63.08 -55.27 3.23
N ARG A 366 -63.42 -56.32 2.45
CA ARG A 366 -64.00 -56.11 1.14
C ARG A 366 -65.29 -55.31 1.29
N LYS A 367 -66.04 -55.65 2.35
CA LYS A 367 -67.30 -54.99 2.66
C LYS A 367 -67.03 -53.52 2.98
N ILE A 368 -66.07 -53.29 3.88
CA ILE A 368 -65.75 -51.94 4.32
C ILE A 368 -65.32 -51.06 3.14
N TYR A 369 -64.42 -51.58 2.31
CA TYR A 369 -63.92 -50.76 1.21
C TYR A 369 -65.07 -50.46 0.25
N ARG A 370 -65.95 -51.45 0.05
CA ARG A 370 -67.08 -51.29 -0.86
C ARG A 370 -67.97 -50.12 -0.38
N ARG A 371 -68.28 -50.10 0.93
CA ARG A 371 -69.08 -49.04 1.50
C ARG A 371 -68.44 -47.68 1.26
N LYS A 372 -67.14 -47.58 1.57
CA LYS A 372 -66.41 -46.31 1.44
C LYS A 372 -66.48 -45.83 -0.01
N LEU A 373 -66.24 -46.74 -0.96
CA LEU A 373 -66.21 -46.36 -2.38
C LEU A 373 -67.58 -45.84 -2.79
N GLU A 374 -68.63 -46.53 -2.32
CA GLU A 374 -69.99 -46.19 -2.69
C GLU A 374 -70.38 -44.82 -2.13
N LYS A 375 -69.97 -44.54 -0.88
CA LYS A 375 -70.22 -43.24 -0.27
C LYS A 375 -69.51 -42.16 -1.07
N VAL A 376 -68.29 -42.43 -1.51
CA VAL A 376 -67.47 -41.47 -2.22
C VAL A 376 -68.10 -41.15 -3.56
N LEU A 377 -68.57 -42.19 -4.26
CA LEU A 377 -69.20 -42.00 -5.56
C LEU A 377 -70.50 -41.23 -5.40
N SER A 378 -71.26 -41.60 -4.35
CA SER A 378 -72.51 -40.96 -3.99
C SER A 378 -72.32 -39.45 -3.90
N LEU A 379 -71.21 -39.02 -3.27
CA LEU A 379 -70.95 -37.62 -3.07
C LEU A 379 -70.47 -36.97 -4.37
N LEU A 380 -69.55 -37.63 -5.09
CA LEU A 380 -68.87 -36.99 -6.21
C LEU A 380 -69.74 -36.92 -7.46
N LYS A 381 -70.75 -37.80 -7.57
CA LYS A 381 -71.60 -37.87 -8.74
C LYS A 381 -72.39 -36.57 -8.92
N ARG A 382 -72.39 -35.74 -7.87
CA ARG A 382 -73.17 -34.52 -7.83
C ARG A 382 -72.51 -33.41 -8.65
N TYR A 383 -71.26 -33.62 -9.08
CA TYR A 383 -70.47 -32.57 -9.72
C TYR A 383 -70.07 -33.04 -11.11
N GLU A 384 -70.96 -33.83 -11.74
CA GLU A 384 -70.66 -34.63 -12.92
C GLU A 384 -70.26 -33.78 -14.13
N ASP A 385 -70.45 -32.47 -14.02
CA ASP A 385 -70.14 -31.55 -15.11
C ASP A 385 -68.67 -31.12 -15.08
N LYS A 386 -68.06 -31.08 -13.88
CA LYS A 386 -66.74 -30.48 -13.70
C LYS A 386 -65.72 -31.49 -13.18
N LEU A 387 -66.22 -32.60 -12.62
CA LEU A 387 -65.41 -33.72 -12.16
C LEU A 387 -65.89 -35.01 -12.85
N LEU A 388 -65.01 -35.65 -13.62
CA LEU A 388 -65.29 -36.96 -14.19
C LEU A 388 -64.49 -38.04 -13.46
N ILE A 389 -65.13 -39.17 -13.16
CA ILE A 389 -64.54 -40.26 -12.43
C ILE A 389 -64.12 -41.38 -13.40
N ILE A 390 -62.94 -42.00 -13.15
CA ILE A 390 -62.44 -43.10 -13.96
C ILE A 390 -62.10 -44.31 -13.07
N GLY A 391 -62.43 -45.52 -13.57
CA GLY A 391 -62.06 -46.80 -12.99
C GLY A 391 -62.74 -47.08 -11.65
N GLU A 392 -64.01 -46.70 -11.58
CA GLU A 392 -64.65 -46.37 -10.30
C GLU A 392 -65.05 -47.63 -9.55
N ARG A 393 -65.04 -48.79 -10.21
CA ARG A 393 -65.60 -49.97 -9.55
C ARG A 393 -64.51 -50.98 -9.20
N SER A 394 -63.29 -50.46 -9.02
CA SER A 394 -62.14 -51.29 -8.69
C SER A 394 -61.18 -50.52 -7.80
N GLY A 395 -60.66 -51.26 -6.81
CA GLY A 395 -59.59 -50.76 -5.98
C GLY A 395 -60.09 -49.82 -4.89
N LEU A 396 -59.09 -49.21 -4.23
CA LEU A 396 -59.28 -48.38 -3.04
C LEU A 396 -59.09 -46.92 -3.44
N HIS A 397 -59.24 -46.62 -4.74
CA HIS A 397 -58.94 -45.31 -5.25
C HIS A 397 -59.72 -45.07 -6.54
N ILE A 398 -59.86 -43.79 -6.91
CA ILE A 398 -60.51 -43.35 -8.13
C ILE A 398 -59.64 -42.26 -8.76
N VAL A 399 -59.90 -41.97 -10.03
CA VAL A 399 -59.24 -40.86 -10.69
C VAL A 399 -60.31 -39.80 -10.98
N LEU A 400 -60.02 -38.54 -10.67
CA LEU A 400 -60.86 -37.41 -11.04
C LEU A 400 -60.17 -36.62 -12.14
N VAL A 401 -60.89 -36.36 -13.22
CA VAL A 401 -60.53 -35.32 -14.16
C VAL A 401 -61.19 -34.03 -13.69
N VAL A 402 -60.39 -32.98 -13.52
CA VAL A 402 -60.86 -31.75 -12.92
C VAL A 402 -60.79 -30.63 -13.94
N LYS A 403 -61.93 -29.96 -14.17
CA LYS A 403 -62.04 -28.95 -15.21
C LYS A 403 -62.16 -27.56 -14.58
N ASN A 404 -61.30 -27.27 -13.61
CA ASN A 404 -61.34 -26.02 -12.87
C ASN A 404 -60.61 -24.89 -13.57
N GLY A 405 -59.86 -25.23 -14.61
CA GLY A 405 -58.90 -24.29 -15.19
C GLY A 405 -57.71 -24.05 -14.25
N MET A 406 -57.80 -24.57 -13.02
CA MET A 406 -56.65 -24.75 -12.15
C MET A 406 -55.80 -25.90 -12.74
N ASP A 407 -54.48 -25.72 -12.76
CA ASP A 407 -53.62 -26.77 -13.26
C ASP A 407 -53.39 -27.80 -12.15
N GLU A 408 -52.77 -28.92 -12.55
CA GLU A 408 -52.52 -30.06 -11.68
C GLU A 408 -51.81 -29.61 -10.40
N GLN A 409 -50.75 -28.81 -10.57
CA GLN A 409 -49.91 -28.39 -9.46
C GLN A 409 -50.74 -27.55 -8.48
N THR A 410 -51.56 -26.64 -9.03
CA THR A 410 -52.39 -25.73 -8.26
C THR A 410 -53.34 -26.54 -7.40
N LEU A 411 -53.97 -27.56 -8.01
CA LEU A 411 -54.95 -28.41 -7.34
C LEU A 411 -54.31 -29.11 -6.15
N VAL A 412 -53.07 -29.61 -6.33
CA VAL A 412 -52.34 -30.33 -5.29
C VAL A 412 -52.08 -29.40 -4.11
N GLU A 413 -51.55 -28.21 -4.41
CA GLU A 413 -51.11 -27.24 -3.42
C GLU A 413 -52.29 -26.73 -2.61
N LYS A 414 -53.39 -26.40 -3.29
CA LYS A 414 -54.59 -25.91 -2.64
C LYS A 414 -55.12 -26.96 -1.65
N ALA A 415 -55.08 -28.22 -2.08
CA ALA A 415 -55.54 -29.32 -1.26
C ALA A 415 -54.65 -29.45 -0.02
N LEU A 416 -53.33 -29.34 -0.24
CA LEU A 416 -52.35 -29.50 0.82
C LEU A 416 -52.50 -28.37 1.84
N ALA A 417 -52.77 -27.17 1.33
CA ALA A 417 -53.30 -26.07 2.15
C ALA A 417 -54.69 -26.63 2.53
N ALA A 418 -55.08 -26.54 3.78
CA ALA A 418 -56.30 -27.21 4.24
C ALA A 418 -56.06 -28.71 4.53
N LYS A 419 -54.79 -29.14 4.36
CA LYS A 419 -54.26 -30.29 5.12
C LYS A 419 -54.77 -31.61 4.57
N ALA A 420 -54.98 -31.65 3.23
CA ALA A 420 -55.33 -32.87 2.53
C ALA A 420 -54.33 -33.17 1.39
N LYS A 421 -53.72 -34.36 1.44
CA LYS A 421 -52.73 -34.74 0.45
C LYS A 421 -53.38 -35.54 -0.68
N VAL A 422 -53.21 -35.05 -1.91
CA VAL A 422 -53.77 -35.70 -3.09
C VAL A 422 -52.68 -35.93 -4.15
N TYR A 423 -52.95 -36.84 -5.09
CA TYR A 423 -51.88 -37.42 -5.89
C TYR A 423 -52.05 -37.09 -7.37
N PRO A 424 -51.10 -36.33 -7.93
CA PRO A 424 -51.19 -35.92 -9.33
C PRO A 424 -50.90 -37.13 -10.22
N LEU A 425 -51.68 -37.24 -11.29
CA LEU A 425 -51.57 -38.42 -12.12
C LEU A 425 -50.26 -38.41 -12.90
N SER A 426 -49.68 -37.21 -13.07
CA SER A 426 -48.42 -37.08 -13.80
C SER A 426 -47.28 -37.81 -13.09
N ALA A 427 -47.52 -38.15 -11.80
CA ALA A 427 -46.56 -38.87 -10.99
C ALA A 427 -46.35 -40.26 -11.56
N TYR A 428 -47.31 -40.67 -12.44
CA TYR A 428 -47.46 -42.04 -12.84
C TYR A 428 -47.29 -42.19 -14.34
N SER A 429 -46.69 -41.16 -14.99
CA SER A 429 -46.54 -41.17 -16.43
C SER A 429 -45.13 -40.83 -16.95
N LEU A 430 -44.71 -41.52 -18.00
CA LEU A 430 -43.44 -41.28 -18.68
C LEU A 430 -43.67 -40.58 -20.01
N GLU A 431 -44.91 -40.36 -20.42
CA GLU A 431 -45.19 -39.92 -21.77
C GLU A 431 -46.15 -38.75 -21.65
N ARG A 432 -45.60 -37.56 -21.41
CA ARG A 432 -46.28 -36.34 -21.83
C ARG A 432 -47.31 -35.94 -20.80
N ALA A 433 -47.39 -34.63 -20.57
CA ALA A 433 -48.22 -33.97 -19.60
C ALA A 433 -49.70 -34.18 -19.89
N ILE A 434 -50.44 -34.43 -18.83
CA ILE A 434 -51.84 -34.78 -18.89
C ILE A 434 -52.69 -33.51 -18.76
N HIS A 435 -53.59 -33.32 -19.73
CA HIS A 435 -54.59 -32.26 -19.64
C HIS A 435 -55.95 -32.75 -20.15
N PRO A 436 -57.10 -32.37 -19.53
CA PRO A 436 -57.14 -31.61 -18.28
C PRO A 436 -56.56 -32.38 -17.08
N PRO A 437 -56.22 -31.68 -15.98
CA PRO A 437 -55.59 -32.29 -14.82
C PRO A 437 -56.36 -33.51 -14.32
N GLN A 438 -55.59 -34.51 -13.89
CA GLN A 438 -56.17 -35.66 -13.18
C GLN A 438 -55.52 -35.82 -11.81
N ILE A 439 -56.36 -36.12 -10.82
CA ILE A 439 -55.93 -36.39 -9.47
C ILE A 439 -56.44 -37.76 -9.03
N VAL A 440 -55.55 -38.51 -8.37
CA VAL A 440 -55.87 -39.81 -7.81
C VAL A 440 -56.24 -39.57 -6.36
N LEU A 441 -57.42 -40.10 -5.96
CA LEU A 441 -57.80 -40.12 -4.56
C LEU A 441 -57.95 -41.55 -4.10
N GLY A 442 -57.22 -41.90 -3.04
CA GLY A 442 -57.37 -43.18 -2.38
C GLY A 442 -58.00 -42.99 -1.01
N PHE A 443 -58.85 -43.94 -0.62
CA PHE A 443 -59.67 -43.73 0.56
C PHE A 443 -59.44 -44.85 1.54
N GLY A 444 -58.32 -45.54 1.40
CA GLY A 444 -57.99 -46.60 2.33
C GLY A 444 -57.93 -46.08 3.75
N SER A 445 -57.16 -45.00 3.95
CA SER A 445 -56.81 -44.50 5.27
C SER A 445 -57.84 -43.53 5.81
N ILE A 446 -58.66 -42.93 4.93
CA ILE A 446 -59.69 -42.00 5.37
C ILE A 446 -60.74 -42.77 6.13
N PRO A 447 -61.03 -42.44 7.42
CA PRO A 447 -61.98 -43.23 8.20
C PRO A 447 -63.38 -43.06 7.63
N GLU A 448 -64.19 -44.12 7.75
CA GLU A 448 -65.47 -44.22 7.03
C GLU A 448 -66.39 -43.06 7.43
N ASP A 449 -66.36 -42.73 8.74
CA ASP A 449 -67.25 -41.75 9.34
C ASP A 449 -66.75 -40.33 9.08
N GLU A 450 -65.65 -40.18 8.35
CA GLU A 450 -65.10 -38.85 8.08
C GLU A 450 -65.04 -38.59 6.58
N LEU A 451 -65.60 -39.51 5.78
CA LEU A 451 -65.43 -39.46 4.33
C LEU A 451 -65.99 -38.17 3.75
N GLU A 452 -67.19 -37.81 4.21
CA GLU A 452 -67.89 -36.65 3.68
C GLU A 452 -67.07 -35.39 3.98
N GLU A 453 -66.56 -35.32 5.22
CA GLU A 453 -65.77 -34.20 5.68
C GLU A 453 -64.51 -34.07 4.83
N ALA A 454 -63.86 -35.23 4.58
CA ALA A 454 -62.59 -35.28 3.88
C ALA A 454 -62.78 -34.81 2.43
N ILE A 455 -63.83 -35.32 1.77
CA ILE A 455 -64.01 -34.97 0.38
C ILE A 455 -64.36 -33.49 0.30
N ALA A 456 -65.20 -33.06 1.26
CA ALA A 456 -65.59 -31.67 1.40
C ALA A 456 -64.35 -30.78 1.50
N THR A 457 -63.38 -31.17 2.33
CA THR A 457 -62.16 -30.40 2.52
C THR A 457 -61.47 -30.15 1.18
N VAL A 458 -61.37 -31.20 0.35
CA VAL A 458 -60.64 -31.12 -0.90
C VAL A 458 -61.44 -30.26 -1.88
N LEU A 459 -62.74 -30.56 -1.98
CA LEU A 459 -63.61 -29.88 -2.92
C LEU A 459 -63.65 -28.39 -2.58
N ASN A 460 -63.76 -28.11 -1.28
CA ASN A 460 -63.82 -26.75 -0.78
C ASN A 460 -62.57 -25.98 -1.20
N ALA A 461 -61.40 -26.59 -0.99
CA ALA A 461 -60.13 -25.96 -1.30
C ALA A 461 -60.02 -25.71 -2.81
N TRP A 462 -60.78 -26.47 -3.59
CA TRP A 462 -60.76 -26.35 -5.04
C TRP A 462 -61.85 -25.39 -5.50
N GLY A 463 -62.54 -24.75 -4.55
CA GLY A 463 -63.53 -23.73 -4.86
C GLY A 463 -64.90 -24.30 -5.24
N PHE A 464 -65.15 -25.57 -4.93
CA PHE A 464 -66.47 -26.14 -5.12
C PHE A 464 -67.35 -25.83 -3.91
N LEU A 465 -68.65 -25.90 -4.14
CA LEU A 465 -69.67 -25.73 -3.13
C LEU A 465 -69.83 -27.04 -2.37
N VAL A 466 -70.10 -26.93 -1.07
CA VAL A 466 -70.09 -28.09 -0.18
C VAL A 466 -71.45 -28.33 0.49
N PRO A 467 -71.94 -29.59 0.54
CA PRO A 467 -73.34 -29.84 0.87
C PRO A 467 -73.77 -29.46 2.29
N ARG A 468 -72.91 -29.66 3.31
CA ARG A 468 -73.43 -29.85 4.66
C ARG A 468 -72.80 -28.96 5.72
N GLY A 469 -71.82 -28.11 5.35
CA GLY A 469 -71.37 -27.00 6.16
C GLY A 469 -70.81 -27.42 7.53
N ASP B 103 -31.01 -88.43 9.02
CA ASP B 103 -31.08 -88.06 10.46
C ASP B 103 -31.80 -86.72 10.63
N THR B 104 -32.21 -86.39 11.86
CA THR B 104 -32.14 -85.01 12.33
C THR B 104 -30.85 -84.88 13.14
N ILE B 105 -30.15 -83.75 12.91
CA ILE B 105 -29.01 -83.26 13.68
C ILE B 105 -29.43 -82.82 15.08
N ARG B 106 -28.69 -83.29 16.09
CA ARG B 106 -29.07 -83.11 17.48
C ARG B 106 -28.33 -81.89 18.06
N TYR B 107 -27.06 -81.72 17.65
CA TYR B 107 -26.19 -80.64 18.08
C TYR B 107 -25.63 -79.87 16.87
N ASN B 108 -25.94 -78.57 16.84
CA ASN B 108 -25.53 -77.74 15.72
C ASN B 108 -24.52 -76.69 16.16
N PHE B 109 -23.24 -76.92 15.80
CA PHE B 109 -22.18 -76.04 16.27
C PHE B 109 -21.98 -74.85 15.34
N HIS B 110 -23.08 -74.16 15.04
CA HIS B 110 -23.06 -73.03 14.12
C HIS B 110 -22.46 -71.79 14.78
N PRO B 111 -21.48 -71.15 14.10
CA PRO B 111 -20.81 -69.94 14.60
C PRO B 111 -21.73 -68.77 14.92
N THR B 112 -22.89 -68.69 14.24
CA THR B 112 -23.72 -67.50 14.35
C THR B 112 -24.98 -67.79 15.17
N HIS B 113 -25.08 -68.98 15.75
CA HIS B 113 -26.26 -69.31 16.52
C HIS B 113 -26.21 -68.59 17.86
N ILE B 114 -27.39 -68.34 18.44
CA ILE B 114 -27.51 -67.74 19.74
C ILE B 114 -28.15 -68.74 20.70
N ASP B 115 -28.10 -68.42 21.99
CA ASP B 115 -28.82 -69.20 22.97
C ASP B 115 -30.28 -68.79 22.94
N THR B 116 -31.06 -69.58 22.20
CA THR B 116 -32.46 -69.31 21.93
C THR B 116 -33.31 -69.48 23.19
N THR B 117 -32.90 -70.40 24.06
CA THR B 117 -33.71 -70.76 25.23
C THR B 117 -33.73 -69.60 26.25
N SER B 118 -32.66 -68.78 26.21
CA SER B 118 -32.38 -67.69 27.15
C SER B 118 -33.15 -66.41 26.83
N PHE B 119 -33.82 -66.34 25.69
CA PHE B 119 -34.27 -65.05 25.21
C PHE B 119 -35.44 -64.54 26.06
N PRO B 120 -35.52 -63.23 26.37
CA PRO B 120 -36.63 -62.69 27.17
C PRO B 120 -38.00 -62.64 26.49
N PHE B 121 -38.56 -63.84 26.22
CA PHE B 121 -39.85 -63.93 25.54
C PHE B 121 -40.91 -63.03 26.15
N GLU B 122 -40.90 -62.93 27.49
CA GLU B 122 -42.02 -62.26 28.15
C GLU B 122 -41.97 -60.77 27.85
N GLN B 123 -40.76 -60.22 27.89
CA GLN B 123 -40.59 -58.79 27.67
C GLN B 123 -40.91 -58.47 26.22
N TRP B 124 -40.38 -59.31 25.31
CA TRP B 124 -40.56 -59.08 23.88
C TRP B 124 -42.06 -59.03 23.59
N ARG B 125 -42.75 -60.00 24.17
CA ARG B 125 -44.18 -60.13 23.98
C ARG B 125 -44.90 -58.90 24.51
N LYS B 126 -44.39 -58.38 25.64
CA LYS B 126 -44.92 -57.18 26.28
C LYS B 126 -44.82 -56.00 25.33
N TYR B 127 -43.62 -55.79 24.79
CA TYR B 127 -43.43 -54.66 23.91
C TYR B 127 -44.25 -54.82 22.64
N PHE B 128 -44.38 -56.08 22.17
CA PHE B 128 -45.22 -56.34 21.02
C PHE B 128 -46.64 -55.85 21.29
N LYS B 129 -47.17 -56.26 22.46
CA LYS B 129 -48.50 -55.92 22.92
C LYS B 129 -48.68 -54.39 22.95
N GLN B 130 -47.66 -53.67 23.47
CA GLN B 130 -47.71 -52.21 23.55
C GLN B 130 -47.73 -51.58 22.17
N THR B 131 -46.99 -52.15 21.20
CA THR B 131 -46.85 -51.52 19.90
C THR B 131 -48.01 -51.85 18.96
N MET B 132 -48.40 -53.13 18.92
CA MET B 132 -49.37 -53.59 17.94
C MET B 132 -50.77 -53.51 18.53
N CYS B 133 -51.44 -52.37 18.34
CA CYS B 133 -52.71 -52.07 18.99
C CYS B 133 -53.39 -50.85 18.34
N LYS B 134 -54.70 -50.70 18.60
CA LYS B 134 -55.57 -49.78 17.87
C LYS B 134 -55.03 -48.34 17.88
N GLU B 135 -54.37 -47.93 18.97
CA GLU B 135 -53.91 -46.55 19.11
C GLU B 135 -52.74 -46.28 18.17
N ASN B 136 -51.95 -47.30 17.87
CA ASN B 136 -50.81 -47.18 16.98
C ASN B 136 -51.15 -47.60 15.56
N HIS B 137 -52.42 -47.45 15.18
CA HIS B 137 -52.88 -48.00 13.92
C HIS B 137 -52.07 -47.45 12.75
N ARG B 138 -51.46 -46.27 12.92
CA ARG B 138 -50.76 -45.65 11.80
C ARG B 138 -49.46 -46.39 11.51
N LEU B 139 -48.97 -47.19 12.47
CA LEU B 139 -47.78 -48.00 12.28
C LEU B 139 -47.97 -49.04 11.17
N LEU B 140 -49.22 -49.33 10.81
CA LEU B 140 -49.51 -50.31 9.77
C LEU B 140 -49.17 -49.76 8.38
N LEU B 141 -49.15 -48.42 8.22
CA LEU B 141 -48.72 -47.85 6.94
C LEU B 141 -47.20 -47.77 6.89
N ASN B 142 -46.62 -47.64 5.69
CA ASN B 142 -45.17 -47.67 5.60
C ASN B 142 -44.54 -46.39 6.14
N GLY B 143 -43.42 -46.55 6.84
CA GLY B 143 -42.70 -45.42 7.42
C GLY B 143 -41.56 -44.89 6.51
N ASP B 144 -40.54 -44.32 7.13
CA ASP B 144 -39.39 -43.80 6.43
C ASP B 144 -38.63 -45.00 5.86
N HIS B 145 -38.31 -44.96 4.57
CA HIS B 145 -37.53 -46.02 3.94
C HIS B 145 -36.25 -46.37 4.68
N GLN B 146 -35.59 -45.34 5.25
CA GLN B 146 -34.24 -45.47 5.76
C GLN B 146 -34.29 -46.18 7.12
N GLY B 147 -35.50 -46.20 7.71
CA GLY B 147 -35.66 -46.66 9.08
C GLY B 147 -36.53 -45.66 9.84
N GLU B 148 -37.24 -46.10 10.87
CA GLU B 148 -37.93 -45.19 11.75
C GLU B 148 -36.93 -44.27 12.46
N ALA B 149 -37.28 -42.98 12.52
CA ALA B 149 -36.39 -42.03 13.18
C ALA B 149 -36.08 -42.43 14.61
N SER B 150 -37.13 -42.78 15.38
CA SER B 150 -36.99 -43.34 16.71
C SER B 150 -35.91 -44.42 16.73
N PHE B 151 -35.92 -45.28 15.71
CA PHE B 151 -35.14 -46.51 15.82
C PHE B 151 -33.70 -46.17 15.45
N ARG B 152 -33.57 -45.29 14.45
CA ARG B 152 -32.25 -44.86 14.00
C ARG B 152 -31.54 -44.15 15.16
N ARG B 153 -32.31 -43.35 15.90
CA ARG B 153 -31.85 -42.65 17.10
C ARG B 153 -31.30 -43.64 18.14
N GLU B 154 -32.08 -44.66 18.49
CA GLU B 154 -31.59 -45.69 19.41
C GLU B 154 -30.35 -46.41 18.91
N ILE B 155 -30.22 -46.51 17.59
CA ILE B 155 -29.13 -47.27 17.02
C ILE B 155 -27.88 -46.45 17.25
N ALA B 156 -28.00 -45.14 16.95
CA ALA B 156 -26.88 -44.20 17.09
C ALA B 156 -26.46 -44.15 18.55
N TYR B 157 -27.43 -44.03 19.47
CA TYR B 157 -27.14 -44.14 20.91
C TYR B 157 -26.39 -45.44 21.21
N TYR B 158 -26.98 -46.59 20.86
CA TYR B 158 -26.42 -47.91 21.18
C TYR B 158 -24.98 -48.01 20.64
N LEU B 159 -24.76 -47.50 19.43
CA LEU B 159 -23.48 -47.75 18.77
C LEU B 159 -22.40 -46.92 19.43
N HIS B 160 -22.83 -45.76 19.97
CA HIS B 160 -21.93 -44.85 20.68
C HIS B 160 -21.46 -45.52 21.95
N HIS B 161 -22.40 -45.92 22.83
CA HIS B 161 -22.13 -46.59 24.09
C HIS B 161 -21.25 -47.83 23.91
N SER B 162 -21.58 -48.65 22.90
CA SER B 162 -21.06 -50.01 22.84
C SER B 162 -19.76 -50.09 22.05
N ARG B 163 -19.60 -49.21 21.05
CA ARG B 163 -18.53 -49.37 20.08
C ARG B 163 -17.78 -48.05 19.84
N GLY B 164 -18.33 -46.96 20.38
CA GLY B 164 -17.71 -45.66 20.23
C GLY B 164 -18.00 -45.05 18.86
N VAL B 165 -19.07 -45.47 18.26
CA VAL B 165 -19.35 -45.01 16.92
C VAL B 165 -19.99 -43.63 17.03
N ASN B 166 -19.53 -42.72 16.16
CA ASN B 166 -20.10 -41.40 16.19
C ASN B 166 -20.85 -41.17 14.91
N CYS B 167 -22.17 -41.01 15.04
CA CYS B 167 -22.96 -40.77 13.84
C CYS B 167 -24.27 -40.12 14.25
N THR B 168 -24.91 -39.45 13.29
CA THR B 168 -26.24 -38.92 13.49
C THR B 168 -27.24 -40.00 13.09
N PRO B 169 -28.50 -39.92 13.55
CA PRO B 169 -29.54 -40.82 13.08
C PRO B 169 -29.75 -40.78 11.58
N GLU B 170 -29.39 -39.67 10.93
CA GLU B 170 -29.67 -39.51 9.51
C GLU B 170 -28.60 -40.24 8.70
N GLN B 171 -27.61 -40.82 9.39
CA GLN B 171 -26.55 -41.53 8.70
C GLN B 171 -26.77 -43.04 8.87
N VAL B 172 -27.84 -43.42 9.61
CA VAL B 172 -28.10 -44.82 9.88
C VAL B 172 -29.12 -45.32 8.87
N VAL B 173 -28.73 -46.37 8.15
CA VAL B 173 -29.67 -47.08 7.27
C VAL B 173 -30.03 -48.46 7.86
N VAL B 174 -31.33 -48.69 8.03
CA VAL B 174 -31.85 -49.96 8.52
C VAL B 174 -32.31 -50.83 7.34
N GLY B 175 -31.79 -52.06 7.28
CA GLY B 175 -32.20 -53.02 6.27
C GLY B 175 -32.29 -54.47 6.72
N ALA B 176 -32.92 -55.29 5.89
CA ALA B 176 -33.18 -56.68 6.22
C ALA B 176 -31.94 -57.52 5.97
N GLY B 177 -31.05 -57.54 6.96
CA GLY B 177 -29.83 -58.31 6.83
C GLY B 177 -28.71 -57.59 6.10
N VAL B 178 -27.51 -58.02 6.45
CA VAL B 178 -26.30 -57.45 5.89
C VAL B 178 -26.33 -57.50 4.37
N GLU B 179 -26.83 -58.59 3.81
CA GLU B 179 -26.82 -58.73 2.35
C GLU B 179 -27.65 -57.64 1.69
N THR B 180 -28.80 -57.27 2.27
CA THR B 180 -29.60 -56.19 1.72
C THR B 180 -28.81 -54.90 1.63
N LEU B 181 -28.04 -54.60 2.70
CA LEU B 181 -27.33 -53.32 2.83
C LEU B 181 -26.12 -53.30 1.90
N LEU B 182 -25.29 -54.36 1.92
CA LEU B 182 -24.21 -54.44 0.94
C LEU B 182 -24.69 -54.27 -0.51
N GLN B 183 -25.88 -54.79 -0.83
CA GLN B 183 -26.33 -54.66 -2.21
C GLN B 183 -26.57 -53.20 -2.50
N GLN B 184 -27.18 -52.50 -1.53
CA GLN B 184 -27.47 -51.09 -1.75
C GLN B 184 -26.15 -50.32 -1.84
N LEU B 185 -25.21 -50.75 -1.02
CA LEU B 185 -23.92 -50.11 -1.02
C LEU B 185 -23.26 -50.26 -2.39
N PHE B 186 -23.32 -51.47 -2.97
CA PHE B 186 -22.64 -51.73 -4.24
C PHE B 186 -23.18 -50.83 -5.34
N LEU B 187 -24.52 -50.65 -5.33
CA LEU B 187 -25.21 -49.76 -6.26
C LEU B 187 -24.79 -48.32 -6.02
N LEU B 188 -24.67 -47.94 -4.74
CA LEU B 188 -24.39 -46.58 -4.34
C LEU B 188 -23.00 -46.12 -4.78
N LEU B 189 -21.98 -46.91 -4.48
CA LEU B 189 -20.58 -46.57 -4.76
C LEU B 189 -20.21 -46.75 -6.23
N GLY B 190 -21.07 -47.43 -7.03
CA GLY B 190 -20.85 -47.56 -8.46
C GLY B 190 -20.03 -48.77 -8.90
N GLU B 191 -20.08 -48.95 -10.24
CA GLU B 191 -19.70 -50.16 -10.94
C GLU B 191 -18.19 -50.30 -11.09
N SER B 192 -17.48 -49.21 -10.87
CA SER B 192 -16.04 -49.12 -11.14
C SER B 192 -15.23 -49.56 -9.93
N LYS B 193 -15.84 -49.56 -8.73
CA LYS B 193 -15.07 -49.80 -7.52
C LYS B 193 -14.53 -51.22 -7.54
N VAL B 194 -13.32 -51.36 -6.96
CA VAL B 194 -12.72 -52.67 -6.74
C VAL B 194 -12.63 -52.94 -5.23
N TYR B 195 -13.12 -54.10 -4.78
CA TYR B 195 -13.23 -54.41 -3.36
C TYR B 195 -12.10 -55.32 -2.92
N GLY B 196 -11.48 -55.00 -1.80
CA GLY B 196 -10.55 -55.94 -1.18
C GLY B 196 -11.24 -56.64 -0.02
N ILE B 197 -10.99 -57.94 0.12
CA ILE B 197 -11.71 -58.72 1.13
C ILE B 197 -10.71 -59.58 1.89
N GLU B 198 -11.11 -59.98 3.10
CA GLU B 198 -10.27 -60.81 3.96
C GLU B 198 -10.35 -62.26 3.49
N ASP B 199 -9.21 -62.95 3.47
CA ASP B 199 -9.16 -64.39 3.29
C ASP B 199 -8.24 -65.03 4.32
N PRO B 200 -8.70 -66.03 5.08
CA PRO B 200 -10.09 -66.49 5.05
C PRO B 200 -11.04 -65.50 5.72
N GLY B 201 -12.34 -65.82 5.70
CA GLY B 201 -13.40 -64.99 6.27
C GLY B 201 -14.79 -65.47 5.83
N TYR B 202 -15.84 -64.82 6.31
CA TYR B 202 -17.19 -65.08 5.82
C TYR B 202 -17.20 -64.84 4.31
N GLN B 203 -17.92 -65.70 3.58
CA GLN B 203 -17.80 -65.67 2.13
C GLN B 203 -18.86 -64.76 1.48
N LEU B 204 -19.77 -64.24 2.29
CA LEU B 204 -20.93 -63.51 1.81
C LEU B 204 -20.53 -62.42 0.81
N MET B 205 -19.45 -61.70 1.14
CA MET B 205 -19.08 -60.54 0.39
C MET B 205 -18.65 -60.98 -1.01
N ARG B 206 -17.78 -61.98 -1.06
CA ARG B 206 -17.31 -62.47 -2.34
C ARG B 206 -18.49 -62.99 -3.18
N LYS B 207 -19.35 -63.76 -2.52
CA LYS B 207 -20.49 -64.38 -3.18
C LYS B 207 -21.40 -63.31 -3.80
N LEU B 208 -21.79 -62.31 -3.01
CA LEU B 208 -22.63 -61.21 -3.52
C LEU B 208 -21.95 -60.54 -4.71
N LEU B 209 -20.63 -60.35 -4.63
CA LEU B 209 -19.96 -59.56 -5.63
C LEU B 209 -19.96 -60.27 -6.98
N SER B 210 -20.16 -61.59 -6.96
CA SER B 210 -20.23 -62.35 -8.20
C SER B 210 -21.39 -61.88 -9.09
N HIS B 211 -22.42 -61.24 -8.53
CA HIS B 211 -23.57 -60.80 -9.32
C HIS B 211 -23.44 -59.35 -9.78
N TYR B 212 -22.40 -58.65 -9.31
CA TYR B 212 -22.29 -57.22 -9.58
C TYR B 212 -21.08 -57.00 -10.48
N PRO B 213 -21.10 -55.91 -11.28
CA PRO B 213 -19.98 -55.59 -12.18
C PRO B 213 -18.61 -55.57 -11.53
N ASN B 214 -18.58 -55.19 -10.25
CA ASN B 214 -17.42 -54.92 -9.42
C ASN B 214 -16.52 -56.16 -9.26
N ASP B 215 -15.19 -55.94 -9.29
CA ASP B 215 -14.22 -56.98 -9.03
C ASP B 215 -13.75 -56.97 -7.58
N TYR B 216 -13.08 -58.04 -7.17
CA TYR B 216 -12.59 -58.15 -5.81
C TYR B 216 -11.17 -58.67 -5.84
N VAL B 217 -10.44 -58.44 -4.74
CA VAL B 217 -9.11 -58.97 -4.54
C VAL B 217 -9.04 -59.44 -3.09
N PRO B 218 -8.58 -60.68 -2.84
CA PRO B 218 -8.44 -61.18 -1.47
C PRO B 218 -7.08 -60.79 -0.91
N PHE B 219 -7.03 -60.59 0.41
CA PHE B 219 -5.81 -60.28 1.14
C PHE B 219 -5.74 -61.18 2.37
N GLN B 220 -4.51 -61.56 2.75
CA GLN B 220 -4.25 -62.33 3.95
C GLN B 220 -4.68 -61.57 5.20
N VAL B 221 -4.99 -62.34 6.25
CA VAL B 221 -5.11 -61.80 7.59
C VAL B 221 -4.13 -62.56 8.49
N ASP B 222 -3.49 -61.86 9.42
CA ASP B 222 -2.57 -62.46 10.37
C ASP B 222 -2.92 -62.02 11.77
N GLU B 223 -1.96 -62.15 12.70
CA GLU B 223 -2.15 -61.88 14.12
C GLU B 223 -2.58 -60.44 14.34
N GLU B 224 -2.25 -59.56 13.37
CA GLU B 224 -2.44 -58.12 13.49
C GLU B 224 -3.49 -57.59 12.51
N GLY B 225 -4.19 -58.52 11.84
CA GLY B 225 -5.34 -58.17 11.01
C GLY B 225 -5.01 -58.22 9.53
N ILE B 226 -5.77 -57.46 8.74
CA ILE B 226 -5.66 -57.53 7.29
C ILE B 226 -4.31 -57.00 6.83
N ASP B 227 -3.86 -57.49 5.67
CA ASP B 227 -2.52 -57.17 5.19
C ASP B 227 -2.55 -55.81 4.48
N VAL B 228 -2.39 -54.74 5.27
CA VAL B 228 -2.52 -53.39 4.74
C VAL B 228 -1.38 -53.10 3.76
N ASP B 229 -0.20 -53.74 3.97
CA ASP B 229 0.95 -53.51 3.09
C ASP B 229 0.59 -53.89 1.65
N SER B 230 -0.08 -55.03 1.50
CA SER B 230 -0.49 -55.50 0.18
C SER B 230 -1.58 -54.60 -0.39
N ILE B 231 -2.52 -54.18 0.48
CA ILE B 231 -3.64 -53.39 -0.01
C ILE B 231 -3.10 -52.16 -0.72
N VAL B 232 -2.11 -51.52 -0.09
CA VAL B 232 -1.56 -50.23 -0.48
C VAL B 232 -0.89 -50.34 -1.84
N ARG B 233 -0.42 -51.55 -2.20
CA ARG B 233 0.27 -51.78 -3.47
C ARG B 233 -0.71 -52.15 -4.59
N THR B 234 -2.02 -52.27 -4.28
CA THR B 234 -2.90 -53.11 -5.07
C THR B 234 -4.03 -52.44 -5.86
N ALA B 235 -4.28 -51.14 -5.82
CA ALA B 235 -5.34 -50.66 -6.70
C ALA B 235 -6.79 -51.08 -6.36
N VAL B 236 -7.06 -51.55 -5.15
CA VAL B 236 -8.42 -51.61 -4.63
C VAL B 236 -8.89 -50.22 -4.23
N ASP B 237 -10.21 -50.00 -4.19
CA ASP B 237 -10.81 -48.74 -3.80
C ASP B 237 -11.55 -48.88 -2.46
N VAL B 238 -12.15 -50.04 -2.19
CA VAL B 238 -12.92 -50.23 -0.97
C VAL B 238 -12.40 -51.47 -0.26
N VAL B 239 -12.10 -51.32 1.03
CA VAL B 239 -11.55 -52.44 1.77
C VAL B 239 -12.59 -52.88 2.77
N TYR B 240 -12.93 -54.18 2.67
CA TYR B 240 -13.90 -54.77 3.57
C TYR B 240 -13.12 -55.52 4.64
N THR B 241 -13.35 -55.19 5.91
CA THR B 241 -12.55 -55.81 6.96
C THR B 241 -13.36 -55.88 8.26
N THR B 242 -12.99 -56.84 9.12
CA THR B 242 -13.62 -57.05 10.42
C THR B 242 -12.57 -56.73 11.49
N PRO B 243 -12.32 -55.44 11.78
CA PRO B 243 -11.12 -55.05 12.54
C PRO B 243 -11.18 -55.44 14.01
N SER B 244 -12.39 -55.52 14.58
CA SER B 244 -12.60 -55.77 15.99
C SER B 244 -12.30 -57.21 16.39
N ARG B 245 -12.62 -58.15 15.50
CA ARG B 245 -12.38 -59.57 15.74
C ARG B 245 -12.69 -60.35 14.47
N HIS B 246 -11.63 -60.71 13.76
CA HIS B 246 -11.67 -61.39 12.49
C HIS B 246 -12.31 -62.77 12.62
N PHE B 247 -13.09 -63.16 11.62
CA PHE B 247 -13.64 -64.50 11.59
C PHE B 247 -12.83 -65.34 10.61
N PRO B 248 -12.36 -66.55 10.99
CA PRO B 248 -12.74 -67.20 12.25
C PRO B 248 -11.75 -67.15 13.42
N TYR B 249 -10.54 -66.64 13.17
CA TYR B 249 -9.41 -66.79 14.08
C TYR B 249 -9.44 -65.82 15.25
N GLY B 250 -10.10 -64.66 15.10
CA GLY B 250 -10.31 -63.77 16.23
C GLY B 250 -9.33 -62.59 16.26
N SER B 251 -8.38 -62.55 15.30
CA SER B 251 -7.38 -61.50 15.13
C SER B 251 -7.98 -60.10 15.28
N VAL B 252 -7.20 -59.16 15.81
CA VAL B 252 -7.59 -57.76 15.89
C VAL B 252 -6.66 -56.91 15.02
N LEU B 253 -7.23 -55.96 14.28
CA LEU B 253 -6.45 -55.05 13.45
C LEU B 253 -5.70 -54.10 14.37
N SER B 254 -4.36 -54.26 14.36
CA SER B 254 -3.44 -53.53 15.22
C SER B 254 -3.56 -52.02 14.98
N ILE B 255 -3.25 -51.28 16.03
CA ILE B 255 -3.48 -49.85 16.03
C ILE B 255 -2.61 -49.16 14.96
N ASN B 256 -1.44 -49.72 14.66
CA ASN B 256 -0.60 -49.23 13.58
C ASN B 256 -1.31 -49.36 12.24
N ARG B 257 -1.86 -50.56 12.02
CA ARG B 257 -2.44 -50.89 10.74
C ARG B 257 -3.72 -50.08 10.56
N ARG B 258 -4.45 -49.86 11.65
CA ARG B 258 -5.62 -48.98 11.59
C ARG B 258 -5.21 -47.61 11.05
N LYS B 259 -4.10 -47.06 11.59
CA LYS B 259 -3.63 -45.74 11.20
C LYS B 259 -3.21 -45.77 9.74
N GLN B 260 -2.47 -46.82 9.38
CA GLN B 260 -1.96 -46.99 8.04
C GLN B 260 -3.11 -47.06 7.02
N LEU B 261 -4.16 -47.80 7.40
CA LEU B 261 -5.27 -48.03 6.51
C LEU B 261 -6.07 -46.75 6.34
N LEU B 262 -6.31 -46.04 7.45
CA LEU B 262 -7.02 -44.78 7.36
C LEU B 262 -6.22 -43.79 6.52
N HIS B 263 -4.87 -43.85 6.63
CA HIS B 263 -4.03 -42.98 5.85
C HIS B 263 -4.25 -43.27 4.37
N TRP B 264 -4.27 -44.59 4.05
CA TRP B 264 -4.46 -45.06 2.69
C TRP B 264 -5.77 -44.48 2.13
N ALA B 265 -6.79 -44.44 2.98
CA ALA B 265 -8.13 -44.04 2.58
C ALA B 265 -8.20 -42.54 2.35
N GLU B 266 -7.41 -41.80 3.16
CA GLU B 266 -7.35 -40.34 3.13
C GLU B 266 -6.69 -39.89 1.82
N ALA B 267 -5.87 -40.75 1.24
CA ALA B 267 -5.05 -40.44 0.08
C ALA B 267 -5.84 -40.30 -1.22
N HIS B 268 -7.14 -40.62 -1.24
CA HIS B 268 -7.87 -40.56 -2.49
C HIS B 268 -9.37 -40.41 -2.26
N GLU B 269 -10.03 -39.63 -3.13
CA GLU B 269 -11.43 -39.27 -2.96
C GLU B 269 -12.33 -40.50 -3.14
N ASN B 270 -11.86 -41.50 -3.89
CA ASN B 270 -12.65 -42.67 -4.21
C ASN B 270 -12.61 -43.79 -3.16
N ARG B 271 -11.78 -43.65 -2.13
CA ARG B 271 -11.51 -44.79 -1.26
C ARG B 271 -12.45 -44.78 -0.06
N TYR B 272 -12.86 -46.00 0.36
CA TYR B 272 -13.64 -46.18 1.56
C TYR B 272 -13.20 -47.46 2.27
N ILE B 273 -13.61 -47.58 3.54
CA ILE B 273 -13.39 -48.78 4.32
C ILE B 273 -14.75 -49.24 4.84
N ILE B 274 -15.04 -50.54 4.64
CA ILE B 274 -16.24 -51.09 5.25
C ILE B 274 -15.81 -51.85 6.49
N GLU B 275 -16.32 -51.37 7.63
CA GLU B 275 -16.01 -51.99 8.89
C GLU B 275 -17.21 -52.88 9.25
N ASP B 276 -16.96 -54.19 9.23
CA ASP B 276 -17.98 -55.16 9.55
C ASP B 276 -17.87 -55.50 11.02
N ASP B 277 -18.96 -55.26 11.75
CA ASP B 277 -19.05 -55.65 13.15
C ASP B 277 -20.27 -56.53 13.36
N TYR B 278 -20.53 -57.43 12.38
CA TYR B 278 -21.62 -58.39 12.40
C TYR B 278 -21.56 -59.18 13.71
N ASP B 279 -20.34 -59.44 14.17
CA ASP B 279 -20.08 -60.26 15.32
C ASP B 279 -20.22 -59.30 16.51
N SER B 280 -21.35 -59.42 17.21
CA SER B 280 -21.75 -58.50 18.26
C SER B 280 -21.06 -58.82 19.61
N GLU B 281 -21.22 -57.99 20.66
CA GLU B 281 -20.10 -57.60 21.48
C GLU B 281 -19.94 -58.63 22.61
N PHE B 282 -19.48 -59.80 22.21
CA PHE B 282 -19.10 -60.79 23.23
C PHE B 282 -17.58 -61.00 23.23
N ARG B 283 -16.89 -60.10 23.93
CA ARG B 283 -15.47 -60.22 24.22
C ARG B 283 -15.31 -60.36 25.72
N TYR B 284 -14.36 -61.23 26.10
CA TYR B 284 -14.13 -61.60 27.48
C TYR B 284 -12.71 -61.26 27.91
N THR B 285 -11.78 -61.23 26.95
CA THR B 285 -10.36 -61.16 27.25
C THR B 285 -9.65 -60.26 26.25
N GLY B 286 -8.48 -59.77 26.65
CA GLY B 286 -7.76 -58.75 25.92
C GLY B 286 -8.20 -57.36 26.37
N LYS B 287 -7.44 -56.35 25.91
CA LYS B 287 -7.83 -54.96 26.02
C LYS B 287 -9.01 -54.71 25.07
N THR B 288 -10.03 -54.02 25.60
CA THR B 288 -11.24 -53.74 24.84
C THR B 288 -10.99 -52.55 23.90
N ILE B 289 -10.97 -52.77 22.57
CA ILE B 289 -10.53 -51.73 21.64
C ILE B 289 -11.71 -51.26 20.79
N PRO B 290 -11.79 -49.94 20.44
CA PRO B 290 -13.02 -49.40 19.84
C PRO B 290 -13.11 -49.58 18.31
N SER B 291 -14.21 -49.10 17.72
CA SER B 291 -14.40 -49.09 16.28
C SER B 291 -13.35 -48.25 15.56
N LEU B 292 -12.97 -48.73 14.38
CA LEU B 292 -12.16 -47.98 13.44
C LEU B 292 -12.92 -46.73 13.04
N GLN B 293 -14.25 -46.78 13.09
CA GLN B 293 -15.09 -45.66 12.67
C GLN B 293 -14.88 -44.49 13.60
N SER B 294 -14.59 -44.81 14.86
CA SER B 294 -14.43 -43.82 15.92
C SER B 294 -13.15 -42.99 15.71
N MET B 295 -12.11 -43.58 15.11
CA MET B 295 -10.90 -42.88 14.66
C MET B 295 -11.11 -42.12 13.35
N ASP B 296 -12.21 -42.35 12.65
CA ASP B 296 -12.26 -41.82 11.28
C ASP B 296 -12.70 -40.36 11.38
N VAL B 297 -11.84 -39.48 10.87
CA VAL B 297 -12.22 -38.07 10.89
C VAL B 297 -12.35 -37.58 9.46
N HIS B 298 -12.16 -38.49 8.49
CA HIS B 298 -12.20 -38.07 7.10
C HIS B 298 -13.39 -38.59 6.29
N ASN B 299 -14.40 -39.16 6.96
CA ASN B 299 -15.61 -39.65 6.27
C ASN B 299 -15.27 -40.77 5.27
N LYS B 300 -14.53 -41.74 5.78
CA LYS B 300 -13.92 -42.76 4.96
C LYS B 300 -14.48 -44.15 5.34
N VAL B 301 -15.06 -44.27 6.54
CA VAL B 301 -15.46 -45.56 7.08
C VAL B 301 -16.99 -45.73 7.06
N ILE B 302 -17.44 -46.84 6.43
CA ILE B 302 -18.82 -47.30 6.43
C ILE B 302 -18.95 -48.40 7.47
N TYR B 303 -19.90 -48.25 8.40
CA TYR B 303 -19.93 -49.18 9.52
C TYR B 303 -21.19 -50.03 9.39
N LEU B 304 -20.98 -51.33 9.60
CA LEU B 304 -21.99 -52.31 9.26
C LEU B 304 -22.21 -53.20 10.48
N GLY B 305 -23.47 -53.41 10.85
CA GLY B 305 -23.74 -54.31 11.94
C GLY B 305 -25.19 -54.78 11.95
N ALA B 306 -25.48 -55.71 12.87
CA ALA B 306 -26.80 -56.29 12.93
C ALA B 306 -27.21 -56.72 14.34
N PHE B 307 -28.51 -56.77 14.56
CA PHE B 307 -29.09 -57.40 15.72
C PHE B 307 -29.19 -58.92 15.58
N SER B 308 -28.10 -59.63 15.26
CA SER B 308 -28.17 -61.08 15.15
C SER B 308 -27.59 -61.77 16.38
N LYS B 309 -26.31 -61.54 16.72
CA LYS B 309 -25.72 -62.26 17.85
C LYS B 309 -26.22 -61.71 19.19
N SER B 310 -26.45 -60.40 19.28
CA SER B 310 -27.39 -59.83 20.25
C SER B 310 -28.78 -60.13 19.72
N LEU B 311 -29.80 -59.97 20.55
CA LEU B 311 -31.18 -60.17 20.05
C LEU B 311 -31.45 -61.50 19.31
N ILE B 312 -31.97 -61.42 18.07
CA ILE B 312 -32.63 -62.54 17.37
C ILE B 312 -32.24 -62.62 15.89
N PRO B 313 -31.42 -63.58 15.43
CA PRO B 313 -31.03 -63.63 14.02
C PRO B 313 -32.16 -63.60 12.98
N SER B 314 -33.29 -64.20 13.33
CA SER B 314 -34.30 -64.50 12.31
C SER B 314 -35.24 -63.32 12.09
N VAL B 315 -35.02 -62.22 12.84
CA VAL B 315 -35.87 -61.05 12.68
C VAL B 315 -35.37 -60.20 11.51
N ARG B 316 -34.12 -60.49 11.13
CA ARG B 316 -33.45 -59.84 10.01
C ARG B 316 -33.45 -58.33 10.12
N ILE B 317 -32.81 -57.84 11.22
CA ILE B 317 -32.67 -56.40 11.40
C ILE B 317 -31.20 -56.02 11.42
N SER B 318 -30.78 -55.22 10.44
CA SER B 318 -29.40 -54.83 10.30
C SER B 318 -29.30 -53.34 10.03
N TYR B 319 -28.08 -52.80 10.20
CA TYR B 319 -27.88 -51.37 10.06
C TYR B 319 -26.55 -51.13 9.38
N MET B 320 -26.55 -50.08 8.55
CA MET B 320 -25.30 -49.61 7.98
C MET B 320 -25.21 -48.10 8.26
N VAL B 321 -24.04 -47.66 8.76
CA VAL B 321 -23.78 -46.26 9.10
C VAL B 321 -22.92 -45.64 8.03
N LEU B 322 -23.49 -44.65 7.32
CA LEU B 322 -22.79 -44.04 6.19
C LEU B 322 -22.09 -42.75 6.58
N PRO B 323 -20.86 -42.50 6.10
CA PRO B 323 -20.31 -41.14 6.13
C PRO B 323 -21.28 -40.12 5.53
N ALA B 324 -21.29 -38.90 6.08
CA ALA B 324 -22.43 -38.04 5.84
C ALA B 324 -22.62 -37.67 4.36
N PRO B 325 -21.58 -37.45 3.53
CA PRO B 325 -21.77 -37.32 2.08
C PRO B 325 -22.53 -38.49 1.43
N LEU B 326 -22.15 -39.74 1.75
CA LEU B 326 -22.80 -40.95 1.25
C LEU B 326 -24.26 -41.00 1.75
N ALA B 327 -24.48 -40.65 3.00
CA ALA B 327 -25.85 -40.65 3.51
C ALA B 327 -26.71 -39.72 2.69
N HIS B 328 -26.16 -38.62 2.18
CA HIS B 328 -27.00 -37.67 1.47
C HIS B 328 -27.33 -38.25 0.10
N LEU B 329 -26.32 -38.89 -0.48
CA LEU B 329 -26.42 -39.53 -1.77
C LEU B 329 -27.41 -40.71 -1.71
N TYR B 330 -27.28 -41.52 -0.66
CA TYR B 330 -28.22 -42.60 -0.37
C TYR B 330 -29.65 -42.05 -0.34
N LYS B 331 -29.93 -41.04 0.47
CA LYS B 331 -31.30 -40.56 0.62
C LYS B 331 -31.86 -40.10 -0.73
N ASN B 332 -31.00 -39.75 -1.70
CA ASN B 332 -31.45 -39.26 -3.00
C ASN B 332 -31.68 -40.42 -3.96
N LYS B 333 -30.65 -41.27 -4.07
CA LYS B 333 -30.60 -42.41 -4.98
C LYS B 333 -31.77 -43.36 -4.71
N PHE B 334 -32.07 -43.60 -3.44
CA PHE B 334 -33.03 -44.61 -3.04
C PHE B 334 -34.30 -43.99 -2.48
N SER B 335 -34.65 -42.79 -2.95
CA SER B 335 -35.75 -42.03 -2.37
C SER B 335 -37.09 -42.79 -2.47
N TYR B 336 -37.23 -43.66 -3.46
CA TYR B 336 -38.52 -44.23 -3.83
C TYR B 336 -38.67 -45.63 -3.24
N TYR B 337 -37.60 -46.17 -2.65
CA TYR B 337 -37.63 -47.47 -1.98
C TYR B 337 -38.52 -47.41 -0.73
N HIS B 338 -38.79 -48.60 -0.19
CA HIS B 338 -39.52 -48.78 1.04
C HIS B 338 -38.59 -49.51 1.98
N SER B 339 -38.93 -49.45 3.27
CA SER B 339 -38.13 -50.19 4.21
C SER B 339 -38.20 -51.68 3.92
N THR B 340 -37.10 -52.40 4.17
CA THR B 340 -37.20 -53.84 4.13
C THR B 340 -37.35 -54.43 5.52
N VAL B 341 -37.65 -53.59 6.54
CA VAL B 341 -37.82 -54.12 7.90
C VAL B 341 -39.14 -53.66 8.45
N SER B 342 -39.82 -54.59 9.15
CA SER B 342 -41.17 -54.28 9.58
C SER B 342 -41.16 -53.06 10.52
N ARG B 343 -41.98 -52.03 10.26
CA ARG B 343 -42.18 -50.94 11.21
C ARG B 343 -42.51 -51.49 12.59
N ILE B 344 -43.43 -52.46 12.67
CA ILE B 344 -43.83 -52.95 13.97
C ILE B 344 -42.59 -53.43 14.71
N ASP B 345 -41.69 -54.13 13.99
CA ASP B 345 -40.59 -54.79 14.66
C ASP B 345 -39.60 -53.70 15.08
N GLN B 346 -39.48 -52.67 14.24
CA GLN B 346 -38.62 -51.53 14.52
C GLN B 346 -39.08 -50.87 15.82
N GLN B 347 -40.36 -50.51 15.89
CA GLN B 347 -40.96 -49.90 17.07
C GLN B 347 -40.77 -50.76 18.32
N VAL B 348 -41.01 -52.08 18.18
CA VAL B 348 -40.83 -52.97 19.31
C VAL B 348 -39.40 -52.88 19.79
N LEU B 349 -38.43 -53.06 18.88
CA LEU B 349 -37.02 -53.07 19.29
C LEU B 349 -36.63 -51.70 19.83
N THR B 350 -37.20 -50.62 19.26
CA THR B 350 -36.98 -49.27 19.72
C THR B 350 -37.32 -49.20 21.21
N ALA B 351 -38.54 -49.58 21.57
CA ALA B 351 -38.97 -49.60 22.98
C ALA B 351 -38.03 -50.48 23.82
N PHE B 352 -37.78 -51.72 23.38
CA PHE B 352 -36.96 -52.63 24.14
C PHE B 352 -35.62 -51.97 24.47
N MET B 353 -35.17 -51.08 23.59
CA MET B 353 -33.85 -50.50 23.74
C MET B 353 -33.96 -49.32 24.71
N LYS B 354 -34.93 -48.44 24.44
CA LYS B 354 -35.15 -47.22 25.19
C LYS B 354 -35.33 -47.46 26.68
N GLN B 355 -36.14 -48.43 27.06
CA GLN B 355 -36.42 -48.73 28.46
C GLN B 355 -35.36 -49.67 29.04
N GLY B 356 -34.23 -49.84 28.36
CA GLY B 356 -33.07 -50.39 29.05
C GLY B 356 -32.95 -51.90 28.98
N ASP B 357 -34.03 -52.56 28.51
CA ASP B 357 -34.13 -54.02 28.46
C ASP B 357 -33.12 -54.61 27.48
N PHE B 358 -32.88 -53.91 26.36
CA PHE B 358 -31.84 -54.39 25.45
C PHE B 358 -30.51 -54.44 26.18
N GLU B 359 -30.23 -53.39 26.96
CA GLU B 359 -28.91 -53.32 27.58
C GLU B 359 -28.81 -54.40 28.66
N LYS B 360 -29.92 -54.62 29.40
CA LYS B 360 -29.98 -55.69 30.38
C LYS B 360 -29.74 -57.04 29.69
N HIS B 361 -30.45 -57.25 28.55
CA HIS B 361 -30.35 -58.47 27.77
C HIS B 361 -28.88 -58.74 27.46
N LEU B 362 -28.20 -57.71 26.93
CA LEU B 362 -26.81 -57.88 26.51
C LEU B 362 -25.92 -58.35 27.65
N ASN B 363 -26.14 -57.77 28.84
CA ASN B 363 -25.29 -58.08 29.98
C ASN B 363 -25.54 -59.51 30.42
N ARG B 364 -26.84 -59.85 30.52
CA ARG B 364 -27.27 -61.18 30.91
C ARG B 364 -26.69 -62.24 29.98
N MET B 365 -26.72 -61.95 28.67
CA MET B 365 -26.25 -62.91 27.68
C MET B 365 -24.74 -63.04 27.77
N ARG B 366 -24.06 -61.91 28.04
CA ARG B 366 -22.61 -61.90 28.07
C ARG B 366 -22.14 -62.90 29.12
N LYS B 367 -22.87 -62.93 30.25
CA LYS B 367 -22.57 -63.81 31.36
C LYS B 367 -22.73 -65.26 30.91
N ILE B 368 -23.88 -65.54 30.28
CA ILE B 368 -24.20 -66.89 29.85
C ILE B 368 -23.16 -67.40 28.85
N TYR B 369 -22.82 -66.58 27.85
CA TYR B 369 -21.91 -67.05 26.83
C TYR B 369 -20.54 -67.27 27.46
N ARG B 370 -20.17 -66.43 28.44
CA ARG B 370 -18.89 -66.55 29.12
C ARG B 370 -18.79 -67.91 29.80
N ARG B 371 -19.86 -68.28 30.53
CA ARG B 371 -19.90 -69.57 31.20
C ARG B 371 -19.71 -70.71 30.20
N LYS B 372 -20.49 -70.68 29.12
CA LYS B 372 -20.45 -71.72 28.10
C LYS B 372 -19.05 -71.86 27.54
N LEU B 373 -18.42 -70.73 27.19
CA LEU B 373 -17.11 -70.75 26.55
C LEU B 373 -16.10 -71.36 27.51
N GLU B 374 -16.21 -70.98 28.80
CA GLU B 374 -15.26 -71.42 29.81
C GLU B 374 -15.40 -72.92 30.03
N LYS B 375 -16.64 -73.42 30.05
CA LYS B 375 -16.87 -74.85 30.19
C LYS B 375 -16.25 -75.61 29.00
N VAL B 376 -16.41 -75.04 27.80
CA VAL B 376 -15.94 -75.67 26.58
C VAL B 376 -14.42 -75.75 26.59
N LEU B 377 -13.78 -74.65 27.00
CA LEU B 377 -12.33 -74.60 27.04
C LEU B 377 -11.81 -75.55 28.11
N SER B 378 -12.50 -75.56 29.25
CA SER B 378 -12.21 -76.44 30.37
C SER B 378 -12.10 -77.89 29.89
N LEU B 379 -13.04 -78.30 29.04
CA LEU B 379 -13.07 -79.65 28.54
C LEU B 379 -11.99 -79.87 27.48
N LEU B 380 -11.84 -78.93 26.54
CA LEU B 380 -11.00 -79.17 25.37
C LEU B 380 -9.51 -79.04 25.69
N LYS B 381 -9.16 -78.30 26.75
CA LYS B 381 -7.77 -78.04 27.09
C LYS B 381 -7.06 -79.34 27.48
N ARG B 382 -7.86 -80.40 27.70
CA ARG B 382 -7.37 -81.68 28.15
C ARG B 382 -6.71 -82.47 27.02
N TYR B 383 -6.85 -82.00 25.78
CA TYR B 383 -6.41 -82.74 24.61
C TYR B 383 -5.38 -81.91 23.85
N GLU B 384 -4.59 -81.12 24.61
CA GLU B 384 -3.78 -80.02 24.11
C GLU B 384 -2.69 -80.49 23.14
N ASP B 385 -2.50 -81.81 23.05
CA ASP B 385 -1.46 -82.38 22.20
C ASP B 385 -1.99 -82.62 20.79
N LYS B 386 -3.31 -82.86 20.64
CA LYS B 386 -3.87 -83.31 19.38
C LYS B 386 -4.92 -82.33 18.83
N LEU B 387 -5.43 -81.46 19.72
CA LEU B 387 -6.34 -80.38 19.39
C LEU B 387 -5.75 -79.05 19.86
N LEU B 388 -5.52 -78.13 18.91
CA LEU B 388 -5.12 -76.77 19.25
C LEU B 388 -6.29 -75.84 19.02
N ILE B 389 -6.50 -74.94 19.99
CA ILE B 389 -7.58 -73.96 19.94
C ILE B 389 -7.03 -72.61 19.47
N ILE B 390 -7.80 -71.91 18.61
CA ILE B 390 -7.44 -70.58 18.13
C ILE B 390 -8.59 -69.60 18.41
N GLY B 391 -8.23 -68.43 18.94
CA GLY B 391 -9.13 -67.30 19.14
C GLY B 391 -10.15 -67.56 20.24
N GLU B 392 -9.63 -68.15 21.32
CA GLU B 392 -10.46 -68.80 22.32
C GLU B 392 -11.19 -67.79 23.19
N ARG B 393 -10.78 -66.51 23.17
CA ARG B 393 -11.32 -65.61 24.18
C ARG B 393 -12.25 -64.58 23.58
N SER B 394 -12.81 -64.92 22.42
CA SER B 394 -13.67 -64.01 21.68
C SER B 394 -14.76 -64.79 20.93
N GLY B 395 -15.95 -64.23 21.00
CA GLY B 395 -17.06 -64.73 20.22
C GLY B 395 -17.73 -65.95 20.83
N LEU B 396 -18.63 -66.56 20.06
CA LEU B 396 -19.45 -67.69 20.47
C LEU B 396 -18.91 -68.94 19.78
N HIS B 397 -17.64 -68.88 19.33
CA HIS B 397 -17.08 -69.99 18.59
C HIS B 397 -15.56 -70.03 18.75
N ILE B 398 -14.97 -71.18 18.43
CA ILE B 398 -13.52 -71.41 18.46
C ILE B 398 -13.14 -72.18 17.21
N VAL B 399 -11.84 -72.19 16.91
CA VAL B 399 -11.32 -73.04 15.85
C VAL B 399 -10.46 -74.12 16.48
N LEU B 400 -10.65 -75.37 16.05
CA LEU B 400 -9.81 -76.49 16.45
C LEU B 400 -8.98 -76.90 15.25
N VAL B 401 -7.66 -76.98 15.47
CA VAL B 401 -6.77 -77.71 14.57
C VAL B 401 -6.70 -79.14 15.06
N VAL B 402 -7.00 -80.09 14.17
CA VAL B 402 -7.12 -81.48 14.57
C VAL B 402 -6.04 -82.30 13.87
N LYS B 403 -5.24 -83.00 14.69
CA LYS B 403 -4.10 -83.76 14.21
C LYS B 403 -4.38 -85.25 14.35
N ASN B 404 -5.54 -85.68 13.87
CA ASN B 404 -5.96 -87.07 13.94
C ASN B 404 -5.43 -87.88 12.77
N GLY B 405 -4.83 -87.20 11.78
CA GLY B 405 -4.56 -87.81 10.50
C GLY B 405 -5.84 -88.04 9.69
N MET B 406 -7.01 -87.85 10.35
CA MET B 406 -8.27 -87.72 9.66
C MET B 406 -8.29 -86.39 8.92
N ASP B 407 -8.77 -86.41 7.67
CA ASP B 407 -8.84 -85.18 6.91
C ASP B 407 -10.09 -84.41 7.30
N GLU B 408 -10.18 -83.17 6.80
CA GLU B 408 -11.25 -82.25 7.13
C GLU B 408 -12.61 -82.91 6.86
N GLN B 409 -12.74 -83.49 5.66
CA GLN B 409 -14.00 -84.05 5.22
C GLN B 409 -14.43 -85.20 6.14
N THR B 410 -13.44 -86.05 6.50
CA THR B 410 -13.65 -87.20 7.36
C THR B 410 -14.21 -86.74 8.70
N LEU B 411 -13.59 -85.70 9.26
CA LEU B 411 -13.95 -85.17 10.57
C LEU B 411 -15.40 -84.69 10.55
N VAL B 412 -15.80 -84.01 9.46
CA VAL B 412 -17.15 -83.46 9.31
C VAL B 412 -18.15 -84.60 9.30
N GLU B 413 -17.88 -85.62 8.46
CA GLU B 413 -18.79 -86.73 8.21
C GLU B 413 -18.98 -87.55 9.47
N LYS B 414 -17.87 -87.84 10.17
CA LYS B 414 -17.92 -88.64 11.39
C LYS B 414 -18.79 -87.94 12.44
N ALA B 415 -18.63 -86.61 12.52
CA ALA B 415 -19.39 -85.81 13.46
C ALA B 415 -20.88 -85.87 13.10
N LEU B 416 -21.17 -85.75 11.79
CA LEU B 416 -22.54 -85.70 11.28
C LEU B 416 -23.20 -87.06 11.55
N ALA B 417 -22.42 -88.14 11.38
CA ALA B 417 -22.87 -89.47 11.71
C ALA B 417 -23.28 -89.54 13.19
N ALA B 418 -22.59 -88.79 14.06
CA ALA B 418 -22.95 -88.80 15.47
C ALA B 418 -24.08 -87.82 15.76
N LYS B 419 -24.67 -87.24 14.70
CA LYS B 419 -25.77 -86.29 14.78
C LYS B 419 -25.31 -84.94 15.34
N ALA B 420 -24.06 -84.57 15.02
CA ALA B 420 -23.48 -83.28 15.38
C ALA B 420 -22.92 -82.57 14.14
N LYS B 421 -23.40 -81.35 13.87
CA LYS B 421 -22.97 -80.60 12.70
C LYS B 421 -21.83 -79.66 13.06
N VAL B 422 -20.71 -79.81 12.36
CA VAL B 422 -19.52 -78.99 12.58
C VAL B 422 -19.04 -78.38 11.25
N TYR B 423 -18.22 -77.34 11.32
CA TYR B 423 -18.03 -76.46 10.17
C TYR B 423 -16.58 -76.46 9.72
N PRO B 424 -16.30 -76.98 8.51
CA PRO B 424 -14.94 -77.04 7.98
C PRO B 424 -14.44 -75.64 7.63
N LEU B 425 -13.19 -75.38 7.96
CA LEU B 425 -12.65 -74.04 7.79
C LEU B 425 -12.51 -73.70 6.31
N SER B 426 -12.40 -74.72 5.46
CA SER B 426 -12.22 -74.52 4.03
C SER B 426 -13.47 -73.87 3.42
N ALA B 427 -14.58 -73.86 4.19
CA ALA B 427 -15.82 -73.22 3.78
C ALA B 427 -15.61 -71.72 3.69
N TYR B 428 -14.52 -71.26 4.33
CA TYR B 428 -14.30 -69.86 4.62
C TYR B 428 -13.00 -69.39 3.98
N SER B 429 -12.50 -70.15 3.01
CA SER B 429 -11.15 -69.96 2.49
C SER B 429 -11.10 -70.14 0.97
N LEU B 430 -10.30 -69.28 0.33
CA LEU B 430 -10.08 -69.40 -1.11
C LEU B 430 -8.84 -70.24 -1.40
N GLU B 431 -7.91 -70.30 -0.45
CA GLU B 431 -6.80 -71.26 -0.45
C GLU B 431 -7.36 -72.67 -0.20
N ARG B 432 -7.22 -73.56 -1.19
CA ARG B 432 -7.95 -74.82 -1.14
C ARG B 432 -7.30 -75.80 -0.19
N ALA B 433 -5.98 -75.62 0.00
CA ALA B 433 -5.23 -76.40 0.99
C ALA B 433 -5.38 -75.70 2.33
N ILE B 434 -6.11 -76.29 3.28
CA ILE B 434 -5.92 -75.92 4.67
C ILE B 434 -5.36 -77.16 5.36
N HIS B 435 -4.14 -77.03 5.92
CA HIS B 435 -3.56 -78.13 6.67
C HIS B 435 -2.79 -77.61 7.88
N PRO B 436 -2.84 -78.28 9.07
CA PRO B 436 -3.72 -79.42 9.32
C PRO B 436 -5.21 -79.07 9.29
N PRO B 437 -6.11 -80.06 9.21
CA PRO B 437 -7.55 -79.81 9.18
C PRO B 437 -8.00 -78.90 10.33
N GLN B 438 -8.91 -77.97 10.01
CA GLN B 438 -9.47 -77.11 11.03
C GLN B 438 -10.99 -77.12 10.98
N ILE B 439 -11.60 -77.14 12.16
CA ILE B 439 -13.04 -77.12 12.30
C ILE B 439 -13.44 -75.98 13.22
N VAL B 440 -14.51 -75.29 12.83
CA VAL B 440 -15.10 -74.22 13.60
C VAL B 440 -16.23 -74.84 14.43
N LEU B 441 -16.21 -74.58 15.74
CA LEU B 441 -17.32 -74.95 16.60
C LEU B 441 -17.92 -73.71 17.24
N GLY B 442 -19.23 -73.55 17.09
CA GLY B 442 -19.97 -72.50 17.77
C GLY B 442 -20.91 -73.11 18.79
N PHE B 443 -21.16 -72.41 19.89
CA PHE B 443 -21.82 -73.01 21.03
C PHE B 443 -23.03 -72.20 21.43
N GLY B 444 -23.47 -71.34 20.52
CA GLY B 444 -24.59 -70.48 20.83
C GLY B 444 -25.81 -71.31 21.16
N SER B 445 -26.11 -72.30 20.28
CA SER B 445 -27.39 -73.01 20.31
C SER B 445 -27.33 -74.23 21.23
N ILE B 446 -26.11 -74.73 21.54
CA ILE B 446 -25.98 -75.85 22.45
C ILE B 446 -26.40 -75.41 23.86
N PRO B 447 -27.41 -76.05 24.50
CA PRO B 447 -27.85 -75.60 25.82
C PRO B 447 -26.76 -75.85 26.87
N GLU B 448 -26.72 -74.96 27.87
CA GLU B 448 -25.58 -74.87 28.79
C GLU B 448 -25.37 -76.19 29.52
N ASP B 449 -26.49 -76.82 29.91
CA ASP B 449 -26.49 -78.01 30.73
C ASP B 449 -26.24 -79.27 29.88
N GLU B 450 -26.00 -79.10 28.58
CA GLU B 450 -25.74 -80.24 27.72
C GLU B 450 -24.38 -80.12 27.04
N LEU B 451 -23.60 -79.10 27.44
CA LEU B 451 -22.37 -78.78 26.75
C LEU B 451 -21.40 -79.96 26.77
N GLU B 452 -21.26 -80.59 27.94
CA GLU B 452 -20.31 -81.67 28.12
C GLU B 452 -20.69 -82.82 27.20
N GLU B 453 -22.00 -83.13 27.17
CA GLU B 453 -22.53 -84.19 26.34
C GLU B 453 -22.23 -83.93 24.87
N ALA B 454 -22.47 -82.67 24.45
CA ALA B 454 -22.32 -82.25 23.07
C ALA B 454 -20.86 -82.36 22.62
N ILE B 455 -19.95 -81.87 23.47
CA ILE B 455 -18.55 -81.88 23.10
C ILE B 455 -18.08 -83.33 23.04
N ALA B 456 -18.55 -84.10 24.04
CA ALA B 456 -18.28 -85.53 24.13
C ALA B 456 -18.69 -86.22 22.83
N THR B 457 -19.90 -85.92 22.33
CA THR B 457 -20.41 -86.53 21.10
C THR B 457 -19.43 -86.34 19.95
N VAL B 458 -18.88 -85.12 19.81
CA VAL B 458 -18.02 -84.79 18.69
C VAL B 458 -16.67 -85.49 18.87
N LEU B 459 -16.13 -85.37 20.08
CA LEU B 459 -14.83 -85.92 20.39
C LEU B 459 -14.87 -87.43 20.21
N ASN B 460 -15.95 -88.03 20.70
CA ASN B 460 -16.15 -89.47 20.63
C ASN B 460 -16.14 -89.93 19.18
N ALA B 461 -16.88 -89.21 18.33
CA ALA B 461 -17.00 -89.58 16.93
C ALA B 461 -15.63 -89.46 16.24
N TRP B 462 -14.74 -88.64 16.82
CA TRP B 462 -13.43 -88.41 16.26
C TRP B 462 -12.42 -89.39 16.87
N GLY B 463 -12.91 -90.32 17.70
CA GLY B 463 -12.07 -91.36 18.25
C GLY B 463 -11.27 -90.93 19.48
N PHE B 464 -11.68 -89.81 20.10
CA PHE B 464 -11.08 -89.42 21.36
C PHE B 464 -11.77 -90.12 22.51
N LEU B 465 -11.04 -90.23 23.59
CA LEU B 465 -11.49 -90.83 24.84
C LEU B 465 -12.31 -89.76 25.60
N VAL B 466 -13.42 -90.19 26.21
CA VAL B 466 -14.49 -89.27 26.57
C VAL B 466 -14.89 -89.51 28.02
N PRO B 467 -15.16 -88.45 28.83
CA PRO B 467 -15.80 -88.63 30.14
C PRO B 467 -17.19 -89.24 30.04
N ARG B 468 -17.64 -89.82 31.15
CA ARG B 468 -18.92 -90.52 31.25
C ARG B 468 -20.10 -89.54 31.23
N GLY B 469 -21.31 -90.09 31.03
CA GLY B 469 -22.54 -89.31 30.88
C GLY B 469 -22.57 -88.50 29.59
N SER B 470 -22.65 -89.19 28.45
CA SER B 470 -22.75 -88.59 27.13
C SER B 470 -23.83 -89.31 26.30
N ASP C 103 -7.88 -50.57 26.28
CA ASP C 103 -7.00 -51.22 27.31
C ASP C 103 -7.04 -50.43 28.61
N THR C 104 -6.63 -51.11 29.70
CA THR C 104 -6.54 -50.43 30.98
C THR C 104 -5.10 -49.92 31.18
N ILE C 105 -4.95 -48.68 31.67
CA ILE C 105 -3.96 -48.28 32.68
C ILE C 105 -4.45 -48.77 34.06
N ARG C 106 -3.54 -49.43 34.80
CA ARG C 106 -3.91 -50.02 36.07
C ARG C 106 -3.57 -49.06 37.21
N TYR C 107 -2.41 -48.40 37.07
CA TYR C 107 -1.87 -47.46 38.04
C TYR C 107 -1.57 -46.11 37.38
N ASN C 108 -2.25 -45.06 37.85
CA ASN C 108 -2.11 -43.75 37.26
C ASN C 108 -1.46 -42.79 38.26
N PHE C 109 -0.18 -42.48 38.02
CA PHE C 109 0.58 -41.69 38.97
C PHE C 109 0.44 -40.19 38.71
N HIS C 110 -0.80 -39.74 38.56
CA HIS C 110 -1.09 -38.35 38.26
C HIS C 110 -0.85 -37.43 39.46
N PRO C 111 -0.09 -36.34 39.27
CA PRO C 111 0.23 -35.39 40.33
C PRO C 111 -0.97 -34.73 41.01
N THR C 112 -2.09 -34.62 40.30
CA THR C 112 -3.21 -33.86 40.83
C THR C 112 -4.35 -34.77 41.25
N HIS C 113 -4.14 -36.09 41.22
CA HIS C 113 -5.20 -37.00 41.64
C HIS C 113 -5.31 -36.99 43.16
N ILE C 114 -6.50 -37.31 43.67
CA ILE C 114 -6.75 -37.40 45.09
C ILE C 114 -7.10 -38.83 45.44
N ASP C 115 -7.11 -39.12 46.75
CA ASP C 115 -7.59 -40.39 47.23
C ASP C 115 -9.11 -40.35 47.25
N THR C 116 -9.69 -40.88 46.15
CA THR C 116 -11.12 -40.79 45.91
C THR C 116 -11.88 -41.69 46.87
N THR C 117 -11.26 -42.81 47.28
CA THR C 117 -11.94 -43.84 48.06
C THR C 117 -12.23 -43.32 49.47
N SER C 118 -11.40 -42.35 49.93
CA SER C 118 -11.39 -41.81 51.28
C SER C 118 -12.48 -40.75 51.51
N PHE C 119 -13.15 -40.30 50.45
CA PHE C 119 -13.90 -39.06 50.57
C PHE C 119 -15.15 -39.29 51.42
N PRO C 120 -15.56 -38.30 52.25
CA PRO C 120 -16.80 -38.43 53.04
C PRO C 120 -18.11 -38.37 52.26
N PHE C 121 -18.37 -39.41 51.47
CA PHE C 121 -19.60 -39.48 50.68
C PHE C 121 -20.85 -39.22 51.50
N GLU C 122 -20.86 -39.72 52.73
CA GLU C 122 -22.08 -39.71 53.52
C GLU C 122 -22.41 -38.29 53.92
N GLN C 123 -21.36 -37.56 54.32
CA GLN C 123 -21.55 -36.18 54.77
C GLN C 123 -21.99 -35.33 53.59
N TRP C 124 -21.30 -35.53 52.45
CA TRP C 124 -21.56 -34.72 51.27
C TRP C 124 -23.02 -34.89 50.89
N ARG C 125 -23.45 -36.15 50.92
CA ARG C 125 -24.80 -36.51 50.53
C ARG C 125 -25.79 -35.85 51.51
N LYS C 126 -25.41 -35.79 52.79
CA LYS C 126 -26.20 -35.16 53.83
C LYS C 126 -26.42 -33.68 53.50
N TYR C 127 -25.31 -32.98 53.21
CA TYR C 127 -25.42 -31.56 52.93
C TYR C 127 -26.20 -31.34 51.64
N PHE C 128 -26.01 -32.26 50.67
CA PHE C 128 -26.77 -32.18 49.43
C PHE C 128 -28.26 -32.18 49.74
N LYS C 129 -28.65 -33.17 50.57
CA LYS C 129 -30.04 -33.38 50.98
C LYS C 129 -30.59 -32.12 51.64
N GLN C 130 -29.78 -31.49 52.52
CA GLN C 130 -30.18 -30.27 53.20
C GLN C 130 -30.38 -29.11 52.23
N THR C 131 -29.53 -29.02 51.20
CA THR C 131 -29.56 -27.87 50.30
C THR C 131 -30.61 -28.00 49.20
N MET C 132 -30.67 -29.20 48.57
CA MET C 132 -31.47 -29.39 47.37
C MET C 132 -32.85 -29.90 47.79
N CYS C 133 -33.78 -28.97 48.01
CA CYS C 133 -35.07 -29.31 48.60
C CYS C 133 -36.05 -28.14 48.47
N LYS C 134 -37.35 -28.44 48.65
CA LYS C 134 -38.45 -27.54 48.34
C LYS C 134 -38.29 -26.17 49.01
N GLU C 135 -37.73 -26.15 50.24
CA GLU C 135 -37.66 -24.92 51.02
C GLU C 135 -36.63 -23.97 50.41
N ASN C 136 -35.60 -24.53 49.77
CA ASN C 136 -34.54 -23.74 49.15
C ASN C 136 -34.78 -23.53 47.67
N HIS C 137 -36.04 -23.55 47.25
CA HIS C 137 -36.37 -23.57 45.85
C HIS C 137 -35.74 -22.37 45.12
N ARG C 138 -35.47 -21.28 45.84
CA ARG C 138 -34.97 -20.10 45.17
C ARG C 138 -33.52 -20.28 44.73
N LEU C 139 -32.83 -21.28 45.31
CA LEU C 139 -31.46 -21.64 44.92
C LEU C 139 -31.40 -22.06 43.46
N LEU C 140 -32.53 -22.47 42.87
CA LEU C 140 -32.56 -22.90 41.48
C LEU C 140 -32.43 -21.72 40.52
N LEU C 141 -32.74 -20.49 40.96
CA LEU C 141 -32.48 -19.33 40.11
C LEU C 141 -31.04 -18.89 40.28
N ASN C 142 -30.56 -18.08 39.33
CA ASN C 142 -29.15 -17.74 39.35
C ASN C 142 -28.84 -16.75 40.47
N GLY C 143 -27.68 -16.96 41.11
CA GLY C 143 -27.23 -16.09 42.19
C GLY C 143 -26.33 -14.93 41.73
N ASP C 144 -25.50 -14.48 42.65
CA ASP C 144 -24.53 -13.43 42.37
C ASP C 144 -23.49 -14.06 41.44
N HIS C 145 -23.21 -13.37 40.32
CA HIS C 145 -22.21 -13.85 39.38
C HIS C 145 -20.87 -14.18 40.02
N GLN C 146 -20.48 -13.38 41.02
CA GLN C 146 -19.13 -13.44 41.57
C GLN C 146 -18.99 -14.66 42.49
N GLY C 147 -20.14 -15.22 42.88
CA GLY C 147 -20.17 -16.29 43.88
C GLY C 147 -21.25 -15.98 44.92
N GLU C 148 -21.76 -16.98 45.61
CA GLU C 148 -22.65 -16.74 46.74
C GLU C 148 -21.89 -16.03 47.86
N ALA C 149 -22.51 -15.00 48.44
CA ALA C 149 -21.85 -14.25 49.52
C ALA C 149 -21.47 -15.18 50.68
N SER C 150 -22.40 -16.04 51.12
CA SER C 150 -22.09 -17.07 52.11
C SER C 150 -20.80 -17.82 51.74
N PHE C 151 -20.60 -18.11 50.45
CA PHE C 151 -19.56 -19.04 50.08
C PHE C 151 -18.25 -18.26 50.04
N ARG C 152 -18.35 -17.03 49.52
CA ARG C 152 -17.20 -16.15 49.44
C ARG C 152 -16.66 -15.89 50.85
N ARG C 153 -17.58 -15.70 51.80
CA ARG C 153 -17.28 -15.52 53.21
C ARG C 153 -16.47 -16.69 53.76
N GLU C 154 -16.95 -17.92 53.57
CA GLU C 154 -16.23 -19.10 54.02
C GLU C 154 -14.87 -19.22 53.35
N ILE C 155 -14.74 -18.71 52.12
CA ILE C 155 -13.50 -18.85 51.38
C ILE C 155 -12.49 -17.95 52.05
N ALA C 156 -12.94 -16.71 52.34
CA ALA C 156 -12.09 -15.70 52.97
C ALA C 156 -11.66 -16.19 54.35
N TYR C 157 -12.60 -16.71 55.14
CA TYR C 157 -12.26 -17.39 56.39
C TYR C 157 -11.20 -18.47 56.17
N TYR C 158 -11.49 -19.46 55.30
CA TYR C 158 -10.61 -20.59 55.07
C TYR C 158 -9.21 -20.12 54.67
N LEU C 159 -9.14 -19.11 53.82
CA LEU C 159 -7.87 -18.72 53.24
C LEU C 159 -7.01 -18.05 54.29
N HIS C 160 -7.70 -17.37 55.23
CA HIS C 160 -7.03 -16.70 56.33
C HIS C 160 -6.37 -17.73 57.24
N HIS C 161 -7.18 -18.65 57.78
CA HIS C 161 -6.72 -19.71 58.65
C HIS C 161 -5.59 -20.55 58.04
N SER C 162 -5.71 -20.88 56.75
CA SER C 162 -4.86 -21.90 56.15
C SER C 162 -3.59 -21.30 55.57
N ARG C 163 -3.69 -20.07 55.05
CA ARG C 163 -2.64 -19.53 54.19
C ARG C 163 -2.27 -18.10 54.57
N GLY C 164 -3.04 -17.51 55.47
CA GLY C 164 -2.79 -16.16 55.95
C GLY C 164 -3.26 -15.10 54.97
N VAL C 165 -4.21 -15.46 54.14
CA VAL C 165 -4.62 -14.55 53.09
C VAL C 165 -5.57 -13.53 53.71
N ASN C 166 -5.38 -12.28 53.32
CA ASN C 166 -6.26 -11.28 53.88
C ASN C 166 -7.08 -10.71 52.75
N CYS C 167 -8.40 -10.96 52.83
CA CYS C 167 -9.27 -10.39 51.82
C CYS C 167 -10.69 -10.31 52.36
N THR C 168 -11.50 -9.45 51.73
CA THR C 168 -12.92 -9.40 52.03
C THR C 168 -13.61 -10.41 51.13
N PRO C 169 -14.84 -10.84 51.45
CA PRO C 169 -15.63 -11.66 50.55
C PRO C 169 -15.88 -11.00 49.19
N GLU C 170 -15.84 -9.68 49.13
CA GLU C 170 -16.19 -8.97 47.92
C GLU C 170 -14.98 -8.96 46.98
N GLN C 171 -13.86 -9.54 47.43
CA GLN C 171 -12.67 -9.59 46.58
C GLN C 171 -12.49 -11.02 46.04
N VAL C 172 -13.39 -11.92 46.45
CA VAL C 172 -13.30 -13.32 46.09
C VAL C 172 -14.18 -13.55 44.88
N VAL C 173 -13.55 -14.07 43.81
CA VAL C 173 -14.30 -14.50 42.63
C VAL C 173 -14.28 -16.02 42.54
N VAL C 174 -15.48 -16.59 42.45
CA VAL C 174 -15.67 -18.04 42.29
C VAL C 174 -15.88 -18.38 40.80
N GLY C 175 -15.05 -19.30 40.30
CA GLY C 175 -15.21 -19.78 38.93
C GLY C 175 -14.95 -21.27 38.72
N ALA C 176 -15.37 -21.76 37.56
CA ALA C 176 -15.28 -23.18 37.22
C ALA C 176 -13.88 -23.53 36.77
N GLY C 177 -13.00 -23.78 37.73
CA GLY C 177 -11.62 -24.12 37.42
C GLY C 177 -10.72 -22.91 37.21
N VAL C 178 -9.44 -23.14 37.48
CA VAL C 178 -8.44 -22.11 37.34
C VAL C 178 -8.46 -21.51 35.95
N GLU C 179 -8.69 -22.34 34.93
CA GLU C 179 -8.66 -21.83 33.56
C GLU C 179 -9.74 -20.78 33.34
N THR C 180 -10.94 -20.98 33.92
CA THR C 180 -12.00 -20.00 33.77
C THR C 180 -11.56 -18.65 34.31
N LEU C 181 -10.88 -18.68 35.49
CA LEU C 181 -10.53 -17.46 36.21
C LEU C 181 -9.40 -16.74 35.49
N LEU C 182 -8.33 -17.46 35.14
CA LEU C 182 -7.29 -16.84 34.33
C LEU C 182 -7.82 -16.19 33.05
N GLN C 183 -8.83 -16.79 32.41
CA GLN C 183 -9.33 -16.19 31.19
C GLN C 183 -9.97 -14.85 31.54
N GLN C 184 -10.71 -14.81 32.65
CA GLN C 184 -11.36 -13.58 33.01
C GLN C 184 -10.32 -12.54 33.39
N LEU C 185 -9.26 -13.04 34.02
CA LEU C 185 -8.18 -12.15 34.40
C LEU C 185 -7.55 -11.54 33.16
N PHE C 186 -7.31 -12.35 32.12
CA PHE C 186 -6.63 -11.88 30.91
C PHE C 186 -7.45 -10.76 30.25
N LEU C 187 -8.77 -10.92 30.24
CA LEU C 187 -9.70 -9.94 29.72
C LEU C 187 -9.67 -8.68 30.57
N LEU C 188 -9.59 -8.86 31.90
CA LEU C 188 -9.67 -7.76 32.84
C LEU C 188 -8.46 -6.85 32.74
N LEU C 189 -7.25 -7.42 32.75
CA LEU C 189 -6.00 -6.68 32.69
C LEU C 189 -5.67 -6.14 31.31
N GLY C 190 -6.34 -6.60 30.26
CA GLY C 190 -6.14 -6.05 28.91
C GLY C 190 -5.09 -6.73 28.02
N GLU C 191 -5.15 -6.33 26.74
CA GLU C 191 -4.57 -7.03 25.62
C GLU C 191 -3.07 -6.77 25.51
N SER C 192 -2.58 -5.73 26.20
CA SER C 192 -1.19 -5.30 26.04
C SER C 192 -0.26 -6.01 27.02
N LYS C 193 -0.83 -6.58 28.11
CA LYS C 193 -0.01 -7.11 29.18
C LYS C 193 0.87 -8.25 28.68
N VAL C 194 2.07 -8.32 29.24
CA VAL C 194 2.98 -9.43 29.00
C VAL C 194 3.17 -10.24 30.28
N TYR C 195 3.00 -11.57 30.17
CA TYR C 195 3.00 -12.44 31.34
C TYR C 195 4.32 -13.18 31.45
N GLY C 196 4.87 -13.22 32.67
CA GLY C 196 6.06 -14.02 32.91
C GLY C 196 5.63 -15.28 33.63
N ILE C 197 6.23 -16.42 33.26
CA ILE C 197 5.77 -17.70 33.76
C ILE C 197 6.99 -18.52 34.18
N GLU C 198 6.73 -19.49 35.06
CA GLU C 198 7.80 -20.31 35.58
C GLU C 198 8.13 -21.39 34.56
N ASP C 199 9.43 -21.67 34.41
CA ASP C 199 9.88 -22.85 33.71
C ASP C 199 10.95 -23.59 34.51
N PRO C 200 10.78 -24.89 34.78
CA PRO C 200 9.56 -25.62 34.45
C PRO C 200 8.41 -25.25 35.40
N GLY C 201 7.21 -25.81 35.16
CA GLY C 201 6.01 -25.44 35.88
C GLY C 201 4.74 -25.95 35.16
N TYR C 202 3.57 -25.78 35.78
CA TYR C 202 2.33 -26.08 35.12
C TYR C 202 2.25 -25.33 33.79
N GLN C 203 1.77 -26.02 32.74
CA GLN C 203 1.85 -25.41 31.41
C GLN C 203 0.55 -24.68 31.07
N LEU C 204 -0.45 -24.77 31.97
CA LEU C 204 -1.77 -24.23 31.70
C LEU C 204 -1.71 -22.79 31.24
N MET C 205 -0.86 -22.03 31.92
CA MET C 205 -0.81 -20.61 31.71
C MET C 205 -0.33 -20.31 30.28
N ARG C 206 0.78 -20.96 29.90
CA ARG C 206 1.31 -20.75 28.57
C ARG C 206 0.30 -21.18 27.51
N LYS C 207 -0.31 -22.35 27.74
CA LYS C 207 -1.25 -22.93 26.82
C LYS C 207 -2.42 -21.98 26.59
N LEU C 208 -3.05 -21.50 27.67
CA LEU C 208 -4.16 -20.55 27.55
C LEU C 208 -3.74 -19.32 26.76
N LEU C 209 -2.51 -18.86 27.02
CA LEU C 209 -2.10 -17.58 26.47
C LEU C 209 -1.95 -17.67 24.97
N SER C 210 -1.79 -18.89 24.45
CA SER C 210 -1.72 -19.09 23.00
C SER C 210 -2.97 -18.60 22.28
N HIS C 211 -4.12 -18.52 22.95
CA HIS C 211 -5.35 -18.09 22.30
C HIS C 211 -5.63 -16.61 22.50
N TYR C 212 -4.80 -15.92 23.29
CA TYR C 212 -5.06 -14.53 23.64
C TYR C 212 -4.00 -13.65 22.99
N PRO C 213 -4.32 -12.36 22.69
CA PRO C 213 -3.34 -11.42 22.12
C PRO C 213 -2.03 -11.34 22.90
N ASN C 214 -2.12 -11.52 24.22
CA ASN C 214 -1.06 -11.34 25.21
C ASN C 214 0.11 -12.31 24.99
N ASP C 215 1.35 -11.83 25.15
CA ASP C 215 2.54 -12.68 25.04
C ASP C 215 3.04 -13.15 26.40
N TYR C 216 3.97 -14.10 26.40
CA TYR C 216 4.51 -14.61 27.64
C TYR C 216 6.02 -14.69 27.52
N VAL C 217 6.70 -14.75 28.67
CA VAL C 217 8.14 -14.88 28.75
C VAL C 217 8.41 -15.87 29.88
N PRO C 218 9.24 -16.90 29.64
CA PRO C 218 9.57 -17.86 30.69
C PRO C 218 10.76 -17.38 31.50
N PHE C 219 10.77 -17.75 32.79
CA PHE C 219 11.86 -17.46 33.70
C PHE C 219 12.20 -18.72 34.45
N GLN C 220 13.51 -18.92 34.70
CA GLN C 220 13.99 -20.11 35.38
C GLN C 220 13.54 -20.12 36.84
N VAL C 221 13.46 -21.32 37.41
CA VAL C 221 13.21 -21.51 38.83
C VAL C 221 14.36 -22.32 39.40
N ASP C 222 14.83 -21.95 40.60
CA ASP C 222 15.86 -22.68 41.29
C ASP C 222 15.42 -22.98 42.71
N GLU C 223 16.40 -23.27 43.58
CA GLU C 223 16.23 -23.68 44.96
C GLU C 223 15.44 -22.60 45.72
N GLU C 224 15.51 -21.35 45.24
CA GLU C 224 14.98 -20.19 45.94
C GLU C 224 13.80 -19.57 45.19
N GLY C 225 13.32 -20.25 44.15
CA GLY C 225 12.12 -19.84 43.44
C GLY C 225 12.43 -19.19 42.09
N ILE C 226 11.46 -18.37 41.65
CA ILE C 226 11.55 -17.79 40.31
C ILE C 226 12.71 -16.78 40.24
N ASP C 227 13.24 -16.59 39.04
CA ASP C 227 14.42 -15.77 38.83
C ASP C 227 14.03 -14.29 38.76
N VAL C 228 13.95 -13.67 39.94
CA VAL C 228 13.48 -12.29 40.03
C VAL C 228 14.51 -11.35 39.38
N ASP C 229 15.79 -11.74 39.38
CA ASP C 229 16.83 -10.90 38.79
C ASP C 229 16.55 -10.68 37.31
N SER C 230 16.17 -11.76 36.61
CA SER C 230 15.83 -11.69 35.19
C SER C 230 14.55 -10.90 34.99
N ILE C 231 13.57 -11.10 35.88
CA ILE C 231 12.28 -10.45 35.71
C ILE C 231 12.50 -8.95 35.61
N VAL C 232 13.33 -8.44 36.52
CA VAL C 232 13.57 -7.02 36.71
C VAL C 232 14.26 -6.41 35.48
N ARG C 233 15.00 -7.22 34.71
CA ARG C 233 15.69 -6.78 33.52
C ARG C 233 14.83 -6.88 32.26
N THR C 234 13.58 -7.37 32.40
CA THR C 234 12.84 -7.92 31.27
C THR C 234 11.53 -7.14 31.13
N ALA C 235 10.95 -7.06 29.92
CA ALA C 235 9.74 -6.28 29.83
C ALA C 235 8.56 -7.21 30.07
N VAL C 236 8.25 -7.52 31.33
CA VAL C 236 6.99 -8.21 31.69
C VAL C 236 6.16 -7.32 32.62
N ASP C 237 4.84 -7.51 32.62
CA ASP C 237 3.91 -6.74 33.41
C ASP C 237 3.31 -7.59 34.54
N VAL C 238 3.02 -8.88 34.26
CA VAL C 238 2.39 -9.72 35.26
C VAL C 238 3.19 -10.99 35.45
N VAL C 239 3.52 -11.31 36.71
CA VAL C 239 4.37 -12.46 36.95
C VAL C 239 3.55 -13.54 37.62
N TYR C 240 3.50 -14.70 36.97
CA TYR C 240 2.77 -15.86 37.46
C TYR C 240 3.77 -16.77 38.17
N THR C 241 3.51 -17.08 39.44
CA THR C 241 4.46 -17.85 40.22
C THR C 241 3.75 -18.65 41.29
N THR C 242 4.38 -19.76 41.71
CA THR C 242 3.89 -20.64 42.76
C THR C 242 4.84 -20.53 43.95
N PRO C 243 4.77 -19.47 44.77
CA PRO C 243 5.83 -19.14 45.73
C PRO C 243 5.92 -20.12 46.90
N SER C 244 4.79 -20.73 47.29
CA SER C 244 4.72 -21.52 48.51
C SER C 244 5.36 -22.89 48.32
N ARG C 245 5.19 -23.43 47.11
CA ARG C 245 5.71 -24.75 46.76
C ARG C 245 5.59 -24.91 45.25
N HIS C 246 6.71 -24.69 44.57
CA HIS C 246 6.83 -24.73 43.13
C HIS C 246 6.54 -26.12 42.61
N PHE C 247 5.87 -26.18 41.46
CA PHE C 247 5.62 -27.46 40.84
C PHE C 247 6.60 -27.62 39.68
N PRO C 248 7.31 -28.76 39.56
CA PRO C 248 7.08 -29.94 40.42
C PRO C 248 8.04 -30.19 41.59
N TYR C 249 9.11 -29.40 41.71
CA TYR C 249 10.21 -29.65 42.62
C TYR C 249 9.92 -29.36 44.09
N GLY C 250 9.03 -28.41 44.36
CA GLY C 250 8.67 -28.07 45.73
C GLY C 250 9.43 -26.84 46.27
N SER C 251 10.33 -26.24 45.47
CA SER C 251 11.06 -25.02 45.81
C SER C 251 10.16 -23.97 46.46
N VAL C 252 10.74 -23.19 47.38
CA VAL C 252 10.03 -22.06 48.01
C VAL C 252 10.69 -20.75 47.60
N LEU C 253 9.86 -19.75 47.24
CA LEU C 253 10.37 -18.42 46.90
C LEU C 253 10.89 -17.79 48.19
N SER C 254 12.22 -17.60 48.21
CA SER C 254 12.97 -17.11 49.36
C SER C 254 12.46 -15.73 49.77
N ILE C 255 12.62 -15.44 51.05
CA ILE C 255 12.03 -14.24 51.62
C ILE C 255 12.65 -12.98 50.98
N ASN C 256 13.92 -13.07 50.56
CA ASN C 256 14.56 -11.98 49.83
C ASN C 256 13.83 -11.71 48.51
N ARG C 257 13.60 -12.79 47.77
CA ARG C 257 13.06 -12.71 46.44
C ARG C 257 11.60 -12.26 46.52
N ARG C 258 10.89 -12.69 47.57
CA ARG C 258 9.53 -12.20 47.81
C ARG C 258 9.55 -10.67 47.89
N LYS C 259 10.51 -10.13 48.69
CA LYS C 259 10.59 -8.70 48.90
C LYS C 259 10.95 -8.01 47.59
N GLN C 260 11.92 -8.62 46.88
CA GLN C 260 12.42 -8.06 45.62
C GLN C 260 11.28 -7.99 44.59
N LEU C 261 10.46 -9.06 44.55
CA LEU C 261 9.42 -9.17 43.57
C LEU C 261 8.32 -8.18 43.87
N LEU C 262 7.95 -8.08 45.16
CA LEU C 262 6.90 -7.13 45.53
C LEU C 262 7.40 -5.71 45.25
N HIS C 263 8.71 -5.47 45.44
CA HIS C 263 9.27 -4.17 45.17
C HIS C 263 9.12 -3.86 43.68
N TRP C 264 9.43 -4.86 42.86
CA TRP C 264 9.31 -4.75 41.41
C TRP C 264 7.90 -4.32 41.02
N ALA C 265 6.92 -4.89 41.72
CA ALA C 265 5.52 -4.67 41.42
C ALA C 265 5.08 -3.27 41.87
N GLU C 266 5.70 -2.79 42.94
CA GLU C 266 5.19 -1.81 43.87
C GLU C 266 4.89 -0.45 43.24
N ALA C 267 5.89 0.05 42.53
CA ALA C 267 5.81 1.47 42.14
C ALA C 267 4.99 1.68 40.87
N HIS C 268 4.78 0.62 40.10
CA HIS C 268 4.23 0.71 38.76
C HIS C 268 2.76 0.28 38.78
N GLU C 269 1.92 1.00 38.03
CA GLU C 269 0.48 0.84 38.19
C GLU C 269 0.01 -0.45 37.52
N ASN C 270 0.68 -0.82 36.47
CA ASN C 270 0.28 -1.89 35.55
C ASN C 270 0.96 -3.19 35.93
N ARG C 271 1.81 -3.24 36.97
CA ARG C 271 2.39 -4.52 37.34
C ARG C 271 1.55 -5.23 38.39
N TYR C 272 1.48 -6.58 38.26
CA TYR C 272 0.81 -7.42 39.24
C TYR C 272 1.55 -8.74 39.36
N ILE C 273 1.21 -9.50 40.42
CA ILE C 273 1.75 -10.83 40.63
C ILE C 273 0.60 -11.80 40.80
N ILE C 274 0.65 -12.92 40.06
CA ILE C 274 -0.34 -13.97 40.27
C ILE C 274 0.29 -15.04 41.14
N GLU C 275 -0.31 -15.24 42.32
CA GLU C 275 0.16 -16.28 43.21
C GLU C 275 -0.75 -17.49 43.04
N ASP C 276 -0.16 -18.56 42.48
CA ASP C 276 -0.87 -19.81 42.29
C ASP C 276 -0.64 -20.68 43.51
N ASP C 277 -1.73 -21.04 44.20
CA ASP C 277 -1.68 -22.00 45.28
C ASP C 277 -2.63 -23.17 44.99
N TYR C 278 -2.64 -23.59 43.73
CA TYR C 278 -3.40 -24.75 43.26
C TYR C 278 -2.99 -25.97 44.11
N ASP C 279 -1.72 -26.01 44.46
CA ASP C 279 -1.06 -27.04 45.25
C ASP C 279 -0.90 -26.59 46.70
N SER C 280 -2.01 -26.37 47.41
CA SER C 280 -2.01 -25.71 48.71
C SER C 280 -1.64 -26.62 49.91
N GLU C 281 -2.33 -27.75 50.11
CA GLU C 281 -2.71 -28.09 51.49
C GLU C 281 -1.70 -28.97 52.25
N PHE C 282 -0.94 -29.80 51.54
CA PHE C 282 -0.38 -30.97 52.21
C PHE C 282 1.13 -30.84 52.35
N ARG C 283 1.52 -30.19 53.46
CA ARG C 283 2.91 -30.13 53.89
C ARG C 283 3.07 -30.94 55.17
N TYR C 284 4.17 -31.68 55.27
CA TYR C 284 4.41 -32.62 56.35
C TYR C 284 5.69 -32.25 57.10
N THR C 285 6.66 -31.62 56.38
CA THR C 285 7.97 -31.39 56.95
C THR C 285 8.48 -30.04 56.47
N GLY C 286 9.37 -29.44 57.27
CA GLY C 286 9.77 -28.05 57.09
C GLY C 286 8.84 -27.12 57.86
N LYS C 287 9.34 -25.91 58.13
CA LYS C 287 8.52 -24.83 58.68
C LYS C 287 7.58 -24.34 57.59
N THR C 288 6.30 -24.20 57.95
CA THR C 288 5.25 -23.84 57.01
C THR C 288 5.30 -22.32 56.79
N ILE C 289 5.58 -21.85 55.56
CA ILE C 289 5.69 -20.41 55.29
C ILE C 289 4.43 -19.89 54.58
N PRO C 290 3.95 -18.65 54.87
CA PRO C 290 2.64 -18.18 54.40
C PRO C 290 2.59 -17.67 52.96
N SER C 291 1.38 -17.26 52.53
CA SER C 291 1.18 -16.67 51.22
C SER C 291 1.96 -15.37 51.03
N LEU C 292 2.43 -15.16 49.80
CA LEU C 292 3.00 -13.90 49.36
C LEU C 292 1.93 -12.83 49.46
N GLN C 293 0.66 -13.21 49.35
CA GLN C 293 -0.44 -12.25 49.35
C GLN C 293 -0.54 -11.60 50.71
N SER C 294 -0.16 -12.38 51.75
CA SER C 294 -0.24 -11.93 53.14
C SER C 294 0.76 -10.81 53.43
N MET C 295 1.92 -10.81 52.75
CA MET C 295 2.89 -9.71 52.76
C MET C 295 2.46 -8.53 51.88
N ASP C 296 1.44 -8.68 51.04
CA ASP C 296 1.24 -7.64 50.05
C ASP C 296 0.43 -6.53 50.69
N VAL C 297 1.01 -5.34 50.71
CA VAL C 297 0.30 -4.21 51.27
C VAL C 297 0.07 -3.18 50.18
N HIS C 298 0.44 -3.52 48.94
CA HIS C 298 0.29 -2.54 47.87
C HIS C 298 -0.74 -2.91 46.82
N ASN C 299 -1.57 -3.95 47.07
CA ASN C 299 -2.62 -4.34 46.14
C ASN C 299 -2.04 -4.79 44.80
N LYS C 300 -1.06 -5.70 44.89
CA LYS C 300 -0.24 -6.06 43.77
C LYS C 300 -0.42 -7.56 43.45
N VAL C 301 -0.88 -8.35 44.43
CA VAL C 301 -0.93 -9.79 44.33
C VAL C 301 -2.36 -10.31 44.13
N ILE C 302 -2.55 -11.10 43.07
CA ILE C 302 -3.78 -11.83 42.74
C ILE C 302 -3.61 -13.27 43.20
N TYR C 303 -4.53 -13.77 44.01
CA TYR C 303 -4.31 -15.06 44.65
C TYR C 303 -5.30 -16.05 44.09
N LEU C 304 -4.78 -17.23 43.74
CA LEU C 304 -5.51 -18.17 42.91
C LEU C 304 -5.46 -19.54 43.56
N GLY C 305 -6.62 -20.17 43.71
CA GLY C 305 -6.64 -21.50 44.29
C GLY C 305 -7.91 -22.25 43.96
N ALA C 306 -7.95 -23.53 44.34
CA ALA C 306 -9.11 -24.35 44.04
C ALA C 306 -9.40 -25.41 45.10
N PHE C 307 -10.65 -25.84 45.14
CA PHE C 307 -11.05 -27.03 45.87
C PHE C 307 -10.78 -28.32 45.09
N SER C 308 -9.57 -28.54 44.57
CA SER C 308 -9.25 -29.75 43.86
C SER C 308 -8.47 -30.75 44.72
N LYS C 309 -7.31 -30.37 45.25
CA LYS C 309 -6.51 -31.35 45.99
C LYS C 309 -7.08 -31.61 47.38
N SER C 310 -7.66 -30.60 48.02
CA SER C 310 -8.67 -30.77 49.06
C SER C 310 -9.96 -31.10 48.33
N LEU C 311 -10.98 -31.55 49.03
CA LEU C 311 -12.26 -31.84 48.34
C LEU C 311 -12.20 -32.75 47.09
N ILE C 312 -12.72 -32.27 45.95
CA ILE C 312 -13.08 -33.09 44.78
C ILE C 312 -12.73 -32.38 43.46
N PRO C 313 -11.71 -32.81 42.70
CA PRO C 313 -11.33 -32.13 41.45
C PRO C 313 -12.45 -31.91 40.44
N SER C 314 -13.41 -32.86 40.38
CA SER C 314 -14.32 -32.89 39.24
C SER C 314 -15.51 -31.97 39.45
N VAL C 315 -15.57 -31.30 40.62
CA VAL C 315 -16.69 -30.41 40.89
C VAL C 315 -16.45 -29.05 40.23
N ARG C 316 -15.17 -28.84 39.88
CA ARG C 316 -14.69 -27.64 39.23
C ARG C 316 -15.08 -26.38 39.99
N ILE C 317 -14.58 -26.28 41.24
CA ILE C 317 -14.81 -25.07 42.02
C ILE C 317 -13.47 -24.43 42.37
N SER C 318 -13.27 -23.22 41.87
CA SER C 318 -12.02 -22.51 42.06
C SER C 318 -12.31 -21.06 42.48
N TYR C 319 -11.25 -20.42 42.99
CA TYR C 319 -11.42 -19.06 43.51
C TYR C 319 -10.20 -18.24 43.14
N MET C 320 -10.49 -16.98 42.82
CA MET C 320 -9.41 -16.02 42.64
C MET C 320 -9.70 -14.83 43.57
N VAL C 321 -8.67 -14.38 44.29
CA VAL C 321 -8.75 -13.22 45.18
C VAL C 321 -8.11 -12.02 44.52
N LEU C 322 -8.93 -11.00 44.25
CA LEU C 322 -8.43 -9.81 43.56
C LEU C 322 -8.08 -8.70 44.54
N PRO C 323 -6.95 -7.99 44.35
CA PRO C 323 -6.74 -6.70 45.01
C PRO C 323 -7.93 -5.77 44.84
N ALA C 324 -8.23 -4.96 45.86
CA ALA C 324 -9.55 -4.36 45.93
C ALA C 324 -9.86 -3.43 44.76
N PRO C 325 -8.91 -2.64 44.19
CA PRO C 325 -9.15 -1.93 42.92
C PRO C 325 -9.63 -2.83 41.76
N LEU C 326 -8.95 -3.97 41.55
CA LEU C 326 -9.31 -4.95 40.52
C LEU C 326 -10.69 -5.53 40.80
N ALA C 327 -10.96 -5.85 42.07
CA ALA C 327 -12.28 -6.38 42.41
C ALA C 327 -13.37 -5.42 42.01
N HIS C 328 -13.10 -4.11 42.09
CA HIS C 328 -14.17 -3.16 41.83
C HIS C 328 -14.38 -3.10 40.33
N LEU C 329 -13.26 -3.17 39.61
CA LEU C 329 -13.25 -3.14 38.15
C LEU C 329 -13.92 -4.42 37.61
N TYR C 330 -13.57 -5.57 38.17
CA TYR C 330 -14.24 -6.82 37.87
C TYR C 330 -15.75 -6.70 38.02
N LYS C 331 -16.23 -6.26 39.17
CA LYS C 331 -17.68 -6.21 39.41
C LYS C 331 -18.37 -5.33 38.38
N ASN C 332 -17.64 -4.38 37.77
CA ASN C 332 -18.25 -3.45 36.82
C ASN C 332 -18.22 -4.03 35.41
N LYS C 333 -17.01 -4.46 35.01
CA LYS C 333 -16.70 -4.98 33.68
C LYS C 333 -17.59 -6.19 33.38
N PHE C 334 -17.76 -7.08 34.36
CA PHE C 334 -18.44 -8.34 34.14
C PHE C 334 -19.79 -8.37 34.82
N SER C 335 -20.45 -7.21 34.92
CA SER C 335 -21.69 -7.12 35.68
C SER C 335 -22.80 -8.03 35.15
N TYR C 336 -22.73 -8.36 33.85
CA TYR C 336 -23.83 -9.01 33.16
C TYR C 336 -23.62 -10.52 33.07
N TYR C 337 -22.43 -11.00 33.48
CA TYR C 337 -22.12 -12.42 33.52
C TYR C 337 -22.98 -13.15 34.55
N HIS C 338 -22.94 -14.49 34.47
CA HIS C 338 -23.57 -15.36 35.43
C HIS C 338 -22.44 -16.22 35.98
N SER C 339 -22.69 -16.83 37.14
CA SER C 339 -21.67 -17.69 37.74
C SER C 339 -21.39 -18.87 36.80
N THR C 340 -20.17 -19.37 36.83
CA THR C 340 -19.91 -20.63 36.16
C THR C 340 -19.90 -21.79 37.14
N VAL C 341 -20.39 -21.59 38.40
CA VAL C 341 -20.41 -22.67 39.37
C VAL C 341 -21.81 -22.83 39.92
N SER C 342 -22.22 -24.10 40.06
CA SER C 342 -23.59 -24.36 40.46
C SER C 342 -23.86 -23.74 41.82
N ARG C 343 -24.93 -22.93 41.94
CA ARG C 343 -25.35 -22.45 43.26
C ARG C 343 -25.50 -23.60 44.25
N ILE C 344 -26.16 -24.68 43.82
CA ILE C 344 -26.40 -25.78 44.74
C ILE C 344 -25.06 -26.23 45.30
N ASP C 345 -24.04 -26.33 44.44
CA ASP C 345 -22.79 -26.95 44.85
C ASP C 345 -22.10 -25.97 45.80
N GLN C 346 -22.24 -24.66 45.51
CA GLN C 346 -21.68 -23.62 46.34
C GLN C 346 -22.27 -23.74 47.75
N GLN C 347 -23.61 -23.75 47.84
CA GLN C 347 -24.32 -23.88 49.10
C GLN C 347 -23.89 -25.15 49.85
N VAL C 348 -23.80 -26.27 49.16
CA VAL C 348 -23.40 -27.52 49.78
C VAL C 348 -22.01 -27.32 50.38
N LEU C 349 -21.05 -26.84 49.58
CA LEU C 349 -19.69 -26.71 50.08
C LEU C 349 -19.65 -25.68 51.20
N THR C 350 -20.48 -24.63 51.11
CA THR C 350 -20.59 -23.61 52.13
C THR C 350 -20.90 -24.29 53.46
N ALA C 351 -21.98 -25.08 53.50
CA ALA C 351 -22.36 -25.82 54.70
C ALA C 351 -21.22 -26.72 55.18
N PHE C 352 -20.67 -27.52 54.28
CA PHE C 352 -19.62 -28.46 54.63
C PHE C 352 -18.49 -27.73 55.35
N MET C 353 -18.30 -26.46 54.98
CA MET C 353 -17.17 -25.71 55.49
C MET C 353 -17.55 -25.13 56.87
N LYS C 354 -18.72 -24.49 56.90
CA LYS C 354 -19.24 -23.82 58.08
C LYS C 354 -19.28 -24.72 59.30
N GLN C 355 -19.82 -25.94 59.15
CA GLN C 355 -19.97 -26.85 60.27
C GLN C 355 -18.68 -27.62 60.56
N GLY C 356 -17.56 -27.23 59.93
CA GLY C 356 -16.27 -27.73 60.38
C GLY C 356 -15.84 -29.03 59.71
N ASP C 357 -16.76 -29.64 58.91
CA ASP C 357 -16.49 -30.89 58.22
C ASP C 357 -15.37 -30.74 57.17
N PHE C 358 -15.32 -29.59 56.51
CA PHE C 358 -14.21 -29.34 55.60
C PHE C 358 -12.89 -29.42 56.36
N GLU C 359 -12.87 -28.81 57.55
CA GLU C 359 -11.61 -28.74 58.27
C GLU C 359 -11.23 -30.14 58.76
N LYS C 360 -12.26 -30.90 59.21
CA LYS C 360 -12.03 -32.29 59.60
C LYS C 360 -11.50 -33.09 58.41
N HIS C 361 -12.14 -32.90 57.24
CA HIS C 361 -11.75 -33.59 56.01
C HIS C 361 -10.27 -33.36 55.75
N LEU C 362 -9.86 -32.10 55.80
CA LEU C 362 -8.48 -31.74 55.49
C LEU C 362 -7.50 -32.47 56.41
N ASN C 363 -7.83 -32.55 57.70
CA ASN C 363 -6.93 -33.15 58.69
C ASN C 363 -6.84 -34.64 58.44
N ARG C 364 -8.01 -35.25 58.23
CA ARG C 364 -8.11 -36.68 57.97
C ARG C 364 -7.29 -37.05 56.74
N MET C 365 -7.38 -36.21 55.69
CA MET C 365 -6.70 -36.49 54.44
C MET C 365 -5.21 -36.32 54.62
N ARG C 366 -4.82 -35.31 55.42
CA ARG C 366 -3.41 -34.99 55.59
C ARG C 366 -2.73 -36.23 56.17
N LYS C 367 -3.42 -36.92 57.10
CA LYS C 367 -2.91 -38.12 57.71
C LYS C 367 -2.73 -39.21 56.67
N ILE C 368 -3.78 -39.42 55.85
CA ILE C 368 -3.74 -40.47 54.85
C ILE C 368 -2.61 -40.22 53.84
N TYR C 369 -2.49 -38.99 53.34
CA TYR C 369 -1.48 -38.73 52.34
C TYR C 369 -0.11 -38.91 52.96
N ARG C 370 0.03 -38.54 54.25
CA ARG C 370 1.32 -38.65 54.95
C ARG C 370 1.74 -40.11 54.98
N ARG C 371 0.82 -41.01 55.35
CA ARG C 371 1.11 -42.44 55.37
C ARG C 371 1.58 -42.93 54.01
N LYS C 372 0.83 -42.57 52.96
CA LYS C 372 1.14 -43.01 51.61
C LYS C 372 2.53 -42.55 51.21
N LEU C 373 2.84 -41.27 51.47
CA LEU C 373 4.11 -40.68 51.08
C LEU C 373 5.23 -41.41 51.81
N GLU C 374 5.02 -41.71 53.09
CA GLU C 374 6.03 -42.36 53.92
C GLU C 374 6.29 -43.77 53.42
N LYS C 375 5.24 -44.50 53.04
CA LYS C 375 5.40 -45.83 52.47
C LYS C 375 6.21 -45.76 51.19
N VAL C 376 5.93 -44.74 50.37
CA VAL C 376 6.56 -44.59 49.07
C VAL C 376 8.04 -44.31 49.26
N LEU C 377 8.36 -43.41 50.20
CA LEU C 377 9.74 -43.04 50.46
C LEU C 377 10.47 -44.25 51.05
N SER C 378 9.79 -44.97 51.94
CA SER C 378 10.30 -46.18 52.57
C SER C 378 10.80 -47.15 51.50
N LEU C 379 10.03 -47.32 50.43
CA LEU C 379 10.39 -48.23 49.37
C LEU C 379 11.51 -47.64 48.51
N LEU C 380 11.39 -46.37 48.13
CA LEU C 380 12.27 -45.82 47.11
C LEU C 380 13.66 -45.49 47.66
N LYS C 381 13.77 -45.27 48.97
CA LYS C 381 15.03 -44.80 49.56
C LYS C 381 16.06 -45.92 49.49
N ARG C 382 15.62 -47.11 49.11
CA ARG C 382 16.47 -48.29 49.02
C ARG C 382 17.34 -48.26 47.77
N TYR C 383 17.08 -47.33 46.85
CA TYR C 383 17.75 -47.28 45.56
C TYR C 383 18.45 -45.94 45.44
N GLU C 384 18.96 -45.43 46.55
CA GLU C 384 19.42 -44.04 46.71
C GLU C 384 20.58 -43.69 45.79
N ASP C 385 21.14 -44.71 45.15
CA ASP C 385 22.30 -44.60 44.27
C ASP C 385 21.84 -44.22 42.85
N LYS C 386 20.64 -44.66 42.43
CA LYS C 386 20.23 -44.63 41.04
C LYS C 386 18.94 -43.83 40.88
N LEU C 387 18.20 -43.63 41.98
CA LEU C 387 17.01 -42.79 42.06
C LEU C 387 17.19 -41.74 43.13
N LEU C 388 17.13 -40.47 42.73
CA LEU C 388 17.11 -39.37 43.68
C LEU C 388 15.70 -38.77 43.70
N ILE C 389 15.22 -38.50 44.92
CA ILE C 389 13.93 -37.88 45.13
C ILE C 389 14.10 -36.37 45.35
N ILE C 390 13.20 -35.57 44.76
CA ILE C 390 13.16 -34.13 44.99
C ILE C 390 11.77 -33.73 45.47
N GLY C 391 11.73 -32.89 46.52
CA GLY C 391 10.51 -32.28 47.05
C GLY C 391 9.64 -33.31 47.76
N GLU C 392 10.31 -34.17 48.53
CA GLU C 392 9.67 -35.28 49.21
C GLU C 392 8.80 -34.82 50.39
N ARG C 393 8.87 -33.58 50.75
CA ARG C 393 8.34 -33.00 51.96
C ARG C 393 6.90 -32.49 51.80
N SER C 394 6.44 -32.41 50.53
CA SER C 394 5.27 -31.61 50.23
C SER C 394 4.49 -32.22 49.07
N GLY C 395 3.16 -32.16 49.21
CA GLY C 395 2.31 -32.45 48.07
C GLY C 395 2.05 -33.94 47.96
N LEU C 396 1.33 -34.29 46.88
CA LEU C 396 0.80 -35.61 46.66
C LEU C 396 1.63 -36.32 45.58
N HIS C 397 2.84 -35.81 45.36
CA HIS C 397 3.72 -36.25 44.30
C HIS C 397 5.15 -35.95 44.67
N ILE C 398 6.07 -36.63 43.96
CA ILE C 398 7.52 -36.47 44.10
C ILE C 398 8.10 -36.47 42.70
N VAL C 399 9.36 -36.02 42.59
CA VAL C 399 10.11 -36.16 41.36
C VAL C 399 11.23 -37.16 41.60
N LEU C 400 11.41 -38.08 40.64
CA LEU C 400 12.52 -39.02 40.63
C LEU C 400 13.47 -38.66 39.50
N VAL C 401 14.74 -38.49 39.86
CA VAL C 401 15.81 -38.43 38.87
C VAL C 401 16.31 -39.86 38.70
N VAL C 402 16.32 -40.33 37.44
CA VAL C 402 16.58 -41.73 37.17
C VAL C 402 17.86 -41.84 36.35
N LYS C 403 18.82 -42.61 36.87
CA LYS C 403 20.15 -42.74 36.28
C LYS C 403 20.29 -44.15 35.70
N ASN C 404 19.30 -44.57 34.91
CA ASN C 404 19.30 -45.88 34.29
C ASN C 404 20.05 -45.89 32.98
N GLY C 405 20.42 -44.70 32.48
CA GLY C 405 20.88 -44.57 31.11
C GLY C 405 19.74 -44.80 30.10
N MET C 406 18.57 -45.22 30.60
CA MET C 406 17.31 -45.10 29.88
C MET C 406 16.93 -43.62 29.82
N ASP C 407 16.49 -43.18 28.64
CA ASP C 407 16.05 -41.83 28.41
C ASP C 407 14.64 -41.66 29.00
N GLU C 408 14.22 -40.39 29.08
CA GLU C 408 12.93 -40.03 29.64
C GLU C 408 11.81 -40.78 28.91
N GLN C 409 11.87 -40.76 27.57
CA GLN C 409 10.80 -41.35 26.77
C GLN C 409 10.72 -42.85 27.01
N THR C 410 11.92 -43.49 27.08
CA THR C 410 12.04 -44.92 27.29
C THR C 410 11.36 -45.30 28.61
N LEU C 411 11.65 -44.52 29.66
CA LEU C 411 11.14 -44.75 31.00
C LEU C 411 9.61 -44.71 31.00
N VAL C 412 9.04 -43.73 30.29
CA VAL C 412 7.59 -43.54 30.21
C VAL C 412 6.95 -44.77 29.57
N GLU C 413 7.50 -45.16 28.40
CA GLU C 413 6.96 -46.21 27.56
C GLU C 413 7.01 -47.56 28.29
N LYS C 414 8.16 -47.84 28.94
CA LYS C 414 8.34 -49.09 29.65
C LYS C 414 7.30 -49.20 30.77
N ALA C 415 7.08 -48.08 31.46
CA ALA C 415 6.12 -48.03 32.55
C ALA C 415 4.72 -48.28 32.01
N LEU C 416 4.40 -47.66 30.86
CA LEU C 416 3.08 -47.73 30.26
C LEU C 416 2.81 -49.17 29.81
N ALA C 417 3.86 -49.80 29.28
CA ALA C 417 3.82 -51.22 28.94
C ALA C 417 3.45 -52.06 30.16
N ALA C 418 3.90 -51.65 31.35
CA ALA C 418 3.57 -52.39 32.56
C ALA C 418 2.22 -51.95 33.12
N LYS C 419 1.47 -51.16 32.35
CA LYS C 419 0.13 -50.68 32.68
C LYS C 419 0.17 -49.62 33.80
N ALA C 420 1.27 -48.85 33.85
CA ALA C 420 1.46 -47.78 34.82
C ALA C 420 1.79 -46.48 34.10
N LYS C 421 0.96 -45.45 34.31
CA LYS C 421 1.16 -44.16 33.65
C LYS C 421 1.97 -43.24 34.58
N VAL C 422 3.10 -42.75 34.03
CA VAL C 422 4.00 -41.87 34.76
C VAL C 422 4.29 -40.63 33.91
N TYR C 423 4.75 -39.55 34.56
CA TYR C 423 4.69 -38.24 33.95
C TYR C 423 6.10 -37.69 33.74
N PRO C 424 6.51 -37.50 32.48
CA PRO C 424 7.84 -36.97 32.18
C PRO C 424 7.88 -35.49 32.54
N LEU C 425 9.01 -35.08 33.10
CA LEU C 425 9.13 -33.72 33.58
C LEU C 425 9.16 -32.75 32.40
N SER C 426 9.53 -33.24 31.22
CA SER C 426 9.60 -32.41 30.02
C SER C 426 8.21 -31.91 29.62
N ALA C 427 7.17 -32.53 30.19
CA ALA C 427 5.79 -32.13 29.95
C ALA C 427 5.55 -30.76 30.57
N TYR C 428 6.47 -30.37 31.44
CA TYR C 428 6.33 -29.21 32.30
C TYR C 428 7.45 -28.21 32.02
N SER C 429 8.14 -28.33 30.87
CA SER C 429 9.52 -27.81 30.76
C SER C 429 9.87 -27.09 29.47
N LEU C 430 8.93 -26.87 28.53
CA LEU C 430 9.23 -26.23 27.28
C LEU C 430 10.40 -26.90 26.53
N GLU C 431 10.73 -28.11 26.95
CA GLU C 431 11.82 -28.89 26.40
C GLU C 431 13.20 -28.27 26.60
N ARG C 432 13.37 -27.47 27.65
CA ARG C 432 14.69 -26.96 28.06
C ARG C 432 15.53 -28.12 28.65
N ALA C 433 16.63 -28.54 28.01
CA ALA C 433 16.96 -29.95 27.82
C ALA C 433 17.21 -30.69 29.14
N ILE C 434 16.40 -31.69 29.48
CA ILE C 434 16.27 -32.08 30.87
C ILE C 434 17.10 -33.34 31.13
N HIS C 435 18.17 -33.20 31.92
CA HIS C 435 19.04 -34.33 32.18
C HIS C 435 19.59 -34.26 33.60
N PRO C 436 19.72 -35.39 34.35
CA PRO C 436 19.24 -36.71 33.94
C PRO C 436 17.73 -36.78 33.79
N PRO C 437 17.16 -37.84 33.16
CA PRO C 437 15.71 -37.98 33.02
C PRO C 437 15.00 -37.87 34.37
N GLN C 438 13.85 -37.16 34.37
CA GLN C 438 13.08 -37.01 35.59
C GLN C 438 11.63 -37.36 35.33
N ILE C 439 11.06 -38.08 36.30
CA ILE C 439 9.67 -38.52 36.24
C ILE C 439 8.95 -38.04 37.49
N VAL C 440 7.74 -37.54 37.29
CA VAL C 440 6.85 -37.12 38.36
C VAL C 440 5.93 -38.31 38.68
N LEU C 441 5.88 -38.68 39.97
CA LEU C 441 4.93 -39.69 40.43
C LEU C 441 4.00 -39.08 41.45
N GLY C 442 2.70 -39.18 41.19
CA GLY C 442 1.69 -38.79 42.15
C GLY C 442 0.96 -40.01 42.68
N PHE C 443 0.65 -39.97 43.97
CA PHE C 443 0.15 -41.16 44.64
C PHE C 443 -1.23 -40.91 45.23
N GLY C 444 -1.88 -39.86 44.75
CA GLY C 444 -3.20 -39.54 45.21
C GLY C 444 -4.16 -40.71 45.00
N SER C 445 -4.19 -41.21 43.76
CA SER C 445 -5.21 -42.17 43.33
C SER C 445 -4.78 -43.60 43.60
N ILE C 446 -3.47 -43.85 43.79
CA ILE C 446 -2.99 -45.20 44.07
C ILE C 446 -3.49 -45.62 45.45
N PRO C 447 -4.25 -46.74 45.57
CA PRO C 447 -4.83 -47.10 46.87
C PRO C 447 -3.72 -47.51 47.84
N GLU C 448 -3.94 -47.23 49.13
CA GLU C 448 -2.89 -47.32 50.13
C GLU C 448 -2.32 -48.72 50.20
N ASP C 449 -3.22 -49.72 50.10
CA ASP C 449 -2.89 -51.12 50.28
C ASP C 449 -2.26 -51.70 49.00
N GLU C 450 -2.08 -50.87 47.97
CA GLU C 450 -1.52 -51.35 46.72
C GLU C 450 -0.25 -50.58 46.37
N LEU C 451 0.20 -49.72 47.28
CA LEU C 451 1.30 -48.81 46.98
C LEU C 451 2.56 -49.57 46.62
N GLU C 452 2.86 -50.62 47.42
CA GLU C 452 4.09 -51.37 47.24
C GLU C 452 4.07 -52.05 45.88
N GLU C 453 2.90 -52.62 45.55
CA GLU C 453 2.70 -53.31 44.28
C GLU C 453 2.91 -52.34 43.11
N ALA C 454 2.33 -51.14 43.25
CA ALA C 454 2.35 -50.12 42.22
C ALA C 454 3.77 -49.64 41.96
N ILE C 455 4.50 -49.37 43.04
CA ILE C 455 5.85 -48.86 42.88
C ILE C 455 6.71 -49.95 42.27
N ALA C 456 6.49 -51.17 42.77
CA ALA C 456 7.16 -52.35 42.27
C ALA C 456 6.96 -52.48 40.76
N THR C 457 5.72 -52.31 40.29
CA THR C 457 5.40 -52.41 38.87
C THR C 457 6.27 -51.46 38.04
N VAL C 458 6.43 -50.22 38.52
CA VAL C 458 7.15 -49.20 37.79
C VAL C 458 8.64 -49.51 37.81
N LEU C 459 9.13 -49.83 39.02
CA LEU C 459 10.54 -50.09 39.21
C LEU C 459 10.94 -51.31 38.39
N ASN C 460 10.09 -52.33 38.42
CA ASN C 460 10.32 -53.57 37.70
C ASN C 460 10.46 -53.29 36.22
N ALA C 461 9.53 -52.48 35.67
CA ALA C 461 9.51 -52.18 34.25
C ALA C 461 10.78 -51.40 33.88
N TRP C 462 11.38 -50.75 34.87
CA TRP C 462 12.58 -49.95 34.65
C TRP C 462 13.82 -50.79 34.90
N GLY C 463 13.64 -52.09 35.16
CA GLY C 463 14.76 -53.01 35.31
C GLY C 463 15.40 -52.98 36.70
N PHE C 464 14.69 -52.44 37.68
CA PHE C 464 15.15 -52.54 39.05
C PHE C 464 14.69 -53.86 39.66
N LEU C 465 15.46 -54.34 40.62
CA LEU C 465 15.14 -55.59 41.32
C LEU C 465 14.19 -55.21 42.46
N VAL C 466 13.13 -55.99 42.69
CA VAL C 466 12.06 -55.56 43.57
C VAL C 466 11.77 -56.68 44.55
N PRO C 467 11.52 -56.40 45.87
CA PRO C 467 10.93 -57.42 46.75
C PRO C 467 9.55 -57.87 46.26
N ARG C 468 9.27 -59.19 46.29
CA ARG C 468 8.06 -59.66 45.64
C ARG C 468 6.82 -59.42 46.50
N GLY C 469 5.63 -59.56 45.90
CA GLY C 469 4.41 -58.95 46.40
C GLY C 469 4.35 -57.46 46.06
N ASP D 103 -33.97 -5.73 49.63
CA ASP D 103 -34.82 -6.91 49.26
C ASP D 103 -36.29 -6.47 49.42
N THR D 104 -36.73 -5.63 48.49
CA THR D 104 -38.09 -5.11 48.54
C THR D 104 -39.04 -6.01 47.75
N ILE D 105 -38.54 -6.62 46.66
CA ILE D 105 -39.30 -7.10 45.53
C ILE D 105 -40.09 -8.38 45.85
N ARG D 106 -41.39 -8.33 45.61
CA ARG D 106 -42.30 -9.40 45.97
C ARG D 106 -42.55 -10.27 44.76
N TYR D 107 -42.68 -9.61 43.60
CA TYR D 107 -42.98 -10.23 42.31
C TYR D 107 -41.93 -9.82 41.27
N ASN D 108 -41.25 -10.85 40.73
CA ASN D 108 -40.19 -10.62 39.78
C ASN D 108 -40.56 -11.18 38.41
N PHE D 109 -40.90 -10.28 37.48
CA PHE D 109 -41.39 -10.70 36.18
C PHE D 109 -40.25 -10.95 35.19
N HIS D 110 -39.26 -11.73 35.61
CA HIS D 110 -38.08 -11.99 34.81
C HIS D 110 -38.39 -12.97 33.68
N PRO D 111 -38.00 -12.62 32.42
CA PRO D 111 -38.23 -13.47 31.25
C PRO D 111 -37.61 -14.86 31.30
N THR D 112 -36.53 -15.02 32.07
CA THR D 112 -35.80 -16.28 32.03
C THR D 112 -36.00 -17.09 33.30
N HIS D 113 -36.89 -16.63 34.18
CA HIS D 113 -37.13 -17.35 35.43
C HIS D 113 -37.96 -18.60 35.15
N ILE D 114 -37.81 -19.60 36.01
CA ILE D 114 -38.61 -20.80 35.92
C ILE D 114 -39.53 -20.90 37.13
N ASP D 115 -40.49 -21.83 37.06
CA ASP D 115 -41.30 -22.15 38.22
C ASP D 115 -40.51 -23.07 39.14
N THR D 116 -39.86 -22.45 40.14
CA THR D 116 -38.94 -23.14 41.01
C THR D 116 -39.68 -24.08 41.94
N THR D 117 -40.92 -23.73 42.30
CA THR D 117 -41.68 -24.48 43.31
C THR D 117 -42.08 -25.86 42.77
N SER D 118 -42.18 -25.95 41.43
CA SER D 118 -42.67 -27.11 40.69
C SER D 118 -41.60 -28.18 40.48
N PHE D 119 -40.35 -27.91 40.82
CA PHE D 119 -39.27 -28.75 40.35
C PHE D 119 -39.29 -30.09 41.10
N PRO D 120 -39.00 -31.24 40.42
CA PRO D 120 -38.94 -32.53 41.10
C PRO D 120 -37.77 -32.75 42.03
N PHE D 121 -37.77 -32.02 43.16
CA PHE D 121 -36.69 -32.14 44.14
C PHE D 121 -36.41 -33.57 44.54
N GLU D 122 -37.48 -34.37 44.66
CA GLU D 122 -37.33 -35.69 45.25
C GLU D 122 -36.54 -36.58 44.28
N GLN D 123 -36.89 -36.46 42.99
CA GLN D 123 -36.26 -37.29 41.99
C GLN D 123 -34.80 -36.88 41.85
N TRP D 124 -34.57 -35.55 41.82
CA TRP D 124 -33.22 -35.02 41.62
C TRP D 124 -32.33 -35.58 42.74
N ARG D 125 -32.88 -35.51 43.95
CA ARG D 125 -32.16 -35.93 45.14
C ARG D 125 -31.85 -37.43 45.03
N LYS D 126 -32.82 -38.19 44.48
CA LYS D 126 -32.68 -39.61 44.27
C LYS D 126 -31.49 -39.91 43.36
N TYR D 127 -31.47 -39.21 42.20
CA TYR D 127 -30.39 -39.46 41.26
C TYR D 127 -29.05 -39.02 41.85
N PHE D 128 -29.10 -37.93 42.65
CA PHE D 128 -27.88 -37.48 43.31
C PHE D 128 -27.33 -38.60 44.18
N LYS D 129 -28.23 -39.18 44.99
CA LYS D 129 -27.91 -40.25 45.91
C LYS D 129 -27.29 -41.43 45.15
N GLN D 130 -27.86 -41.78 43.98
CA GLN D 130 -27.35 -42.88 43.16
C GLN D 130 -25.96 -42.58 42.63
N THR D 131 -25.70 -41.32 42.25
CA THR D 131 -24.43 -40.98 41.61
C THR D 131 -23.30 -40.73 42.61
N MET D 132 -23.59 -39.96 43.68
CA MET D 132 -22.57 -39.49 44.60
C MET D 132 -22.45 -40.49 45.75
N CYS D 133 -21.55 -41.47 45.57
CA CYS D 133 -21.46 -42.58 46.52
C CYS D 133 -20.17 -43.38 46.28
N LYS D 134 -19.81 -44.21 47.28
CA LYS D 134 -18.50 -44.85 47.34
C LYS D 134 -18.17 -45.65 46.08
N GLU D 135 -19.18 -46.26 45.45
CA GLU D 135 -18.95 -47.12 44.29
C GLU D 135 -18.52 -46.30 43.07
N ASN D 136 -19.01 -45.05 43.00
CA ASN D 136 -18.71 -44.15 41.90
C ASN D 136 -17.54 -43.22 42.22
N HIS D 137 -16.65 -43.67 43.10
CA HIS D 137 -15.62 -42.79 43.62
C HIS D 137 -14.78 -42.19 42.51
N ARG D 138 -14.71 -42.85 41.36
CA ARG D 138 -13.85 -42.38 40.29
C ARG D 138 -14.42 -41.12 39.64
N LEU D 139 -15.73 -40.87 39.84
CA LEU D 139 -16.39 -39.66 39.35
C LEU D 139 -15.79 -38.40 39.97
N LEU D 140 -15.08 -38.54 41.09
CA LEU D 140 -14.49 -37.39 41.76
C LEU D 140 -13.27 -36.88 40.98
N LEU D 141 -12.62 -37.72 40.16
CA LEU D 141 -11.53 -37.23 39.33
C LEU D 141 -12.09 -36.61 38.04
N ASN D 142 -11.25 -35.81 37.34
CA ASN D 142 -11.78 -35.11 36.18
C ASN D 142 -12.04 -36.05 35.01
N GLY D 143 -13.15 -35.80 34.30
CA GLY D 143 -13.49 -36.56 33.13
C GLY D 143 -12.97 -35.94 31.82
N ASP D 144 -13.65 -36.25 30.74
CA ASP D 144 -13.33 -35.73 29.42
C ASP D 144 -13.67 -34.23 29.45
N HIS D 145 -12.70 -33.40 29.02
CA HIS D 145 -12.93 -31.97 28.96
C HIS D 145 -14.21 -31.55 28.24
N GLN D 146 -14.54 -32.29 27.17
CA GLN D 146 -15.58 -31.88 26.25
C GLN D 146 -16.95 -32.20 26.87
N GLY D 147 -16.95 -33.04 27.90
CA GLY D 147 -18.19 -33.51 28.51
C GLY D 147 -18.10 -35.02 28.71
N GLU D 148 -18.88 -35.57 29.64
CA GLU D 148 -18.96 -37.02 29.78
C GLU D 148 -19.59 -37.61 28.52
N ALA D 149 -19.00 -38.73 28.05
CA ALA D 149 -19.54 -39.39 26.87
C ALA D 149 -21.02 -39.75 27.03
N SER D 150 -21.35 -40.39 28.16
CA SER D 150 -22.72 -40.62 28.58
C SER D 150 -23.60 -39.40 28.33
N PHE D 151 -23.09 -38.23 28.70
CA PHE D 151 -23.97 -37.09 28.81
C PHE D 151 -24.12 -36.49 27.42
N ARG D 152 -23.00 -36.50 26.68
CA ARG D 152 -23.02 -35.99 25.32
C ARG D 152 -23.98 -36.82 24.46
N ARG D 153 -23.96 -38.14 24.70
CA ARG D 153 -24.86 -39.09 24.07
C ARG D 153 -26.34 -38.73 24.31
N GLU D 154 -26.72 -38.53 25.57
CA GLU D 154 -28.08 -38.12 25.89
C GLU D 154 -28.45 -36.79 25.25
N ILE D 155 -27.44 -35.92 25.06
CA ILE D 155 -27.72 -34.59 24.54
C ILE D 155 -28.11 -34.77 23.08
N ALA D 156 -27.28 -35.57 22.39
CA ALA D 156 -27.48 -35.82 20.97
C ALA D 156 -28.83 -36.51 20.74
N TYR D 157 -29.14 -37.53 21.55
CA TYR D 157 -30.48 -38.13 21.56
C TYR D 157 -31.58 -37.07 21.74
N TYR D 158 -31.50 -36.31 22.85
CA TYR D 158 -32.52 -35.33 23.20
C TYR D 158 -32.73 -34.34 22.05
N LEU D 159 -31.62 -33.90 21.44
CA LEU D 159 -31.70 -32.79 20.51
C LEU D 159 -32.37 -33.28 19.23
N HIS D 160 -32.16 -34.57 18.94
CA HIS D 160 -32.75 -35.19 17.76
C HIS D 160 -34.27 -35.25 17.90
N HIS D 161 -34.74 -35.90 18.98
CA HIS D 161 -36.18 -36.02 19.20
C HIS D 161 -36.90 -34.69 19.36
N SER D 162 -36.25 -33.68 19.96
CA SER D 162 -36.98 -32.48 20.36
C SER D 162 -36.90 -31.41 19.28
N ARG D 163 -35.78 -31.38 18.52
CA ARG D 163 -35.48 -30.23 17.68
C ARG D 163 -35.03 -30.61 16.28
N GLY D 164 -34.85 -31.93 16.09
CA GLY D 164 -34.45 -32.48 14.82
C GLY D 164 -32.97 -32.25 14.53
N VAL D 165 -32.19 -32.09 15.58
CA VAL D 165 -30.80 -31.76 15.39
C VAL D 165 -30.06 -33.06 15.09
N ASN D 166 -29.18 -32.99 14.08
CA ASN D 166 -28.42 -34.16 13.77
C ASN D 166 -26.98 -33.95 14.12
N CYS D 167 -26.50 -34.72 15.09
CA CYS D 167 -25.10 -34.59 15.47
C CYS D 167 -24.64 -35.87 16.15
N THR D 168 -23.33 -36.08 16.12
CA THR D 168 -22.72 -37.15 16.89
C THR D 168 -22.41 -36.61 18.28
N PRO D 169 -22.23 -37.50 19.27
CA PRO D 169 -21.80 -37.08 20.60
C PRO D 169 -20.46 -36.34 20.59
N GLU D 170 -19.64 -36.61 19.58
CA GLU D 170 -18.29 -36.08 19.57
C GLU D 170 -18.34 -34.64 19.05
N GLN D 171 -19.52 -34.16 18.70
CA GLN D 171 -19.67 -32.80 18.21
C GLN D 171 -20.29 -31.93 19.31
N VAL D 172 -20.62 -32.54 20.45
CA VAL D 172 -21.28 -31.85 21.53
C VAL D 172 -20.22 -31.41 22.53
N VAL D 173 -20.18 -30.08 22.78
CA VAL D 173 -19.33 -29.53 23.84
C VAL D 173 -20.20 -29.04 24.99
N VAL D 174 -19.88 -29.56 26.19
CA VAL D 174 -20.58 -29.19 27.42
C VAL D 174 -19.79 -28.10 28.18
N GLY D 175 -20.49 -26.99 28.47
CA GLY D 175 -19.88 -25.95 29.27
C GLY D 175 -20.81 -25.23 30.25
N ALA D 176 -20.22 -24.46 31.15
CA ALA D 176 -20.93 -23.81 32.23
C ALA D 176 -21.62 -22.53 31.75
N GLY D 177 -22.78 -22.70 31.15
CA GLY D 177 -23.52 -21.55 30.63
C GLY D 177 -23.12 -21.16 29.22
N VAL D 178 -24.09 -20.56 28.53
CA VAL D 178 -23.90 -20.17 27.16
C VAL D 178 -22.68 -19.25 27.03
N GLU D 179 -22.49 -18.35 28.02
CA GLU D 179 -21.41 -17.41 27.96
C GLU D 179 -20.06 -18.13 27.93
N THR D 180 -19.91 -19.21 28.71
CA THR D 180 -18.64 -19.95 28.69
C THR D 180 -18.34 -20.48 27.29
N LEU D 181 -19.38 -20.98 26.60
CA LEU D 181 -19.21 -21.65 25.31
C LEU D 181 -18.94 -20.60 24.23
N LEU D 182 -19.73 -19.52 24.16
CA LEU D 182 -19.40 -18.44 23.24
C LEU D 182 -17.96 -17.94 23.42
N GLN D 183 -17.44 -17.88 24.65
CA GLN D 183 -16.08 -17.40 24.84
C GLN D 183 -15.13 -18.39 24.16
N GLN D 184 -15.41 -19.68 24.31
CA GLN D 184 -14.54 -20.71 23.73
C GLN D 184 -14.62 -20.58 22.21
N LEU D 185 -15.83 -20.31 21.75
CA LEU D 185 -16.05 -20.18 20.33
C LEU D 185 -15.25 -19.01 19.78
N PHE D 186 -15.27 -17.86 20.50
CA PHE D 186 -14.59 -16.65 20.03
C PHE D 186 -13.11 -16.92 19.86
N LEU D 187 -12.52 -17.66 20.82
CA LEU D 187 -11.13 -18.05 20.80
C LEU D 187 -10.85 -18.98 19.65
N LEU D 188 -11.79 -19.91 19.41
CA LEU D 188 -11.62 -20.97 18.41
C LEU D 188 -11.58 -20.38 17.00
N LEU D 189 -12.57 -19.54 16.65
CA LEU D 189 -12.68 -18.99 15.30
C LEU D 189 -11.71 -17.83 15.06
N GLY D 190 -11.04 -17.29 16.09
CA GLY D 190 -10.02 -16.26 15.90
C GLY D 190 -10.47 -14.81 16.01
N GLU D 191 -9.45 -13.95 16.14
CA GLU D 191 -9.58 -12.57 16.59
C GLU D 191 -10.10 -11.64 15.49
N SER D 192 -10.05 -12.11 14.25
CA SER D 192 -10.35 -11.30 13.07
C SER D 192 -11.83 -11.37 12.72
N LYS D 193 -12.54 -12.39 13.23
CA LYS D 193 -13.93 -12.59 12.82
C LYS D 193 -14.78 -11.40 13.24
N VAL D 194 -15.78 -11.09 12.42
CA VAL D 194 -16.78 -10.07 12.74
C VAL D 194 -18.16 -10.71 12.93
N TYR D 195 -18.83 -10.40 14.02
CA TYR D 195 -20.08 -11.07 14.41
C TYR D 195 -21.28 -10.16 14.10
N GLY D 196 -22.30 -10.75 13.51
CA GLY D 196 -23.54 -10.03 13.33
C GLY D 196 -24.54 -10.51 14.35
N ILE D 197 -25.32 -9.58 14.92
CA ILE D 197 -26.20 -9.93 16.03
C ILE D 197 -27.56 -9.29 15.81
N GLU D 198 -28.57 -9.85 16.46
CA GLU D 198 -29.94 -9.37 16.35
C GLU D 198 -30.13 -8.12 17.22
N ASP D 199 -30.86 -7.13 16.70
CA ASP D 199 -31.34 -5.99 17.47
C ASP D 199 -32.82 -5.76 17.17
N PRO D 200 -33.71 -5.69 18.18
CA PRO D 200 -33.34 -5.92 19.57
C PRO D 200 -33.07 -7.40 19.85
N GLY D 201 -32.73 -7.72 21.10
CA GLY D 201 -32.52 -9.08 21.54
C GLY D 201 -31.83 -9.12 22.92
N TYR D 202 -31.53 -10.34 23.38
CA TYR D 202 -30.70 -10.47 24.57
C TYR D 202 -29.37 -9.79 24.29
N GLN D 203 -28.81 -9.14 25.31
CA GLN D 203 -27.65 -8.30 25.07
C GLN D 203 -26.35 -9.09 25.29
N LEU D 204 -26.46 -10.33 25.76
CA LEU D 204 -25.33 -11.14 26.15
C LEU D 204 -24.22 -11.11 25.12
N MET D 205 -24.63 -11.28 23.86
CA MET D 205 -23.64 -11.50 22.81
C MET D 205 -22.84 -10.21 22.61
N ARG D 206 -23.57 -9.09 22.51
CA ARG D 206 -22.91 -7.81 22.35
C ARG D 206 -21.97 -7.53 23.54
N LYS D 207 -22.50 -7.76 24.74
CA LYS D 207 -21.78 -7.49 25.97
C LYS D 207 -20.49 -8.30 26.02
N LEU D 208 -20.55 -9.62 25.78
CA LEU D 208 -19.35 -10.45 25.75
C LEU D 208 -18.33 -9.91 24.78
N LEU D 209 -18.83 -9.47 23.61
CA LEU D 209 -17.91 -9.13 22.55
C LEU D 209 -17.12 -7.88 22.88
N SER D 210 -17.65 -7.07 23.81
CA SER D 210 -16.95 -5.87 24.22
C SER D 210 -15.59 -6.18 24.84
N HIS D 211 -15.36 -7.41 25.36
CA HIS D 211 -14.09 -7.72 25.98
C HIS D 211 -13.13 -8.42 25.03
N TYR D 212 -13.58 -8.71 23.80
CA TYR D 212 -12.76 -9.47 22.88
C TYR D 212 -12.36 -8.56 21.73
N PRO D 213 -11.23 -8.87 21.05
CA PRO D 213 -10.80 -8.11 19.87
C PRO D 213 -11.87 -7.96 18.79
N ASN D 214 -12.77 -8.97 18.70
CA ASN D 214 -13.76 -9.14 17.66
C ASN D 214 -14.77 -7.99 17.65
N ASP D 215 -15.16 -7.54 16.43
CA ASP D 215 -16.17 -6.49 16.27
C ASP D 215 -17.53 -7.09 16.02
N TYR D 216 -18.56 -6.26 16.18
CA TYR D 216 -19.92 -6.75 15.95
C TYR D 216 -20.64 -5.75 15.08
N VAL D 217 -21.71 -6.23 14.42
CA VAL D 217 -22.60 -5.40 13.64
C VAL D 217 -24.02 -5.85 13.98
N PRO D 218 -24.91 -4.91 14.34
CA PRO D 218 -26.30 -5.26 14.63
C PRO D 218 -27.11 -5.23 13.36
N PHE D 219 -28.13 -6.10 13.30
CA PHE D 219 -29.06 -6.17 12.18
C PHE D 219 -30.47 -6.18 12.76
N GLN D 220 -31.41 -5.52 12.05
CA GLN D 220 -32.80 -5.48 12.46
C GLN D 220 -33.43 -6.88 12.40
N VAL D 221 -34.47 -7.05 13.21
CA VAL D 221 -35.32 -8.23 13.16
C VAL D 221 -36.75 -7.74 12.92
N ASP D 222 -37.46 -8.46 12.05
CA ASP D 222 -38.85 -8.14 11.75
C ASP D 222 -39.69 -9.40 11.88
N GLU D 223 -40.87 -9.38 11.26
CA GLU D 223 -41.85 -10.46 11.38
C GLU D 223 -41.28 -11.76 10.85
N GLU D 224 -40.24 -11.68 9.99
CA GLU D 224 -39.67 -12.83 9.31
C GLU D 224 -38.25 -13.14 9.78
N GLY D 225 -37.81 -12.45 10.85
CA GLY D 225 -36.54 -12.73 11.48
C GLY D 225 -35.45 -11.72 11.11
N ILE D 226 -34.20 -12.15 11.22
CA ILE D 226 -33.07 -11.27 11.05
C ILE D 226 -32.97 -10.80 9.59
N ASP D 227 -32.39 -9.61 9.40
CA ASP D 227 -32.34 -8.96 8.10
C ASP D 227 -31.20 -9.53 7.26
N VAL D 228 -31.51 -10.63 6.54
CA VAL D 228 -30.49 -11.34 5.79
C VAL D 228 -29.99 -10.48 4.63
N ASP D 229 -30.85 -9.60 4.11
CA ASP D 229 -30.49 -8.76 2.97
C ASP D 229 -29.29 -7.88 3.34
N SER D 230 -29.36 -7.29 4.55
CA SER D 230 -28.29 -6.44 5.05
C SER D 230 -27.04 -7.28 5.31
N ILE D 231 -27.22 -8.49 5.88
CA ILE D 231 -26.09 -9.29 6.27
C ILE D 231 -25.19 -9.50 5.05
N VAL D 232 -25.85 -9.82 3.93
CA VAL D 232 -25.19 -10.22 2.70
C VAL D 232 -24.32 -9.10 2.14
N ARG D 233 -24.69 -7.85 2.45
CA ARG D 233 -23.99 -6.68 1.96
C ARG D 233 -22.85 -6.25 2.89
N THR D 234 -22.66 -6.97 4.02
CA THR D 234 -22.03 -6.35 5.18
C THR D 234 -20.68 -6.83 5.65
N ALA D 235 -19.99 -7.78 5.07
CA ALA D 235 -18.64 -8.04 5.64
C ALA D 235 -18.59 -8.70 7.04
N VAL D 236 -19.69 -9.21 7.61
CA VAL D 236 -19.64 -10.05 8.76
C VAL D 236 -19.19 -11.46 8.37
N ASP D 237 -18.63 -12.22 9.31
CA ASP D 237 -18.18 -13.59 9.13
C ASP D 237 -19.07 -14.57 9.89
N VAL D 238 -19.60 -14.20 11.06
CA VAL D 238 -20.42 -15.12 11.85
C VAL D 238 -21.74 -14.45 12.20
N VAL D 239 -22.85 -15.15 11.97
CA VAL D 239 -24.14 -14.54 12.25
C VAL D 239 -24.77 -15.27 13.42
N TYR D 240 -25.11 -14.49 14.45
CA TYR D 240 -25.78 -15.01 15.62
C TYR D 240 -27.27 -14.74 15.48
N THR D 241 -28.09 -15.78 15.55
CA THR D 241 -29.53 -15.57 15.44
C THR D 241 -30.32 -16.62 16.24
N THR D 242 -31.55 -16.25 16.61
CA THR D 242 -32.47 -17.10 17.38
C THR D 242 -33.65 -17.43 16.47
N PRO D 243 -33.49 -18.39 15.53
CA PRO D 243 -34.43 -18.54 14.42
C PRO D 243 -35.80 -19.08 14.83
N SER D 244 -35.85 -19.88 15.90
CA SER D 244 -37.04 -20.57 16.35
C SER D 244 -38.05 -19.62 16.96
N ARG D 245 -37.58 -18.61 17.70
CA ARG D 245 -38.45 -17.69 18.43
C ARG D 245 -37.58 -16.56 18.99
N HIS D 246 -37.56 -15.44 18.28
CA HIS D 246 -36.72 -14.31 18.61
C HIS D 246 -37.20 -13.68 19.93
N PHE D 247 -36.25 -13.18 20.72
CA PHE D 247 -36.60 -12.47 21.93
C PHE D 247 -36.46 -10.97 21.67
N PRO D 248 -37.46 -10.14 22.04
CA PRO D 248 -38.62 -10.56 22.83
C PRO D 248 -39.93 -10.81 22.13
N TYR D 249 -40.00 -10.49 20.82
CA TYR D 249 -41.28 -10.39 20.14
C TYR D 249 -41.81 -11.75 19.67
N GLY D 250 -40.91 -12.73 19.48
CA GLY D 250 -41.37 -14.08 19.16
C GLY D 250 -41.28 -14.44 17.67
N SER D 251 -40.80 -13.49 16.85
CA SER D 251 -40.56 -13.67 15.42
C SER D 251 -39.91 -15.01 15.08
N VAL D 252 -40.26 -15.59 13.93
CA VAL D 252 -39.62 -16.80 13.41
C VAL D 252 -38.87 -16.47 12.11
N LEU D 253 -37.65 -16.99 11.98
CA LEU D 253 -36.88 -16.78 10.76
C LEU D 253 -37.51 -17.61 9.65
N SER D 254 -38.07 -16.90 8.66
CA SER D 254 -38.80 -17.47 7.54
C SER D 254 -37.93 -18.42 6.75
N ILE D 255 -38.60 -19.38 6.13
CA ILE D 255 -37.92 -20.48 5.48
C ILE D 255 -37.09 -19.97 4.30
N ASN D 256 -37.53 -18.87 3.66
CA ASN D 256 -36.73 -18.26 2.60
C ASN D 256 -35.43 -17.72 3.15
N ARG D 257 -35.54 -17.00 4.26
CA ARG D 257 -34.39 -16.32 4.83
C ARG D 257 -33.40 -17.37 5.38
N ARG D 258 -33.93 -18.47 5.93
CA ARG D 258 -33.09 -19.58 6.32
C ARG D 258 -32.22 -20.05 5.15
N LYS D 259 -32.86 -20.22 3.98
CA LYS D 259 -32.18 -20.71 2.79
C LYS D 259 -31.15 -19.67 2.34
N GLN D 260 -31.58 -18.40 2.36
CA GLN D 260 -30.73 -17.29 1.92
C GLN D 260 -29.48 -17.20 2.79
N LEU D 261 -29.69 -17.40 4.12
CA LEU D 261 -28.62 -17.24 5.08
C LEU D 261 -27.65 -18.39 4.93
N LEU D 262 -28.18 -19.62 4.78
CA LEU D 262 -27.31 -20.77 4.58
C LEU D 262 -26.51 -20.60 3.30
N HIS D 263 -27.15 -20.01 2.28
CA HIS D 263 -26.47 -19.79 1.02
C HIS D 263 -25.28 -18.86 1.25
N TRP D 264 -25.55 -17.79 2.01
CA TRP D 264 -24.54 -16.80 2.36
C TRP D 264 -23.35 -17.49 3.01
N ALA D 265 -23.64 -18.45 3.88
CA ALA D 265 -22.64 -19.13 4.69
C ALA D 265 -21.81 -20.05 3.84
N GLU D 266 -22.47 -20.66 2.83
CA GLU D 266 -21.87 -21.61 1.90
C GLU D 266 -20.82 -20.93 1.05
N ALA D 267 -20.94 -19.61 0.88
CA ALA D 267 -20.10 -18.83 0.00
C ALA D 267 -18.63 -18.68 0.42
N HIS D 268 -18.29 -19.05 1.65
CA HIS D 268 -16.93 -18.75 2.14
C HIS D 268 -16.56 -19.68 3.29
N GLU D 269 -15.28 -20.08 3.34
CA GLU D 269 -14.79 -21.09 4.27
C GLU D 269 -14.86 -20.59 5.72
N ASN D 270 -14.76 -19.27 5.90
CA ASN D 270 -14.68 -18.65 7.20
C ASN D 270 -16.04 -18.26 7.76
N ARG D 271 -17.13 -18.53 7.07
CA ARG D 271 -18.43 -18.06 7.55
C ARG D 271 -19.12 -19.17 8.33
N TYR D 272 -19.83 -18.77 9.40
CA TYR D 272 -20.62 -19.70 10.19
C TYR D 272 -21.89 -19.01 10.66
N ILE D 273 -22.85 -19.83 11.11
CA ILE D 273 -24.07 -19.32 11.71
C ILE D 273 -24.20 -19.91 13.11
N ILE D 274 -24.45 -19.06 14.11
CA ILE D 274 -24.76 -19.55 15.44
C ILE D 274 -26.27 -19.54 15.63
N GLU D 275 -26.81 -20.73 15.84
CA GLU D 275 -28.24 -20.86 16.06
C GLU D 275 -28.44 -21.03 17.57
N ASP D 276 -29.05 -20.00 18.15
CA ASP D 276 -29.31 -19.98 19.58
C ASP D 276 -30.71 -20.52 19.82
N ASP D 277 -30.80 -21.60 20.59
CA ASP D 277 -32.08 -22.15 20.99
C ASP D 277 -32.18 -22.20 22.51
N TYR D 278 -31.60 -21.19 23.19
CA TYR D 278 -31.57 -21.07 24.63
C TYR D 278 -33.02 -21.08 25.13
N ASP D 279 -33.92 -20.48 24.33
CA ASP D 279 -35.31 -20.31 24.77
C ASP D 279 -36.24 -21.23 23.99
N SER D 280 -35.95 -22.53 23.84
CA SER D 280 -36.62 -23.28 22.79
C SER D 280 -37.96 -23.91 23.17
N GLU D 281 -38.10 -24.46 24.37
CA GLU D 281 -38.93 -25.63 24.60
C GLU D 281 -40.43 -25.36 24.84
N PHE D 282 -40.83 -24.14 25.18
CA PHE D 282 -42.22 -23.93 25.54
C PHE D 282 -42.98 -23.16 24.45
N ARG D 283 -43.46 -23.93 23.46
CA ARG D 283 -44.33 -23.40 22.42
C ARG D 283 -45.71 -24.04 22.57
N TYR D 284 -46.74 -23.22 22.37
CA TYR D 284 -48.11 -23.65 22.55
C TYR D 284 -48.90 -23.52 21.25
N THR D 285 -48.49 -22.57 20.40
CA THR D 285 -49.25 -22.22 19.21
C THR D 285 -48.28 -21.87 18.10
N GLY D 286 -48.75 -22.00 16.85
CA GLY D 286 -47.88 -21.92 15.68
C GLY D 286 -47.29 -23.28 15.33
N LYS D 287 -46.85 -23.38 14.05
CA LYS D 287 -46.32 -24.62 13.52
C LYS D 287 -44.93 -24.84 14.13
N THR D 288 -44.69 -26.08 14.56
CA THR D 288 -43.40 -26.50 15.08
C THR D 288 -42.38 -26.67 13.94
N ILE D 289 -41.72 -25.57 13.57
CA ILE D 289 -40.72 -25.56 12.49
C ILE D 289 -39.34 -25.99 13.05
N PRO D 290 -38.50 -26.71 12.26
CA PRO D 290 -37.32 -27.38 12.85
C PRO D 290 -36.09 -26.47 12.99
N SER D 291 -35.01 -27.04 13.55
CA SER D 291 -33.73 -26.33 13.61
C SER D 291 -33.18 -26.00 12.22
N LEU D 292 -32.53 -24.85 12.11
CA LEU D 292 -31.77 -24.45 10.94
C LEU D 292 -30.60 -25.42 10.80
N GLN D 293 -30.18 -26.05 11.91
CA GLN D 293 -29.03 -26.94 11.88
C GLN D 293 -29.39 -28.19 11.07
N SER D 294 -30.68 -28.53 11.11
CA SER D 294 -31.20 -29.73 10.44
C SER D 294 -31.13 -29.58 8.92
N MET D 295 -31.28 -28.35 8.40
CA MET D 295 -31.09 -28.01 7.00
C MET D 295 -29.61 -27.92 6.61
N ASP D 296 -28.70 -27.89 7.58
CA ASP D 296 -27.35 -27.53 7.18
C ASP D 296 -26.66 -28.78 6.67
N VAL D 297 -26.20 -28.72 5.42
CA VAL D 297 -25.48 -29.85 4.87
C VAL D 297 -24.07 -29.41 4.52
N HIS D 298 -23.73 -28.14 4.84
CA HIS D 298 -22.38 -27.70 4.52
C HIS D 298 -21.48 -27.40 5.72
N ASN D 299 -21.90 -27.86 6.92
CA ASN D 299 -21.07 -27.74 8.12
C ASN D 299 -20.85 -26.27 8.48
N LYS D 300 -21.95 -25.51 8.53
CA LYS D 300 -21.91 -24.08 8.60
C LYS D 300 -22.58 -23.59 9.90
N VAL D 301 -23.44 -24.43 10.50
CA VAL D 301 -24.26 -24.03 11.64
C VAL D 301 -23.77 -24.61 12.96
N ILE D 302 -23.52 -23.71 13.94
CA ILE D 302 -23.19 -24.03 15.33
C ILE D 302 -24.46 -23.91 16.16
N TYR D 303 -24.79 -24.99 16.91
CA TYR D 303 -26.09 -24.99 17.56
C TYR D 303 -25.85 -24.92 19.06
N LEU D 304 -26.65 -24.06 19.69
CA LEU D 304 -26.34 -23.62 21.05
C LEU D 304 -27.59 -23.78 21.90
N GLY D 305 -27.44 -24.40 23.06
CA GLY D 305 -28.60 -24.55 23.93
C GLY D 305 -28.19 -24.87 25.36
N ALA D 306 -29.19 -24.88 26.25
CA ALA D 306 -28.90 -25.06 27.66
C ALA D 306 -30.07 -25.68 28.42
N PHE D 307 -29.73 -26.30 29.54
CA PHE D 307 -30.69 -26.75 30.52
C PHE D 307 -31.09 -25.63 31.50
N SER D 308 -31.54 -24.46 31.02
CA SER D 308 -31.96 -23.41 31.95
C SER D 308 -33.48 -23.30 32.06
N LYS D 309 -34.20 -23.07 30.95
CA LYS D 309 -35.65 -22.91 31.04
C LYS D 309 -36.35 -24.25 31.28
N SER D 310 -35.83 -25.34 30.70
CA SER D 310 -36.06 -26.68 31.24
C SER D 310 -35.16 -26.80 32.45
N LEU D 311 -35.37 -27.81 33.28
CA LEU D 311 -34.46 -28.01 34.41
C LEU D 311 -34.23 -26.79 35.34
N ILE D 312 -32.96 -26.40 35.54
CA ILE D 312 -32.53 -25.53 36.64
C ILE D 312 -31.49 -24.50 36.18
N PRO D 313 -31.82 -23.19 36.07
CA PRO D 313 -30.83 -22.21 35.59
C PRO D 313 -29.50 -22.18 36.34
N SER D 314 -29.53 -22.46 37.65
CA SER D 314 -28.41 -22.14 38.50
C SER D 314 -27.37 -23.26 38.50
N VAL D 315 -27.67 -24.35 37.78
CA VAL D 315 -26.74 -25.47 37.73
C VAL D 315 -25.67 -25.21 36.67
N ARG D 316 -25.99 -24.24 35.80
CA ARG D 316 -25.11 -23.78 34.74
C ARG D 316 -24.62 -24.95 33.87
N ILE D 317 -25.55 -25.63 33.20
CA ILE D 317 -25.19 -26.68 32.26
C ILE D 317 -25.70 -26.32 30.86
N SER D 318 -24.75 -26.17 29.93
CA SER D 318 -25.09 -25.76 28.58
C SER D 318 -24.31 -26.59 27.57
N TYR D 319 -24.75 -26.52 26.31
CA TYR D 319 -24.12 -27.33 25.28
C TYR D 319 -24.03 -26.51 24.00
N MET D 320 -22.94 -26.77 23.30
CA MET D 320 -22.79 -26.23 21.97
C MET D 320 -22.46 -27.40 21.04
N VAL D 321 -23.18 -27.45 19.90
CA VAL D 321 -22.98 -28.49 18.89
C VAL D 321 -22.19 -27.91 17.72
N LEU D 322 -21.00 -28.45 17.51
CA LEU D 322 -20.10 -27.92 16.50
C LEU D 322 -20.19 -28.75 15.21
N PRO D 323 -20.21 -28.12 14.03
CA PRO D 323 -19.94 -28.84 12.78
C PRO D 323 -18.67 -29.67 12.90
N ALA D 324 -18.66 -30.84 12.23
CA ALA D 324 -17.65 -31.83 12.58
C ALA D 324 -16.22 -31.34 12.35
N PRO D 325 -15.88 -30.55 11.29
CA PRO D 325 -14.55 -29.95 11.19
C PRO D 325 -14.14 -29.11 12.41
N LEU D 326 -15.04 -28.23 12.90
CA LEU D 326 -14.82 -27.41 14.08
C LEU D 326 -14.64 -28.29 15.32
N ALA D 327 -15.47 -29.33 15.45
CA ALA D 327 -15.33 -30.21 16.59
C ALA D 327 -13.95 -30.83 16.62
N HIS D 328 -13.34 -31.07 15.46
CA HIS D 328 -12.05 -31.75 15.46
C HIS D 328 -10.99 -30.75 15.88
N LEU D 329 -11.17 -29.52 15.38
CA LEU D 329 -10.28 -28.42 15.69
C LEU D 329 -10.37 -28.08 17.18
N TYR D 330 -11.59 -27.98 17.71
CA TYR D 330 -11.82 -27.80 19.13
C TYR D 330 -11.07 -28.85 19.94
N LYS D 331 -11.28 -30.13 19.67
CA LYS D 331 -10.66 -31.18 20.48
C LYS D 331 -9.13 -31.06 20.47
N ASN D 332 -8.56 -30.42 19.43
CA ASN D 332 -7.10 -30.30 19.33
C ASN D 332 -6.60 -29.05 20.06
N LYS D 333 -7.23 -27.93 19.72
CA LYS D 333 -6.88 -26.60 20.21
C LYS D 333 -7.00 -26.54 21.72
N PHE D 334 -8.06 -27.15 22.28
CA PHE D 334 -8.35 -27.05 23.70
C PHE D 334 -8.11 -28.38 24.40
N SER D 335 -7.11 -29.14 23.93
CA SER D 335 -6.87 -30.48 24.45
C SER D 335 -6.55 -30.47 25.95
N TYR D 336 -6.03 -29.34 26.45
CA TYR D 336 -5.44 -29.26 27.77
C TYR D 336 -6.45 -28.70 28.78
N TYR D 337 -7.61 -28.22 28.32
CA TYR D 337 -8.67 -27.77 29.18
C TYR D 337 -9.26 -28.89 30.04
N HIS D 338 -10.05 -28.49 31.03
CA HIS D 338 -10.85 -29.36 31.85
C HIS D 338 -12.27 -28.88 31.66
N SER D 339 -13.23 -29.76 32.01
CA SER D 339 -14.61 -29.38 31.90
C SER D 339 -14.92 -28.22 32.83
N THR D 340 -15.87 -27.38 32.45
CA THR D 340 -16.36 -26.41 33.40
C THR D 340 -17.66 -26.85 34.04
N VAL D 341 -18.05 -28.14 33.87
CA VAL D 341 -19.29 -28.62 34.50
C VAL D 341 -18.99 -29.83 35.36
N SER D 342 -19.58 -29.83 36.56
CA SER D 342 -19.30 -30.88 37.51
C SER D 342 -19.64 -32.24 36.90
N ARG D 343 -18.69 -33.20 36.92
CA ARG D 343 -18.98 -34.56 36.53
C ARG D 343 -20.21 -35.10 37.27
N ILE D 344 -20.27 -34.89 38.58
CA ILE D 344 -21.36 -35.44 39.36
C ILE D 344 -22.67 -34.93 38.74
N ASP D 345 -22.71 -33.64 38.38
CA ASP D 345 -23.96 -33.05 37.97
C ASP D 345 -24.30 -33.59 36.58
N GLN D 346 -23.26 -33.80 35.76
CA GLN D 346 -23.41 -34.37 34.44
C GLN D 346 -24.07 -35.74 34.55
N GLN D 347 -23.44 -36.62 35.36
CA GLN D 347 -23.94 -37.96 35.61
C GLN D 347 -25.39 -37.93 36.12
N VAL D 348 -25.68 -37.05 37.07
CA VAL D 348 -27.02 -36.94 37.62
C VAL D 348 -27.98 -36.64 36.49
N LEU D 349 -27.70 -35.57 35.72
CA LEU D 349 -28.62 -35.16 34.67
C LEU D 349 -28.72 -36.26 33.60
N THR D 350 -27.58 -36.96 33.35
CA THR D 350 -27.56 -38.06 32.41
C THR D 350 -28.62 -39.07 32.81
N ALA D 351 -28.57 -39.55 34.06
CA ALA D 351 -29.55 -40.50 34.57
C ALA D 351 -30.96 -39.93 34.46
N PHE D 352 -31.18 -38.72 34.96
CA PHE D 352 -32.50 -38.12 34.97
C PHE D 352 -33.08 -38.14 33.54
N MET D 353 -32.20 -38.09 32.54
CA MET D 353 -32.66 -37.99 31.17
C MET D 353 -32.97 -39.40 30.66
N LYS D 354 -31.99 -40.30 30.86
CA LYS D 354 -32.03 -41.67 30.39
C LYS D 354 -33.30 -42.39 30.86
N GLN D 355 -33.65 -42.28 32.14
CA GLN D 355 -34.80 -42.96 32.69
C GLN D 355 -36.09 -42.18 32.48
N GLY D 356 -36.07 -41.16 31.62
CA GLY D 356 -37.33 -40.58 31.14
C GLY D 356 -37.94 -39.51 32.02
N ASP D 357 -37.32 -39.27 33.20
CA ASP D 357 -37.77 -38.25 34.15
C ASP D 357 -37.63 -36.85 33.57
N PHE D 358 -36.56 -36.63 32.81
CA PHE D 358 -36.43 -35.34 32.13
C PHE D 358 -37.64 -35.12 31.22
N GLU D 359 -38.02 -36.17 30.49
CA GLU D 359 -39.08 -36.00 29.52
C GLU D 359 -40.41 -35.75 30.25
N LYS D 360 -40.60 -36.48 31.37
CA LYS D 360 -41.79 -36.25 32.19
C LYS D 360 -41.80 -34.82 32.71
N HIS D 361 -40.63 -34.36 33.21
CA HIS D 361 -40.48 -33.01 33.73
C HIS D 361 -40.96 -32.00 32.69
N LEU D 362 -40.43 -32.16 31.47
CA LEU D 362 -40.71 -31.22 30.40
C LEU D 362 -42.22 -31.10 30.15
N ASN D 363 -42.90 -32.26 30.13
CA ASN D 363 -44.32 -32.30 29.80
C ASN D 363 -45.11 -31.63 30.91
N ARG D 364 -44.76 -32.00 32.15
CA ARG D 364 -45.41 -31.46 33.34
C ARG D 364 -45.29 -29.93 33.35
N MET D 365 -44.09 -29.43 33.03
CA MET D 365 -43.84 -28.01 33.08
C MET D 365 -44.60 -27.31 31.96
N ARG D 366 -44.67 -27.96 30.79
CA ARG D 366 -45.28 -27.35 29.63
C ARG D 366 -46.74 -27.03 29.96
N LYS D 367 -47.37 -27.96 30.71
CA LYS D 367 -48.75 -27.80 31.13
C LYS D 367 -48.87 -26.60 32.06
N ILE D 368 -47.97 -26.56 33.07
CA ILE D 368 -48.01 -25.50 34.06
C ILE D 368 -47.83 -24.13 33.40
N TYR D 369 -46.82 -24.00 32.53
CA TYR D 369 -46.56 -22.70 31.93
C TYR D 369 -47.74 -22.30 31.07
N ARG D 370 -48.37 -23.28 30.40
CA ARG D 370 -49.51 -23.02 29.53
C ARG D 370 -50.64 -22.41 30.34
N ARG D 371 -50.94 -23.02 31.51
CA ARG D 371 -51.99 -22.53 32.38
C ARG D 371 -51.70 -21.08 32.80
N LYS D 372 -50.47 -20.83 33.26
CA LYS D 372 -50.07 -19.51 33.72
C LYS D 372 -50.28 -18.48 32.62
N LEU D 373 -49.82 -18.80 31.41
CA LEU D 373 -49.88 -17.86 30.30
C LEU D 373 -51.34 -17.55 29.98
N GLU D 374 -52.18 -18.60 30.02
CA GLU D 374 -53.59 -18.45 29.67
C GLU D 374 -54.31 -17.59 30.70
N LYS D 375 -53.99 -17.78 31.99
CA LYS D 375 -54.56 -16.96 33.03
C LYS D 375 -54.17 -15.50 32.83
N VAL D 376 -52.91 -15.28 32.46
CA VAL D 376 -52.37 -13.94 32.31
C VAL D 376 -53.07 -13.24 31.15
N LEU D 377 -53.24 -13.96 30.03
CA LEU D 377 -53.88 -13.40 28.86
C LEU D 377 -55.35 -13.10 29.17
N SER D 378 -55.98 -14.06 29.88
CA SER D 378 -57.36 -13.95 30.32
C SER D 378 -57.58 -12.62 31.04
N LEU D 379 -56.65 -12.26 31.91
CA LEU D 379 -56.78 -11.03 32.68
C LEU D 379 -56.47 -9.82 31.82
N LEU D 380 -55.40 -9.86 31.02
CA LEU D 380 -54.91 -8.66 30.35
C LEU D 380 -55.76 -8.28 29.14
N LYS D 381 -56.47 -9.25 28.56
CA LYS D 381 -57.23 -9.02 27.33
C LYS D 381 -58.37 -8.03 27.60
N ARG D 382 -58.63 -7.77 28.88
CA ARG D 382 -59.73 -6.92 29.31
C ARG D 382 -59.42 -5.44 29.11
N TYR D 383 -58.16 -5.12 28.81
CA TYR D 383 -57.70 -3.74 28.73
C TYR D 383 -57.16 -3.46 27.32
N GLU D 384 -57.82 -4.08 26.34
CA GLU D 384 -57.32 -4.23 24.97
C GLU D 384 -57.13 -2.89 24.27
N ASP D 385 -57.64 -1.82 24.88
CA ASP D 385 -57.58 -0.49 24.29
C ASP D 385 -56.28 0.21 24.67
N LYS D 386 -55.70 -0.12 25.85
CA LYS D 386 -54.58 0.64 26.40
C LYS D 386 -53.34 -0.24 26.58
N LEU D 387 -53.54 -1.57 26.57
CA LEU D 387 -52.47 -2.55 26.62
C LEU D 387 -52.58 -3.48 25.41
N LEU D 388 -51.55 -3.49 24.56
CA LEU D 388 -51.47 -4.46 23.49
C LEU D 388 -50.39 -5.50 23.82
N ILE D 389 -50.70 -6.77 23.55
CA ILE D 389 -49.82 -7.89 23.83
C ILE D 389 -49.12 -8.31 22.53
N ILE D 390 -47.82 -8.65 22.63
CA ILE D 390 -47.03 -9.13 21.50
C ILE D 390 -46.36 -10.47 21.86
N GLY D 391 -46.36 -11.43 20.92
CA GLY D 391 -45.67 -12.70 21.00
C GLY D 391 -46.30 -13.62 22.04
N GLU D 392 -47.64 -13.60 22.11
CA GLU D 392 -48.36 -14.11 23.26
C GLU D 392 -48.39 -15.64 23.29
N ARG D 393 -48.02 -16.28 22.20
CA ARG D 393 -48.24 -17.68 21.97
C ARG D 393 -46.99 -18.53 22.28
N SER D 394 -45.95 -17.88 22.81
CA SER D 394 -44.62 -18.47 22.89
C SER D 394 -43.89 -17.97 24.13
N GLY D 395 -43.21 -18.91 24.77
CA GLY D 395 -42.28 -18.58 25.84
C GLY D 395 -42.99 -18.37 27.17
N LEU D 396 -42.19 -17.88 28.14
CA LEU D 396 -42.62 -17.69 29.52
C LEU D 396 -42.85 -16.20 29.77
N HIS D 397 -43.05 -15.43 28.68
CA HIS D 397 -43.12 -13.99 28.80
C HIS D 397 -43.94 -13.40 27.66
N ILE D 398 -44.39 -12.16 27.86
CA ILE D 398 -45.12 -11.37 26.88
C ILE D 398 -44.54 -9.96 26.88
N VAL D 399 -44.83 -9.23 25.80
CA VAL D 399 -44.53 -7.81 25.76
C VAL D 399 -45.85 -7.05 25.80
N LEU D 400 -45.91 -6.02 26.66
CA LEU D 400 -47.03 -5.10 26.70
C LEU D 400 -46.58 -3.77 26.12
N VAL D 401 -47.36 -3.27 25.16
CA VAL D 401 -47.28 -1.88 24.75
C VAL D 401 -48.29 -1.13 25.63
N VAL D 402 -47.79 -0.08 26.31
CA VAL D 402 -48.59 0.59 27.30
C VAL D 402 -48.81 2.03 26.86
N LYS D 403 -50.10 2.43 26.76
CA LYS D 403 -50.49 3.72 26.23
C LYS D 403 -51.03 4.59 27.36
N ASN D 404 -50.27 4.66 28.45
CA ASN D 404 -50.67 5.40 29.64
C ASN D 404 -50.28 6.86 29.57
N GLY D 405 -49.48 7.21 28.55
CA GLY D 405 -48.82 8.51 28.54
C GLY D 405 -47.72 8.61 29.60
N MET D 406 -47.65 7.58 30.47
CA MET D 406 -46.48 7.34 31.30
C MET D 406 -45.37 6.82 30.39
N ASP D 407 -44.15 7.32 30.59
CA ASP D 407 -43.02 6.83 29.81
C ASP D 407 -42.51 5.53 30.40
N GLU D 408 -41.61 4.89 29.66
CA GLU D 408 -41.05 3.59 30.00
C GLU D 408 -40.48 3.62 31.42
N GLN D 409 -39.68 4.66 31.71
CA GLN D 409 -38.99 4.75 32.98
C GLN D 409 -40.00 4.86 34.13
N THR D 410 -41.04 5.68 33.91
CA THR D 410 -42.08 5.92 34.88
C THR D 410 -42.76 4.61 35.24
N LEU D 411 -43.09 3.82 34.19
CA LEU D 411 -43.80 2.56 34.34
C LEU D 411 -42.98 1.59 35.19
N VAL D 412 -41.66 1.56 34.96
CA VAL D 412 -40.75 0.66 35.68
C VAL D 412 -40.75 1.03 37.16
N GLU D 413 -40.56 2.32 37.44
CA GLU D 413 -40.39 2.84 38.78
C GLU D 413 -41.66 2.65 39.60
N LYS D 414 -42.82 2.96 38.99
CA LYS D 414 -44.10 2.82 39.67
C LYS D 414 -44.32 1.36 40.06
N ALA D 415 -43.96 0.45 39.15
CA ALA D 415 -44.10 -0.97 39.40
C ALA D 415 -43.20 -1.39 40.56
N LEU D 416 -41.96 -0.88 40.55
CA LEU D 416 -40.95 -1.23 41.54
C LEU D 416 -41.40 -0.74 42.91
N ALA D 417 -41.98 0.47 42.92
CA ALA D 417 -42.58 1.02 44.11
C ALA D 417 -43.64 0.07 44.67
N ALA D 418 -44.37 -0.63 43.79
CA ALA D 418 -45.39 -1.54 44.27
C ALA D 418 -44.81 -2.91 44.60
N LYS D 419 -43.46 -3.00 44.60
CA LYS D 419 -42.71 -4.21 44.92
C LYS D 419 -42.84 -5.26 43.81
N ALA D 420 -42.95 -4.79 42.56
CA ALA D 420 -42.99 -5.65 41.38
C ALA D 420 -41.93 -5.19 40.37
N LYS D 421 -41.02 -6.11 39.99
CA LYS D 421 -39.94 -5.80 39.07
C LYS D 421 -40.34 -6.18 37.66
N VAL D 422 -40.30 -5.19 36.76
CA VAL D 422 -40.69 -5.37 35.36
C VAL D 422 -39.57 -4.85 34.46
N TYR D 423 -39.58 -5.28 33.18
CA TYR D 423 -38.39 -5.16 32.36
C TYR D 423 -38.65 -4.27 31.16
N PRO D 424 -37.97 -3.10 31.10
CA PRO D 424 -38.14 -2.17 30.00
C PRO D 424 -37.51 -2.74 28.73
N LEU D 425 -38.21 -2.57 27.61
CA LEU D 425 -37.76 -3.18 26.39
C LEU D 425 -36.47 -2.53 25.89
N SER D 426 -36.23 -1.28 26.32
CA SER D 426 -35.05 -0.55 25.89
C SER D 426 -33.77 -1.21 26.41
N ALA D 427 -33.94 -2.11 27.39
CA ALA D 427 -32.83 -2.85 27.98
C ALA D 427 -32.28 -3.82 26.95
N TYR D 428 -33.06 -4.03 25.88
CA TYR D 428 -32.81 -5.10 24.93
C TYR D 428 -32.60 -4.53 23.52
N SER D 429 -32.33 -3.20 23.45
CA SER D 429 -32.32 -2.48 22.20
C SER D 429 -31.16 -1.49 22.11
N LEU D 430 -30.59 -1.37 20.91
CA LEU D 430 -29.55 -0.37 20.67
C LEU D 430 -30.16 0.94 20.15
N GLU D 431 -31.34 0.84 19.53
CA GLU D 431 -32.16 2.01 19.17
C GLU D 431 -32.75 2.58 20.47
N ARG D 432 -32.41 3.84 20.80
CA ARG D 432 -32.74 4.40 22.10
C ARG D 432 -34.22 4.77 22.18
N ALA D 433 -34.79 5.06 21.01
CA ALA D 433 -36.17 5.50 20.88
C ALA D 433 -37.08 4.29 20.91
N ILE D 434 -37.90 4.16 21.96
CA ILE D 434 -38.91 3.12 21.99
C ILE D 434 -40.24 3.82 22.20
N HIS D 435 -41.12 3.84 21.20
CA HIS D 435 -42.45 4.39 21.44
C HIS D 435 -43.52 3.60 20.68
N PRO D 436 -44.72 3.33 21.26
CA PRO D 436 -45.01 3.60 22.68
C PRO D 436 -44.18 2.74 23.63
N PRO D 437 -44.12 3.10 24.93
CA PRO D 437 -43.38 2.31 25.92
C PRO D 437 -43.77 0.83 25.90
N GLN D 438 -42.75 -0.03 26.03
CA GLN D 438 -43.00 -1.46 26.09
C GLN D 438 -42.30 -2.07 27.29
N ILE D 439 -43.03 -2.99 27.94
CA ILE D 439 -42.53 -3.71 29.10
C ILE D 439 -42.65 -5.21 28.85
N VAL D 440 -41.60 -5.93 29.23
CA VAL D 440 -41.57 -7.38 29.16
C VAL D 440 -41.98 -7.90 30.54
N LEU D 441 -42.96 -8.81 30.54
CA LEU D 441 -43.34 -9.53 31.75
C LEU D 441 -43.12 -11.02 31.54
N GLY D 442 -42.34 -11.62 32.45
CA GLY D 442 -42.17 -13.06 32.48
C GLY D 442 -42.82 -13.62 33.73
N PHE D 443 -43.33 -14.85 33.62
CA PHE D 443 -44.21 -15.38 34.64
C PHE D 443 -43.67 -16.70 35.15
N GLY D 444 -42.39 -16.95 34.86
CA GLY D 444 -41.82 -18.21 35.31
C GLY D 444 -41.91 -18.34 36.82
N SER D 445 -41.45 -17.29 37.53
CA SER D 445 -41.25 -17.35 38.97
C SER D 445 -42.50 -16.98 39.76
N ILE D 446 -43.45 -16.28 39.11
CA ILE D 446 -44.69 -15.90 39.78
C ILE D 446 -45.52 -17.15 40.04
N PRO D 447 -45.88 -17.50 41.29
CA PRO D 447 -46.61 -18.74 41.56
C PRO D 447 -48.00 -18.67 40.95
N GLU D 448 -48.50 -19.85 40.51
CA GLU D 448 -49.69 -19.92 39.67
C GLU D 448 -50.90 -19.31 40.38
N ASP D 449 -50.99 -19.58 41.69
CA ASP D 449 -52.13 -19.20 42.51
C ASP D 449 -52.04 -17.74 42.93
N GLU D 450 -51.00 -17.02 42.49
CA GLU D 450 -50.85 -15.62 42.86
C GLU D 450 -50.82 -14.73 41.64
N LEU D 451 -51.07 -15.31 40.46
CA LEU D 451 -50.89 -14.59 39.21
C LEU D 451 -51.80 -13.37 39.15
N GLU D 452 -53.06 -13.54 39.56
CA GLU D 452 -54.05 -12.48 39.46
C GLU D 452 -53.60 -11.32 40.36
N GLU D 453 -53.14 -11.66 41.57
CA GLU D 453 -52.66 -10.69 42.54
C GLU D 453 -51.49 -9.91 41.97
N ALA D 454 -50.55 -10.66 41.35
CA ALA D 454 -49.32 -10.10 40.82
C ALA D 454 -49.62 -9.13 39.68
N ILE D 455 -50.50 -9.54 38.76
CA ILE D 455 -50.80 -8.70 37.62
C ILE D 455 -51.53 -7.45 38.12
N ALA D 456 -52.44 -7.68 39.07
CA ALA D 456 -53.20 -6.62 39.74
C ALA D 456 -52.23 -5.58 40.32
N THR D 457 -51.19 -6.06 41.02
CA THR D 457 -50.21 -5.17 41.64
C THR D 457 -49.61 -4.22 40.60
N VAL D 458 -49.25 -4.76 39.43
CA VAL D 458 -48.58 -3.99 38.40
C VAL D 458 -49.55 -3.00 37.77
N LEU D 459 -50.74 -3.53 37.43
CA LEU D 459 -51.77 -2.74 36.77
C LEU D 459 -52.18 -1.58 37.69
N ASN D 460 -52.36 -1.92 38.96
CA ASN D 460 -52.77 -0.95 39.96
C ASN D 460 -51.75 0.18 40.05
N ALA D 461 -50.47 -0.17 40.10
CA ALA D 461 -49.40 0.81 40.22
C ALA D 461 -49.37 1.70 38.98
N TRP D 462 -49.90 1.19 37.88
CA TRP D 462 -49.91 1.91 36.62
C TRP D 462 -51.21 2.70 36.48
N GLY D 463 -52.03 2.70 37.53
CA GLY D 463 -53.25 3.50 37.56
C GLY D 463 -54.42 2.86 36.83
N PHE D 464 -54.35 1.55 36.57
CA PHE D 464 -55.50 0.86 36.01
C PHE D 464 -56.45 0.45 37.14
N LEU D 465 -57.71 0.30 36.75
CA LEU D 465 -58.75 -0.14 37.65
C LEU D 465 -58.71 -1.67 37.67
N VAL D 466 -58.86 -2.27 38.85
CA VAL D 466 -58.28 -3.58 39.10
C VAL D 466 -59.33 -4.48 39.72
N PRO D 467 -59.44 -5.77 39.30
CA PRO D 467 -60.30 -6.73 40.00
C PRO D 467 -59.86 -6.99 41.44
N ARG D 468 -60.81 -7.48 42.26
CA ARG D 468 -60.67 -7.59 43.70
C ARG D 468 -61.30 -8.90 44.20
N ASP E 103 -0.24 18.06 -11.82
CA ASP E 103 0.18 19.38 -12.37
C ASP E 103 -0.69 19.68 -13.60
N THR E 104 -1.94 20.01 -13.33
CA THR E 104 -2.88 20.30 -14.40
C THR E 104 -2.87 21.80 -14.74
N ILE E 105 -2.67 22.65 -13.71
CA ILE E 105 -2.98 24.07 -13.72
C ILE E 105 -1.95 24.86 -14.54
N ARG E 106 -2.46 25.67 -15.47
CA ARG E 106 -1.63 26.40 -16.40
C ARG E 106 -1.43 27.82 -15.88
N TYR E 107 -2.50 28.40 -15.31
CA TYR E 107 -2.55 29.77 -14.82
C TYR E 107 -3.04 29.78 -13.37
N ASN E 108 -2.18 30.30 -12.47
CA ASN E 108 -2.48 30.34 -11.06
C ASN E 108 -2.63 31.78 -10.58
N PHE E 109 -3.89 32.18 -10.33
CA PHE E 109 -4.16 33.58 -9.98
C PHE E 109 -4.06 33.81 -8.48
N HIS E 110 -2.95 33.38 -7.88
CA HIS E 110 -2.74 33.48 -6.45
C HIS E 110 -2.42 34.92 -6.03
N PRO E 111 -3.15 35.45 -5.02
CA PRO E 111 -2.94 36.81 -4.51
C PRO E 111 -1.54 37.13 -4.02
N THR E 112 -0.81 36.12 -3.55
CA THR E 112 0.45 36.38 -2.87
C THR E 112 1.63 35.97 -3.73
N HIS E 113 1.38 35.56 -4.98
CA HIS E 113 2.46 35.16 -5.85
C HIS E 113 3.20 36.40 -6.33
N ILE E 114 4.49 36.24 -6.67
CA ILE E 114 5.29 37.31 -7.21
C ILE E 114 5.66 36.97 -8.64
N ASP E 115 6.18 37.98 -9.36
CA ASP E 115 6.75 37.74 -10.66
C ASP E 115 8.13 37.14 -10.50
N THR E 116 8.20 35.81 -10.57
CA THR E 116 9.42 35.08 -10.27
C THR E 116 10.47 35.29 -11.38
N THR E 117 9.98 35.49 -12.61
CA THR E 117 10.86 35.54 -13.78
C THR E 117 11.71 36.82 -13.76
N SER E 118 11.18 37.85 -13.08
CA SER E 118 11.73 39.20 -13.03
C SER E 118 12.87 39.36 -12.03
N PHE E 119 13.10 38.36 -11.18
CA PHE E 119 13.93 38.59 -10.01
C PHE E 119 15.40 38.74 -10.42
N PRO E 120 16.19 39.64 -9.78
CA PRO E 120 17.61 39.77 -10.07
C PRO E 120 18.51 38.62 -9.62
N PHE E 121 18.36 37.45 -10.25
CA PHE E 121 19.16 36.28 -9.95
C PHE E 121 20.66 36.59 -9.90
N GLU E 122 21.11 37.44 -10.82
CA GLU E 122 22.54 37.61 -10.99
C GLU E 122 23.11 38.34 -9.78
N GLN E 123 22.36 39.38 -9.34
CA GLN E 123 22.81 40.18 -8.23
C GLN E 123 22.80 39.33 -6.96
N TRP E 124 21.69 38.58 -6.78
CA TRP E 124 21.52 37.78 -5.58
C TRP E 124 22.69 36.82 -5.48
N ARG E 125 23.01 36.20 -6.61
CA ARG E 125 24.07 35.22 -6.70
C ARG E 125 25.40 35.88 -6.35
N LYS E 126 25.57 37.14 -6.79
CA LYS E 126 26.76 37.93 -6.51
C LYS E 126 26.93 38.12 -5.02
N TYR E 127 25.85 38.57 -4.36
CA TYR E 127 25.94 38.80 -2.93
C TYR E 127 26.17 37.50 -2.19
N PHE E 128 25.56 36.41 -2.70
CA PHE E 128 25.76 35.10 -2.10
C PHE E 128 27.25 34.77 -2.11
N LYS E 129 27.86 34.95 -3.29
CA LYS E 129 29.27 34.67 -3.53
C LYS E 129 30.13 35.48 -2.56
N GLN E 130 29.79 36.77 -2.35
CA GLN E 130 30.53 37.63 -1.43
C GLN E 130 30.41 37.16 0.01
N THR E 131 29.23 36.66 0.41
CA THR E 131 28.99 36.32 1.80
C THR E 131 29.50 34.92 2.16
N MET E 132 29.22 33.94 1.29
CA MET E 132 29.48 32.54 1.60
C MET E 132 30.87 32.17 1.10
N CYS E 133 31.89 32.35 1.96
CA CYS E 133 33.28 32.22 1.53
C CYS E 133 34.21 32.13 2.73
N LYS E 134 35.44 31.65 2.49
CA LYS E 134 36.37 31.25 3.54
C LYS E 134 36.60 32.36 4.58
N GLU E 135 36.60 33.62 4.14
CA GLU E 135 36.92 34.76 5.00
C GLU E 135 35.80 35.00 6.00
N ASN E 136 34.56 34.67 5.62
CA ASN E 136 33.39 34.84 6.46
C ASN E 136 33.04 33.55 7.20
N HIS E 137 34.04 32.70 7.44
CA HIS E 137 33.78 31.37 7.95
C HIS E 137 33.00 31.43 9.26
N ARG E 138 33.10 32.53 10.00
CA ARG E 138 32.45 32.59 11.30
C ARG E 138 30.93 32.70 11.14
N LEU E 139 30.47 33.10 9.95
CA LEU E 139 29.05 33.19 9.64
C LEU E 139 28.37 31.81 9.72
N LEU E 140 29.17 30.73 9.66
CA LEU E 140 28.60 29.39 9.74
C LEU E 140 28.13 29.05 11.15
N LEU E 141 28.69 29.72 12.18
CA LEU E 141 28.18 29.50 13.53
C LEU E 141 26.96 30.38 13.78
N ASN E 142 26.17 30.05 14.79
CA ASN E 142 24.91 30.78 14.97
C ASN E 142 25.19 32.18 15.52
N GLY E 143 24.39 33.13 15.01
CA GLY E 143 24.50 34.52 15.45
C GLY E 143 23.54 34.86 16.59
N ASP E 144 23.16 36.13 16.63
CA ASP E 144 22.23 36.62 17.64
C ASP E 144 20.87 36.01 17.29
N HIS E 145 20.22 35.38 18.29
CA HIS E 145 18.90 34.81 18.09
C HIS E 145 17.90 35.78 17.45
N GLN E 146 17.99 37.06 17.82
CA GLN E 146 16.97 38.03 17.47
C GLN E 146 17.14 38.46 16.01
N GLY E 147 18.31 38.16 15.45
CA GLY E 147 18.65 38.63 14.11
C GLY E 147 20.06 39.21 14.11
N GLU E 148 20.70 39.25 12.94
CA GLU E 148 21.99 39.90 12.83
C GLU E 148 21.82 41.42 13.07
N ALA E 149 22.75 41.97 13.87
CA ALA E 149 22.69 43.40 14.17
C ALA E 149 22.72 44.24 12.89
N SER E 150 23.65 43.92 11.97
CA SER E 150 23.68 44.53 10.65
C SER E 150 22.30 44.57 10.03
N PHE E 151 21.55 43.44 10.16
CA PHE E 151 20.38 43.29 9.33
C PHE E 151 19.25 44.05 10.01
N ARG E 152 19.23 43.97 11.35
CA ARG E 152 18.21 44.66 12.12
C ARG E 152 18.33 46.16 11.88
N ARG E 153 19.58 46.64 11.83
CA ARG E 153 19.91 48.04 11.55
C ARG E 153 19.32 48.47 10.20
N GLU E 154 19.60 47.73 9.12
CA GLU E 154 19.03 48.06 7.82
C GLU E 154 17.50 48.02 7.83
N ILE E 155 16.92 47.15 8.68
CA ILE E 155 15.48 47.00 8.69
C ILE E 155 14.91 48.29 9.28
N ALA E 156 15.52 48.72 10.39
CA ALA E 156 15.09 49.92 11.10
C ALA E 156 15.23 51.14 10.20
N TYR E 157 16.37 51.27 9.52
CA TYR E 157 16.54 52.29 8.50
C TYR E 157 15.43 52.22 7.44
N TYR E 158 15.29 51.06 6.79
CA TYR E 158 14.33 50.86 5.71
C TYR E 158 12.93 51.25 6.16
N LEU E 159 12.56 50.85 7.39
CA LEU E 159 11.18 50.98 7.81
C LEU E 159 10.88 52.44 8.06
N HIS E 160 11.92 53.19 8.48
CA HIS E 160 11.80 54.62 8.76
C HIS E 160 11.53 55.37 7.47
N HIS E 161 12.42 55.22 6.48
CA HIS E 161 12.25 55.90 5.21
C HIS E 161 10.98 55.51 4.46
N SER E 162 10.54 54.25 4.55
CA SER E 162 9.51 53.75 3.65
C SER E 162 8.13 53.88 4.27
N ARG E 163 8.05 53.79 5.61
CA ARG E 163 6.76 53.60 6.29
C ARG E 163 6.64 54.54 7.48
N GLY E 164 7.74 55.19 7.84
CA GLY E 164 7.73 56.13 8.95
C GLY E 164 7.79 55.41 10.29
N VAL E 165 8.32 54.21 10.28
CA VAL E 165 8.35 53.44 11.50
C VAL E 165 9.51 53.92 12.35
N ASN E 166 9.24 54.08 13.65
CA ASN E 166 10.30 54.53 14.51
C ASN E 166 10.66 53.41 15.46
N CYS E 167 11.88 52.88 15.31
CA CYS E 167 12.32 51.83 16.21
C CYS E 167 13.83 51.76 16.23
N THR E 168 14.38 51.18 17.29
CA THR E 168 15.80 50.87 17.36
C THR E 168 16.01 49.49 16.77
N PRO E 169 17.24 49.14 16.35
CA PRO E 169 17.53 47.79 15.92
C PRO E 169 17.24 46.72 16.98
N GLU E 170 17.28 47.12 18.25
CA GLU E 170 17.16 46.17 19.33
C GLU E 170 15.68 45.84 19.55
N GLN E 171 14.80 46.48 18.78
CA GLN E 171 13.38 46.23 18.89
C GLN E 171 12.89 45.36 17.72
N VAL E 172 13.83 45.04 16.82
CA VAL E 172 13.49 44.29 15.61
C VAL E 172 13.80 42.83 15.86
N VAL E 173 12.76 41.99 15.68
CA VAL E 173 12.93 40.54 15.76
C VAL E 173 12.76 39.94 14.36
N VAL E 174 13.79 39.18 13.94
CA VAL E 174 13.79 38.49 12.66
C VAL E 174 13.37 37.02 12.83
N GLY E 175 12.34 36.61 12.08
CA GLY E 175 11.91 35.23 12.10
C GLY E 175 11.46 34.66 10.75
N ALA E 176 11.34 33.33 10.71
CA ALA E 176 11.05 32.62 9.47
C ALA E 176 9.57 32.68 9.13
N GLY E 177 9.15 33.79 8.53
CA GLY E 177 7.76 33.96 8.15
C GLY E 177 6.90 34.53 9.29
N VAL E 178 5.83 35.19 8.87
CA VAL E 178 4.95 35.86 9.79
C VAL E 178 4.43 34.88 10.84
N GLU E 179 4.13 33.65 10.42
CA GLU E 179 3.56 32.66 11.32
C GLU E 179 4.54 32.36 12.45
N THR E 180 5.85 32.29 12.18
CA THR E 180 6.81 32.03 13.24
C THR E 180 6.75 33.12 14.30
N LEU E 181 6.63 34.38 13.84
CA LEU E 181 6.67 35.54 14.73
C LEU E 181 5.39 35.65 15.55
N LEU E 182 4.22 35.55 14.90
CA LEU E 182 2.97 35.49 15.66
C LEU E 182 2.98 34.39 16.73
N GLN E 183 3.60 33.24 16.46
CA GLN E 183 3.60 32.19 17.46
C GLN E 183 4.40 32.67 18.66
N GLN E 184 5.53 33.33 18.38
CA GLN E 184 6.37 33.77 19.49
C GLN E 184 5.64 34.86 20.25
N LEU E 185 4.92 35.68 19.50
CA LEU E 185 4.17 36.74 20.12
C LEU E 185 3.11 36.15 21.04
N PHE E 186 2.40 35.10 20.61
CA PHE E 186 1.32 34.52 21.40
C PHE E 186 1.86 34.02 22.73
N LEU E 187 3.04 33.39 22.69
CA LEU E 187 3.72 32.90 23.88
C LEU E 187 4.15 34.06 24.77
N LEU E 188 4.62 35.15 24.15
CA LEU E 188 5.17 36.29 24.87
C LEU E 188 4.08 37.00 25.66
N LEU E 189 2.96 37.34 25.01
CA LEU E 189 1.87 38.10 25.64
C LEU E 189 1.02 37.27 26.60
N GLY E 190 1.17 35.93 26.58
CA GLY E 190 0.49 35.08 27.54
C GLY E 190 -0.86 34.53 27.09
N GLU E 191 -1.31 33.53 27.86
CA GLU E 191 -2.37 32.60 27.53
C GLU E 191 -3.76 33.22 27.69
N SER E 192 -3.82 34.35 28.40
CA SER E 192 -5.07 34.98 28.79
C SER E 192 -5.56 35.97 27.74
N LYS E 193 -4.66 36.43 26.86
CA LYS E 193 -5.00 37.48 25.91
C LYS E 193 -6.10 36.99 24.96
N VAL E 194 -6.98 37.91 24.58
CA VAL E 194 -8.01 37.65 23.58
C VAL E 194 -7.75 38.52 22.34
N TYR E 195 -7.75 37.90 21.15
CA TYR E 195 -7.34 38.59 19.92
C TYR E 195 -8.56 38.95 19.09
N GLY E 196 -8.59 40.18 18.60
CA GLY E 196 -9.60 40.56 17.62
C GLY E 196 -8.97 40.55 16.24
N ILE E 197 -9.75 40.07 15.26
CA ILE E 197 -9.22 39.89 13.91
C ILE E 197 -10.20 40.43 12.89
N GLU E 198 -9.68 40.73 11.70
CA GLU E 198 -10.49 41.28 10.62
C GLU E 198 -11.28 40.17 9.95
N ASP E 199 -12.54 40.44 9.62
CA ASP E 199 -13.35 39.56 8.78
C ASP E 199 -14.08 40.40 7.72
N PRO E 200 -13.97 40.07 6.42
CA PRO E 200 -13.08 38.99 5.95
C PRO E 200 -11.61 39.41 6.03
N GLY E 201 -10.73 38.49 5.64
CA GLY E 201 -9.29 38.71 5.66
C GLY E 201 -8.52 37.40 5.48
N TYR E 202 -7.18 37.51 5.48
CA TYR E 202 -6.34 36.33 5.51
C TYR E 202 -6.70 35.51 6.75
N GLN E 203 -6.72 34.18 6.58
CA GLN E 203 -7.25 33.36 7.66
C GLN E 203 -6.15 32.90 8.61
N LEU E 204 -4.90 33.22 8.28
CA LEU E 204 -3.73 32.77 9.02
C LEU E 204 -3.89 32.97 10.52
N MET E 205 -4.39 34.15 10.89
CA MET E 205 -4.39 34.52 12.30
C MET E 205 -5.36 33.61 13.04
N ARG E 206 -6.56 33.48 12.49
CA ARG E 206 -7.57 32.62 13.10
C ARG E 206 -7.05 31.17 13.20
N LYS E 207 -6.49 30.70 12.09
CA LYS E 207 -6.01 29.33 11.98
C LYS E 207 -4.94 29.05 13.04
N LEU E 208 -3.92 29.91 13.15
CA LEU E 208 -2.89 29.75 14.16
C LEU E 208 -3.50 29.69 15.55
N LEU E 209 -4.50 30.54 15.78
CA LEU E 209 -5.00 30.70 17.14
C LEU E 209 -5.73 29.44 17.59
N SER E 210 -6.18 28.63 16.62
CA SER E 210 -6.85 27.39 16.96
C SER E 210 -5.95 26.44 17.76
N HIS E 211 -4.61 26.59 17.69
CA HIS E 211 -3.71 25.69 18.40
C HIS E 211 -3.29 26.24 19.76
N TYR E 212 -3.67 27.50 20.06
CA TYR E 212 -3.18 28.15 21.26
C TYR E 212 -4.33 28.35 22.22
N PRO E 213 -4.05 28.44 23.55
CA PRO E 213 -5.08 28.68 24.56
C PRO E 213 -6.00 29.88 24.27
N ASN E 214 -5.41 30.88 23.62
CA ASN E 214 -5.97 32.21 23.37
C ASN E 214 -7.21 32.14 22.49
N ASP E 215 -8.21 32.98 22.80
CA ASP E 215 -9.46 33.05 22.05
C ASP E 215 -9.42 34.20 21.06
N TYR E 216 -10.35 34.19 20.09
CA TYR E 216 -10.37 35.27 19.11
C TYR E 216 -11.81 35.76 18.94
N VAL E 217 -11.95 36.98 18.42
CA VAL E 217 -13.24 37.57 18.10
C VAL E 217 -13.06 38.27 16.75
N PRO E 218 -13.96 38.00 15.79
CA PRO E 218 -13.88 38.68 14.48
C PRO E 218 -14.65 39.99 14.52
N PHE E 219 -14.17 40.96 13.74
CA PHE E 219 -14.79 42.26 13.59
C PHE E 219 -14.90 42.60 12.11
N GLN E 220 -15.98 43.28 11.73
CA GLN E 220 -16.23 43.64 10.34
C GLN E 220 -15.21 44.68 9.87
N VAL E 221 -14.99 44.71 8.55
CA VAL E 221 -14.20 45.75 7.93
C VAL E 221 -15.06 46.42 6.86
N ASP E 222 -14.96 47.75 6.75
CA ASP E 222 -15.69 48.49 5.75
C ASP E 222 -14.73 49.42 5.00
N GLU E 223 -15.29 50.45 4.36
CA GLU E 223 -14.58 51.39 3.50
C GLU E 223 -13.47 52.08 4.31
N GLU E 224 -13.63 52.14 5.64
CA GLU E 224 -12.78 52.91 6.53
C GLU E 224 -11.96 52.01 7.46
N GLY E 225 -12.02 50.69 7.21
CA GLY E 225 -11.20 49.75 7.95
C GLY E 225 -11.98 48.98 9.02
N ILE E 226 -11.26 48.48 10.02
CA ILE E 226 -11.83 47.62 11.03
C ILE E 226 -12.84 48.40 11.89
N ASP E 227 -13.81 47.67 12.44
CA ASP E 227 -14.92 48.27 13.17
C ASP E 227 -14.49 48.57 14.61
N VAL E 228 -13.89 49.75 14.79
CA VAL E 228 -13.34 50.12 16.08
C VAL E 228 -14.46 50.29 17.11
N ASP E 229 -15.65 50.68 16.66
CA ASP E 229 -16.78 50.90 17.56
C ASP E 229 -17.10 49.61 18.30
N SER E 230 -17.13 48.49 17.56
CA SER E 230 -17.39 47.18 18.14
C SER E 230 -16.25 46.77 19.05
N ILE E 231 -15.01 47.04 18.63
CA ILE E 231 -13.86 46.60 19.40
C ILE E 231 -13.99 47.14 20.82
N VAL E 232 -14.33 48.42 20.90
CA VAL E 232 -14.36 49.19 22.13
C VAL E 232 -15.41 48.63 23.10
N ARG E 233 -16.44 47.99 22.56
CA ARG E 233 -17.53 47.43 23.35
C ARG E 233 -17.25 45.99 23.79
N THR E 234 -16.11 45.42 23.37
CA THR E 234 -15.93 43.98 23.31
C THR E 234 -14.71 43.62 24.18
N ALA E 235 -14.56 42.40 24.69
CA ALA E 235 -13.51 42.25 25.71
C ALA E 235 -12.13 41.82 25.19
N VAL E 236 -11.75 42.30 23.99
CA VAL E 236 -10.49 41.90 23.39
C VAL E 236 -9.32 42.68 24.00
N ASP E 237 -8.12 42.10 23.95
CA ASP E 237 -6.91 42.71 24.48
C ASP E 237 -5.96 43.11 23.36
N VAL E 238 -5.91 42.33 22.26
CA VAL E 238 -4.98 42.61 21.18
C VAL E 238 -5.76 42.67 19.88
N VAL E 239 -5.55 43.73 19.11
CA VAL E 239 -6.29 43.86 17.86
C VAL E 239 -5.31 43.70 16.72
N TYR E 240 -5.63 42.74 15.84
CA TYR E 240 -4.82 42.49 14.66
C TYR E 240 -5.49 43.18 13.48
N THR E 241 -4.75 44.06 12.79
CA THR E 241 -5.35 44.75 11.66
C THR E 241 -4.30 45.07 10.60
N THR E 242 -4.77 45.25 9.36
CA THR E 242 -3.94 45.60 8.20
C THR E 242 -4.33 47.01 7.75
N PRO E 243 -3.83 48.06 8.44
CA PRO E 243 -4.37 49.41 8.26
C PRO E 243 -4.05 50.06 6.92
N SER E 244 -2.92 49.66 6.31
CA SER E 244 -2.43 50.28 5.09
C SER E 244 -3.27 49.88 3.88
N ARG E 245 -3.73 48.63 3.84
CA ARG E 245 -4.45 48.09 2.70
C ARG E 245 -5.00 46.71 3.08
N HIS E 246 -6.27 46.69 3.45
CA HIS E 246 -6.95 45.50 3.92
C HIS E 246 -7.07 44.47 2.78
N PHE E 247 -6.94 43.19 3.13
CA PHE E 247 -7.14 42.15 2.13
C PHE E 247 -8.52 41.54 2.35
N PRO E 248 -9.35 41.37 1.31
CA PRO E 248 -8.94 41.59 -0.09
C PRO E 248 -9.36 42.88 -0.78
N TYR E 249 -10.20 43.69 -0.10
CA TYR E 249 -10.90 44.79 -0.73
C TYR E 249 -10.04 46.04 -0.90
N GLY E 250 -9.00 46.20 -0.06
CA GLY E 250 -8.06 47.29 -0.26
C GLY E 250 -8.29 48.50 0.65
N SER E 251 -9.34 48.43 1.47
CA SER E 251 -9.73 49.44 2.45
C SER E 251 -8.52 49.98 3.22
N VAL E 252 -8.57 51.27 3.59
CA VAL E 252 -7.57 51.88 4.44
C VAL E 252 -8.23 52.28 5.77
N LEU E 253 -7.52 52.01 6.88
CA LEU E 253 -8.04 52.40 8.19
C LEU E 253 -7.94 53.92 8.31
N SER E 254 -9.12 54.56 8.36
CA SER E 254 -9.28 56.00 8.37
C SER E 254 -8.56 56.60 9.58
N ILE E 255 -8.14 57.85 9.38
CA ILE E 255 -7.29 58.50 10.35
C ILE E 255 -8.04 58.69 11.68
N ASN E 256 -9.37 58.83 11.63
CA ASN E 256 -10.20 58.91 12.83
C ASN E 256 -10.08 57.61 13.61
N ARG E 257 -10.27 56.50 12.89
CA ARG E 257 -10.33 55.19 13.51
C ARG E 257 -8.96 54.82 14.07
N ARG E 258 -7.90 55.23 13.36
CA ARG E 258 -6.55 55.07 13.88
C ARG E 258 -6.43 55.72 15.27
N LYS E 259 -6.92 56.96 15.38
CA LYS E 259 -6.84 57.70 16.63
C LYS E 259 -7.69 57.02 17.69
N GLN E 260 -8.89 56.59 17.28
CA GLN E 260 -9.83 55.93 18.19
C GLN E 260 -9.22 54.64 18.73
N LEU E 261 -8.56 53.90 17.85
CA LEU E 261 -8.00 52.60 18.20
C LEU E 261 -6.81 52.79 19.13
N LEU E 262 -5.96 53.76 18.81
CA LEU E 262 -4.83 54.04 19.69
C LEU E 262 -5.32 54.49 21.06
N HIS E 263 -6.42 55.25 21.06
CA HIS E 263 -6.99 55.72 22.32
C HIS E 263 -7.42 54.49 23.14
N TRP E 264 -8.09 53.56 22.46
CA TRP E 264 -8.57 52.33 23.06
C TRP E 264 -7.41 51.60 23.73
N ALA E 265 -6.26 51.59 23.05
CA ALA E 265 -5.10 50.85 23.48
C ALA E 265 -4.45 51.52 24.69
N GLU E 266 -4.52 52.86 24.71
CA GLU E 266 -3.94 53.69 25.76
C GLU E 266 -4.68 53.48 27.07
N ALA E 267 -5.94 53.06 26.97
CA ALA E 267 -6.83 52.94 28.11
C ALA E 267 -6.50 51.80 29.06
N HIS E 268 -5.59 50.89 28.69
CA HIS E 268 -5.33 49.75 29.57
C HIS E 268 -3.92 49.19 29.34
N GLU E 269 -3.32 48.69 30.42
CA GLU E 269 -1.92 48.27 30.43
C GLU E 269 -1.73 47.02 29.55
N ASN E 270 -2.78 46.20 29.46
CA ASN E 270 -2.70 44.91 28.79
C ASN E 270 -3.03 44.96 27.30
N ARG E 271 -3.38 46.13 26.77
CA ARG E 271 -3.83 46.18 25.39
C ARG E 271 -2.66 46.47 24.44
N TYR E 272 -2.73 45.86 23.25
CA TYR E 272 -1.79 46.11 22.19
C TYR E 272 -2.49 46.07 20.84
N ILE E 273 -1.81 46.56 19.80
CA ILE E 273 -2.30 46.50 18.44
C ILE E 273 -1.22 45.85 17.57
N ILE E 274 -1.62 44.86 16.76
CA ILE E 274 -0.69 44.31 15.78
C ILE E 274 -1.00 44.94 14.42
N GLU E 275 0.00 45.65 13.91
CA GLU E 275 -0.13 46.24 12.59
C GLU E 275 0.58 45.33 11.61
N ASP E 276 -0.22 44.73 10.72
CA ASP E 276 0.31 43.86 9.70
C ASP E 276 0.52 44.68 8.43
N ASP E 277 1.77 44.74 7.98
CA ASP E 277 2.10 45.39 6.72
C ASP E 277 2.78 44.38 5.79
N TYR E 278 2.30 43.12 5.83
CA TYR E 278 2.66 42.07 4.91
C TYR E 278 2.43 42.55 3.47
N ASP E 279 1.38 43.35 3.28
CA ASP E 279 1.01 43.94 2.01
C ASP E 279 1.43 45.41 1.92
N SER E 280 2.74 45.69 2.00
CA SER E 280 3.16 47.10 2.13
C SER E 280 3.41 47.81 0.81
N GLU E 281 4.11 47.18 -0.15
CA GLU E 281 4.92 47.97 -1.05
C GLU E 281 4.22 48.47 -2.31
N PHE E 282 3.17 47.81 -2.81
CA PHE E 282 2.75 48.11 -4.18
C PHE E 282 1.43 48.87 -4.23
N ARG E 283 1.56 50.20 -4.09
CA ARG E 283 0.45 51.12 -4.22
C ARG E 283 0.71 52.02 -5.44
N TYR E 284 -0.36 52.28 -6.20
CA TYR E 284 -0.28 53.04 -7.44
C TYR E 284 -1.13 54.30 -7.36
N THR E 285 -2.18 54.32 -6.51
CA THR E 285 -2.81 55.60 -6.14
C THR E 285 -1.83 56.41 -5.29
N GLY E 286 -2.01 57.73 -5.29
CA GLY E 286 -1.13 58.63 -4.57
C GLY E 286 -1.56 58.85 -3.12
N LYS E 287 -2.53 58.06 -2.69
CA LYS E 287 -3.11 58.21 -1.36
C LYS E 287 -2.16 57.55 -0.36
N THR E 288 -0.89 57.95 -0.31
CA THR E 288 0.09 57.29 0.51
C THR E 288 0.00 57.83 1.95
N ILE E 289 -0.41 57.01 2.92
CA ILE E 289 -0.56 57.38 4.33
C ILE E 289 0.36 56.49 5.18
N PRO E 290 0.92 56.96 6.32
CA PRO E 290 2.00 56.25 7.02
C PRO E 290 1.54 55.12 7.95
N SER E 291 2.49 54.42 8.57
CA SER E 291 2.19 53.39 9.57
C SER E 291 1.46 53.96 10.79
N LEU E 292 0.55 53.15 11.32
CA LEU E 292 -0.09 53.40 12.59
C LEU E 292 0.98 53.41 13.68
N GLN E 293 2.08 52.70 13.46
CA GLN E 293 3.12 52.58 14.47
C GLN E 293 3.79 53.94 14.67
N SER E 294 3.82 54.72 13.58
CA SER E 294 4.46 56.03 13.57
C SER E 294 3.72 57.03 14.45
N MET E 295 2.37 56.88 14.57
CA MET E 295 1.54 57.64 15.50
C MET E 295 1.65 57.12 16.93
N ASP E 296 2.25 55.97 17.16
CA ASP E 296 2.11 55.40 18.49
C ASP E 296 3.17 56.02 19.38
N VAL E 297 2.71 56.65 20.46
CA VAL E 297 3.63 57.24 21.39
C VAL E 297 3.48 56.55 22.74
N HIS E 298 2.61 55.53 22.81
CA HIS E 298 2.42 54.87 24.08
C HIS E 298 2.92 53.43 24.16
N ASN E 299 3.72 52.98 23.18
CA ASN E 299 4.28 51.64 23.19
C ASN E 299 3.18 50.57 23.14
N LYS E 300 2.30 50.74 22.17
CA LYS E 300 1.06 49.97 22.11
C LYS E 300 1.01 49.15 20.81
N VAL E 301 1.80 49.55 19.80
CA VAL E 301 1.71 48.95 18.47
C VAL E 301 2.92 48.06 18.17
N ILE E 302 2.61 46.79 17.79
CA ILE E 302 3.57 45.81 17.31
C ILE E 302 3.50 45.80 15.78
N TYR E 303 4.67 45.97 15.13
CA TYR E 303 4.64 46.16 13.69
C TYR E 303 5.26 44.93 13.05
N LEU E 304 4.57 44.45 12.01
CA LEU E 304 4.86 43.15 11.45
C LEU E 304 5.02 43.31 9.95
N GLY E 305 6.13 42.79 9.44
CA GLY E 305 6.34 42.89 7.99
C GLY E 305 7.31 41.82 7.49
N ALA E 306 7.43 41.73 6.17
CA ALA E 306 8.18 40.60 5.61
C ALA E 306 8.66 40.89 4.21
N PHE E 307 9.79 40.23 3.88
CA PHE E 307 10.34 40.25 2.54
C PHE E 307 9.71 39.18 1.65
N SER E 308 8.36 39.11 1.55
CA SER E 308 7.75 38.15 0.66
C SER E 308 7.28 38.78 -0.65
N LYS E 309 6.42 39.82 -0.62
CA LYS E 309 5.93 40.38 -1.88
C LYS E 309 7.01 41.22 -2.59
N SER E 310 7.83 41.94 -1.81
CA SER E 310 9.16 42.36 -2.25
C SER E 310 10.02 41.11 -2.18
N LEU E 311 11.20 41.13 -2.80
CA LEU E 311 12.09 39.97 -2.70
C LEU E 311 11.47 38.60 -3.08
N ILE E 312 11.55 37.61 -2.16
CA ILE E 312 11.37 36.19 -2.45
C ILE E 312 10.57 35.47 -1.37
N PRO E 313 9.31 35.06 -1.60
CA PRO E 313 8.52 34.41 -0.54
C PRO E 313 9.18 33.18 0.11
N SER E 314 9.95 32.41 -0.67
CA SER E 314 10.35 31.09 -0.21
C SER E 314 11.60 31.15 0.66
N VAL E 315 12.15 32.34 0.86
CA VAL E 315 13.35 32.48 1.68
C VAL E 315 12.95 32.58 3.14
N ARG E 316 11.66 32.87 3.36
CA ARG E 316 11.02 32.96 4.65
C ARG E 316 11.78 33.92 5.57
N ILE E 317 11.82 35.21 5.18
CA ILE E 317 12.42 36.22 6.03
C ILE E 317 11.39 37.28 6.42
N SER E 318 11.12 37.37 7.72
CA SER E 318 10.12 38.30 8.23
C SER E 318 10.65 39.01 9.45
N TYR E 319 9.98 40.11 9.82
CA TYR E 319 10.43 40.89 10.97
C TYR E 319 9.20 41.35 11.75
N MET E 320 9.39 41.41 13.05
CA MET E 320 8.39 42.00 13.91
C MET E 320 9.10 43.06 14.78
N VAL E 321 8.49 44.26 14.85
CA VAL E 321 9.03 45.37 15.62
C VAL E 321 8.23 45.49 16.92
N LEU E 322 8.92 45.29 18.04
CA LEU E 322 8.26 45.29 19.34
C LEU E 322 8.43 46.65 20.03
N PRO E 323 7.37 47.20 20.66
CA PRO E 323 7.54 48.26 21.65
C PRO E 323 8.60 47.92 22.67
N ALA E 324 9.36 48.93 23.12
CA ALA E 324 10.63 48.65 23.76
C ALA E 324 10.48 47.84 25.05
N PRO E 325 9.45 48.02 25.91
CA PRO E 325 9.20 47.09 27.02
C PRO E 325 9.10 45.62 26.61
N LEU E 326 8.29 45.33 25.57
CA LEU E 326 8.11 43.99 25.02
C LEU E 326 9.44 43.45 24.49
N ALA E 327 10.19 44.29 23.79
CA ALA E 327 11.48 43.86 23.27
C ALA E 327 12.37 43.41 24.41
N HIS E 328 12.26 44.03 25.58
CA HIS E 328 13.20 43.69 26.65
C HIS E 328 12.76 42.37 27.25
N LEU E 329 11.44 42.21 27.35
CA LEU E 329 10.84 40.98 27.85
C LEU E 329 11.15 39.82 26.91
N TYR E 330 10.98 40.04 25.60
CA TYR E 330 11.36 39.08 24.59
C TYR E 330 12.81 38.63 24.78
N LYS E 331 13.76 39.57 24.84
CA LYS E 331 15.17 39.20 24.91
C LYS E 331 15.45 38.36 26.16
N ASN E 332 14.60 38.45 27.20
CA ASN E 332 14.82 37.70 28.43
C ASN E 332 14.19 36.32 28.36
N LYS E 333 12.89 36.33 27.98
CA LYS E 333 12.04 35.14 27.91
C LYS E 333 12.64 34.12 26.94
N PHE E 334 13.13 34.59 25.79
CA PHE E 334 13.58 33.72 24.72
C PHE E 334 15.10 33.78 24.56
N SER E 335 15.81 33.94 25.68
CA SER E 335 17.26 34.13 25.62
C SER E 335 17.97 32.93 25.03
N TYR E 336 17.36 31.75 25.12
CA TYR E 336 18.03 30.48 24.83
C TYR E 336 17.71 30.00 23.42
N TYR E 337 16.76 30.69 22.72
CA TYR E 337 16.43 30.38 21.34
C TYR E 337 17.60 30.64 20.40
N HIS E 338 17.46 30.15 19.18
CA HIS E 338 18.36 30.40 18.08
C HIS E 338 17.54 31.05 17.00
N SER E 339 18.22 31.72 16.06
CA SER E 339 17.48 32.33 14.97
C SER E 339 16.74 31.28 14.15
N THR E 340 15.58 31.64 13.59
CA THR E 340 14.99 30.75 12.62
C THR E 340 15.30 31.16 11.20
N VAL E 341 16.24 32.10 11.00
CA VAL E 341 16.58 32.54 9.65
C VAL E 341 18.08 32.39 9.42
N SER E 342 18.43 31.90 8.22
CA SER E 342 19.83 31.60 7.96
C SER E 342 20.67 32.87 8.11
N ARG E 343 21.75 32.82 8.92
CA ARG E 343 22.70 33.93 8.96
C ARG E 343 23.15 34.32 7.56
N ILE E 344 23.50 33.32 6.74
CA ILE E 344 24.02 33.60 5.43
C ILE E 344 23.01 34.47 4.69
N ASP E 345 21.73 34.12 4.81
CA ASP E 345 20.70 34.75 3.99
C ASP E 345 20.51 36.16 4.54
N GLN E 346 20.62 36.31 5.86
CA GLN E 346 20.50 37.60 6.51
C GLN E 346 21.59 38.53 5.99
N GLN E 347 22.85 38.07 6.05
CA GLN E 347 23.99 38.82 5.53
C GLN E 347 23.79 39.20 4.07
N VAL E 348 23.36 38.25 3.25
CA VAL E 348 23.14 38.49 1.84
C VAL E 348 22.12 39.62 1.71
N LEU E 349 20.96 39.50 2.35
CA LEU E 349 19.90 40.49 2.19
C LEU E 349 20.38 41.83 2.76
N THR E 350 21.17 41.78 3.85
CA THR E 350 21.74 42.98 4.44
C THR E 350 22.49 43.76 3.36
N ALA E 351 23.45 43.08 2.70
CA ALA E 351 24.22 43.67 1.60
C ALA E 351 23.30 44.20 0.51
N PHE E 352 22.40 43.35 0.03
CA PHE E 352 21.52 43.71 -1.07
C PHE E 352 20.81 45.03 -0.74
N MET E 353 20.57 45.27 0.55
CA MET E 353 19.80 46.43 0.95
C MET E 353 20.72 47.64 1.01
N LYS E 354 21.84 47.46 1.74
CA LYS E 354 22.81 48.50 2.00
C LYS E 354 23.31 49.15 0.68
N GLN E 355 23.65 48.34 -0.33
CA GLN E 355 24.19 48.86 -1.58
C GLN E 355 23.07 49.28 -2.54
N GLY E 356 21.83 49.38 -2.08
CA GLY E 356 20.82 50.07 -2.85
C GLY E 356 20.07 49.20 -3.86
N ASP E 357 20.52 47.94 -4.03
CA ASP E 357 19.93 46.98 -4.95
C ASP E 357 18.50 46.62 -4.53
N PHE E 358 18.26 46.52 -3.21
CA PHE E 358 16.90 46.30 -2.75
C PHE E 358 16.00 47.41 -3.26
N GLU E 359 16.50 48.66 -3.15
CA GLU E 359 15.64 49.78 -3.47
C GLU E 359 15.40 49.81 -4.98
N LYS E 360 16.45 49.48 -5.76
CA LYS E 360 16.31 49.36 -7.20
C LYS E 360 15.27 48.29 -7.54
N HIS E 361 15.41 47.12 -6.89
CA HIS E 361 14.50 46.00 -7.09
C HIS E 361 13.06 46.46 -6.91
N LEU E 362 12.80 47.13 -5.77
CA LEU E 362 11.46 47.55 -5.43
C LEU E 362 10.85 48.41 -6.55
N ASN E 363 11.66 49.34 -7.07
CA ASN E 363 11.16 50.31 -8.06
C ASN E 363 10.86 49.57 -9.35
N ARG E 364 11.80 48.72 -9.75
CA ARG E 364 11.68 47.93 -10.97
C ARG E 364 10.41 47.09 -10.93
N MET E 365 10.15 46.46 -9.77
CA MET E 365 9.02 45.58 -9.64
C MET E 365 7.73 46.39 -9.65
N ARG E 366 7.78 47.58 -9.02
CA ARG E 366 6.58 48.40 -8.90
C ARG E 366 6.07 48.73 -10.30
N LYS E 367 7.01 48.97 -11.21
CA LYS E 367 6.71 49.30 -12.59
C LYS E 367 6.05 48.10 -13.25
N ILE E 368 6.66 46.94 -13.09
CA ILE E 368 6.16 45.72 -13.71
C ILE E 368 4.73 45.40 -13.23
N TYR E 369 4.53 45.45 -11.91
CA TYR E 369 3.22 45.09 -11.39
C TYR E 369 2.17 46.10 -11.90
N ARG E 370 2.59 47.38 -12.00
CA ARG E 370 1.69 48.44 -12.46
C ARG E 370 1.22 48.13 -13.88
N ARG E 371 2.17 47.76 -14.76
CA ARG E 371 1.83 47.41 -16.14
C ARG E 371 0.83 46.27 -16.18
N LYS E 372 1.12 45.19 -15.44
CA LYS E 372 0.27 44.02 -15.41
C LYS E 372 -1.14 44.40 -15.00
N LEU E 373 -1.25 45.17 -13.91
CA LEU E 373 -2.55 45.54 -13.36
C LEU E 373 -3.33 46.35 -14.39
N GLU E 374 -2.62 47.26 -15.08
CA GLU E 374 -3.25 48.16 -16.04
C GLU E 374 -3.75 47.37 -17.24
N LYS E 375 -2.97 46.38 -17.70
CA LYS E 375 -3.40 45.52 -18.79
C LYS E 375 -4.66 44.76 -18.40
N VAL E 376 -4.68 44.28 -17.16
CA VAL E 376 -5.78 43.46 -16.67
C VAL E 376 -7.05 44.30 -16.61
N LEU E 377 -6.93 45.53 -16.10
CA LEU E 377 -8.07 46.41 -15.98
C LEU E 377 -8.55 46.80 -17.38
N SER E 378 -7.60 47.07 -18.27
CA SER E 378 -7.85 47.40 -19.67
C SER E 378 -8.79 46.35 -20.30
N LEU E 379 -8.50 45.08 -20.02
CA LEU E 379 -9.28 43.99 -20.57
C LEU E 379 -10.64 43.87 -19.88
N LEU E 380 -10.65 43.94 -18.54
CA LEU E 380 -11.85 43.62 -17.78
C LEU E 380 -12.90 44.74 -17.83
N LYS E 381 -12.46 45.98 -18.10
CA LYS E 381 -13.34 47.14 -18.10
C LYS E 381 -14.38 47.01 -19.21
N ARG E 382 -14.20 46.04 -20.11
CA ARG E 382 -15.06 45.84 -21.25
C ARG E 382 -16.38 45.16 -20.85
N TYR E 383 -16.44 44.64 -19.62
CA TYR E 383 -17.55 43.81 -19.17
C TYR E 383 -18.18 44.45 -17.94
N GLU E 384 -18.15 45.80 -17.91
CA GLU E 384 -18.37 46.64 -16.74
C GLU E 384 -19.78 46.45 -16.16
N ASP E 385 -20.66 45.77 -16.91
CA ASP E 385 -22.04 45.59 -16.50
C ASP E 385 -22.19 44.33 -15.65
N LYS E 386 -21.33 43.32 -15.87
CA LYS E 386 -21.53 42.00 -15.31
C LYS E 386 -20.37 41.55 -14.42
N LEU E 387 -19.23 42.25 -14.58
CA LEU E 387 -18.06 42.12 -13.71
C LEU E 387 -17.74 43.48 -13.10
N LEU E 388 -17.84 43.56 -11.77
CA LEU E 388 -17.41 44.75 -11.05
C LEU E 388 -16.11 44.48 -10.32
N ILE E 389 -15.20 45.45 -10.42
CA ILE E 389 -13.86 45.33 -9.83
C ILE E 389 -13.82 46.12 -8.51
N ILE E 390 -13.15 45.55 -7.49
CA ILE E 390 -12.99 46.21 -6.20
C ILE E 390 -11.49 46.24 -5.84
N GLY E 391 -11.05 47.40 -5.30
CA GLY E 391 -9.71 47.61 -4.77
C GLY E 391 -8.66 47.65 -5.88
N GLU E 392 -9.01 48.26 -7.00
CA GLU E 392 -8.33 48.02 -8.27
C GLU E 392 -6.97 48.72 -8.31
N ARG E 393 -6.72 49.67 -7.40
CA ARG E 393 -5.51 50.46 -7.53
C ARG E 393 -4.50 50.13 -6.44
N SER E 394 -4.61 48.92 -5.91
CA SER E 394 -3.71 48.47 -4.85
C SER E 394 -3.44 46.98 -4.96
N GLY E 395 -2.17 46.65 -4.74
CA GLY E 395 -1.76 45.26 -4.58
C GLY E 395 -1.60 44.54 -5.91
N LEU E 396 -1.42 43.23 -5.83
CA LEU E 396 -1.09 42.37 -6.96
C LEU E 396 -2.33 41.58 -7.38
N HIS E 397 -3.50 42.05 -6.94
CA HIS E 397 -4.73 41.30 -7.09
C HIS E 397 -5.92 42.25 -7.10
N ILE E 398 -7.05 41.74 -7.60
CA ILE E 398 -8.33 42.44 -7.65
C ILE E 398 -9.41 41.47 -7.19
N VAL E 399 -10.57 42.04 -6.83
CA VAL E 399 -11.75 41.24 -6.58
C VAL E 399 -12.75 41.51 -7.70
N LEU E 400 -13.32 40.43 -8.27
CA LEU E 400 -14.39 40.53 -9.24
C LEU E 400 -15.69 40.07 -8.57
N VAL E 401 -16.72 40.91 -8.67
CA VAL E 401 -18.09 40.49 -8.41
C VAL E 401 -18.66 40.01 -9.74
N VAL E 402 -19.16 38.78 -9.75
CA VAL E 402 -19.59 38.15 -11.00
C VAL E 402 -21.09 37.91 -10.95
N LYS E 403 -21.80 38.44 -11.95
CA LYS E 403 -23.25 38.39 -12.00
C LYS E 403 -23.71 37.41 -13.09
N ASN E 404 -23.11 36.22 -13.11
CA ASN E 404 -23.41 35.23 -14.12
C ASN E 404 -24.62 34.38 -13.78
N GLY E 405 -25.11 34.51 -12.53
CA GLY E 405 -26.07 33.56 -12.00
C GLY E 405 -25.44 32.20 -11.73
N MET E 406 -24.18 32.02 -12.17
CA MET E 406 -23.31 30.95 -11.70
C MET E 406 -22.92 31.28 -10.25
N ASP E 407 -22.96 30.26 -9.38
CA ASP E 407 -22.56 30.48 -8.01
C ASP E 407 -21.03 30.43 -7.91
N GLU E 408 -20.54 30.81 -6.72
CA GLU E 408 -19.11 30.92 -6.45
C GLU E 408 -18.41 29.60 -6.80
N GLN E 409 -18.98 28.49 -6.33
CA GLN E 409 -18.36 27.19 -6.49
C GLN E 409 -18.27 26.83 -7.98
N THR E 410 -19.34 27.12 -8.72
CA THR E 410 -19.45 26.85 -10.14
C THR E 410 -18.34 27.58 -10.89
N LEU E 411 -18.16 28.87 -10.53
CA LEU E 411 -17.18 29.73 -11.17
C LEU E 411 -15.77 29.17 -10.99
N VAL E 412 -15.48 28.68 -9.77
CA VAL E 412 -14.17 28.12 -9.42
C VAL E 412 -13.90 26.89 -10.28
N GLU E 413 -14.88 25.98 -10.30
CA GLU E 413 -14.76 24.69 -10.96
C GLU E 413 -14.59 24.85 -12.47
N LYS E 414 -15.40 25.73 -13.07
CA LYS E 414 -15.34 25.98 -14.50
C LYS E 414 -13.95 26.50 -14.88
N ALA E 415 -13.42 27.39 -14.03
CA ALA E 415 -12.11 27.97 -14.26
C ALA E 415 -11.04 26.88 -14.17
N LEU E 416 -11.18 25.99 -13.17
CA LEU E 416 -10.22 24.94 -12.90
C LEU E 416 -10.22 23.96 -14.06
N ALA E 417 -11.42 23.69 -14.58
CA ALA E 417 -11.58 22.88 -15.78
C ALA E 417 -10.80 23.48 -16.94
N ALA E 418 -10.73 24.82 -17.01
CA ALA E 418 -9.99 25.44 -18.09
C ALA E 418 -8.50 25.57 -17.76
N LYS E 419 -8.09 24.91 -16.67
CA LYS E 419 -6.70 24.86 -16.20
C LYS E 419 -6.25 26.21 -15.64
N ALA E 420 -7.20 26.94 -15.02
CA ALA E 420 -6.92 28.21 -14.35
C ALA E 420 -7.45 28.17 -12.92
N LYS E 421 -6.56 28.43 -11.96
CA LYS E 421 -6.92 28.40 -10.54
C LYS E 421 -7.28 29.81 -10.06
N VAL E 422 -8.50 29.95 -9.53
CA VAL E 422 -9.00 31.23 -9.04
C VAL E 422 -9.54 31.06 -7.62
N TYR E 423 -9.67 32.17 -6.88
CA TYR E 423 -9.80 32.09 -5.43
C TYR E 423 -11.13 32.66 -4.97
N PRO E 424 -12.00 31.80 -4.39
CA PRO E 424 -13.32 32.22 -3.92
C PRO E 424 -13.16 33.08 -2.68
N LEU E 425 -13.95 34.16 -2.60
CA LEU E 425 -13.81 35.08 -1.51
C LEU E 425 -14.24 34.44 -0.20
N SER E 426 -15.09 33.42 -0.28
CA SER E 426 -15.59 32.75 0.91
C SER E 426 -14.47 32.05 1.68
N ALA E 427 -13.32 31.90 1.00
CA ALA E 427 -12.14 31.29 1.58
C ALA E 427 -11.59 32.21 2.66
N TYR E 428 -12.05 33.46 2.65
CA TYR E 428 -11.46 34.53 3.43
C TYR E 428 -12.49 35.13 4.39
N SER E 429 -13.60 34.40 4.61
CA SER E 429 -14.78 34.95 5.28
C SER E 429 -15.38 33.93 6.27
N LEU E 430 -15.82 34.46 7.42
CA LEU E 430 -16.52 33.64 8.40
C LEU E 430 -18.04 33.72 8.18
N GLU E 431 -18.48 34.84 7.58
CA GLU E 431 -19.86 35.03 7.14
C GLU E 431 -20.10 34.15 5.92
N ARG E 432 -21.14 33.32 6.03
CA ARG E 432 -21.54 32.36 5.02
C ARG E 432 -22.11 33.05 3.79
N ALA E 433 -22.68 34.26 3.98
CA ALA E 433 -23.48 34.88 2.95
C ALA E 433 -22.57 35.69 2.02
N ILE E 434 -21.95 35.04 1.03
CA ILE E 434 -21.32 35.76 -0.07
C ILE E 434 -22.30 35.88 -1.23
N HIS E 435 -22.90 37.04 -1.44
CA HIS E 435 -23.64 37.27 -2.67
C HIS E 435 -23.53 38.75 -3.07
N PRO E 436 -23.38 39.09 -4.39
CA PRO E 436 -23.15 38.09 -5.45
C PRO E 436 -21.77 37.42 -5.32
N PRO E 437 -21.53 36.30 -6.04
CA PRO E 437 -20.24 35.61 -6.00
C PRO E 437 -19.07 36.55 -6.26
N GLN E 438 -17.99 36.37 -5.49
CA GLN E 438 -16.78 37.16 -5.68
C GLN E 438 -15.58 36.24 -5.79
N ILE E 439 -14.69 36.59 -6.74
CA ILE E 439 -13.47 35.85 -6.98
C ILE E 439 -12.29 36.81 -6.90
N VAL E 440 -11.22 36.35 -6.24
CA VAL E 440 -9.98 37.07 -6.14
C VAL E 440 -9.07 36.57 -7.25
N LEU E 441 -8.52 37.50 -8.04
CA LEU E 441 -7.51 37.17 -9.02
C LEU E 441 -6.22 37.91 -8.70
N GLY E 442 -5.12 37.16 -8.59
CA GLY E 442 -3.81 37.75 -8.43
C GLY E 442 -2.97 37.46 -9.66
N PHE E 443 -2.08 38.39 -9.99
CA PHE E 443 -1.42 38.35 -11.28
C PHE E 443 0.08 38.39 -11.08
N GLY E 444 0.52 38.08 -9.86
CA GLY E 444 1.95 38.08 -9.60
C GLY E 444 2.68 37.13 -10.53
N SER E 445 2.20 35.89 -10.58
CA SER E 445 2.88 34.78 -11.24
C SER E 445 2.52 34.68 -12.72
N ILE E 446 1.39 35.28 -13.15
CA ILE E 446 1.00 35.23 -14.55
C ILE E 446 1.99 36.07 -15.35
N PRO E 447 2.70 35.51 -16.36
CA PRO E 447 3.70 36.27 -17.10
C PRO E 447 3.04 37.37 -17.92
N GLU E 448 3.76 38.50 -18.05
CA GLU E 448 3.17 39.73 -18.54
C GLU E 448 2.62 39.54 -19.96
N ASP E 449 3.38 38.78 -20.76
CA ASP E 449 3.10 38.59 -22.18
C ASP E 449 2.02 37.52 -22.37
N GLU E 450 1.46 36.98 -21.28
CA GLU E 450 0.43 35.96 -21.41
C GLU E 450 -0.87 36.41 -20.71
N LEU E 451 -0.88 37.67 -20.24
CA LEU E 451 -1.98 38.13 -19.40
C LEU E 451 -3.30 38.05 -20.14
N GLU E 452 -3.32 38.48 -21.40
CA GLU E 452 -4.54 38.56 -22.19
C GLU E 452 -5.09 37.13 -22.37
N GLU E 453 -4.17 36.19 -22.67
CA GLU E 453 -4.53 34.80 -22.87
C GLU E 453 -5.14 34.23 -21.59
N ALA E 454 -4.50 34.54 -20.46
CA ALA E 454 -4.88 34.02 -19.16
C ALA E 454 -6.28 34.53 -18.77
N ILE E 455 -6.51 35.82 -18.96
CA ILE E 455 -7.79 36.39 -18.57
C ILE E 455 -8.86 35.82 -19.49
N ALA E 456 -8.51 35.72 -20.77
CA ALA E 456 -9.37 35.14 -21.78
C ALA E 456 -9.81 33.74 -21.36
N THR E 457 -8.84 32.91 -20.90
CA THR E 457 -9.12 31.55 -20.49
C THR E 457 -10.21 31.52 -19.41
N VAL E 458 -10.12 32.43 -18.43
CA VAL E 458 -11.04 32.43 -17.30
C VAL E 458 -12.40 32.92 -17.76
N LEU E 459 -12.39 34.03 -18.51
CA LEU E 459 -13.62 34.65 -18.98
C LEU E 459 -14.37 33.66 -19.87
N ASN E 460 -13.61 33.00 -20.74
CA ASN E 460 -14.16 32.05 -21.68
C ASN E 460 -14.85 30.91 -20.93
N ALA E 461 -14.19 30.38 -19.91
CA ALA E 461 -14.72 29.27 -19.13
C ALA E 461 -15.99 29.70 -18.40
N TRP E 462 -16.13 31.02 -18.18
CA TRP E 462 -17.28 31.57 -17.48
C TRP E 462 -18.37 31.95 -18.48
N GLY E 463 -18.15 31.64 -19.77
CA GLY E 463 -19.16 31.84 -20.79
C GLY E 463 -19.20 33.27 -21.33
N PHE E 464 -18.14 34.05 -21.07
CA PHE E 464 -18.06 35.37 -21.67
C PHE E 464 -17.48 35.29 -23.08
N LEU E 465 -17.86 36.28 -23.88
CA LEU E 465 -17.46 36.37 -25.26
C LEU E 465 -16.10 37.08 -25.28
N VAL E 466 -15.25 36.61 -26.22
CA VAL E 466 -13.84 36.99 -26.35
C VAL E 466 -13.61 37.56 -27.76
N ASP F 103 38.59 41.02 20.36
CA ASP F 103 37.55 40.36 21.22
C ASP F 103 38.04 40.29 22.68
N THR F 104 37.10 40.00 23.58
CA THR F 104 37.47 39.55 24.91
C THR F 104 37.84 38.07 24.91
N ILE F 105 37.20 37.29 24.00
CA ILE F 105 37.37 35.85 23.92
C ILE F 105 38.20 35.42 22.72
N ARG F 106 39.29 34.72 22.99
CA ARG F 106 40.24 34.30 21.97
C ARG F 106 39.93 32.86 21.56
N TYR F 107 39.60 32.04 22.57
CA TYR F 107 39.32 30.62 22.43
C TYR F 107 37.96 30.27 23.04
N ASN F 108 37.07 29.75 22.18
CA ASN F 108 35.70 29.43 22.59
C ASN F 108 35.46 27.92 22.53
N PHE F 109 35.44 27.30 23.71
CA PHE F 109 35.34 25.85 23.79
C PHE F 109 33.88 25.38 23.78
N HIS F 110 33.11 25.88 22.82
CA HIS F 110 31.70 25.56 22.72
C HIS F 110 31.46 24.14 22.21
N PRO F 111 30.62 23.36 22.94
CA PRO F 111 30.32 21.98 22.56
C PRO F 111 29.70 21.77 21.17
N THR F 112 29.00 22.79 20.67
CA THR F 112 28.23 22.61 19.45
C THR F 112 28.88 23.35 18.29
N HIS F 113 30.08 23.91 18.49
CA HIS F 113 30.76 24.60 17.41
C HIS F 113 31.32 23.59 16.44
N ILE F 114 31.47 24.00 15.18
CA ILE F 114 32.09 23.16 14.16
C ILE F 114 33.40 23.80 13.73
N ASP F 115 34.19 23.02 12.98
CA ASP F 115 35.37 23.58 12.33
C ASP F 115 34.94 24.33 11.08
N THR F 116 34.76 25.64 11.24
CA THR F 116 34.19 26.50 10.22
C THR F 116 35.16 26.68 9.06
N THR F 117 36.47 26.62 9.35
CA THR F 117 37.51 26.93 8.37
C THR F 117 37.57 25.83 7.30
N SER F 118 37.14 24.61 7.69
CA SER F 118 37.23 23.38 6.91
C SER F 118 36.10 23.24 5.88
N PHE F 119 35.09 24.11 5.92
CA PHE F 119 33.87 23.83 5.19
C PHE F 119 34.09 23.97 3.68
N PRO F 120 33.50 23.10 2.83
CA PRO F 120 33.61 23.24 1.37
C PRO F 120 32.88 24.42 0.73
N PHE F 121 33.36 25.64 1.03
CA PHE F 121 32.75 26.86 0.50
C PHE F 121 32.50 26.79 -1.00
N GLU F 122 33.48 26.22 -1.72
CA GLU F 122 33.46 26.32 -3.17
C GLU F 122 32.32 25.48 -3.72
N GLN F 123 32.15 24.28 -3.12
CA GLN F 123 31.14 23.36 -3.60
C GLN F 123 29.77 23.95 -3.29
N TRP F 124 29.63 24.47 -2.05
CA TRP F 124 28.35 25.00 -1.60
C TRP F 124 27.93 26.10 -2.57
N ARG F 125 28.90 26.96 -2.89
CA ARG F 125 28.67 28.09 -3.75
C ARG F 125 28.27 27.61 -5.14
N LYS F 126 28.87 26.50 -5.58
CA LYS F 126 28.58 25.86 -6.86
C LYS F 126 27.12 25.44 -6.90
N TYR F 127 26.70 24.71 -5.86
CA TYR F 127 25.32 24.22 -5.84
C TYR F 127 24.34 25.39 -5.75
N PHE F 128 24.76 26.44 -5.00
CA PHE F 128 23.94 27.63 -4.91
C PHE F 128 23.70 28.19 -6.31
N LYS F 129 24.80 28.32 -7.07
CA LYS F 129 24.79 28.84 -8.43
C LYS F 129 23.84 28.02 -9.30
N GLN F 130 23.89 26.68 -9.17
CA GLN F 130 23.04 25.80 -9.95
C GLN F 130 21.57 25.97 -9.59
N THR F 131 21.27 26.20 -8.31
CA THR F 131 19.88 26.27 -7.86
C THR F 131 19.24 27.63 -8.07
N MET F 132 19.98 28.70 -7.70
CA MET F 132 19.42 30.05 -7.67
C MET F 132 19.69 30.72 -9.03
N CYS F 133 18.72 30.57 -9.95
CA CYS F 133 18.93 30.98 -11.33
C CYS F 133 17.60 30.99 -12.09
N LYS F 134 17.58 31.68 -13.24
CA LYS F 134 16.37 32.03 -13.97
C LYS F 134 15.52 30.80 -14.28
N GLU F 135 16.17 29.63 -14.55
CA GLU F 135 15.42 28.45 -14.97
C GLU F 135 14.64 27.86 -13.79
N ASN F 136 15.14 28.06 -12.57
CA ASN F 136 14.50 27.56 -11.36
C ASN F 136 13.63 28.62 -10.70
N HIS F 137 13.14 29.57 -11.50
CA HIS F 137 12.47 30.73 -10.95
C HIS F 137 11.31 30.34 -10.03
N ARG F 138 10.73 29.15 -10.26
CA ARG F 138 9.55 28.77 -9.50
C ARG F 138 9.92 28.44 -8.05
N LEU F 139 11.22 28.18 -7.79
CA LEU F 139 11.72 27.94 -6.45
C LEU F 139 11.48 29.14 -5.53
N LEU F 140 11.26 30.32 -6.11
CA LEU F 140 11.04 31.53 -5.32
C LEU F 140 9.65 31.54 -4.71
N LEU F 141 8.70 30.78 -5.24
CA LEU F 141 7.41 30.65 -4.56
C LEU F 141 7.50 29.59 -3.48
N ASN F 142 6.54 29.61 -2.53
CA ASN F 142 6.62 28.68 -1.43
C ASN F 142 6.31 27.25 -1.87
N GLY F 143 7.08 26.29 -1.32
CA GLY F 143 6.90 24.89 -1.63
C GLY F 143 5.95 24.16 -0.68
N ASP F 144 6.19 22.85 -0.56
CA ASP F 144 5.42 22.03 0.37
C ASP F 144 5.84 22.46 1.77
N HIS F 145 4.86 22.77 2.63
CA HIS F 145 5.14 23.16 4.00
C HIS F 145 6.03 22.17 4.74
N GLN F 146 5.87 20.88 4.45
CA GLN F 146 6.50 19.82 5.22
C GLN F 146 7.98 19.71 4.82
N GLY F 147 8.32 20.31 3.67
CA GLY F 147 9.66 20.17 3.11
C GLY F 147 9.56 19.82 1.61
N GLU F 148 10.61 20.08 0.86
CA GLU F 148 10.65 19.65 -0.54
C GLU F 148 10.70 18.13 -0.60
N ALA F 149 9.89 17.56 -1.49
CA ALA F 149 9.86 16.10 -1.64
C ALA F 149 11.25 15.55 -1.97
N SER F 150 11.95 16.16 -2.94
CA SER F 150 13.33 15.78 -3.22
C SER F 150 14.15 15.72 -1.93
N PHE F 151 13.92 16.67 -1.01
CA PHE F 151 14.85 16.81 0.10
C PHE F 151 14.49 15.77 1.16
N ARG F 152 13.17 15.58 1.32
CA ARG F 152 12.67 14.61 2.27
C ARG F 152 13.17 13.22 1.87
N ARG F 153 13.15 12.95 0.56
CA ARG F 153 13.66 11.72 -0.04
C ARG F 153 15.11 11.46 0.33
N GLU F 154 15.99 12.45 0.10
CA GLU F 154 17.39 12.31 0.47
C GLU F 154 17.57 12.10 1.97
N ILE F 155 16.65 12.67 2.77
CA ILE F 155 16.79 12.59 4.21
C ILE F 155 16.54 11.14 4.60
N ALA F 156 15.45 10.58 4.03
CA ALA F 156 15.04 9.21 4.29
C ALA F 156 16.13 8.24 3.86
N TYR F 157 16.67 8.44 2.67
CA TYR F 157 17.84 7.69 2.23
C TYR F 157 19.00 7.79 3.25
N TYR F 158 19.43 9.03 3.53
CA TYR F 158 20.56 9.28 4.42
C TYR F 158 20.36 8.59 5.77
N LEU F 159 19.13 8.68 6.30
CA LEU F 159 18.91 8.25 7.67
C LEU F 159 18.96 6.73 7.74
N HIS F 160 18.56 6.09 6.62
CA HIS F 160 18.58 4.64 6.52
C HIS F 160 20.01 4.13 6.55
N HIS F 161 20.84 4.63 5.60
CA HIS F 161 22.22 4.17 5.53
C HIS F 161 23.03 4.51 6.78
N SER F 162 22.77 5.65 7.43
CA SER F 162 23.68 6.13 8.46
C SER F 162 23.26 5.65 9.84
N ARG F 163 21.94 5.46 10.06
CA ARG F 163 21.42 5.30 11.41
C ARG F 163 20.43 4.13 11.51
N GLY F 164 20.08 3.58 10.34
CA GLY F 164 19.18 2.47 10.27
C GLY F 164 17.72 2.88 10.49
N VAL F 165 17.45 4.14 10.15
CA VAL F 165 16.12 4.64 10.41
C VAL F 165 15.24 4.18 9.26
N ASN F 166 14.03 3.76 9.61
CA ASN F 166 13.15 3.31 8.54
C ASN F 166 12.00 4.28 8.48
N CYS F 167 11.91 5.04 7.38
CA CYS F 167 10.78 5.94 7.24
C CYS F 167 10.56 6.24 5.76
N THR F 168 9.34 6.67 5.44
CA THR F 168 9.04 7.16 4.11
C THR F 168 9.33 8.66 4.10
N PRO F 169 9.51 9.27 2.91
CA PRO F 169 9.65 10.71 2.79
C PRO F 169 8.46 11.49 3.33
N GLU F 170 7.30 10.84 3.39
CA GLU F 170 6.08 11.53 3.75
C GLU F 170 6.00 11.60 5.27
N GLN F 171 6.97 11.00 5.96
CA GLN F 171 6.96 11.03 7.42
C GLN F 171 8.03 12.03 7.91
N VAL F 172 8.74 12.66 6.95
CA VAL F 172 9.84 13.56 7.28
C VAL F 172 9.31 14.99 7.27
N VAL F 173 9.47 15.68 8.41
CA VAL F 173 9.14 17.09 8.53
C VAL F 173 10.42 17.92 8.66
N VAL F 174 10.56 18.90 7.75
CA VAL F 174 11.70 19.81 7.73
C VAL F 174 11.33 21.14 8.40
N GLY F 175 12.14 21.54 9.41
CA GLY F 175 11.94 22.83 10.06
C GLY F 175 13.22 23.55 10.48
N ALA F 176 13.06 24.84 10.83
CA ALA F 176 14.19 25.72 11.10
C ALA F 176 14.71 25.51 12.52
N GLY F 177 15.55 24.49 12.67
CA GLY F 177 16.10 24.16 13.96
C GLY F 177 15.19 23.30 14.84
N VAL F 178 15.86 22.58 15.74
CA VAL F 178 15.17 21.65 16.61
C VAL F 178 14.02 22.33 17.36
N GLU F 179 14.26 23.58 17.81
CA GLU F 179 13.26 24.27 18.60
C GLU F 179 11.97 24.47 17.80
N THR F 180 12.08 24.76 16.50
CA THR F 180 10.88 24.95 15.68
C THR F 180 10.04 23.68 15.68
N LEU F 181 10.73 22.52 15.56
CA LEU F 181 10.04 21.24 15.39
C LEU F 181 9.42 20.79 16.70
N LEU F 182 10.19 20.85 17.81
CA LEU F 182 9.59 20.58 19.11
C LEU F 182 8.35 21.43 19.38
N GLN F 183 8.34 22.70 18.94
CA GLN F 183 7.17 23.51 19.22
C GLN F 183 5.99 22.93 18.46
N GLN F 184 6.23 22.51 17.21
CA GLN F 184 5.13 21.99 16.43
C GLN F 184 4.65 20.69 17.06
N LEU F 185 5.64 19.94 17.55
CA LEU F 185 5.30 18.68 18.19
C LEU F 185 4.43 18.94 19.42
N PHE F 186 4.77 19.93 20.24
CA PHE F 186 4.04 20.22 21.46
C PHE F 186 2.58 20.52 21.16
N LEU F 187 2.35 21.28 20.09
CA LEU F 187 1.02 21.64 19.62
C LEU F 187 0.30 20.40 19.12
N LEU F 188 1.03 19.52 18.43
CA LEU F 188 0.47 18.34 17.78
C LEU F 188 -0.05 17.35 18.81
N LEU F 189 0.79 17.00 19.80
CA LEU F 189 0.45 16.00 20.80
C LEU F 189 -0.51 16.52 21.87
N GLY F 190 -0.74 17.84 21.94
CA GLY F 190 -1.72 18.40 22.87
C GLY F 190 -1.18 18.83 24.24
N GLU F 191 -2.05 19.60 24.91
CA GLU F 191 -1.75 20.40 26.08
C GLU F 191 -1.64 19.57 27.35
N SER F 192 -2.14 18.34 27.31
CA SER F 192 -2.28 17.49 28.48
C SER F 192 -1.01 16.65 28.69
N LYS F 193 -0.19 16.48 27.65
CA LYS F 193 0.94 15.58 27.73
C LYS F 193 1.94 16.06 28.79
N VAL F 194 2.57 15.08 29.46
CA VAL F 194 3.65 15.34 30.39
C VAL F 194 4.96 14.78 29.86
N TYR F 195 6.02 15.60 29.84
CA TYR F 195 7.28 15.23 29.17
C TYR F 195 8.32 14.85 30.22
N GLY F 196 9.00 13.73 29.97
CA GLY F 196 10.14 13.40 30.79
C GLY F 196 11.41 13.76 30.03
N ILE F 197 12.40 14.30 30.75
CA ILE F 197 13.61 14.80 30.11
C ILE F 197 14.83 14.31 30.89
N GLU F 198 15.98 14.31 30.20
CA GLU F 198 17.22 13.85 30.80
C GLU F 198 17.79 14.95 31.71
N ASP F 199 18.32 14.57 32.87
CA ASP F 199 19.11 15.45 33.71
C ASP F 199 20.37 14.73 34.17
N PRO F 200 21.59 15.30 33.96
CA PRO F 200 21.74 16.54 33.20
C PRO F 200 21.54 16.32 31.70
N GLY F 201 21.65 17.39 30.92
CA GLY F 201 21.48 17.38 29.48
C GLY F 201 21.33 18.79 28.91
N TYR F 202 21.19 18.89 27.60
CA TYR F 202 20.85 20.16 26.98
C TYR F 202 19.54 20.66 27.59
N GLN F 203 19.45 21.97 27.82
CA GLN F 203 18.33 22.48 28.61
C GLN F 203 17.20 22.94 27.69
N LEU F 204 17.41 22.87 26.37
CA LEU F 204 16.46 23.41 25.40
C LEU F 204 15.03 22.94 25.68
N MET F 205 14.92 21.66 25.98
CA MET F 205 13.62 21.02 26.09
C MET F 205 12.88 21.64 27.29
N ARG F 206 13.58 21.67 28.43
CA ARG F 206 12.99 22.22 29.63
C ARG F 206 12.57 23.68 29.40
N LYS F 207 13.51 24.44 28.80
CA LYS F 207 13.31 25.86 28.59
C LYS F 207 12.09 26.10 27.73
N LEU F 208 12.00 25.42 26.57
CA LEU F 208 10.83 25.57 25.70
C LEU F 208 9.54 25.27 26.45
N LEU F 209 9.59 24.23 27.29
CA LEU F 209 8.36 23.75 27.88
C LEU F 209 7.81 24.76 28.88
N SER F 210 8.68 25.65 29.38
CA SER F 210 8.23 26.69 30.30
C SER F 210 7.17 27.60 29.67
N HIS F 211 7.10 27.69 28.34
CA HIS F 211 6.14 28.58 27.68
C HIS F 211 4.86 27.86 27.27
N TYR F 212 4.82 26.53 27.46
CA TYR F 212 3.67 25.77 26.99
C TYR F 212 2.93 25.21 28.21
N PRO F 213 1.62 24.92 28.08
CA PRO F 213 0.82 24.36 29.17
C PRO F 213 1.43 23.11 29.82
N ASN F 214 2.15 22.33 29.01
CA ASN F 214 2.67 21.00 29.32
C ASN F 214 3.71 21.06 30.44
N ASP F 215 3.68 20.05 31.33
CA ASP F 215 4.64 19.95 32.42
C ASP F 215 5.77 19.00 32.07
N TYR F 216 6.84 19.04 32.85
CA TYR F 216 7.97 18.17 32.59
C TYR F 216 8.40 17.53 33.90
N VAL F 217 9.13 16.42 33.79
CA VAL F 217 9.71 15.72 34.92
C VAL F 217 11.11 15.30 34.49
N PRO F 218 12.14 15.60 35.30
CA PRO F 218 13.51 15.21 34.96
C PRO F 218 13.77 13.81 35.51
N PHE F 219 14.65 13.07 34.79
CA PHE F 219 15.07 11.75 35.20
C PHE F 219 16.58 11.67 35.09
N GLN F 220 17.20 10.90 36.00
CA GLN F 220 18.64 10.74 36.03
C GLN F 220 19.12 9.98 34.82
N VAL F 221 20.38 10.22 34.43
CA VAL F 221 21.05 9.43 33.43
C VAL F 221 22.31 8.85 34.05
N ASP F 222 22.61 7.59 33.74
CA ASP F 222 23.80 6.92 34.25
C ASP F 222 24.54 6.27 33.08
N GLU F 223 25.40 5.29 33.41
CA GLU F 223 26.28 4.63 32.47
C GLU F 223 25.46 3.96 31.37
N GLU F 224 24.19 3.65 31.67
CA GLU F 224 23.33 2.85 30.80
C GLU F 224 22.17 3.68 30.24
N GLY F 225 22.20 5.00 30.47
CA GLY F 225 21.25 5.91 29.88
C GLY F 225 20.19 6.38 30.87
N ILE F 226 19.06 6.82 30.32
CA ILE F 226 18.00 7.42 31.14
C ILE F 226 17.41 6.36 32.09
N ASP F 227 16.86 6.85 33.21
CA ASP F 227 16.36 5.99 34.26
C ASP F 227 14.95 5.50 33.92
N VAL F 228 14.88 4.41 33.16
CA VAL F 228 13.61 3.90 32.68
C VAL F 228 12.76 3.39 33.86
N ASP F 229 13.43 2.90 34.92
CA ASP F 229 12.71 2.35 36.06
C ASP F 229 11.82 3.43 36.67
N SER F 230 12.38 4.64 36.82
CA SER F 230 11.65 5.78 37.36
C SER F 230 10.55 6.22 36.40
N ILE F 231 10.85 6.21 35.09
CA ILE F 231 9.89 6.71 34.13
C ILE F 231 8.59 5.91 34.29
N VAL F 232 8.74 4.59 34.43
CA VAL F 232 7.64 3.63 34.43
C VAL F 232 6.75 3.86 35.65
N ARG F 233 7.31 4.43 36.72
CA ARG F 233 6.58 4.66 37.96
C ARG F 233 5.89 6.03 37.96
N THR F 234 6.07 6.83 36.89
CA THR F 234 5.94 8.28 37.01
C THR F 234 4.81 8.97 36.27
N ALA F 235 4.00 8.33 35.46
CA ALA F 235 2.92 9.12 34.84
C ALA F 235 3.34 10.20 33.82
N VAL F 236 4.55 10.14 33.25
CA VAL F 236 4.87 10.88 32.03
C VAL F 236 4.23 10.22 30.82
N ASP F 237 4.01 10.96 29.75
CA ASP F 237 3.44 10.46 28.51
C ASP F 237 4.48 10.45 27.38
N VAL F 238 5.41 11.41 27.36
CA VAL F 238 6.38 11.49 26.29
C VAL F 238 7.78 11.55 26.89
N VAL F 239 8.69 10.71 26.41
CA VAL F 239 10.02 10.69 26.98
C VAL F 239 10.97 11.20 25.92
N TYR F 240 11.72 12.24 26.31
CA TYR F 240 12.73 12.82 25.44
C TYR F 240 14.08 12.26 25.86
N THR F 241 14.80 11.64 24.94
CA THR F 241 16.08 11.03 25.30
C THR F 241 17.04 11.04 24.12
N THR F 242 18.34 11.00 24.42
CA THR F 242 19.43 10.98 23.44
C THR F 242 20.13 9.62 23.55
N PRO F 243 19.56 8.54 23.00
CA PRO F 243 19.99 7.18 23.31
C PRO F 243 21.37 6.82 22.75
N SER F 244 21.76 7.44 21.63
CA SER F 244 22.99 7.10 20.94
C SER F 244 24.23 7.59 21.70
N ARG F 245 24.12 8.77 22.31
CA ARG F 245 25.25 9.42 22.98
C ARG F 245 24.72 10.62 23.77
N HIS F 246 24.52 10.41 25.06
CA HIS F 246 23.97 11.40 25.96
C HIS F 246 24.92 12.59 26.10
N PHE F 247 24.36 13.79 26.21
CA PHE F 247 25.18 14.96 26.47
C PHE F 247 25.05 15.33 27.95
N PRO F 248 26.16 15.56 28.68
CA PRO F 248 27.51 15.64 28.11
C PRO F 248 28.44 14.44 28.22
N TYR F 249 28.01 13.42 28.99
CA TYR F 249 28.92 12.36 29.42
C TYR F 249 29.15 11.29 28.35
N GLY F 250 28.21 11.12 27.42
CA GLY F 250 28.45 10.22 26.30
C GLY F 250 27.79 8.85 26.45
N SER F 251 27.12 8.63 27.58
CA SER F 251 26.36 7.42 27.92
C SER F 251 25.53 6.92 26.73
N VAL F 252 25.39 5.59 26.63
CA VAL F 252 24.52 4.96 25.64
C VAL F 252 23.38 4.23 26.35
N LEU F 253 22.14 4.39 25.83
CA LEU F 253 21.00 3.70 26.40
C LEU F 253 21.11 2.21 26.08
N SER F 254 21.32 1.43 27.15
CA SER F 254 21.57 -0.01 27.09
C SER F 254 20.40 -0.72 26.44
N ILE F 255 20.73 -1.85 25.83
CA ILE F 255 19.79 -2.57 25.01
C ILE F 255 18.60 -3.06 25.84
N ASN F 256 18.82 -3.37 27.14
CA ASN F 256 17.73 -3.73 28.03
C ASN F 256 16.75 -2.57 28.17
N ARG F 257 17.32 -1.40 28.45
CA ARG F 257 16.52 -0.23 28.76
C ARG F 257 15.76 0.21 27.51
N ARG F 258 16.40 0.07 26.32
CA ARG F 258 15.71 0.31 25.07
C ARG F 258 14.43 -0.53 24.99
N LYS F 259 14.57 -1.83 25.30
CA LYS F 259 13.45 -2.75 25.22
C LYS F 259 12.39 -2.38 26.24
N GLN F 260 12.86 -2.06 27.46
CA GLN F 260 11.96 -1.70 28.54
C GLN F 260 11.18 -0.43 28.22
N LEU F 261 11.86 0.52 27.60
CA LEU F 261 11.25 1.81 27.28
C LEU F 261 10.23 1.63 26.17
N LEU F 262 10.60 0.86 25.14
CA LEU F 262 9.65 0.61 24.07
C LEU F 262 8.44 -0.14 24.61
N HIS F 263 8.68 -1.05 25.58
CA HIS F 263 7.59 -1.79 26.18
C HIS F 263 6.64 -0.80 26.85
N TRP F 264 7.24 0.14 27.59
CA TRP F 264 6.50 1.16 28.33
C TRP F 264 5.59 1.92 27.36
N ALA F 265 6.12 2.20 26.17
CA ALA F 265 5.45 3.03 25.19
C ALA F 265 4.30 2.26 24.55
N GLU F 266 4.51 0.94 24.40
CA GLU F 266 3.56 0.03 23.76
C GLU F 266 2.31 -0.11 24.64
N ALA F 267 2.46 0.17 25.96
CA ALA F 267 1.44 -0.06 26.93
C ALA F 267 0.25 0.90 26.85
N HIS F 268 0.34 1.96 26.05
CA HIS F 268 -0.70 2.99 26.10
C HIS F 268 -0.70 3.84 24.82
N GLU F 269 -1.89 4.23 24.39
CA GLU F 269 -2.11 4.89 23.10
C GLU F 269 -1.46 6.27 23.09
N ASN F 270 -1.37 6.90 24.27
CA ASN F 270 -0.93 8.28 24.38
C ASN F 270 0.58 8.43 24.54
N ARG F 271 1.33 7.33 24.59
CA ARG F 271 2.75 7.44 24.90
C ARG F 271 3.58 7.54 23.63
N TYR F 272 4.66 8.34 23.70
CA TYR F 272 5.63 8.43 22.62
C TYR F 272 7.02 8.60 23.18
N ILE F 273 8.02 8.37 22.31
CA ILE F 273 9.41 8.57 22.66
C ILE F 273 10.01 9.52 21.62
N ILE F 274 10.68 10.58 22.11
CA ILE F 274 11.42 11.44 21.19
C ILE F 274 12.89 11.05 21.27
N GLU F 275 13.40 10.59 20.12
CA GLU F 275 14.79 10.17 20.04
C GLU F 275 15.53 11.33 19.39
N ASP F 276 16.40 11.95 20.19
CA ASP F 276 17.21 13.05 19.72
C ASP F 276 18.55 12.50 19.26
N ASP F 277 18.85 12.70 17.97
CA ASP F 277 20.15 12.34 17.42
C ASP F 277 20.83 13.58 16.82
N TYR F 278 20.66 14.73 17.52
CA TYR F 278 21.31 15.99 17.18
C TYR F 278 22.82 15.77 17.15
N ASP F 279 23.31 14.86 18.02
CA ASP F 279 24.71 14.59 18.17
C ASP F 279 25.25 13.41 17.35
N SER F 280 24.73 13.01 16.18
CA SER F 280 24.89 11.62 15.79
C SER F 280 26.19 11.20 15.10
N GLU F 281 26.86 12.09 14.37
CA GLU F 281 27.74 11.64 13.31
C GLU F 281 29.19 11.31 13.73
N PHE F 282 29.71 11.88 14.83
CA PHE F 282 31.14 11.75 15.05
C PHE F 282 31.47 10.82 16.21
N ARG F 283 31.47 9.51 15.87
CA ARG F 283 31.85 8.46 16.78
C ARG F 283 33.14 7.84 16.26
N TYR F 284 34.04 7.55 17.21
CA TYR F 284 35.35 7.04 16.88
C TYR F 284 35.56 5.66 17.53
N THR F 285 34.87 5.40 18.64
CA THR F 285 35.14 4.26 19.50
C THR F 285 33.82 3.71 20.04
N GLY F 286 33.86 2.46 20.50
CA GLY F 286 32.70 1.77 21.02
C GLY F 286 31.92 1.07 19.91
N LYS F 287 30.88 0.35 20.33
CA LYS F 287 29.99 -0.37 19.43
C LYS F 287 29.13 0.65 18.70
N THR F 288 29.05 0.50 17.37
CA THR F 288 28.24 1.39 16.55
C THR F 288 26.78 0.92 16.62
N ILE F 289 26.04 1.31 17.66
CA ILE F 289 24.70 0.76 17.91
C ILE F 289 23.64 1.60 17.19
N PRO F 290 22.53 1.01 16.67
CA PRO F 290 21.61 1.74 15.79
C PRO F 290 20.59 2.62 16.52
N SER F 291 19.73 3.31 15.75
CA SER F 291 18.64 4.09 16.30
C SER F 291 17.63 3.22 17.05
N LEU F 292 17.08 3.77 18.13
CA LEU F 292 15.96 3.20 18.83
C LEU F 292 14.76 3.15 17.90
N GLN F 293 14.73 4.04 16.90
CA GLN F 293 13.61 4.12 15.97
C GLN F 293 13.56 2.86 15.14
N SER F 294 14.74 2.29 14.89
CA SER F 294 14.90 1.11 14.04
C SER F 294 14.28 -0.12 14.73
N MET F 295 14.30 -0.19 16.06
CA MET F 295 13.63 -1.21 16.85
C MET F 295 12.13 -0.95 17.00
N ASP F 296 11.65 0.25 16.63
CA ASP F 296 10.28 0.54 17.00
C ASP F 296 9.37 -0.12 15.96
N VAL F 297 8.47 -0.99 16.45
CA VAL F 297 7.55 -1.60 15.51
C VAL F 297 6.13 -1.16 15.84
N HIS F 298 5.99 -0.30 16.85
CA HIS F 298 4.65 0.10 17.26
C HIS F 298 4.29 1.56 17.03
N ASN F 299 5.08 2.27 16.21
CA ASN F 299 4.77 3.66 15.85
C ASN F 299 4.79 4.57 17.10
N LYS F 300 5.87 4.45 17.85
CA LYS F 300 5.95 5.04 19.18
C LYS F 300 7.09 6.07 19.23
N VAL F 301 8.06 5.97 18.31
CA VAL F 301 9.27 6.77 18.34
C VAL F 301 9.26 7.88 17.28
N ILE F 302 9.47 9.13 17.74
CA ILE F 302 9.67 10.32 16.93
C ILE F 302 11.16 10.59 16.84
N TYR F 303 11.70 10.70 15.62
CA TYR F 303 13.14 10.79 15.48
C TYR F 303 13.50 12.18 15.02
N LEU F 304 14.51 12.74 15.67
CA LEU F 304 14.81 14.15 15.59
C LEU F 304 16.28 14.32 15.25
N GLY F 305 16.57 15.08 14.21
CA GLY F 305 17.97 15.29 13.85
C GLY F 305 18.14 16.58 13.04
N ALA F 306 19.41 16.94 12.81
CA ALA F 306 19.66 18.24 12.18
C ALA F 306 21.00 18.26 11.47
N PHE F 307 21.08 19.13 10.47
CA PHE F 307 22.32 19.45 9.78
C PHE F 307 23.13 20.53 10.51
N SER F 308 23.42 20.37 11.81
CA SER F 308 24.23 21.37 12.50
C SER F 308 25.68 20.92 12.69
N LYS F 309 25.93 19.78 13.35
CA LYS F 309 27.32 19.36 13.58
C LYS F 309 27.98 18.84 12.30
N SER F 310 27.20 18.14 11.46
CA SER F 310 27.49 18.02 10.03
C SER F 310 27.13 19.36 9.42
N LEU F 311 27.57 19.63 8.20
CA LEU F 311 27.17 20.88 7.55
C LEU F 311 27.42 22.18 8.36
N ILE F 312 26.36 23.00 8.55
CA ILE F 312 26.46 24.40 8.96
C ILE F 312 25.39 24.79 9.99
N PRO F 313 25.73 25.03 11.28
CA PRO F 313 24.69 25.35 12.27
C PRO F 313 23.78 26.53 11.92
N SER F 314 24.32 27.52 11.21
CA SER F 314 23.60 28.79 11.11
C SER F 314 22.58 28.78 9.97
N VAL F 315 22.51 27.66 9.24
CA VAL F 315 21.57 27.57 8.12
C VAL F 315 20.19 27.16 8.64
N ARG F 316 20.19 26.65 9.88
CA ARG F 316 19.00 26.24 10.61
C ARG F 316 18.16 25.26 9.79
N ILE F 317 18.73 24.09 9.46
CA ILE F 317 17.97 23.04 8.81
C ILE F 317 17.90 21.79 9.67
N SER F 318 16.68 21.43 10.06
CA SER F 318 16.47 20.28 10.94
C SER F 318 15.31 19.44 10.42
N TYR F 319 15.24 18.21 10.93
CA TYR F 319 14.21 17.28 10.47
C TYR F 319 13.68 16.50 11.66
N MET F 320 12.40 16.22 11.57
CA MET F 320 11.77 15.32 12.52
C MET F 320 11.03 14.23 11.71
N VAL F 321 11.23 12.97 12.12
CA VAL F 321 10.57 11.83 11.49
C VAL F 321 9.43 11.35 12.37
N LEU F 322 8.21 11.46 11.84
CA LEU F 322 7.01 11.11 12.63
C LEU F 322 6.54 9.68 12.32
N PRO F 323 6.16 8.88 13.34
CA PRO F 323 5.36 7.67 13.11
C PRO F 323 4.14 7.96 12.23
N ALA F 324 3.77 6.99 11.39
CA ALA F 324 2.90 7.31 10.28
C ALA F 324 1.54 7.86 10.70
N PRO F 325 0.88 7.40 11.80
CA PRO F 325 -0.33 8.07 12.30
C PRO F 325 -0.15 9.56 12.59
N LEU F 326 0.95 9.94 13.29
CA LEU F 326 1.29 11.32 13.60
C LEU F 326 1.52 12.11 12.31
N ALA F 327 2.24 11.51 11.36
CA ALA F 327 2.49 12.21 10.11
C ALA F 327 1.16 12.56 9.45
N HIS F 328 0.14 11.73 9.60
CA HIS F 328 -1.10 11.99 8.89
C HIS F 328 -1.83 13.14 9.59
N LEU F 329 -1.74 13.09 10.93
CA LEU F 329 -2.35 14.10 11.77
C LEU F 329 -1.66 15.45 11.55
N TYR F 330 -0.33 15.44 11.52
CA TYR F 330 0.47 16.62 11.18
C TYR F 330 -0.01 17.22 9.86
N LYS F 331 -0.05 16.44 8.78
CA LYS F 331 -0.39 16.99 7.47
C LYS F 331 -1.77 17.64 7.50
N ASN F 332 -2.65 17.24 8.43
CA ASN F 332 -4.01 17.77 8.48
C ASN F 332 -4.07 19.04 9.33
N LYS F 333 -3.52 18.92 10.55
CA LYS F 333 -3.53 19.95 11.57
C LYS F 333 -2.83 21.22 11.05
N PHE F 334 -1.69 21.03 10.37
CA PHE F 334 -0.85 22.15 9.96
C PHE F 334 -0.90 22.37 8.44
N SER F 335 -2.07 22.08 7.83
CA SER F 335 -2.17 22.12 6.38
C SER F 335 -1.90 23.52 5.81
N TYR F 336 -2.11 24.57 6.62
CA TYR F 336 -2.11 25.94 6.13
C TYR F 336 -0.77 26.62 6.39
N TYR F 337 0.13 25.96 7.13
CA TYR F 337 1.45 26.48 7.40
C TYR F 337 2.29 26.60 6.13
N HIS F 338 3.43 27.29 6.27
CA HIS F 338 4.44 27.38 5.22
C HIS F 338 5.70 26.85 5.87
N SER F 339 6.65 26.45 5.03
CA SER F 339 7.91 25.96 5.55
C SER F 339 8.62 27.06 6.32
N THR F 340 9.39 26.68 7.32
CA THR F 340 10.28 27.62 7.94
C THR F 340 11.71 27.49 7.41
N VAL F 341 11.92 26.74 6.30
CA VAL F 341 13.27 26.60 5.75
C VAL F 341 13.26 27.02 4.30
N SER F 342 14.30 27.76 3.91
CA SER F 342 14.34 28.31 2.58
C SER F 342 14.29 27.19 1.56
N ARG F 343 13.35 27.24 0.59
CA ARG F 343 13.37 26.31 -0.54
C ARG F 343 14.74 26.27 -1.19
N ILE F 344 15.33 27.45 -1.45
CA ILE F 344 16.60 27.47 -2.13
C ILE F 344 17.59 26.60 -1.35
N ASP F 345 17.57 26.73 -0.01
CA ASP F 345 18.61 26.10 0.79
C ASP F 345 18.34 24.60 0.79
N GLN F 346 17.05 24.24 0.79
CA GLN F 346 16.65 22.84 0.73
C GLN F 346 17.17 22.20 -0.55
N GLN F 347 16.86 22.84 -1.71
CA GLN F 347 17.34 22.38 -3.00
C GLN F 347 18.86 22.25 -3.03
N VAL F 348 19.56 23.28 -2.52
CA VAL F 348 21.01 23.25 -2.49
C VAL F 348 21.47 22.02 -1.72
N LEU F 349 20.97 21.84 -0.50
CA LEU F 349 21.43 20.73 0.33
C LEU F 349 21.03 19.40 -0.31
N THR F 350 19.85 19.38 -0.96
CA THR F 350 19.40 18.19 -1.69
C THR F 350 20.49 17.77 -2.67
N ALA F 351 20.89 18.69 -3.56
CA ALA F 351 21.94 18.44 -4.53
C ALA F 351 23.23 17.99 -3.83
N PHE F 352 23.69 18.75 -2.84
CA PHE F 352 24.94 18.47 -2.17
C PHE F 352 24.94 17.02 -1.68
N MET F 353 23.74 16.52 -1.34
CA MET F 353 23.65 15.19 -0.75
C MET F 353 23.67 14.15 -1.87
N LYS F 354 22.79 14.38 -2.86
CA LYS F 354 22.57 13.49 -3.99
C LYS F 354 23.90 13.18 -4.71
N GLN F 355 24.71 14.19 -5.00
CA GLN F 355 25.94 14.00 -5.75
C GLN F 355 27.10 13.58 -4.83
N GLY F 356 26.82 13.21 -3.59
CA GLY F 356 27.81 12.51 -2.79
C GLY F 356 28.76 13.41 -2.02
N ASP F 357 28.67 14.74 -2.26
CA ASP F 357 29.49 15.75 -1.60
C ASP F 357 29.23 15.81 -0.09
N PHE F 358 27.96 15.64 0.29
CA PHE F 358 27.66 15.56 1.72
C PHE F 358 28.45 14.41 2.34
N GLU F 359 28.46 13.27 1.65
CA GLU F 359 29.07 12.10 2.25
C GLU F 359 30.59 12.31 2.33
N LYS F 360 31.15 12.92 1.28
CA LYS F 360 32.57 13.27 1.28
C LYS F 360 32.87 14.21 2.44
N HIS F 361 32.02 15.25 2.59
CA HIS F 361 32.16 16.22 3.66
C HIS F 361 32.27 15.51 5.00
N LEU F 362 31.30 14.61 5.25
CA LEU F 362 31.21 13.92 6.52
C LEU F 362 32.51 13.18 6.83
N ASN F 363 33.06 12.50 5.82
CA ASN F 363 34.24 11.66 6.01
C ASN F 363 35.44 12.54 6.32
N ARG F 364 35.58 13.59 5.51
CA ARG F 364 36.67 14.55 5.66
C ARG F 364 36.66 15.13 7.08
N MET F 365 35.46 15.51 7.55
CA MET F 365 35.33 16.15 8.84
C MET F 365 35.63 15.16 9.95
N ARG F 366 35.20 13.90 9.75
CA ARG F 366 35.34 12.89 10.78
C ARG F 366 36.82 12.73 11.10
N LYS F 367 37.65 12.80 10.05
CA LYS F 367 39.09 12.66 10.18
C LYS F 367 39.62 13.84 10.98
N ILE F 368 39.21 15.04 10.59
CA ILE F 368 39.69 16.25 11.24
C ILE F 368 39.34 16.25 12.74
N TYR F 369 38.08 15.95 13.05
CA TYR F 369 37.67 16.01 14.44
C TYR F 369 38.44 14.95 15.24
N ARG F 370 38.68 13.79 14.61
CA ARG F 370 39.39 12.70 15.27
C ARG F 370 40.79 13.16 15.66
N ARG F 371 41.49 13.81 14.72
CA ARG F 371 42.83 14.33 14.98
C ARG F 371 42.81 15.30 16.16
N LYS F 372 41.88 16.27 16.11
CA LYS F 372 41.78 17.29 17.15
C LYS F 372 41.59 16.63 18.52
N LEU F 373 40.65 15.67 18.59
CA LEU F 373 40.32 15.03 19.85
C LEU F 373 41.55 14.30 20.39
N GLU F 374 42.27 13.63 19.48
CA GLU F 374 43.42 12.82 19.87
C GLU F 374 44.55 13.71 20.39
N LYS F 375 44.76 14.86 19.74
CA LYS F 375 45.76 15.81 20.20
C LYS F 375 45.39 16.31 21.60
N VAL F 376 44.11 16.58 21.81
CA VAL F 376 43.63 17.12 23.06
C VAL F 376 43.84 16.11 24.19
N LEU F 377 43.52 14.85 23.91
CA LEU F 377 43.65 13.79 24.90
C LEU F 377 45.14 13.57 25.19
N SER F 378 45.96 13.61 24.12
CA SER F 378 47.40 13.48 24.20
C SER F 378 47.96 14.47 25.22
N LEU F 379 47.46 15.71 25.19
CA LEU F 379 47.92 16.74 26.10
C LEU F 379 47.37 16.53 27.51
N LEU F 380 46.07 16.24 27.62
CA LEU F 380 45.42 16.24 28.92
C LEU F 380 45.74 15.00 29.75
N LYS F 381 46.14 13.90 29.10
CA LYS F 381 46.41 12.64 29.78
C LYS F 381 47.58 12.80 30.76
N ARG F 382 48.31 13.91 30.62
CA ARG F 382 49.51 14.17 31.40
C ARG F 382 49.17 14.61 32.83
N TYR F 383 47.90 14.92 33.09
CA TYR F 383 47.47 15.51 34.36
C TYR F 383 46.45 14.58 35.02
N GLU F 384 46.63 13.26 34.80
CA GLU F 384 45.62 12.25 35.04
C GLU F 384 45.23 12.15 36.52
N ASP F 385 45.99 12.82 37.39
CA ASP F 385 45.78 12.76 38.82
C ASP F 385 44.78 13.83 39.27
N LYS F 386 44.70 14.96 38.53
CA LYS F 386 43.96 16.12 38.99
C LYS F 386 42.84 16.50 38.01
N LEU F 387 42.96 16.00 36.77
CA LEU F 387 41.94 16.15 35.74
C LEU F 387 41.52 14.77 35.24
N LEU F 388 40.24 14.44 35.44
CA LEU F 388 39.67 13.22 34.89
C LEU F 388 38.78 13.55 33.72
N ILE F 389 38.93 12.77 32.64
CA ILE F 389 38.18 12.97 31.41
C ILE F 389 37.02 11.98 31.34
N ILE F 390 35.85 12.46 30.87
CA ILE F 390 34.66 11.63 30.70
C ILE F 390 34.15 11.73 29.26
N GLY F 391 33.77 10.58 28.67
CA GLY F 391 33.13 10.48 27.37
C GLY F 391 34.10 10.81 26.24
N GLU F 392 35.34 10.33 26.37
CA GLU F 392 36.46 10.89 25.63
C GLU F 392 36.44 10.45 24.17
N ARG F 393 35.66 9.41 23.84
CA ARG F 393 35.81 8.84 22.51
C ARG F 393 34.57 9.10 21.66
N SER F 394 33.85 10.16 22.01
CA SER F 394 32.63 10.51 21.32
C SER F 394 32.44 12.03 21.28
N GLY F 395 32.01 12.50 20.12
CA GLY F 395 31.61 13.88 19.96
C GLY F 395 32.80 14.83 19.79
N LEU F 396 32.50 16.13 19.85
CA LEU F 396 33.43 17.21 19.57
C LEU F 396 33.84 17.87 20.89
N HIS F 397 33.63 17.16 22.00
CA HIS F 397 33.80 17.74 23.32
C HIS F 397 34.11 16.65 24.34
N ILE F 398 34.65 17.07 25.49
CA ILE F 398 34.96 16.20 26.62
C ILE F 398 34.49 16.91 27.90
N VAL F 399 34.39 16.13 28.97
CA VAL F 399 34.14 16.70 30.28
C VAL F 399 35.39 16.48 31.12
N LEU F 400 35.84 17.54 31.82
CA LEU F 400 36.93 17.46 32.78
C LEU F 400 36.35 17.61 34.17
N VAL F 401 36.68 16.65 35.04
CA VAL F 401 36.49 16.81 36.48
C VAL F 401 37.79 17.41 37.01
N VAL F 402 37.67 18.53 37.72
CA VAL F 402 38.83 19.29 38.14
C VAL F 402 38.91 19.29 39.67
N LYS F 403 40.06 18.84 40.17
CA LYS F 403 40.27 18.68 41.61
C LYS F 403 41.25 19.73 42.11
N ASN F 404 41.01 20.99 41.74
CA ASN F 404 41.87 22.09 42.10
C ASN F 404 41.52 22.68 43.47
N GLY F 405 40.37 22.25 44.01
CA GLY F 405 39.80 22.93 45.16
C GLY F 405 39.28 24.32 44.80
N MET F 406 39.54 24.76 43.55
CA MET F 406 38.81 25.84 42.92
C MET F 406 37.40 25.35 42.61
N ASP F 407 36.41 26.20 42.88
CA ASP F 407 35.02 25.93 42.60
C ASP F 407 34.76 26.06 41.10
N GLU F 408 33.60 25.56 40.65
CA GLU F 408 33.19 25.63 39.27
C GLU F 408 33.25 27.06 38.76
N GLN F 409 32.68 27.99 39.55
CA GLN F 409 32.57 29.37 39.14
C GLN F 409 33.96 29.99 38.97
N THR F 410 34.84 29.68 39.92
CA THR F 410 36.22 30.17 39.93
C THR F 410 36.93 29.74 38.65
N LEU F 411 36.77 28.45 38.30
CA LEU F 411 37.41 27.86 37.13
C LEU F 411 36.98 28.58 35.87
N VAL F 412 35.67 28.89 35.76
CA VAL F 412 35.10 29.56 34.60
C VAL F 412 35.73 30.94 34.46
N GLU F 413 35.72 31.70 35.57
CA GLU F 413 36.15 33.09 35.60
C GLU F 413 37.64 33.20 35.28
N LYS F 414 38.45 32.33 35.88
CA LYS F 414 39.89 32.33 35.65
C LYS F 414 40.19 32.09 34.17
N ALA F 415 39.44 31.16 33.58
CA ALA F 415 39.60 30.83 32.17
C ALA F 415 39.22 32.03 31.32
N LEU F 416 38.12 32.70 31.68
CA LEU F 416 37.59 33.83 30.92
C LEU F 416 38.58 34.98 30.99
N ALA F 417 39.19 35.15 32.17
CA ALA F 417 40.26 36.12 32.36
C ALA F 417 41.41 35.83 31.39
N ALA F 418 41.66 34.55 31.09
CA ALA F 418 42.74 34.24 30.17
C ALA F 418 42.26 34.30 28.71
N LYS F 419 41.04 34.81 28.51
CA LYS F 419 40.42 34.97 27.20
C LYS F 419 40.02 33.62 26.58
N ALA F 420 39.65 32.67 27.44
CA ALA F 420 39.15 31.35 27.03
C ALA F 420 37.79 31.06 27.69
N LYS F 421 36.78 30.81 26.84
CA LYS F 421 35.43 30.56 27.32
C LYS F 421 35.21 29.06 27.45
N VAL F 422 34.85 28.64 28.68
CA VAL F 422 34.63 27.24 29.01
C VAL F 422 33.27 27.10 29.69
N TYR F 423 32.73 25.87 29.70
CA TYR F 423 31.32 25.68 29.97
C TYR F 423 31.12 24.86 31.24
N PRO F 424 30.53 25.48 32.28
CA PRO F 424 30.30 24.80 33.55
C PRO F 424 29.18 23.77 33.37
N LEU F 425 29.37 22.61 33.98
CA LEU F 425 28.44 21.54 33.79
C LEU F 425 27.09 21.86 34.43
N SER F 426 27.09 22.75 35.41
CA SER F 426 25.87 23.11 36.13
C SER F 426 24.90 23.85 35.20
N ALA F 427 25.41 24.27 34.03
CA ALA F 427 24.61 24.94 33.02
C ALA F 427 23.61 23.94 32.44
N TYR F 428 23.90 22.66 32.69
CA TYR F 428 23.24 21.55 32.02
C TYR F 428 22.54 20.65 33.04
N SER F 429 22.32 21.17 34.26
CA SER F 429 21.94 20.37 35.41
C SER F 429 20.89 21.10 36.26
N LEU F 430 19.91 20.34 36.75
CA LEU F 430 18.92 20.86 37.68
C LEU F 430 19.38 20.66 39.12
N GLU F 431 20.22 19.64 39.35
CA GLU F 431 20.94 19.45 40.62
C GLU F 431 22.03 20.52 40.73
N ARG F 432 21.94 21.48 41.65
CA ARG F 432 22.77 22.69 41.52
C ARG F 432 24.18 22.42 42.03
N ALA F 433 24.27 21.46 42.96
CA ALA F 433 25.51 21.21 43.68
C ALA F 433 26.22 20.10 42.95
N ILE F 434 27.01 20.45 41.91
CA ILE F 434 27.80 19.47 41.20
C ILE F 434 29.21 19.43 41.80
N HIS F 435 29.62 18.26 42.30
CA HIS F 435 30.94 18.13 42.89
C HIS F 435 31.57 16.77 42.56
N PRO F 436 32.90 16.68 42.27
CA PRO F 436 33.77 17.86 42.10
C PRO F 436 33.40 18.69 40.86
N PRO F 437 33.90 19.94 40.76
CA PRO F 437 33.60 20.81 39.62
C PRO F 437 33.88 20.12 38.28
N GLN F 438 32.97 20.34 37.32
CA GLN F 438 33.17 19.79 35.99
C GLN F 438 32.99 20.87 34.93
N ILE F 439 33.87 20.81 33.92
CA ILE F 439 33.86 21.76 32.83
C ILE F 439 33.79 20.98 31.51
N VAL F 440 32.95 21.48 30.60
CA VAL F 440 32.82 20.94 29.26
C VAL F 440 33.73 21.74 28.36
N LEU F 441 34.59 21.05 27.60
CA LEU F 441 35.38 21.69 26.56
C LEU F 441 35.02 21.10 25.20
N GLY F 442 34.64 21.97 24.26
CA GLY F 442 34.41 21.59 22.88
C GLY F 442 35.48 22.19 21.99
N PHE F 443 35.85 21.47 20.94
CA PHE F 443 37.04 21.82 20.18
C PHE F 443 36.67 21.98 18.71
N GLY F 444 35.37 22.15 18.45
CA GLY F 444 34.95 22.32 17.07
C GLY F 444 35.63 23.53 16.43
N SER F 445 35.56 24.66 17.12
CA SER F 445 35.95 25.95 16.58
C SER F 445 37.44 26.24 16.81
N ILE F 446 38.08 25.56 17.77
CA ILE F 446 39.50 25.79 18.04
C ILE F 446 40.30 25.25 16.85
N PRO F 447 41.12 26.08 16.15
CA PRO F 447 41.84 25.59 14.97
C PRO F 447 42.90 24.57 15.38
N GLU F 448 43.14 23.60 14.48
CA GLU F 448 43.89 22.39 14.80
C GLU F 448 45.30 22.75 15.26
N ASP F 449 45.90 23.73 14.58
CA ASP F 449 47.29 24.12 14.78
C ASP F 449 47.44 25.02 16.00
N GLU F 450 46.33 25.28 16.72
CA GLU F 450 46.41 26.15 17.89
C GLU F 450 45.93 25.42 19.14
N LEU F 451 45.67 24.11 19.00
CA LEU F 451 45.04 23.35 20.07
C LEU F 451 45.92 23.36 21.31
N GLU F 452 47.23 23.16 21.11
CA GLU F 452 48.17 23.05 22.23
C GLU F 452 48.18 24.37 23.01
N GLU F 453 48.22 25.47 22.25
CA GLU F 453 48.23 26.81 22.80
C GLU F 453 46.96 27.05 23.62
N ALA F 454 45.82 26.64 23.05
CA ALA F 454 44.51 26.87 23.63
C ALA F 454 44.38 26.10 24.95
N ILE F 455 44.80 24.82 24.94
CA ILE F 455 44.66 24.02 26.14
C ILE F 455 45.59 24.57 27.21
N ALA F 456 46.80 24.95 26.75
CA ALA F 456 47.80 25.57 27.60
C ALA F 456 47.20 26.79 28.32
N THR F 457 46.51 27.66 27.54
CA THR F 457 45.91 28.86 28.09
C THR F 457 44.99 28.53 29.26
N VAL F 458 44.16 27.49 29.11
CA VAL F 458 43.16 27.15 30.11
C VAL F 458 43.85 26.55 31.33
N LEU F 459 44.77 25.61 31.07
CA LEU F 459 45.48 24.92 32.13
C LEU F 459 46.26 25.93 32.96
N ASN F 460 46.93 26.84 32.24
CA ASN F 460 47.75 27.86 32.86
C ASN F 460 46.90 28.72 33.80
N ALA F 461 45.75 29.15 33.31
CA ALA F 461 44.86 30.02 34.08
C ALA F 461 44.36 29.28 35.32
N TRP F 462 44.38 27.95 35.26
CA TRP F 462 43.90 27.13 36.37
C TRP F 462 45.05 26.78 37.29
N GLY F 463 46.24 27.34 37.02
CA GLY F 463 47.38 27.17 37.90
C GLY F 463 48.12 25.85 37.68
N PHE F 464 47.90 25.21 36.53
CA PHE F 464 48.69 24.05 36.18
C PHE F 464 49.99 24.48 35.52
N LEU F 465 51.01 23.63 35.68
CA LEU F 465 52.29 23.85 35.04
C LEU F 465 52.21 23.33 33.61
N VAL F 466 52.84 24.07 32.68
CA VAL F 466 52.67 23.80 31.28
C VAL F 466 54.06 23.58 30.67
N PRO F 467 54.39 22.33 30.23
CA PRO F 467 55.74 22.01 29.75
C PRO F 467 56.29 22.93 28.64
N ASP G 103 26.64 -8.10 12.88
CA ASP G 103 26.95 -7.99 14.36
C ASP G 103 28.45 -8.11 14.61
N THR G 104 28.90 -7.65 15.78
CA THR G 104 30.33 -7.60 16.07
C THR G 104 30.79 -8.90 16.75
N ILE G 105 30.32 -10.02 16.20
CA ILE G 105 30.93 -11.36 16.22
C ILE G 105 32.20 -11.37 15.34
N ARG G 106 33.27 -11.91 15.91
CA ARG G 106 34.57 -11.89 15.25
C ARG G 106 34.80 -13.20 14.50
N TYR G 107 34.35 -14.31 15.12
CA TYR G 107 34.50 -15.66 14.61
C TYR G 107 33.14 -16.36 14.51
N ASN G 108 32.78 -16.75 13.28
CA ASN G 108 31.49 -17.38 13.04
C ASN G 108 31.67 -18.82 12.58
N PHE G 109 31.39 -19.77 13.50
CA PHE G 109 31.64 -21.17 13.21
C PHE G 109 30.45 -21.83 12.52
N HIS G 110 29.95 -21.20 11.46
CA HIS G 110 28.77 -21.69 10.75
C HIS G 110 29.09 -22.92 9.90
N PRO G 111 28.29 -24.00 10.05
CA PRO G 111 28.49 -25.25 9.31
C PRO G 111 28.46 -25.15 7.79
N THR G 112 27.77 -24.14 7.27
CA THR G 112 27.46 -24.04 5.85
C THR G 112 28.36 -23.02 5.15
N HIS G 113 29.20 -22.32 5.93
CA HIS G 113 29.99 -21.24 5.36
C HIS G 113 31.14 -21.82 4.55
N ILE G 114 31.62 -21.05 3.57
CA ILE G 114 32.74 -21.50 2.73
C ILE G 114 33.93 -20.59 2.98
N ASP G 115 35.11 -21.03 2.47
CA ASP G 115 36.26 -20.17 2.47
C ASP G 115 36.14 -19.18 1.31
N THR G 116 35.65 -17.99 1.64
CA THR G 116 35.31 -16.99 0.63
C THR G 116 36.56 -16.42 -0.03
N THR G 117 37.66 -16.35 0.73
CA THR G 117 38.87 -15.67 0.28
C THR G 117 39.54 -16.46 -0.84
N SER G 118 39.29 -17.79 -0.85
CA SER G 118 39.91 -18.77 -1.73
C SER G 118 39.29 -18.81 -3.13
N PHE G 119 38.17 -18.14 -3.34
CA PHE G 119 37.38 -18.43 -4.52
C PHE G 119 38.07 -17.90 -5.78
N PRO G 120 38.02 -18.61 -6.93
CA PRO G 120 38.59 -18.09 -8.18
C PRO G 120 37.86 -16.92 -8.84
N PHE G 121 37.88 -15.75 -8.17
CA PHE G 121 37.25 -14.54 -8.68
C PHE G 121 37.61 -14.28 -10.14
N GLU G 122 38.89 -14.53 -10.50
CA GLU G 122 39.37 -14.08 -11.79
C GLU G 122 38.70 -14.89 -12.88
N GLN G 123 38.61 -16.20 -12.64
CA GLN G 123 38.03 -17.11 -13.63
C GLN G 123 36.56 -16.80 -13.77
N TRP G 124 35.89 -16.64 -12.62
CA TRP G 124 34.45 -16.41 -12.61
C TRP G 124 34.15 -15.17 -13.44
N ARG G 125 34.96 -14.15 -13.20
CA ARG G 125 34.80 -12.86 -13.86
C ARG G 125 35.00 -13.04 -15.37
N LYS G 126 35.96 -13.90 -15.73
CA LYS G 126 36.27 -14.22 -17.11
C LYS G 126 35.02 -14.82 -17.79
N TYR G 127 34.45 -15.85 -17.14
CA TYR G 127 33.31 -16.51 -17.75
C TYR G 127 32.12 -15.55 -17.83
N PHE G 128 32.00 -14.68 -16.80
CA PHE G 128 30.94 -13.69 -16.82
C PHE G 128 31.07 -12.84 -18.07
N LYS G 129 32.31 -12.34 -18.31
CA LYS G 129 32.63 -11.50 -19.44
C LYS G 129 32.26 -12.21 -20.76
N GLN G 130 32.57 -13.51 -20.86
CA GLN G 130 32.27 -14.30 -22.05
C GLN G 130 30.76 -14.43 -22.27
N THR G 131 29.99 -14.58 -21.18
CA THR G 131 28.56 -14.85 -21.30
C THR G 131 27.73 -13.57 -21.49
N MET G 132 28.04 -12.53 -20.69
CA MET G 132 27.22 -11.33 -20.65
C MET G 132 27.74 -10.32 -21.67
N CYS G 133 27.21 -10.39 -22.90
CA CYS G 133 27.76 -9.63 -24.02
C CYS G 133 26.81 -9.64 -25.22
N LYS G 134 27.03 -8.70 -26.15
CA LYS G 134 26.08 -8.39 -27.21
C LYS G 134 25.69 -9.63 -28.03
N GLU G 135 26.63 -10.57 -28.22
CA GLU G 135 26.39 -11.74 -29.07
C GLU G 135 25.41 -12.69 -28.41
N ASN G 136 25.40 -12.72 -27.07
CA ASN G 136 24.53 -13.59 -26.30
C ASN G 136 23.26 -12.86 -25.86
N HIS G 137 22.86 -11.85 -26.62
CA HIS G 137 21.77 -10.98 -26.18
C HIS G 137 20.51 -11.76 -25.88
N ARG G 138 20.36 -12.95 -26.50
CA ARG G 138 19.14 -13.70 -26.35
C ARG G 138 19.02 -14.28 -24.93
N LEU G 139 20.17 -14.40 -24.24
CA LEU G 139 20.22 -14.87 -22.87
C LEU G 139 19.42 -13.97 -21.92
N LEU G 140 19.16 -12.73 -22.33
CA LEU G 140 18.43 -11.80 -21.49
C LEU G 140 16.95 -12.17 -21.42
N LEU G 141 16.41 -12.90 -22.41
CA LEU G 141 15.03 -13.36 -22.30
C LEU G 141 14.97 -14.64 -21.49
N ASN G 142 13.78 -14.98 -20.97
CA ASN G 142 13.71 -16.15 -20.09
C ASN G 142 13.86 -17.45 -20.88
N GLY G 143 14.60 -18.40 -20.29
CA GLY G 143 14.85 -19.68 -20.93
C GLY G 143 13.86 -20.78 -20.63
N ASP G 144 14.34 -22.02 -20.65
CA ASP G 144 13.53 -23.14 -20.21
C ASP G 144 13.36 -23.00 -18.70
N HIS G 145 12.10 -23.05 -18.24
CA HIS G 145 11.80 -22.96 -16.82
C HIS G 145 12.59 -23.98 -15.98
N GLN G 146 12.83 -25.16 -16.52
CA GLN G 146 13.38 -26.28 -15.77
C GLN G 146 14.89 -26.06 -15.57
N GLY G 147 15.46 -25.16 -16.38
CA GLY G 147 16.90 -24.96 -16.39
C GLY G 147 17.39 -24.93 -17.84
N GLU G 148 18.55 -24.34 -18.06
CA GLU G 148 19.16 -24.39 -19.37
C GLU G 148 19.58 -25.80 -19.70
N ALA G 149 19.29 -26.24 -20.95
CA ALA G 149 19.65 -27.59 -21.36
C ALA G 149 21.16 -27.84 -21.21
N SER G 150 21.98 -26.90 -21.69
CA SER G 150 23.43 -26.95 -21.46
C SER G 150 23.74 -27.25 -20.00
N PHE G 151 22.99 -26.61 -19.08
CA PHE G 151 23.43 -26.62 -17.70
C PHE G 151 22.98 -27.93 -17.07
N ARG G 152 21.77 -28.35 -17.48
CA ARG G 152 21.22 -29.60 -16.99
C ARG G 152 22.12 -30.76 -17.41
N ARG G 153 22.62 -30.68 -18.65
CA ARG G 153 23.57 -31.63 -19.21
C ARG G 153 24.83 -31.76 -18.35
N GLU G 154 25.47 -30.62 -18.04
CA GLU G 154 26.65 -30.64 -17.20
C GLU G 154 26.35 -31.20 -15.80
N ILE G 155 25.11 -30.98 -15.33
CA ILE G 155 24.76 -31.40 -13.99
C ILE G 155 24.72 -32.93 -13.99
N ALA G 156 24.06 -33.46 -15.03
CA ALA G 156 23.89 -34.90 -15.18
C ALA G 156 25.25 -35.56 -15.33
N TYR G 157 26.13 -34.99 -16.18
CA TYR G 157 27.50 -35.45 -16.26
C TYR G 157 28.16 -35.44 -14.87
N TYR G 158 28.18 -34.27 -14.22
CA TYR G 158 28.86 -34.10 -12.94
C TYR G 158 28.36 -35.14 -11.92
N LEU G 159 27.04 -35.37 -11.90
CA LEU G 159 26.46 -36.16 -10.82
C LEU G 159 26.83 -37.63 -11.03
N HIS G 160 26.99 -37.99 -12.31
CA HIS G 160 27.37 -39.35 -12.68
C HIS G 160 28.79 -39.64 -12.19
N HIS G 161 29.75 -38.81 -12.64
CA HIS G 161 31.14 -39.03 -12.26
C HIS G 161 31.38 -38.91 -10.75
N SER G 162 30.66 -38.04 -10.05
CA SER G 162 31.03 -37.71 -8.68
C SER G 162 30.27 -38.59 -7.69
N ARG G 163 29.04 -39.00 -8.03
CA ARG G 163 28.14 -39.58 -7.05
C ARG G 163 27.47 -40.86 -7.56
N GLY G 164 27.68 -41.12 -8.86
CA GLY G 164 27.13 -42.32 -9.48
C GLY G 164 25.65 -42.17 -9.76
N VAL G 165 25.22 -40.94 -9.93
CA VAL G 165 23.81 -40.71 -10.14
C VAL G 165 23.50 -40.99 -11.61
N ASN G 166 22.40 -41.67 -11.84
CA ASN G 166 22.06 -41.98 -13.22
C ASN G 166 20.80 -41.21 -13.58
N CYS G 167 20.94 -40.24 -14.49
CA CYS G 167 19.79 -39.48 -14.89
C CYS G 167 20.05 -38.82 -16.25
N THR G 168 18.96 -38.49 -16.94
CA THR G 168 19.05 -37.70 -18.15
C THR G 168 18.99 -36.23 -17.77
N PRO G 169 19.44 -35.32 -18.65
CA PRO G 169 19.25 -33.89 -18.46
C PRO G 169 17.80 -33.48 -18.28
N GLU G 170 16.88 -34.27 -18.81
CA GLU G 170 15.48 -33.87 -18.82
C GLU G 170 14.86 -34.21 -17.47
N GLN G 171 15.66 -34.82 -16.58
CA GLN G 171 15.16 -35.16 -15.26
C GLN G 171 15.71 -34.18 -14.22
N VAL G 172 16.54 -33.24 -14.68
CA VAL G 172 17.20 -32.28 -13.80
C VAL G 172 16.38 -31.00 -13.74
N VAL G 173 15.98 -30.61 -12.53
CA VAL G 173 15.34 -29.32 -12.29
C VAL G 173 16.27 -28.38 -11.51
N VAL G 174 16.46 -27.20 -12.07
CA VAL G 174 17.26 -26.13 -11.48
C VAL G 174 16.39 -25.13 -10.74
N GLY G 175 16.68 -24.90 -9.46
CA GLY G 175 15.99 -23.85 -8.70
C GLY G 175 16.85 -23.06 -7.70
N ALA G 176 16.31 -21.94 -7.22
CA ALA G 176 17.03 -21.01 -6.37
C ALA G 176 17.08 -21.49 -4.94
N GLY G 177 18.01 -22.41 -4.67
CA GLY G 177 18.16 -22.94 -3.33
C GLY G 177 17.25 -24.12 -3.03
N VAL G 178 17.71 -24.95 -2.10
CA VAL G 178 17.01 -26.15 -1.73
C VAL G 178 15.55 -25.83 -1.35
N GLU G 179 15.35 -24.75 -0.63
CA GLU G 179 14.01 -24.40 -0.16
C GLU G 179 13.06 -24.18 -1.35
N THR G 180 13.53 -23.56 -2.43
CA THR G 180 12.68 -23.34 -3.58
C THR G 180 12.24 -24.67 -4.18
N LEU G 181 13.17 -25.65 -4.24
CA LEU G 181 12.91 -26.93 -4.86
C LEU G 181 11.98 -27.78 -4.01
N LEU G 182 12.25 -27.89 -2.70
CA LEU G 182 11.30 -28.55 -1.82
C LEU G 182 9.88 -27.96 -1.93
N GLN G 183 9.76 -26.65 -2.10
CA GLN G 183 8.42 -26.07 -2.20
C GLN G 183 7.77 -26.59 -3.47
N GLN G 184 8.55 -26.66 -4.56
CA GLN G 184 7.98 -27.10 -5.82
C GLN G 184 7.58 -28.58 -5.67
N LEU G 185 8.43 -29.30 -4.94
CA LEU G 185 8.17 -30.70 -4.73
C LEU G 185 6.88 -30.89 -3.95
N PHE G 186 6.66 -30.08 -2.90
CA PHE G 186 5.48 -30.18 -2.06
C PHE G 186 4.21 -30.03 -2.88
N LEU G 187 4.24 -29.06 -3.80
CA LEU G 187 3.15 -28.77 -4.70
C LEU G 187 2.95 -29.92 -5.67
N LEU G 188 4.06 -30.49 -6.15
CA LEU G 188 4.05 -31.53 -7.18
C LEU G 188 3.40 -32.80 -6.64
N LEU G 189 3.87 -33.28 -5.48
CA LEU G 189 3.42 -34.56 -4.93
C LEU G 189 2.06 -34.43 -4.23
N GLY G 190 1.53 -33.22 -4.01
CA GLY G 190 0.16 -33.04 -3.50
C GLY G 190 0.02 -32.92 -1.98
N GLU G 191 -1.19 -32.49 -1.59
CA GLU G 191 -1.49 -31.91 -0.29
C GLU G 191 -1.66 -32.96 0.79
N SER G 192 -1.83 -34.22 0.36
CA SER G 192 -2.17 -35.31 1.26
C SER G 192 -0.89 -35.98 1.79
N LYS G 193 0.24 -35.79 1.10
CA LYS G 193 1.45 -36.52 1.44
C LYS G 193 1.90 -36.17 2.87
N VAL G 194 2.46 -37.19 3.54
CA VAL G 194 3.06 -37.02 4.85
C VAL G 194 4.56 -37.27 4.73
N TYR G 195 5.37 -36.31 5.25
CA TYR G 195 6.81 -36.35 5.08
C TYR G 195 7.50 -36.82 6.36
N GLY G 196 8.44 -37.75 6.21
CA GLY G 196 9.21 -38.22 7.34
C GLY G 196 10.58 -37.55 7.27
N ILE G 197 11.10 -37.11 8.42
CA ILE G 197 12.31 -36.31 8.43
C ILE G 197 13.24 -36.85 9.51
N GLU G 198 14.53 -36.55 9.34
CA GLU G 198 15.55 -37.01 10.28
C GLU G 198 15.54 -36.10 11.50
N ASP G 199 15.67 -36.71 12.68
CA ASP G 199 15.91 -35.97 13.90
C ASP G 199 17.04 -36.60 14.71
N PRO G 200 18.08 -35.86 15.11
CA PRO G 200 18.28 -34.48 14.67
C PRO G 200 18.71 -34.40 13.20
N GLY G 201 18.83 -33.18 12.69
CA GLY G 201 19.07 -32.91 11.27
C GLY G 201 18.72 -31.48 10.89
N TYR G 202 19.00 -31.10 9.64
CA TYR G 202 18.59 -29.77 9.17
C TYR G 202 17.10 -29.57 9.38
N GLN G 203 16.70 -28.40 9.83
CA GLN G 203 15.32 -28.20 10.25
C GLN G 203 14.52 -27.58 9.12
N LEU G 204 15.20 -27.27 8.00
CA LEU G 204 14.56 -26.50 6.91
C LEU G 204 13.24 -27.16 6.50
N MET G 205 13.29 -28.49 6.43
CA MET G 205 12.17 -29.25 5.91
C MET G 205 10.96 -29.08 6.82
N ARG G 206 11.17 -29.28 8.12
CA ARG G 206 10.09 -29.14 9.08
C ARG G 206 9.54 -27.72 9.04
N LYS G 207 10.45 -26.73 9.02
CA LYS G 207 10.07 -25.34 9.07
C LYS G 207 9.21 -24.98 7.87
N LEU G 208 9.68 -25.33 6.66
CA LEU G 208 8.87 -25.07 5.45
C LEU G 208 7.49 -25.70 5.58
N LEU G 209 7.45 -26.92 6.11
CA LEU G 209 6.21 -27.68 6.09
C LEU G 209 5.16 -27.03 6.97
N SER G 210 5.60 -26.21 7.92
CA SER G 210 4.66 -25.51 8.79
C SER G 210 3.70 -24.62 8.01
N HIS G 211 4.08 -24.17 6.80
CA HIS G 211 3.22 -23.28 6.02
C HIS G 211 2.40 -24.04 4.99
N TYR G 212 2.58 -25.35 4.87
CA TYR G 212 1.90 -26.13 3.85
C TYR G 212 0.90 -27.07 4.52
N PRO G 213 -0.15 -27.51 3.78
CA PRO G 213 -1.14 -28.46 4.31
C PRO G 213 -0.53 -29.74 4.87
N ASN G 214 0.62 -30.15 4.27
CA ASN G 214 1.28 -31.42 4.51
C ASN G 214 1.80 -31.54 5.95
N ASP G 215 1.70 -32.73 6.55
CA ASP G 215 2.20 -33.03 7.86
C ASP G 215 3.57 -33.69 7.80
N TYR G 216 4.24 -33.74 8.96
CA TYR G 216 5.56 -34.37 8.98
C TYR G 216 5.61 -35.28 10.19
N VAL G 217 6.54 -36.24 10.15
CA VAL G 217 6.81 -37.14 11.26
C VAL G 217 8.32 -37.26 11.37
N PRO G 218 8.89 -37.04 12.58
CA PRO G 218 10.33 -37.18 12.77
C PRO G 218 10.67 -38.62 13.12
N PHE G 219 11.87 -39.03 12.69
CA PHE G 219 12.39 -40.35 12.98
C PHE G 219 13.82 -40.22 13.46
N GLN G 220 14.21 -41.08 14.42
CA GLN G 220 15.53 -41.04 15.01
C GLN G 220 16.61 -41.40 14.01
N VAL G 221 17.82 -40.91 14.24
CA VAL G 221 18.99 -41.31 13.46
C VAL G 221 20.03 -41.87 14.44
N ASP G 222 20.69 -42.97 14.03
CA ASP G 222 21.75 -43.55 14.83
C ASP G 222 22.99 -43.77 13.96
N GLU G 223 23.86 -44.67 14.41
CA GLU G 223 25.14 -45.02 13.83
C GLU G 223 24.94 -45.45 12.37
N GLU G 224 23.74 -45.99 12.06
CA GLU G 224 23.44 -46.65 10.81
C GLU G 224 22.41 -45.87 9.98
N GLY G 225 22.09 -44.66 10.44
CA GLY G 225 21.22 -43.76 9.68
C GLY G 225 19.80 -43.70 10.25
N ILE G 226 18.86 -43.32 9.38
CA ILE G 226 17.49 -43.09 9.80
C ILE G 226 16.83 -44.41 10.21
N ASP G 227 15.83 -44.30 11.09
CA ASP G 227 15.19 -45.45 11.70
C ASP G 227 14.13 -46.02 10.76
N VAL G 228 14.59 -46.89 9.85
CA VAL G 228 13.72 -47.45 8.84
C VAL G 228 12.67 -48.35 9.48
N ASP G 229 12.99 -48.97 10.62
CA ASP G 229 12.06 -49.87 11.30
C ASP G 229 10.79 -49.11 11.67
N SER G 230 10.97 -47.90 12.21
CA SER G 230 9.86 -47.05 12.60
C SER G 230 9.11 -46.57 11.36
N ILE G 231 9.85 -46.23 10.29
CA ILE G 231 9.22 -45.67 9.11
C ILE G 231 8.16 -46.65 8.63
N VAL G 232 8.54 -47.92 8.58
CA VAL G 232 7.76 -48.99 8.00
C VAL G 232 6.45 -49.19 8.78
N ARG G 233 6.47 -48.86 10.07
CA ARG G 233 5.33 -49.05 10.96
C ARG G 233 4.42 -47.83 10.98
N THR G 234 4.77 -46.77 10.22
CA THR G 234 4.25 -45.43 10.47
C THR G 234 3.56 -44.95 9.20
N ALA G 235 2.57 -44.07 9.29
CA ALA G 235 1.91 -43.69 8.06
C ALA G 235 2.64 -42.48 7.48
N VAL G 236 3.76 -42.70 6.77
CA VAL G 236 4.42 -41.63 6.00
C VAL G 236 4.48 -42.05 4.53
N ASP G 237 4.54 -41.07 3.62
CA ASP G 237 4.56 -41.30 2.19
C ASP G 237 5.92 -40.94 1.59
N VAL G 238 6.56 -39.87 2.10
CA VAL G 238 7.82 -39.42 1.51
C VAL G 238 8.87 -39.27 2.60
N VAL G 239 10.03 -39.88 2.39
CA VAL G 239 11.03 -39.90 3.44
C VAL G 239 12.21 -39.06 2.98
N TYR G 240 12.54 -38.06 3.79
CA TYR G 240 13.63 -37.17 3.52
C TYR G 240 14.83 -37.64 4.34
N THR G 241 15.96 -37.93 3.68
CA THR G 241 17.10 -38.46 4.40
C THR G 241 18.40 -38.04 3.72
N THR G 242 19.49 -38.01 4.51
CA THR G 242 20.82 -37.65 4.06
C THR G 242 21.71 -38.89 4.17
N PRO G 243 21.62 -39.85 3.23
CA PRO G 243 22.20 -41.18 3.41
C PRO G 243 23.72 -41.22 3.38
N SER G 244 24.34 -40.30 2.63
CA SER G 244 25.77 -40.32 2.38
C SER G 244 26.56 -39.90 3.63
N ARG G 245 26.01 -38.93 4.36
CA ARG G 245 26.63 -38.38 5.54
C ARG G 245 25.66 -37.43 6.22
N HIS G 246 25.00 -37.97 7.25
CA HIS G 246 23.97 -37.31 8.03
C HIS G 246 24.51 -36.05 8.69
N PHE G 247 23.67 -35.03 8.76
CA PHE G 247 24.04 -33.82 9.47
C PHE G 247 23.37 -33.83 10.84
N PRO G 248 24.09 -33.58 11.94
CA PRO G 248 25.48 -33.13 11.90
C PRO G 248 26.59 -34.17 12.16
N TYR G 249 26.23 -35.40 12.53
CA TYR G 249 27.17 -36.38 13.06
C TYR G 249 28.03 -37.06 12.00
N GLY G 250 27.52 -37.16 10.77
CA GLY G 250 28.26 -37.81 9.70
C GLY G 250 27.88 -39.27 9.48
N SER G 251 26.93 -39.82 10.28
CA SER G 251 26.40 -41.18 10.13
C SER G 251 26.13 -41.53 8.65
N VAL G 252 26.31 -42.82 8.29
CA VAL G 252 25.99 -43.30 6.96
C VAL G 252 24.82 -44.28 7.04
N LEU G 253 23.87 -44.15 6.11
CA LEU G 253 22.74 -45.08 6.06
C LEU G 253 23.28 -46.41 5.56
N SER G 254 23.24 -47.40 6.47
CA SER G 254 23.79 -48.73 6.27
C SER G 254 23.15 -49.41 5.09
N ILE G 255 23.91 -50.30 4.48
CA ILE G 255 23.52 -50.92 3.23
C ILE G 255 22.24 -51.75 3.43
N ASN G 256 22.04 -52.31 4.64
CA ASN G 256 20.81 -53.03 4.95
C ASN G 256 19.62 -52.08 4.88
N ARG G 257 19.78 -50.93 5.55
CA ARG G 257 18.69 -49.99 5.71
C ARG G 257 18.37 -49.36 4.36
N ARG G 258 19.41 -49.13 3.53
CA ARG G 258 19.19 -48.67 2.16
C ARG G 258 18.24 -49.62 1.43
N LYS G 259 18.52 -50.93 1.55
CA LYS G 259 17.74 -51.95 0.87
C LYS G 259 16.32 -51.96 1.44
N GLN G 260 16.24 -51.89 2.77
CA GLN G 260 14.98 -51.93 3.49
C GLN G 260 14.10 -50.74 3.08
N LEU G 261 14.73 -49.57 2.96
CA LEU G 261 14.01 -48.34 2.67
C LEU G 261 13.52 -48.37 1.23
N LEU G 262 14.40 -48.81 0.32
CA LEU G 262 13.99 -48.90 -1.08
C LEU G 262 12.84 -49.91 -1.20
N HIS G 263 12.90 -50.98 -0.40
CA HIS G 263 11.85 -51.98 -0.43
C HIS G 263 10.54 -51.34 -0.01
N TRP G 264 10.61 -50.54 1.06
CA TRP G 264 9.47 -49.84 1.60
C TRP G 264 8.82 -48.98 0.52
N ALA G 265 9.67 -48.35 -0.30
CA ALA G 265 9.23 -47.40 -1.31
C ALA G 265 8.59 -48.16 -2.50
N GLU G 266 9.11 -49.36 -2.75
CA GLU G 266 9.20 -50.07 -4.01
C GLU G 266 7.88 -50.25 -4.75
N ALA G 267 6.90 -50.84 -4.03
CA ALA G 267 5.70 -51.24 -4.79
C ALA G 267 4.66 -50.14 -4.78
N HIS G 268 4.64 -49.32 -3.71
CA HIS G 268 3.56 -48.37 -3.51
C HIS G 268 3.77 -47.16 -4.41
N GLU G 269 2.70 -46.69 -5.02
CA GLU G 269 2.85 -45.72 -6.12
C GLU G 269 3.18 -44.34 -5.57
N ASN G 270 2.68 -44.07 -4.39
CA ASN G 270 2.70 -42.73 -3.78
C ASN G 270 3.90 -42.58 -2.87
N ARG G 271 4.76 -43.61 -2.70
CA ARG G 271 5.92 -43.43 -1.84
C ARG G 271 7.12 -42.96 -2.65
N TYR G 272 7.93 -42.09 -2.02
CA TYR G 272 9.18 -41.64 -2.61
C TYR G 272 10.20 -41.43 -1.51
N ILE G 273 11.46 -41.31 -1.93
CA ILE G 273 12.55 -40.98 -1.03
C ILE G 273 13.24 -39.73 -1.55
N ILE G 274 13.43 -38.75 -0.66
CA ILE G 274 14.25 -37.60 -1.05
C ILE G 274 15.65 -37.80 -0.47
N GLU G 275 16.62 -37.90 -1.37
CA GLU G 275 18.00 -38.07 -0.99
C GLU G 275 18.65 -36.69 -1.06
N ASP G 276 19.01 -36.19 0.13
CA ASP G 276 19.70 -34.92 0.25
C ASP G 276 21.19 -35.19 0.23
N ASP G 277 21.87 -34.58 -0.73
CA ASP G 277 23.33 -34.62 -0.80
C ASP G 277 23.86 -33.19 -0.83
N TYR G 278 23.25 -32.32 -0.03
CA TYR G 278 23.67 -30.93 0.17
C TYR G 278 25.14 -30.91 0.57
N ASP G 279 25.56 -31.91 1.35
CA ASP G 279 26.95 -32.07 1.77
C ASP G 279 27.57 -33.18 0.93
N SER G 280 27.85 -32.91 -0.36
CA SER G 280 28.40 -33.97 -1.21
C SER G 280 29.93 -34.12 -1.15
N GLU G 281 30.66 -33.01 -1.27
CA GLU G 281 31.97 -33.11 -1.92
C GLU G 281 33.14 -33.40 -0.99
N PHE G 282 33.06 -33.06 0.30
CA PHE G 282 34.29 -32.94 1.08
C PHE G 282 34.51 -34.10 2.05
N ARG G 283 35.03 -35.19 1.50
CA ARG G 283 35.35 -36.39 2.24
C ARG G 283 36.85 -36.59 2.14
N TYR G 284 37.45 -36.94 3.28
CA TYR G 284 38.88 -37.05 3.44
C TYR G 284 39.25 -38.48 3.88
N THR G 285 38.31 -39.19 4.51
CA THR G 285 38.59 -40.48 5.12
C THR G 285 37.37 -41.37 4.97
N GLY G 286 37.59 -42.69 4.99
CA GLY G 286 36.53 -43.66 4.82
C GLY G 286 36.30 -44.01 3.34
N LYS G 287 35.63 -45.16 3.12
CA LYS G 287 35.31 -45.62 1.79
C LYS G 287 34.19 -44.74 1.23
N THR G 288 34.37 -44.27 -0.01
CA THR G 288 33.50 -43.30 -0.62
C THR G 288 32.27 -44.03 -1.18
N ILE G 289 31.22 -44.19 -0.35
CA ILE G 289 30.04 -44.99 -0.70
C ILE G 289 29.04 -44.19 -1.54
N PRO G 290 28.34 -44.80 -2.54
CA PRO G 290 27.65 -44.02 -3.58
C PRO G 290 26.25 -43.54 -3.17
N SER G 291 25.60 -42.80 -4.10
CA SER G 291 24.23 -42.35 -3.90
C SER G 291 23.26 -43.53 -3.78
N LEU G 292 22.24 -43.36 -2.93
CA LEU G 292 21.11 -44.26 -2.86
C LEU G 292 20.38 -44.22 -4.19
N GLN G 293 20.49 -43.12 -4.93
CA GLN G 293 19.77 -42.96 -6.18
C GLN G 293 20.32 -43.95 -7.20
N SER G 294 21.62 -44.26 -7.06
CA SER G 294 22.32 -45.15 -7.97
C SER G 294 21.81 -46.59 -7.85
N MET G 295 21.38 -47.01 -6.64
CA MET G 295 20.72 -48.27 -6.37
C MET G 295 19.24 -48.26 -6.79
N ASP G 296 18.67 -47.11 -7.11
CA ASP G 296 17.23 -47.09 -7.26
C ASP G 296 16.90 -47.58 -8.66
N VAL G 297 16.12 -48.65 -8.71
CA VAL G 297 15.73 -49.17 -10.00
C VAL G 297 14.21 -49.09 -10.11
N HIS G 298 13.56 -48.46 -9.12
CA HIS G 298 12.10 -48.40 -9.16
C HIS G 298 11.53 -47.00 -9.37
N ASN G 299 12.38 -46.00 -9.68
CA ASN G 299 11.92 -44.61 -9.87
C ASN G 299 11.29 -44.06 -8.60
N LYS G 300 12.02 -44.19 -7.50
CA LYS G 300 11.49 -43.97 -6.17
C LYS G 300 12.27 -42.85 -5.48
N VAL G 301 13.49 -42.57 -5.95
CA VAL G 301 14.40 -41.63 -5.30
C VAL G 301 14.49 -40.32 -6.06
N ILE G 302 14.23 -39.20 -5.33
CA ILE G 302 14.43 -37.83 -5.78
C ILE G 302 15.77 -37.34 -5.21
N TYR G 303 16.66 -36.86 -6.07
CA TYR G 303 18.01 -36.55 -5.63
C TYR G 303 18.19 -35.04 -5.64
N LEU G 304 18.76 -34.54 -4.55
CA LEU G 304 18.72 -33.12 -4.25
C LEU G 304 20.15 -32.68 -3.92
N GLY G 305 20.60 -31.62 -4.60
CA GLY G 305 21.92 -31.11 -4.32
C GLY G 305 22.05 -29.65 -4.74
N ALA G 306 23.21 -29.06 -4.39
CA ALA G 306 23.36 -27.62 -4.64
C ALA G 306 24.82 -27.23 -4.81
N PHE G 307 25.01 -26.12 -5.54
CA PHE G 307 26.28 -25.45 -5.62
C PHE G 307 26.48 -24.47 -4.46
N SER G 308 26.34 -24.89 -3.20
CA SER G 308 26.60 -23.98 -2.08
C SER G 308 27.96 -24.24 -1.43
N LYS G 309 28.21 -25.46 -0.93
CA LYS G 309 29.48 -25.72 -0.24
C LYS G 309 30.64 -25.83 -1.24
N SER G 310 30.40 -26.39 -2.43
CA SER G 310 31.22 -26.11 -3.60
C SER G 310 30.80 -24.72 -4.06
N LEU G 311 31.57 -24.08 -4.93
CA LEU G 311 31.13 -22.80 -5.48
C LEU G 311 30.76 -21.71 -4.44
N ILE G 312 29.53 -21.15 -4.55
CA ILE G 312 29.15 -19.89 -3.91
C ILE G 312 27.73 -19.93 -3.33
N PRO G 313 27.54 -19.98 -1.98
CA PRO G 313 26.19 -20.03 -1.42
C PRO G 313 25.21 -18.95 -1.88
N SER G 314 25.72 -17.74 -2.15
CA SER G 314 24.82 -16.60 -2.30
C SER G 314 24.30 -16.47 -3.72
N VAL G 315 24.74 -17.36 -4.61
CA VAL G 315 24.29 -17.31 -6.00
C VAL G 315 22.96 -18.06 -6.13
N ARG G 316 22.65 -18.85 -5.09
CA ARG G 316 21.42 -19.61 -4.94
C ARG G 316 21.18 -20.50 -6.16
N ILE G 317 22.09 -21.46 -6.39
CA ILE G 317 21.89 -22.42 -7.47
C ILE G 317 21.79 -23.84 -6.93
N SER G 318 20.64 -24.47 -7.12
CA SER G 318 20.41 -25.83 -6.62
C SER G 318 19.75 -26.67 -7.70
N TYR G 319 19.81 -27.99 -7.50
CA TYR G 319 19.25 -28.90 -8.50
C TYR G 319 18.54 -30.05 -7.79
N MET G 320 17.48 -30.48 -8.44
CA MET G 320 16.78 -31.68 -7.99
C MET G 320 16.63 -32.59 -9.20
N VAL G 321 16.97 -33.88 -9.00
CA VAL G 321 16.85 -34.91 -10.04
C VAL G 321 15.60 -35.75 -9.76
N LEU G 322 14.65 -35.68 -10.69
CA LEU G 322 13.37 -36.36 -10.54
C LEU G 322 13.37 -37.72 -11.26
N PRO G 323 12.81 -38.78 -10.65
CA PRO G 323 12.44 -39.98 -11.41
C PRO G 323 11.62 -39.62 -12.65
N ALA G 324 11.82 -40.36 -13.74
CA ALA G 324 11.40 -39.86 -15.04
C ALA G 324 9.89 -39.64 -15.13
N PRO G 325 8.99 -40.47 -14.53
CA PRO G 325 7.57 -40.13 -14.44
C PRO G 325 7.28 -38.75 -13.83
N LEU G 326 7.92 -38.45 -12.68
CA LEU G 326 7.78 -37.16 -12.00
C LEU G 326 8.29 -36.03 -12.90
N ALA G 327 9.44 -36.24 -13.55
CA ALA G 327 9.95 -35.20 -14.41
C ALA G 327 8.93 -34.85 -15.50
N HIS G 328 8.14 -35.84 -15.95
CA HIS G 328 7.24 -35.56 -17.05
C HIS G 328 6.06 -34.77 -16.52
N LEU G 329 5.64 -35.17 -15.31
CA LEU G 329 4.53 -34.54 -14.61
C LEU G 329 4.92 -33.10 -14.26
N TYR G 330 6.14 -32.91 -13.73
CA TYR G 330 6.68 -31.59 -13.46
C TYR G 330 6.60 -30.71 -14.71
N LYS G 331 7.15 -31.16 -15.84
CA LYS G 331 7.18 -30.30 -17.01
C LYS G 331 5.77 -29.88 -17.43
N ASN G 332 4.74 -30.66 -17.07
CA ASN G 332 3.37 -30.37 -17.49
C ASN G 332 2.68 -29.45 -16.50
N LYS G 333 2.76 -29.83 -15.21
CA LYS G 333 2.11 -29.16 -14.10
C LYS G 333 2.61 -27.72 -13.99
N PHE G 334 3.92 -27.53 -14.18
CA PHE G 334 4.53 -26.23 -13.97
C PHE G 334 4.96 -25.59 -15.28
N SER G 335 4.20 -25.84 -16.36
CA SER G 335 4.60 -25.40 -17.69
C SER G 335 4.69 -23.87 -17.77
N TYR G 336 3.97 -23.16 -16.90
CA TYR G 336 3.78 -21.73 -17.03
C TYR G 336 4.75 -20.97 -16.10
N TYR G 337 5.47 -21.69 -15.24
CA TYR G 337 6.51 -21.12 -14.41
C TYR G 337 7.69 -20.62 -15.24
N HIS G 338 8.56 -19.85 -14.58
CA HIS G 338 9.79 -19.36 -15.13
C HIS G 338 10.88 -19.87 -14.21
N SER G 339 12.12 -19.87 -14.70
CA SER G 339 13.21 -20.29 -13.85
C SER G 339 13.34 -19.34 -12.65
N THR G 340 13.78 -19.86 -11.51
CA THR G 340 14.15 -18.97 -10.43
C THR G 340 15.65 -18.75 -10.38
N VAL G 341 16.40 -19.13 -11.42
CA VAL G 341 17.85 -18.94 -11.43
C VAL G 341 18.24 -18.18 -12.67
N SER G 342 19.14 -17.22 -12.49
CA SER G 342 19.48 -16.33 -13.59
C SER G 342 20.05 -17.17 -14.75
N ARG G 343 19.51 -17.02 -15.97
CA ARG G 343 20.11 -17.63 -17.15
C ARG G 343 21.59 -17.29 -17.22
N ILE G 344 21.95 -16.02 -17.03
CA ILE G 344 23.33 -15.62 -17.16
C ILE G 344 24.16 -16.49 -16.24
N ASP G 345 23.67 -16.70 -15.01
CA ASP G 345 24.50 -17.36 -13.99
C ASP G 345 24.60 -18.83 -14.37
N GLN G 346 23.50 -19.37 -14.92
CA GLN G 346 23.48 -20.75 -15.37
C GLN G 346 24.55 -20.96 -16.45
N GLN G 347 24.51 -20.11 -17.49
CA GLN G 347 25.48 -20.15 -18.57
C GLN G 347 26.92 -20.04 -18.05
N VAL G 348 27.14 -19.09 -17.13
CA VAL G 348 28.46 -18.91 -16.56
C VAL G 348 28.90 -20.21 -15.90
N LEU G 349 28.07 -20.75 -15.02
CA LEU G 349 28.46 -21.96 -14.28
C LEU G 349 28.61 -23.13 -15.25
N THR G 350 27.78 -23.16 -16.31
CA THR G 350 27.87 -24.18 -17.34
C THR G 350 29.28 -24.19 -17.89
N ALA G 351 29.75 -23.01 -18.37
CA ALA G 351 31.10 -22.89 -18.89
C ALA G 351 32.13 -23.30 -17.86
N PHE G 352 32.05 -22.76 -16.65
CA PHE G 352 33.01 -23.04 -15.61
C PHE G 352 33.16 -24.56 -15.43
N MET G 353 32.07 -25.29 -15.68
CA MET G 353 32.07 -26.71 -15.43
C MET G 353 32.67 -27.43 -16.63
N LYS G 354 32.16 -27.08 -17.82
CA LYS G 354 32.57 -27.68 -19.09
C LYS G 354 34.07 -27.62 -19.31
N GLN G 355 34.71 -26.47 -19.06
CA GLN G 355 36.14 -26.31 -19.28
C GLN G 355 36.97 -26.81 -18.09
N GLY G 356 36.35 -27.51 -17.14
CA GLY G 356 37.12 -28.25 -16.14
C GLY G 356 37.54 -27.43 -14.91
N ASP G 357 37.25 -26.12 -14.94
CA ASP G 357 37.55 -25.21 -13.84
C ASP G 357 36.79 -25.55 -12.57
N PHE G 358 35.52 -25.99 -12.74
CA PHE G 358 34.79 -26.46 -11.59
C PHE G 358 35.55 -27.62 -10.91
N GLU G 359 36.07 -28.53 -11.73
CA GLU G 359 36.69 -29.70 -11.14
C GLU G 359 38.00 -29.31 -10.46
N LYS G 360 38.73 -28.36 -11.09
CA LYS G 360 39.94 -27.82 -10.47
C LYS G 360 39.59 -27.16 -9.14
N HIS G 361 38.53 -26.33 -9.16
CA HIS G 361 38.06 -25.64 -7.97
C HIS G 361 37.84 -26.63 -6.83
N LEU G 362 37.11 -27.69 -7.14
CA LEU G 362 36.76 -28.70 -6.14
C LEU G 362 38.01 -29.27 -5.48
N ASN G 363 39.03 -29.57 -6.30
CA ASN G 363 40.24 -30.21 -5.79
C ASN G 363 40.99 -29.24 -4.90
N ARG G 364 41.12 -28.00 -5.39
CA ARG G 364 41.81 -26.95 -4.68
C ARG G 364 41.19 -26.75 -3.30
N MET G 365 39.84 -26.72 -3.28
CA MET G 365 39.13 -26.42 -2.06
C MET G 365 39.26 -27.60 -1.10
N ARG G 366 39.24 -28.82 -1.66
CA ARG G 366 39.27 -30.03 -0.84
C ARG G 366 40.54 -30.01 -0.01
N LYS G 367 41.63 -29.55 -0.63
CA LYS G 367 42.94 -29.47 0.02
C LYS G 367 42.85 -28.46 1.16
N ILE G 368 42.30 -27.28 0.86
CA ILE G 368 42.22 -26.20 1.84
C ILE G 368 41.40 -26.64 3.06
N TYR G 369 40.21 -27.23 2.80
CA TYR G 369 39.36 -27.59 3.90
C TYR G 369 40.05 -28.69 4.73
N ARG G 370 40.77 -29.58 4.06
CA ARG G 370 41.46 -30.67 4.73
C ARG G 370 42.49 -30.10 5.71
N ARG G 371 43.28 -29.11 5.26
CA ARG G 371 44.27 -28.47 6.11
C ARG G 371 43.61 -27.85 7.34
N LYS G 372 42.54 -27.10 7.12
CA LYS G 372 41.83 -26.43 8.20
C LYS G 372 41.35 -27.46 9.23
N LEU G 373 40.75 -28.55 8.75
CA LEU G 373 40.18 -29.55 9.63
C LEU G 373 41.31 -30.18 10.45
N GLU G 374 42.45 -30.42 9.80
CA GLU G 374 43.57 -31.09 10.45
C GLU G 374 44.17 -30.19 11.51
N LYS G 375 44.27 -28.89 11.24
CA LYS G 375 44.75 -27.93 12.23
C LYS G 375 43.82 -27.94 13.45
N VAL G 376 42.51 -28.00 13.18
CA VAL G 376 41.50 -27.94 14.23
C VAL G 376 41.61 -29.17 15.12
N LEU G 377 41.75 -30.34 14.49
CA LEU G 377 41.84 -31.60 15.22
C LEU G 377 43.14 -31.60 16.02
N SER G 378 44.23 -31.12 15.39
CA SER G 378 45.54 -31.01 16.00
C SER G 378 45.44 -30.27 17.33
N LEU G 379 44.67 -29.18 17.36
CA LEU G 379 44.51 -28.38 18.56
C LEU G 379 43.61 -29.09 19.57
N LEU G 380 42.47 -29.63 19.11
CA LEU G 380 41.45 -30.10 20.03
C LEU G 380 41.81 -31.45 20.65
N LYS G 381 42.67 -32.23 19.99
CA LYS G 381 43.02 -33.57 20.44
C LYS G 381 43.73 -33.53 21.78
N ARG G 382 44.12 -32.32 22.21
CA ARG G 382 44.86 -32.13 23.45
C ARG G 382 43.94 -32.23 24.68
N TYR G 383 42.63 -32.21 24.45
CA TYR G 383 41.65 -32.11 25.53
C TYR G 383 40.73 -33.34 25.47
N GLU G 384 41.30 -34.47 25.04
CA GLU G 384 40.57 -35.66 24.58
C GLU G 384 39.72 -36.27 25.69
N ASP G 385 39.90 -35.80 26.92
CA ASP G 385 39.19 -36.33 28.08
C ASP G 385 37.87 -35.61 28.27
N LYS G 386 37.78 -34.34 27.86
CA LYS G 386 36.64 -33.49 28.20
C LYS G 386 35.91 -32.98 26.95
N LEU G 387 36.58 -33.08 25.80
CA LEU G 387 35.99 -32.82 24.49
C LEU G 387 36.12 -34.04 23.60
N LEU G 388 34.97 -34.59 23.18
CA LEU G 388 34.97 -35.66 22.19
C LEU G 388 34.48 -35.11 20.85
N ILE G 389 35.18 -35.51 19.78
CA ILE G 389 34.85 -35.10 18.42
C ILE G 389 34.05 -36.20 17.72
N ILE G 390 33.04 -35.80 16.95
CA ILE G 390 32.23 -36.73 16.16
C ILE G 390 32.21 -36.27 14.69
N GLY G 391 32.36 -37.22 13.78
CA GLY G 391 32.22 -37.02 12.33
C GLY G 391 33.38 -36.20 11.76
N GLU G 392 34.58 -36.51 12.27
CA GLU G 392 35.75 -35.69 12.01
C GLU G 392 36.29 -35.90 10.59
N ARG G 393 35.76 -36.84 9.85
CA ARG G 393 36.33 -37.26 8.60
C ARG G 393 35.57 -36.71 7.40
N SER G 394 34.57 -35.84 7.65
CA SER G 394 33.74 -35.39 6.56
C SER G 394 33.22 -33.97 6.80
N GLY G 395 33.16 -33.20 5.71
CA GLY G 395 32.43 -31.95 5.72
C GLY G 395 33.28 -30.82 6.30
N LEU G 396 32.63 -29.66 6.48
CA LEU G 396 33.25 -28.41 6.81
C LEU G 396 33.02 -28.07 8.27
N HIS G 397 32.66 -29.09 9.05
CA HIS G 397 32.26 -28.93 10.42
C HIS G 397 32.48 -30.22 11.20
N ILE G 398 32.49 -30.10 12.54
CA ILE G 398 32.58 -31.21 13.47
C ILE G 398 31.59 -30.98 14.60
N VAL G 399 31.33 -32.03 15.38
CA VAL G 399 30.55 -31.91 16.59
C VAL G 399 31.49 -32.15 17.79
N LEU G 400 31.38 -31.28 18.80
CA LEU G 400 32.09 -31.45 20.06
C LEU G 400 31.07 -31.79 21.14
N VAL G 401 31.34 -32.89 21.85
CA VAL G 401 30.64 -33.18 23.09
C VAL G 401 31.48 -32.58 24.20
N VAL G 402 30.87 -31.72 25.02
CA VAL G 402 31.60 -30.97 26.02
C VAL G 402 31.13 -31.39 27.41
N LYS G 403 32.08 -31.82 28.23
CA LYS G 403 31.81 -32.37 29.55
C LYS G 403 32.30 -31.39 30.63
N ASN G 404 31.93 -30.13 30.48
CA ASN G 404 32.31 -29.08 31.40
C ASN G 404 31.38 -28.99 32.60
N GLY G 405 30.25 -29.70 32.53
CA GLY G 405 29.16 -29.46 33.46
C GLY G 405 28.48 -28.12 33.21
N MET G 406 29.05 -27.30 32.31
CA MET G 406 28.35 -26.19 31.69
C MET G 406 27.31 -26.78 30.72
N ASP G 407 26.10 -26.20 30.76
CA ASP G 407 25.04 -26.67 29.88
C ASP G 407 25.24 -26.04 28.51
N GLU G 408 24.45 -26.54 27.55
CA GLU G 408 24.54 -26.13 26.15
C GLU G 408 24.40 -24.61 26.05
N GLN G 409 23.38 -24.06 26.73
CA GLN G 409 23.08 -22.65 26.64
C GLN G 409 24.25 -21.81 27.15
N THR G 410 24.83 -22.26 28.28
CA THR G 410 25.95 -21.59 28.94
C THR G 410 27.13 -21.52 27.97
N LEU G 411 27.40 -22.66 27.31
CA LEU G 411 28.53 -22.78 26.39
C LEU G 411 28.39 -21.79 25.24
N VAL G 412 27.16 -21.64 24.71
CA VAL G 412 26.86 -20.76 23.59
C VAL G 412 27.13 -19.31 24.02
N GLU G 413 26.57 -18.93 25.17
CA GLU G 413 26.61 -17.56 25.68
C GLU G 413 28.05 -17.14 26.00
N LYS G 414 28.80 -18.03 26.64
CA LYS G 414 30.18 -17.76 27.00
C LYS G 414 31.01 -17.51 25.74
N ALA G 415 30.75 -18.32 24.70
CA ALA G 415 31.43 -18.19 23.43
C ALA G 415 31.08 -16.85 22.79
N LEU G 416 29.80 -16.47 22.86
CA LEU G 416 29.29 -15.26 22.23
C LEU G 416 29.91 -14.06 22.92
N ALA G 417 30.03 -14.15 24.26
CA ALA G 417 30.71 -13.15 25.04
C ALA G 417 32.15 -12.96 24.54
N ALA G 418 32.78 -14.04 24.09
CA ALA G 418 34.15 -13.94 23.61
C ALA G 418 34.18 -13.55 22.13
N LYS G 419 33.01 -13.15 21.60
CA LYS G 419 32.85 -12.70 20.21
C LYS G 419 32.99 -13.85 19.21
N ALA G 420 32.57 -15.06 19.62
CA ALA G 420 32.58 -16.25 18.78
C ALA G 420 31.20 -16.91 18.78
N LYS G 421 30.64 -17.10 17.58
CA LYS G 421 29.32 -17.71 17.42
C LYS G 421 29.50 -19.19 17.15
N VAL G 422 28.85 -20.00 18.03
CA VAL G 422 28.88 -21.44 17.90
C VAL G 422 27.45 -21.97 17.93
N TYR G 423 27.28 -23.22 17.46
CA TYR G 423 25.95 -23.68 17.11
C TYR G 423 25.55 -24.85 17.99
N PRO G 424 24.49 -24.64 18.83
CA PRO G 424 24.04 -25.70 19.73
C PRO G 424 23.34 -26.77 18.89
N LEU G 425 23.58 -28.02 19.27
CA LEU G 425 23.02 -29.10 18.49
C LEU G 425 21.50 -29.15 18.62
N SER G 426 20.98 -28.56 19.70
CA SER G 426 19.54 -28.52 19.93
C SER G 426 18.83 -27.68 18.88
N ALA G 427 19.59 -26.90 18.12
CA ALA G 427 19.08 -26.09 17.02
C ALA G 427 18.59 -27.00 15.90
N TYR G 428 19.02 -28.26 15.99
CA TYR G 428 18.86 -29.24 14.93
C TYR G 428 18.06 -30.43 15.45
N SER G 429 17.33 -30.26 16.55
CA SER G 429 16.77 -31.37 17.31
C SER G 429 15.37 -31.00 17.83
N LEU G 430 14.45 -31.95 17.74
CA LEU G 430 13.12 -31.83 18.30
C LEU G 430 13.04 -32.72 19.55
N GLU G 431 12.98 -34.03 19.26
CA GLU G 431 12.26 -34.99 20.10
C GLU G 431 13.01 -35.28 21.39
N ARG G 432 14.35 -35.15 21.39
CA ARG G 432 15.17 -35.68 22.46
C ARG G 432 16.07 -34.59 23.00
N ALA G 433 16.03 -34.48 24.32
CA ALA G 433 16.88 -33.62 25.14
C ALA G 433 18.33 -34.13 25.07
N ILE G 434 19.28 -33.28 24.69
CA ILE G 434 20.58 -33.75 24.24
C ILE G 434 21.60 -33.60 25.37
N HIS G 435 22.17 -34.71 25.82
CA HIS G 435 23.17 -34.70 26.87
C HIS G 435 24.23 -35.77 26.57
N PRO G 436 25.55 -35.53 26.84
CA PRO G 436 26.07 -34.24 27.26
C PRO G 436 25.91 -33.14 26.21
N PRO G 437 26.09 -31.85 26.58
CA PRO G 437 25.97 -30.74 25.63
C PRO G 437 26.84 -30.95 24.39
N GLN G 438 26.28 -30.61 23.22
CA GLN G 438 27.02 -30.73 21.99
C GLN G 438 26.94 -29.44 21.20
N ILE G 439 28.10 -29.08 20.61
CA ILE G 439 28.22 -27.87 19.81
C ILE G 439 28.78 -28.25 18.44
N VAL G 440 28.20 -27.63 17.41
CA VAL G 440 28.67 -27.77 16.04
C VAL G 440 29.62 -26.62 15.78
N LEU G 441 30.84 -26.94 15.28
CA LEU G 441 31.75 -25.93 14.80
C LEU G 441 32.01 -26.13 13.32
N GLY G 442 31.77 -25.08 12.53
CA GLY G 442 32.16 -25.09 11.13
C GLY G 442 33.30 -24.11 10.88
N PHE G 443 34.17 -24.49 9.94
CA PHE G 443 35.40 -23.75 9.80
C PHE G 443 35.57 -23.22 8.39
N GLY G 444 34.46 -23.18 7.67
CA GLY G 444 34.53 -22.69 6.30
C GLY G 444 35.06 -21.26 6.25
N SER G 445 34.40 -20.40 7.06
CA SER G 445 34.61 -18.97 7.00
C SER G 445 35.78 -18.52 7.89
N ILE G 446 36.20 -19.34 8.87
CA ILE G 446 37.33 -18.98 9.71
C ILE G 446 38.60 -19.02 8.86
N PRO G 447 39.37 -17.90 8.74
CA PRO G 447 40.56 -17.91 7.88
C PRO G 447 41.63 -18.85 8.44
N GLU G 448 42.40 -19.47 7.55
CA GLU G 448 43.27 -20.58 7.91
C GLU G 448 44.29 -20.16 8.96
N ASP G 449 44.81 -18.92 8.80
CA ASP G 449 45.88 -18.40 9.62
C ASP G 449 45.33 -17.85 10.95
N GLU G 450 44.04 -18.00 11.18
CA GLU G 450 43.44 -17.50 12.42
C GLU G 450 42.78 -18.63 13.19
N LEU G 451 42.92 -19.87 12.70
CA LEU G 451 42.20 -20.98 13.25
C LEU G 451 42.58 -21.22 14.70
N GLU G 452 43.88 -21.17 14.99
CA GLU G 452 44.38 -21.47 16.32
C GLU G 452 43.83 -20.43 17.29
N GLU G 453 43.87 -19.17 16.86
CA GLU G 453 43.37 -18.06 17.66
C GLU G 453 41.88 -18.24 17.97
N ALA G 454 41.13 -18.62 16.93
CA ALA G 454 39.68 -18.77 16.99
C ALA G 454 39.30 -19.89 17.96
N ILE G 455 39.99 -21.03 17.83
CA ILE G 455 39.65 -22.16 18.68
C ILE G 455 40.03 -21.83 20.11
N ALA G 456 41.18 -21.18 20.25
CA ALA G 456 41.68 -20.71 21.54
C ALA G 456 40.62 -19.84 22.21
N THR G 457 40.05 -18.88 21.45
CA THR G 457 39.05 -17.98 21.98
C THR G 457 37.89 -18.76 22.60
N VAL G 458 37.43 -19.80 21.90
CA VAL G 458 36.26 -20.57 22.32
C VAL G 458 36.62 -21.40 23.54
N LEU G 459 37.76 -22.09 23.46
CA LEU G 459 38.22 -22.97 24.53
C LEU G 459 38.41 -22.15 25.81
N ASN G 460 39.05 -20.98 25.63
CA ASN G 460 39.34 -20.09 26.72
C ASN G 460 38.04 -19.68 27.42
N ALA G 461 37.04 -19.28 26.63
CA ALA G 461 35.77 -18.80 27.17
C ALA G 461 35.07 -19.93 27.89
N TRP G 462 35.42 -21.18 27.55
CA TRP G 462 34.81 -22.35 28.15
C TRP G 462 35.62 -22.80 29.36
N GLY G 463 36.65 -22.03 29.73
CA GLY G 463 37.41 -22.28 30.93
C GLY G 463 38.50 -23.34 30.75
N PHE G 464 38.85 -23.65 29.50
CA PHE G 464 39.99 -24.51 29.26
C PHE G 464 41.27 -23.71 29.29
N LEU G 465 42.36 -24.38 29.68
CA LEU G 465 43.66 -23.71 29.70
C LEU G 465 44.26 -23.84 28.31
N VAL G 466 44.85 -22.78 27.75
CA VAL G 466 45.28 -22.81 26.36
C VAL G 466 46.72 -22.32 26.30
N PRO G 467 47.65 -23.01 25.58
CA PRO G 467 49.01 -22.48 25.39
C PRO G 467 49.01 -21.13 24.65
N ARG G 468 49.88 -20.20 25.08
CA ARG G 468 49.57 -18.78 24.86
C ARG G 468 49.82 -18.36 23.41
N GLY G 469 49.10 -17.30 23.00
CA GLY G 469 49.40 -16.59 21.78
C GLY G 469 50.75 -15.88 21.92
N SER G 470 51.63 -16.12 20.94
CA SER G 470 53.02 -15.70 21.03
C SER G 470 53.63 -15.65 19.62
N THR H 104 11.71 -24.18 -35.67
CA THR H 104 11.99 -23.04 -34.76
C THR H 104 11.16 -21.84 -35.20
N ILE H 105 10.60 -21.14 -34.22
CA ILE H 105 9.90 -19.87 -34.30
C ILE H 105 10.86 -18.73 -34.65
N ARG H 106 10.46 -17.92 -35.64
CA ARG H 106 11.31 -16.88 -36.17
C ARG H 106 10.98 -15.55 -35.50
N TYR H 107 9.67 -15.32 -35.28
CA TYR H 107 9.13 -14.11 -34.68
C TYR H 107 8.24 -14.47 -33.49
N ASN H 108 8.64 -13.97 -32.32
CA ASN H 108 7.94 -14.27 -31.08
C ASN H 108 7.30 -13.01 -30.51
N PHE H 109 5.98 -12.90 -30.66
CA PHE H 109 5.29 -11.68 -30.30
C PHE H 109 4.86 -11.70 -28.84
N HIS H 110 5.81 -12.02 -27.96
CA HIS H 110 5.54 -12.14 -26.54
C HIS H 110 5.39 -10.76 -25.89
N PRO H 111 4.30 -10.57 -25.12
CA PRO H 111 4.03 -9.29 -24.45
C PRO H 111 5.09 -8.80 -23.48
N THR H 112 5.86 -9.75 -22.91
CA THR H 112 6.78 -9.38 -21.85
C THR H 112 8.23 -9.42 -22.33
N HIS H 113 8.45 -9.62 -23.62
CA HIS H 113 9.80 -9.66 -24.15
C HIS H 113 10.35 -8.24 -24.23
N ILE H 114 11.69 -8.12 -24.16
CA ILE H 114 12.34 -6.83 -24.26
C ILE H 114 13.20 -6.79 -25.52
N ASP H 115 13.64 -5.58 -25.87
CA ASP H 115 14.63 -5.43 -26.93
C ASP H 115 16.01 -5.79 -26.40
N THR H 116 16.41 -7.04 -26.65
CA THR H 116 17.61 -7.61 -26.07
C THR H 116 18.87 -6.97 -26.64
N THR H 117 18.80 -6.57 -27.91
CA THR H 117 19.98 -6.09 -28.63
C THR H 117 20.44 -4.74 -28.08
N SER H 118 19.48 -3.99 -27.49
CA SER H 118 19.64 -2.62 -27.01
C SER H 118 20.31 -2.55 -25.63
N PHE H 119 20.50 -3.67 -24.94
CA PHE H 119 20.85 -3.59 -23.53
C PHE H 119 22.29 -3.10 -23.34
N PRO H 120 22.59 -2.25 -22.32
CA PRO H 120 23.96 -1.84 -22.02
C PRO H 120 24.91 -2.89 -21.46
N PHE H 121 25.24 -3.88 -22.30
CA PHE H 121 26.14 -4.96 -21.90
C PHE H 121 27.41 -4.47 -21.22
N GLU H 122 27.95 -3.36 -21.74
CA GLU H 122 29.29 -2.95 -21.32
C GLU H 122 29.23 -2.47 -19.87
N GLN H 123 28.17 -1.70 -19.58
CA GLN H 123 28.02 -1.13 -18.25
C GLN H 123 27.78 -2.25 -17.25
N TRP H 124 26.88 -3.18 -17.64
CA TRP H 124 26.50 -4.27 -16.76
C TRP H 124 27.76 -5.03 -16.36
N ARG H 125 28.56 -5.30 -17.41
CA ARG H 125 29.77 -6.08 -17.24
C ARG H 125 30.73 -5.34 -16.29
N LYS H 126 30.75 -4.00 -16.43
CA LYS H 126 31.58 -3.14 -15.60
C LYS H 126 31.19 -3.30 -14.13
N TYR H 127 29.88 -3.17 -13.86
CA TYR H 127 29.45 -3.26 -12.48
C TYR H 127 29.70 -4.66 -11.93
N PHE H 128 29.54 -5.68 -12.81
CA PHE H 128 29.82 -7.03 -12.38
C PHE H 128 31.26 -7.13 -11.90
N LYS H 129 32.18 -6.58 -12.73
CA LYS H 129 33.60 -6.58 -12.45
C LYS H 129 33.90 -5.90 -11.11
N GLN H 130 33.23 -4.78 -10.84
CA GLN H 130 33.40 -4.05 -9.58
C GLN H 130 32.92 -4.86 -8.39
N THR H 131 31.82 -5.61 -8.55
CA THR H 131 31.20 -6.30 -7.42
C THR H 131 31.85 -7.65 -7.12
N MET H 132 32.11 -8.43 -8.18
CA MET H 132 32.57 -9.81 -8.02
C MET H 132 34.10 -9.82 -8.01
N CYS H 133 34.68 -9.72 -6.81
CA CYS H 133 36.13 -9.52 -6.69
C CYS H 133 36.59 -9.74 -5.24
N LYS H 134 37.90 -9.94 -5.05
CA LYS H 134 38.48 -10.42 -3.80
C LYS H 134 38.09 -9.55 -2.61
N GLU H 135 37.93 -8.23 -2.82
CA GLU H 135 37.66 -7.31 -1.72
C GLU H 135 36.24 -7.51 -1.19
N ASN H 136 35.33 -7.93 -2.07
CA ASN H 136 33.94 -8.15 -1.71
C ASN H 136 33.67 -9.61 -1.38
N HIS H 137 34.70 -10.34 -0.93
CA HIS H 137 34.61 -11.78 -0.82
C HIS H 137 33.44 -12.20 0.06
N ARG H 138 33.01 -11.34 0.97
CA ARG H 138 31.98 -11.72 1.91
C ARG H 138 30.61 -11.80 1.21
N LEU H 139 30.49 -11.17 0.04
CA LEU H 139 29.29 -11.24 -0.78
C LEU H 139 28.97 -12.67 -1.20
N LEU H 140 29.96 -13.58 -1.14
CA LEU H 140 29.74 -14.96 -1.51
C LEU H 140 28.91 -15.71 -0.47
N LEU H 141 28.89 -15.24 0.78
CA LEU H 141 28.02 -15.87 1.78
C LEU H 141 26.62 -15.27 1.67
N ASN H 142 25.62 -15.96 2.21
CA ASN H 142 24.25 -15.50 2.03
C ASN H 142 23.98 -14.26 2.87
N GLY H 143 23.22 -13.33 2.29
CA GLY H 143 22.87 -12.08 2.97
C GLY H 143 21.53 -12.13 3.70
N ASP H 144 20.91 -10.97 3.84
CA ASP H 144 19.61 -10.84 4.46
C ASP H 144 18.61 -11.51 3.49
N HIS H 145 17.82 -12.44 4.03
CA HIS H 145 16.83 -13.14 3.25
C HIS H 145 15.89 -12.20 2.47
N GLN H 146 15.57 -11.06 3.06
CA GLN H 146 14.54 -10.18 2.55
C GLN H 146 15.09 -9.40 1.34
N GLY H 147 16.41 -9.38 1.21
CA GLY H 147 17.07 -8.55 0.22
C GLY H 147 18.23 -7.79 0.86
N GLU H 148 19.22 -7.41 0.07
CA GLU H 148 20.30 -6.57 0.57
C GLU H 148 19.73 -5.20 0.95
N ALA H 149 20.16 -4.70 2.13
CA ALA H 149 19.69 -3.40 2.59
C ALA H 149 19.98 -2.30 1.57
N SER H 150 21.23 -2.26 1.04
CA SER H 150 21.53 -1.33 -0.04
C SER H 150 20.49 -1.39 -1.15
N PHE H 151 20.02 -2.61 -1.47
CA PHE H 151 19.24 -2.76 -2.69
C PHE H 151 17.80 -2.33 -2.39
N ARG H 152 17.36 -2.71 -1.18
CA ARG H 152 16.02 -2.36 -0.75
C ARG H 152 15.89 -0.84 -0.69
N ARG H 153 16.96 -0.19 -0.19
CA ARG H 153 17.07 1.26 -0.12
C ARG H 153 16.89 1.92 -1.49
N GLU H 154 17.66 1.46 -2.49
CA GLU H 154 17.49 1.98 -3.84
C GLU H 154 16.09 1.75 -4.40
N ILE H 155 15.45 0.66 -3.97
CA ILE H 155 14.15 0.32 -4.52
C ILE H 155 13.16 1.36 -3.99
N ALA H 156 13.26 1.61 -2.67
CA ALA H 156 12.38 2.54 -1.99
C ALA H 156 12.57 3.95 -2.56
N TYR H 157 13.83 4.36 -2.75
CA TYR H 157 14.12 5.61 -3.43
C TYR H 157 13.48 5.64 -4.81
N TYR H 158 13.81 4.65 -5.66
CA TYR H 158 13.30 4.58 -7.03
C TYR H 158 11.78 4.70 -7.06
N LEU H 159 11.11 3.99 -6.14
CA LEU H 159 9.67 3.84 -6.23
C LEU H 159 9.01 5.18 -5.89
N HIS H 160 9.68 5.92 -4.99
CA HIS H 160 9.19 7.21 -4.55
C HIS H 160 9.24 8.21 -5.71
N HIS H 161 10.44 8.40 -6.30
CA HIS H 161 10.56 9.33 -7.41
C HIS H 161 9.72 8.96 -8.64
N SER H 162 9.55 7.66 -8.93
CA SER H 162 9.00 7.26 -10.21
C SER H 162 7.49 7.07 -10.13
N ARG H 163 6.99 6.66 -8.95
CA ARG H 163 5.61 6.17 -8.86
C ARG H 163 4.88 6.82 -7.69
N GLY H 164 5.65 7.52 -6.83
CA GLY H 164 5.07 8.18 -5.66
C GLY H 164 4.75 7.17 -4.57
N VAL H 165 5.51 6.08 -4.57
CA VAL H 165 5.20 5.03 -3.60
C VAL H 165 5.89 5.44 -2.31
N ASN H 166 5.17 5.27 -1.20
CA ASN H 166 5.80 5.62 0.05
C ASN H 166 6.06 4.35 0.83
N CYS H 167 7.33 4.01 1.02
CA CYS H 167 7.64 2.84 1.83
C CYS H 167 9.05 2.96 2.39
N THR H 168 9.31 2.22 3.47
CA THR H 168 10.64 2.10 4.02
C THR H 168 11.33 0.94 3.35
N PRO H 169 12.67 0.88 3.38
CA PRO H 169 13.41 -0.28 2.88
C PRO H 169 13.02 -1.57 3.58
N GLU H 170 12.53 -1.48 4.81
CA GLU H 170 12.27 -2.66 5.60
C GLU H 170 10.93 -3.25 5.19
N GLN H 171 10.24 -2.60 4.26
CA GLN H 171 8.95 -3.09 3.79
C GLN H 171 9.11 -3.72 2.41
N VAL H 172 10.35 -3.71 1.90
CA VAL H 172 10.63 -4.19 0.56
C VAL H 172 11.14 -5.61 0.67
N VAL H 173 10.45 -6.54 0.00
CA VAL H 173 10.88 -7.93 -0.10
C VAL H 173 11.31 -8.23 -1.55
N VAL H 174 12.55 -8.72 -1.66
CA VAL H 174 13.15 -9.06 -2.93
C VAL H 174 13.05 -10.57 -3.18
N GLY H 175 12.48 -10.94 -4.33
CA GLY H 175 12.44 -12.34 -4.72
C GLY H 175 12.62 -12.63 -6.20
N ALA H 176 12.84 -13.91 -6.51
CA ALA H 176 13.15 -14.34 -7.87
C ALA H 176 11.88 -14.44 -8.71
N GLY H 177 11.44 -13.29 -9.23
CA GLY H 177 10.25 -13.26 -10.06
C GLY H 177 8.96 -13.15 -9.27
N VAL H 178 7.96 -12.58 -9.94
CA VAL H 178 6.67 -12.34 -9.30
C VAL H 178 6.11 -13.63 -8.73
N GLU H 179 6.29 -14.74 -9.44
CA GLU H 179 5.75 -16.01 -8.98
C GLU H 179 6.28 -16.39 -7.60
N THR H 180 7.58 -16.17 -7.38
CA THR H 180 8.17 -16.49 -6.08
C THR H 180 7.50 -15.69 -4.97
N LEU H 181 7.23 -14.40 -5.25
CA LEU H 181 6.68 -13.49 -4.26
C LEU H 181 5.22 -13.79 -3.95
N LEU H 182 4.40 -13.97 -4.99
CA LEU H 182 3.02 -14.40 -4.77
C LEU H 182 2.96 -15.71 -3.94
N GLN H 183 3.90 -16.64 -4.15
CA GLN H 183 3.85 -17.86 -3.38
C GLN H 183 4.06 -17.53 -1.92
N GLN H 184 5.02 -16.63 -1.66
CA GLN H 184 5.32 -16.29 -0.27
C GLN H 184 4.12 -15.57 0.33
N LEU H 185 3.51 -14.75 -0.51
CA LEU H 185 2.35 -14.03 -0.06
C LEU H 185 1.24 -14.98 0.34
N PHE H 186 0.99 -16.01 -0.48
CA PHE H 186 -0.08 -16.97 -0.23
C PHE H 186 0.08 -17.63 1.12
N LEU H 187 1.33 -18.00 1.41
CA LEU H 187 1.71 -18.64 2.67
C LEU H 187 1.53 -17.66 3.82
N LEU H 188 1.88 -16.38 3.58
CA LEU H 188 1.89 -15.36 4.62
C LEU H 188 0.47 -15.05 5.08
N LEU H 189 -0.45 -14.79 4.14
CA LEU H 189 -1.81 -14.39 4.48
C LEU H 189 -2.69 -15.58 4.91
N GLY H 190 -2.23 -16.83 4.73
CA GLY H 190 -2.97 -18.00 5.21
C GLY H 190 -3.95 -18.66 4.22
N GLU H 191 -4.34 -19.89 4.59
CA GLU H 191 -4.96 -20.90 3.74
C GLU H 191 -6.41 -20.60 3.43
N SER H 192 -7.03 -19.71 4.22
CA SER H 192 -8.47 -19.47 4.15
C SER H 192 -8.76 -18.32 3.17
N LYS H 193 -7.77 -17.51 2.84
CA LYS H 193 -8.00 -16.34 2.01
C LYS H 193 -8.52 -16.74 0.63
N VAL H 194 -9.43 -15.94 0.10
CA VAL H 194 -9.92 -16.10 -1.25
C VAL H 194 -9.47 -14.91 -2.09
N TYR H 195 -8.89 -15.20 -3.27
CA TYR H 195 -8.28 -14.16 -4.11
C TYR H 195 -9.19 -13.80 -5.27
N GLY H 196 -9.39 -12.52 -5.51
CA GLY H 196 -10.16 -12.04 -6.65
C GLY H 196 -9.14 -11.59 -7.70
N ILE H 197 -9.43 -11.94 -8.97
CA ILE H 197 -8.49 -11.69 -10.04
C ILE H 197 -9.24 -11.03 -11.20
N GLU H 198 -8.46 -10.35 -12.04
CA GLU H 198 -9.03 -9.68 -13.21
C GLU H 198 -9.27 -10.72 -14.30
N ASP H 199 -10.41 -10.63 -14.98
CA ASP H 199 -10.65 -11.44 -16.16
C ASP H 199 -11.21 -10.58 -17.29
N PRO H 200 -10.59 -10.63 -18.50
CA PRO H 200 -9.31 -11.33 -18.69
C PRO H 200 -8.14 -10.53 -18.06
N GLY H 201 -6.96 -11.15 -18.03
CA GLY H 201 -5.81 -10.66 -17.28
C GLY H 201 -4.70 -11.72 -17.18
N TYR H 202 -3.50 -11.38 -16.69
CA TYR H 202 -2.46 -12.38 -16.54
C TYR H 202 -2.98 -13.54 -15.70
N GLN H 203 -2.67 -14.77 -16.13
CA GLN H 203 -3.27 -15.92 -15.50
C GLN H 203 -2.33 -16.49 -14.47
N LEU H 204 -1.14 -15.89 -14.28
CA LEU H 204 -0.14 -16.51 -13.39
C LEU H 204 -0.73 -16.81 -12.01
N MET H 205 -1.52 -15.84 -11.55
CA MET H 205 -2.11 -15.87 -10.23
C MET H 205 -3.03 -17.08 -10.11
N ARG H 206 -3.94 -17.23 -11.08
CA ARG H 206 -4.90 -18.32 -11.04
C ARG H 206 -4.14 -19.65 -11.11
N LYS H 207 -3.17 -19.73 -12.02
CA LYS H 207 -2.43 -20.95 -12.26
C LYS H 207 -1.73 -21.39 -10.97
N LEU H 208 -0.98 -20.46 -10.33
CA LEU H 208 -0.30 -20.78 -9.07
C LEU H 208 -1.30 -21.28 -8.04
N LEU H 209 -2.47 -20.63 -7.99
CA LEU H 209 -3.39 -20.88 -6.91
C LEU H 209 -3.96 -22.29 -7.01
N SER H 210 -3.90 -22.88 -8.21
CA SER H 210 -4.38 -24.25 -8.37
C SER H 210 -3.62 -25.25 -7.48
N HIS H 211 -2.39 -24.91 -7.05
CA HIS H 211 -1.60 -25.83 -6.23
C HIS H 211 -1.70 -25.48 -4.74
N TYR H 212 -2.43 -24.43 -4.38
CA TYR H 212 -2.50 -23.99 -3.00
C TYR H 212 -3.94 -24.19 -2.51
N PRO H 213 -4.14 -24.32 -1.17
CA PRO H 213 -5.48 -24.44 -0.59
C PRO H 213 -6.47 -23.35 -1.02
N ASN H 214 -5.92 -22.15 -1.27
CA ASN H 214 -6.66 -20.92 -1.50
C ASN H 214 -7.47 -20.97 -2.79
N ASP H 215 -8.69 -20.42 -2.80
CA ASP H 215 -9.55 -20.37 -3.98
C ASP H 215 -9.45 -19.00 -4.64
N TYR H 216 -10.03 -18.87 -5.83
CA TYR H 216 -10.02 -17.59 -6.52
C TYR H 216 -11.41 -17.31 -7.07
N VAL H 217 -11.69 -16.04 -7.36
CA VAL H 217 -12.91 -15.61 -8.02
C VAL H 217 -12.52 -14.57 -9.06
N PRO H 218 -12.97 -14.74 -10.33
CA PRO H 218 -12.68 -13.76 -11.38
C PRO H 218 -13.72 -12.65 -11.37
N PHE H 219 -13.28 -11.45 -11.77
CA PHE H 219 -14.14 -10.29 -11.89
C PHE H 219 -13.88 -9.60 -13.22
N GLN H 220 -14.95 -9.05 -13.83
CA GLN H 220 -14.84 -8.45 -15.15
C GLN H 220 -14.05 -7.15 -15.08
N VAL H 221 -13.43 -6.77 -16.19
CA VAL H 221 -12.77 -5.47 -16.30
C VAL H 221 -13.39 -4.71 -17.47
N ASP H 222 -13.61 -3.41 -17.28
CA ASP H 222 -14.15 -2.56 -18.33
C ASP H 222 -13.25 -1.33 -18.51
N GLU H 223 -13.83 -0.28 -19.11
CA GLU H 223 -13.14 0.95 -19.48
C GLU H 223 -12.57 1.61 -18.22
N GLU H 224 -13.15 1.30 -17.05
CA GLU H 224 -12.83 1.96 -15.80
C GLU H 224 -12.14 1.02 -14.81
N GLY H 225 -11.78 -0.18 -15.29
CA GLY H 225 -11.00 -1.13 -14.51
C GLY H 225 -11.85 -2.26 -13.95
N ILE H 226 -11.35 -2.87 -12.86
CA ILE H 226 -11.97 -4.06 -12.30
C ILE H 226 -13.34 -3.71 -11.72
N ASP H 227 -14.22 -4.71 -11.68
CA ASP H 227 -15.61 -4.51 -11.30
C ASP H 227 -15.74 -4.50 -9.79
N VAL H 228 -15.55 -3.32 -9.21
CA VAL H 228 -15.56 -3.18 -7.76
C VAL H 228 -16.95 -3.46 -7.20
N ASP H 229 -18.00 -3.18 -8.00
CA ASP H 229 -19.37 -3.40 -7.55
C ASP H 229 -19.57 -4.87 -7.21
N SER H 230 -19.08 -5.76 -8.08
CA SER H 230 -19.17 -7.19 -7.86
C SER H 230 -18.31 -7.61 -6.68
N ILE H 231 -17.11 -7.02 -6.56
CA ILE H 231 -16.19 -7.43 -5.51
C ILE H 231 -16.90 -7.31 -4.17
N VAL H 232 -17.57 -6.17 -4.00
CA VAL H 232 -18.20 -5.75 -2.76
C VAL H 232 -19.32 -6.72 -2.36
N ARG H 233 -19.92 -7.37 -3.35
CA ARG H 233 -21.05 -8.29 -3.14
C ARG H 233 -20.57 -9.72 -2.92
N THR H 234 -19.25 -9.95 -2.98
CA THR H 234 -18.71 -11.29 -3.21
C THR H 234 -17.81 -11.67 -2.04
N ALA H 235 -17.61 -12.96 -1.75
CA ALA H 235 -16.81 -13.28 -0.59
C ALA H 235 -15.38 -13.46 -1.06
N VAL H 236 -14.67 -12.35 -1.34
CA VAL H 236 -13.23 -12.39 -1.58
C VAL H 236 -12.53 -11.58 -0.48
N ASP H 237 -11.27 -11.93 -0.20
CA ASP H 237 -10.50 -11.29 0.85
C ASP H 237 -9.36 -10.45 0.25
N VAL H 238 -8.75 -10.91 -0.83
CA VAL H 238 -7.61 -10.21 -1.41
C VAL H 238 -7.87 -9.97 -2.90
N VAL H 239 -7.73 -8.73 -3.33
CA VAL H 239 -8.04 -8.41 -4.71
C VAL H 239 -6.76 -8.06 -5.42
N TYR H 240 -6.49 -8.81 -6.51
CA TYR H 240 -5.32 -8.60 -7.33
C TYR H 240 -5.74 -7.76 -8.53
N THR H 241 -5.09 -6.61 -8.72
CA THR H 241 -5.48 -5.76 -9.83
C THR H 241 -4.26 -4.99 -10.36
N THR H 242 -4.35 -4.58 -11.63
CA THR H 242 -3.33 -3.81 -12.32
C THR H 242 -3.90 -2.43 -12.62
N PRO H 243 -3.93 -1.51 -11.62
CA PRO H 243 -4.74 -0.30 -11.74
C PRO H 243 -4.21 0.73 -12.74
N SER H 244 -2.89 0.74 -12.96
CA SER H 244 -2.22 1.75 -13.76
C SER H 244 -2.49 1.52 -15.24
N ARG H 245 -2.57 0.26 -15.67
CA ARG H 245 -2.74 -0.12 -17.06
C ARG H 245 -2.99 -1.62 -17.11
N HIS H 246 -4.27 -1.98 -17.22
CA HIS H 246 -4.73 -3.35 -17.23
C HIS H 246 -4.16 -4.13 -18.40
N PHE H 247 -3.84 -5.40 -18.16
CA PHE H 247 -3.39 -6.26 -19.23
C PHE H 247 -4.54 -7.17 -19.64
N PRO H 248 -4.88 -7.29 -20.94
CA PRO H 248 -4.09 -6.71 -22.03
C PRO H 248 -4.59 -5.40 -22.66
N TYR H 249 -5.80 -4.96 -22.28
CA TYR H 249 -6.53 -3.92 -22.96
C TYR H 249 -6.04 -2.50 -22.63
N GLY H 250 -5.43 -2.29 -21.46
CA GLY H 250 -4.82 -0.99 -21.17
C GLY H 250 -5.67 -0.07 -20.29
N SER H 251 -6.91 -0.51 -19.95
CA SER H 251 -7.83 0.21 -19.05
C SER H 251 -7.13 0.76 -17.81
N VAL H 252 -7.62 1.89 -17.30
CA VAL H 252 -7.15 2.46 -16.02
C VAL H 252 -8.25 2.38 -14.97
N LEU H 253 -7.90 1.95 -13.75
CA LEU H 253 -8.86 1.90 -12.67
C LEU H 253 -9.19 3.34 -12.24
N SER H 254 -10.44 3.72 -12.51
CA SER H 254 -10.96 5.05 -12.28
C SER H 254 -10.83 5.45 -10.82
N ILE H 255 -10.71 6.75 -10.63
CA ILE H 255 -10.41 7.31 -9.33
C ILE H 255 -11.54 7.00 -8.35
N ASN H 256 -12.81 6.90 -8.85
CA ASN H 256 -13.91 6.50 -7.99
C ASN H 256 -13.72 5.09 -7.48
N ARG H 257 -13.39 4.20 -8.41
CA ARG H 257 -13.29 2.79 -8.11
C ARG H 257 -12.10 2.55 -7.18
N ARG H 258 -11.01 3.30 -7.37
CA ARG H 258 -9.89 3.26 -6.43
C ARG H 258 -10.38 3.54 -5.01
N LYS H 259 -11.18 4.60 -4.87
CA LYS H 259 -11.69 5.01 -3.56
C LYS H 259 -12.61 3.92 -3.01
N GLN H 260 -13.48 3.42 -3.89
CA GLN H 260 -14.46 2.41 -3.52
C GLN H 260 -13.76 1.14 -3.04
N LEU H 261 -12.68 0.76 -3.75
CA LEU H 261 -11.96 -0.47 -3.46
C LEU H 261 -11.23 -0.33 -2.14
N LEU H 262 -10.57 0.83 -1.95
CA LEU H 262 -9.87 1.04 -0.69
C LEU H 262 -10.86 1.04 0.46
N HIS H 263 -12.06 1.58 0.20
CA HIS H 263 -13.09 1.61 1.24
C HIS H 263 -13.47 0.18 1.62
N TRP H 264 -13.64 -0.65 0.57
CA TRP H 264 -13.97 -2.06 0.73
C TRP H 264 -12.93 -2.74 1.63
N ALA H 265 -11.66 -2.38 1.42
CA ALA H 265 -10.55 -3.02 2.08
C ALA H 265 -10.49 -2.59 3.54
N GLU H 266 -10.89 -1.32 3.79
CA GLU H 266 -10.89 -0.71 5.11
C GLU H 266 -11.92 -1.39 6.00
N ALA H 267 -12.93 -1.99 5.39
CA ALA H 267 -14.09 -2.54 6.08
C ALA H 267 -13.82 -3.82 6.85
N HIS H 268 -12.63 -4.43 6.69
CA HIS H 268 -12.39 -5.71 7.37
C HIS H 268 -10.89 -5.95 7.52
N GLU H 269 -10.53 -6.61 8.64
CA GLU H 269 -9.14 -6.75 9.05
C GLU H 269 -8.39 -7.68 8.08
N ASN H 270 -9.13 -8.61 7.47
CA ASN H 270 -8.53 -9.64 6.64
C ASN H 270 -8.41 -9.23 5.17
N ARG H 271 -8.84 -8.05 4.79
CA ARG H 271 -8.85 -7.70 3.37
C ARG H 271 -7.56 -6.95 3.00
N TYR H 272 -7.07 -7.22 1.79
CA TYR H 272 -5.92 -6.54 1.22
C TYR H 272 -6.10 -6.37 -0.28
N ILE H 273 -5.27 -5.50 -0.86
CA ILE H 273 -5.27 -5.27 -2.30
C ILE H 273 -3.84 -5.48 -2.79
N ILE H 274 -3.70 -6.28 -3.86
CA ILE H 274 -2.40 -6.41 -4.48
C ILE H 274 -2.40 -5.52 -5.73
N GLU H 275 -1.51 -4.53 -5.71
CA GLU H 275 -1.38 -3.62 -6.84
C GLU H 275 -0.18 -4.09 -7.65
N ASP H 276 -0.48 -4.56 -8.86
CA ASP H 276 0.54 -5.03 -9.77
C ASP H 276 0.94 -3.87 -10.67
N ASP H 277 2.22 -3.48 -10.60
CA ASP H 277 2.78 -2.49 -11.48
C ASP H 277 3.96 -3.09 -12.25
N TYR H 278 3.84 -4.37 -12.62
CA TYR H 278 4.75 -5.07 -13.51
C TYR H 278 4.87 -4.29 -14.83
N ASP H 279 3.79 -3.64 -15.23
CA ASP H 279 3.59 -2.78 -16.37
C ASP H 279 3.72 -1.29 -15.98
N SER H 280 4.85 -0.87 -15.44
CA SER H 280 4.95 0.50 -14.93
C SER H 280 5.50 1.48 -15.95
N GLU H 281 6.58 1.13 -16.68
CA GLU H 281 7.48 2.17 -17.14
C GLU H 281 7.17 2.76 -18.50
N PHE H 282 6.51 2.02 -19.40
CA PHE H 282 6.48 2.51 -20.79
C PHE H 282 5.08 2.97 -21.18
N ARG H 283 4.82 4.23 -20.81
CA ARG H 283 3.58 4.92 -21.12
C ARG H 283 3.94 6.07 -22.05
N TYR H 284 3.09 6.26 -23.06
CA TYR H 284 3.28 7.31 -24.06
C TYR H 284 2.11 8.28 -24.05
N THR H 285 0.94 7.84 -23.59
CA THR H 285 -0.20 8.63 -23.14
C THR H 285 0.22 9.50 -21.95
N GLY H 286 -0.52 10.59 -21.77
CA GLY H 286 -0.14 11.65 -20.84
C GLY H 286 -0.76 11.48 -19.48
N LYS H 287 -1.66 10.48 -19.34
CA LYS H 287 -2.33 10.25 -18.06
C LYS H 287 -1.34 9.67 -17.03
N THR H 288 -0.62 10.58 -16.38
CA THR H 288 0.32 10.23 -15.34
C THR H 288 -0.43 10.05 -14.01
N ILE H 289 -1.27 9.01 -13.86
CA ILE H 289 -2.02 8.84 -12.60
C ILE H 289 -1.23 7.99 -11.61
N PRO H 290 -1.28 8.23 -10.28
CA PRO H 290 -0.32 7.65 -9.34
C PRO H 290 -0.64 6.23 -8.89
N SER H 291 0.24 5.65 -8.05
CA SER H 291 -0.04 4.35 -7.45
C SER H 291 -1.26 4.43 -6.51
N LEU H 292 -2.05 3.36 -6.48
CA LEU H 292 -3.11 3.16 -5.52
C LEU H 292 -2.48 3.05 -4.13
N GLN H 293 -1.20 2.66 -4.06
CA GLN H 293 -0.51 2.51 -2.78
C GLN H 293 -0.34 3.86 -2.12
N SER H 294 -0.21 4.89 -2.96
CA SER H 294 0.02 6.26 -2.52
C SER H 294 -1.22 6.82 -1.80
N MET H 295 -2.43 6.38 -2.22
CA MET H 295 -3.68 6.67 -1.55
C MET H 295 -3.90 5.83 -0.29
N ASP H 296 -3.11 4.79 -0.08
CA ASP H 296 -3.50 3.89 0.99
C ASP H 296 -3.02 4.44 2.33
N VAL H 297 -3.96 4.69 3.22
CA VAL H 297 -3.55 5.17 4.53
C VAL H 297 -3.92 4.14 5.59
N HIS H 298 -4.47 3.00 5.16
CA HIS H 298 -4.89 2.01 6.13
C HIS H 298 -4.09 0.70 6.12
N ASN H 299 -2.93 0.68 5.44
CA ASN H 299 -2.10 -0.51 5.43
C ASN H 299 -2.81 -1.70 4.77
N LYS H 300 -3.36 -1.46 3.59
CA LYS H 300 -4.26 -2.37 2.94
C LYS H 300 -3.68 -2.82 1.58
N VAL H 301 -2.73 -2.05 1.04
CA VAL H 301 -2.21 -2.28 -0.31
C VAL H 301 -0.80 -2.86 -0.31
N ILE H 302 -0.63 -4.00 -1.00
CA ILE H 302 0.64 -4.65 -1.28
C ILE H 302 1.06 -4.28 -2.69
N TYR H 303 2.29 -3.75 -2.84
CA TYR H 303 2.70 -3.25 -4.14
C TYR H 303 3.76 -4.16 -4.71
N LEU H 304 3.57 -4.48 -5.99
CA LEU H 304 4.29 -5.57 -6.64
C LEU H 304 4.91 -5.04 -7.92
N GLY H 305 6.23 -5.26 -8.05
CA GLY H 305 6.89 -4.76 -9.25
C GLY H 305 8.18 -5.53 -9.50
N ALA H 306 8.79 -5.28 -10.67
CA ALA H 306 9.91 -6.14 -11.07
C ALA H 306 10.80 -5.44 -12.09
N PHE H 307 12.06 -5.86 -12.10
CA PHE H 307 13.02 -5.47 -13.10
C PHE H 307 12.98 -6.42 -14.31
N SER H 308 11.78 -6.63 -14.93
CA SER H 308 11.76 -7.46 -16.14
C SER H 308 11.62 -6.62 -17.40
N LYS H 309 10.58 -5.78 -17.53
CA LYS H 309 10.41 -5.02 -18.76
C LYS H 309 11.41 -3.86 -18.86
N SER H 310 11.75 -3.23 -17.73
CA SER H 310 13.00 -2.51 -17.57
C SER H 310 14.07 -3.58 -17.39
N LEU H 311 15.34 -3.24 -17.51
CA LEU H 311 16.38 -4.24 -17.28
C LEU H 311 16.26 -5.56 -18.08
N ILE H 312 16.26 -6.71 -17.40
CA ILE H 312 16.53 -8.04 -17.97
C ILE H 312 15.62 -9.11 -17.39
N PRO H 313 14.62 -9.65 -18.15
CA PRO H 313 13.72 -10.67 -17.61
C PRO H 313 14.42 -11.90 -17.00
N SER H 314 15.58 -12.31 -17.53
CA SER H 314 16.10 -13.61 -17.19
C SER H 314 16.92 -13.59 -15.89
N VAL H 315 17.07 -12.39 -15.31
CA VAL H 315 17.86 -12.26 -14.10
C VAL H 315 16.97 -12.56 -12.89
N ARG H 316 15.65 -12.53 -13.15
CA ARG H 316 14.60 -12.86 -12.19
C ARG H 316 14.77 -12.01 -10.91
N ILE H 317 14.63 -10.68 -11.05
CA ILE H 317 14.64 -9.82 -9.87
C ILE H 317 13.33 -9.06 -9.72
N SER H 318 12.63 -9.34 -8.62
CA SER H 318 11.32 -8.72 -8.39
C SER H 318 11.22 -8.24 -6.94
N TYR H 319 10.22 -7.38 -6.69
CA TYR H 319 10.08 -6.82 -5.35
C TYR H 319 8.59 -6.76 -5.04
N MET H 320 8.33 -6.95 -3.75
CA MET H 320 7.00 -6.71 -3.25
C MET H 320 7.15 -5.79 -2.03
N VAL H 321 6.29 -4.75 -1.99
CA VAL H 321 6.26 -3.80 -0.90
C VAL H 321 5.08 -4.12 0.00
N LEU H 322 5.39 -4.49 1.24
CA LEU H 322 4.36 -4.92 2.19
C LEU H 322 3.96 -3.76 3.12
N PRO H 323 2.66 -3.55 3.40
CA PRO H 323 2.25 -2.73 4.53
C PRO H 323 2.99 -3.11 5.81
N ALA H 324 3.29 -2.13 6.66
CA ALA H 324 4.32 -2.34 7.66
C ALA H 324 3.99 -3.46 8.64
N PRO H 325 2.73 -3.65 9.11
CA PRO H 325 2.37 -4.85 9.89
C PRO H 325 2.73 -6.18 9.21
N LEU H 326 2.39 -6.32 7.91
CA LEU H 326 2.72 -7.52 7.11
C LEU H 326 4.23 -7.69 7.02
N ALA H 327 4.95 -6.60 6.79
CA ALA H 327 6.40 -6.70 6.69
C ALA H 327 6.97 -7.24 7.99
N HIS H 328 6.33 -6.92 9.14
CA HIS H 328 6.93 -7.36 10.39
C HIS H 328 6.65 -8.84 10.56
N LEU H 329 5.44 -9.25 10.14
CA LEU H 329 5.01 -10.63 10.18
C LEU H 329 5.86 -11.47 9.23
N TYR H 330 6.09 -10.97 8.02
CA TYR H 330 6.99 -11.59 7.08
C TYR H 330 8.35 -11.85 7.70
N LYS H 331 8.99 -10.82 8.26
CA LYS H 331 10.34 -10.98 8.78
C LYS H 331 10.39 -12.05 9.87
N ASN H 332 9.26 -12.30 10.54
CA ASN H 332 9.25 -13.27 11.64
C ASN H 332 8.97 -14.68 11.13
N LYS H 333 7.90 -14.79 10.33
CA LYS H 333 7.38 -16.04 9.79
C LYS H 333 8.45 -16.74 8.96
N PHE H 334 9.18 -15.94 8.15
CA PHE H 334 10.12 -16.51 7.20
C PHE H 334 11.56 -16.25 7.62
N SER H 335 11.82 -16.24 8.93
CA SER H 335 13.14 -15.84 9.44
C SER H 335 14.25 -16.78 8.96
N TYR H 336 13.88 -18.02 8.62
CA TYR H 336 14.85 -19.08 8.36
C TYR H 336 15.12 -19.25 6.87
N TYR H 337 14.35 -18.55 6.02
CA TYR H 337 14.58 -18.55 4.59
C TYR H 337 15.90 -17.91 4.21
N HIS H 338 16.30 -18.12 2.96
CA HIS H 338 17.44 -17.46 2.34
C HIS H 338 16.87 -16.72 1.14
N SER H 339 17.61 -15.74 0.64
CA SER H 339 17.14 -15.01 -0.52
C SER H 339 17.05 -15.95 -1.72
N THR H 340 16.11 -15.67 -2.61
CA THR H 340 16.12 -16.39 -3.88
C THR H 340 16.78 -15.57 -4.98
N VAL H 341 17.48 -14.47 -4.64
CA VAL H 341 18.15 -13.68 -5.66
C VAL H 341 19.62 -13.54 -5.30
N SER H 342 20.48 -13.68 -6.32
CA SER H 342 21.91 -13.67 -6.06
C SER H 342 22.31 -12.35 -5.42
N ARG H 343 23.02 -12.41 -4.27
CA ARG H 343 23.61 -11.20 -3.68
C ARG H 343 24.40 -10.41 -4.71
N ILE H 344 25.25 -11.12 -5.48
CA ILE H 344 26.08 -10.43 -6.43
C ILE H 344 25.20 -9.61 -7.36
N ASP H 345 24.08 -10.19 -7.79
CA ASP H 345 23.28 -9.54 -8.84
C ASP H 345 22.58 -8.36 -8.18
N GLN H 346 22.19 -8.51 -6.91
CA GLN H 346 21.56 -7.44 -6.16
C GLN H 346 22.51 -6.25 -6.08
N GLN H 347 23.74 -6.51 -5.62
CA GLN H 347 24.78 -5.50 -5.52
C GLN H 347 25.01 -4.81 -6.87
N VAL H 348 25.14 -5.61 -7.93
CA VAL H 348 25.35 -5.08 -9.26
C VAL H 348 24.20 -4.12 -9.59
N LEU H 349 22.95 -4.57 -9.47
CA LEU H 349 21.81 -3.74 -9.85
C LEU H 349 21.75 -2.51 -8.95
N THR H 350 22.12 -2.68 -7.67
CA THR H 350 22.16 -1.58 -6.71
C THR H 350 23.04 -0.47 -7.30
N ALA H 351 24.29 -0.82 -7.65
CA ALA H 351 25.23 0.11 -8.25
C ALA H 351 24.64 0.73 -9.53
N PHE H 352 24.16 -0.11 -10.44
CA PHE H 352 23.66 0.36 -11.72
C PHE H 352 22.60 1.45 -11.49
N MET H 353 21.89 1.34 -10.35
CA MET H 353 20.79 2.25 -10.10
C MET H 353 21.35 3.53 -9.50
N LYS H 354 22.17 3.36 -8.46
CA LYS H 354 22.73 4.45 -7.68
C LYS H 354 23.47 5.45 -8.59
N GLN H 355 24.30 4.97 -9.53
CA GLN H 355 25.08 5.83 -10.39
C GLN H 355 24.29 6.32 -11.61
N GLY H 356 22.97 6.12 -11.63
CA GLY H 356 22.13 6.79 -12.61
C GLY H 356 22.03 6.11 -13.99
N ASP H 357 22.79 5.00 -14.15
CA ASP H 357 22.77 4.19 -15.36
C ASP H 357 21.40 3.54 -15.60
N PHE H 358 20.77 3.11 -14.49
CA PHE H 358 19.42 2.59 -14.63
C PHE H 358 18.52 3.65 -15.25
N GLU H 359 18.66 4.87 -14.79
CA GLU H 359 17.74 5.91 -15.23
C GLU H 359 18.01 6.24 -16.70
N LYS H 360 19.30 6.23 -17.07
CA LYS H 360 19.68 6.43 -18.47
C LYS H 360 19.07 5.32 -19.33
N HIS H 361 19.23 4.06 -18.85
CA HIS H 361 18.70 2.90 -19.54
C HIS H 361 17.21 3.09 -19.85
N LEU H 362 16.46 3.46 -18.80
CA LEU H 362 15.02 3.61 -18.91
C LEU H 362 14.65 4.59 -20.03
N ASN H 363 15.37 5.72 -20.08
CA ASN H 363 15.04 6.78 -21.01
C ASN H 363 15.31 6.31 -22.44
N ARG H 364 16.50 5.71 -22.59
CA ARG H 364 16.93 5.21 -23.87
C ARG H 364 15.91 4.20 -24.43
N MET H 365 15.46 3.30 -23.55
CA MET H 365 14.56 2.24 -23.96
C MET H 365 13.19 2.83 -24.31
N ARG H 366 12.77 3.85 -23.54
CA ARG H 366 11.46 4.42 -23.72
C ARG H 366 11.33 4.93 -25.17
N LYS H 367 12.45 5.52 -25.65
CA LYS H 367 12.51 6.07 -26.99
C LYS H 367 12.34 4.93 -28.00
N ILE H 368 13.14 3.87 -27.79
CA ILE H 368 13.15 2.74 -28.71
C ILE H 368 11.76 2.10 -28.80
N TYR H 369 11.14 1.85 -27.65
CA TYR H 369 9.86 1.17 -27.67
C TYR H 369 8.83 2.04 -28.37
N ARG H 370 8.93 3.37 -28.14
CA ARG H 370 8.00 4.29 -28.74
C ARG H 370 8.04 4.18 -30.28
N ARG H 371 9.28 4.19 -30.82
CA ARG H 371 9.47 4.07 -32.26
C ARG H 371 8.83 2.79 -32.80
N LYS H 372 9.14 1.65 -32.14
CA LYS H 372 8.64 0.36 -32.59
C LYS H 372 7.12 0.36 -32.61
N LEU H 373 6.50 0.86 -31.53
CA LEU H 373 5.05 0.85 -31.40
C LEU H 373 4.43 1.68 -32.54
N GLU H 374 5.06 2.83 -32.81
CA GLU H 374 4.55 3.76 -33.81
C GLU H 374 4.64 3.15 -35.20
N LYS H 375 5.75 2.45 -35.50
CA LYS H 375 5.90 1.77 -36.78
C LYS H 375 4.81 0.70 -36.93
N VAL H 376 4.53 -0.02 -35.84
CA VAL H 376 3.58 -1.11 -35.87
C VAL H 376 2.18 -0.57 -36.14
N LEU H 377 1.84 0.54 -35.47
CA LEU H 377 0.53 1.14 -35.62
C LEU H 377 0.40 1.70 -37.02
N SER H 378 1.48 2.33 -37.51
CA SER H 378 1.58 2.87 -38.86
C SER H 378 1.15 1.81 -39.88
N LEU H 379 1.64 0.58 -39.71
CA LEU H 379 1.32 -0.49 -40.62
C LEU H 379 -0.10 -0.99 -40.42
N LEU H 380 -0.52 -1.20 -39.17
CA LEU H 380 -1.78 -1.89 -38.90
C LEU H 380 -3.01 -1.01 -39.12
N LYS H 381 -2.82 0.32 -39.05
CA LYS H 381 -3.94 1.27 -39.15
C LYS H 381 -4.56 1.19 -40.54
N ARG H 382 -3.86 0.52 -41.47
CA ARG H 382 -4.24 0.46 -42.87
C ARG H 382 -5.36 -0.55 -43.07
N TYR H 383 -5.66 -1.38 -42.05
CA TYR H 383 -6.60 -2.48 -42.19
C TYR H 383 -7.75 -2.28 -41.20
N GLU H 384 -8.09 -1.01 -40.94
CA GLU H 384 -8.90 -0.57 -39.81
C GLU H 384 -10.30 -1.16 -39.83
N ASP H 385 -10.68 -1.77 -40.96
CA ASP H 385 -12.02 -2.33 -41.12
C ASP H 385 -12.09 -3.76 -40.61
N LYS H 386 -10.96 -4.49 -40.64
CA LYS H 386 -10.97 -5.93 -40.40
C LYS H 386 -10.11 -6.31 -39.19
N LEU H 387 -9.18 -5.40 -38.85
CA LEU H 387 -8.34 -5.50 -37.67
C LEU H 387 -8.49 -4.27 -36.80
N LEU H 388 -9.02 -4.44 -35.60
CA LEU H 388 -9.20 -3.33 -34.65
C LEU H 388 -8.18 -3.47 -33.54
N ILE H 389 -7.53 -2.34 -33.21
CA ILE H 389 -6.49 -2.31 -32.20
C ILE H 389 -7.08 -1.79 -30.87
N ILE H 390 -6.65 -2.41 -29.76
CA ILE H 390 -7.06 -2.00 -28.42
C ILE H 390 -5.83 -1.74 -27.55
N GLY H 391 -5.84 -0.60 -26.84
CA GLY H 391 -4.83 -0.20 -25.88
C GLY H 391 -3.49 0.12 -26.52
N GLU H 392 -3.60 0.85 -27.62
CA GLU H 392 -2.52 1.03 -28.58
C GLU H 392 -1.46 1.98 -28.04
N ARG H 393 -1.77 2.75 -26.98
CA ARG H 393 -0.88 3.83 -26.60
C ARG H 393 -0.14 3.53 -25.31
N SER H 394 -0.07 2.24 -24.97
CA SER H 394 0.53 1.81 -23.72
C SER H 394 1.20 0.45 -23.89
N GLY H 395 2.35 0.31 -23.25
CA GLY H 395 3.03 -0.97 -23.19
C GLY H 395 3.79 -1.33 -24.45
N LEU H 396 4.25 -2.58 -24.50
CA LEU H 396 5.10 -3.12 -25.54
C LEU H 396 4.26 -4.04 -26.43
N HIS H 397 2.91 -3.88 -26.36
CA HIS H 397 2.03 -4.84 -26.99
C HIS H 397 0.70 -4.19 -27.31
N ILE H 398 -0.08 -4.83 -28.21
CA ILE H 398 -1.42 -4.39 -28.61
C ILE H 398 -2.32 -5.61 -28.66
N VAL H 399 -3.63 -5.38 -28.69
CA VAL H 399 -4.59 -6.45 -28.95
C VAL H 399 -5.25 -6.16 -30.30
N LEU H 400 -5.35 -7.20 -31.14
CA LEU H 400 -6.07 -7.14 -32.40
C LEU H 400 -7.35 -7.96 -32.26
N VAL H 401 -8.48 -7.33 -32.61
CA VAL H 401 -9.70 -8.05 -32.93
C VAL H 401 -9.67 -8.36 -34.41
N VAL H 402 -9.84 -9.65 -34.74
CA VAL H 402 -9.69 -10.09 -36.12
C VAL H 402 -11.02 -10.61 -36.63
N LYS H 403 -11.50 -9.99 -37.73
CA LYS H 403 -12.84 -10.26 -38.24
C LYS H 403 -12.74 -11.00 -39.57
N ASN H 404 -11.76 -11.92 -39.69
CA ASN H 404 -11.52 -12.60 -40.96
C ASN H 404 -12.26 -13.93 -41.00
N GLY H 405 -13.13 -14.20 -40.05
CA GLY H 405 -13.97 -15.37 -40.10
C GLY H 405 -13.20 -16.61 -39.65
N MET H 406 -11.87 -16.49 -39.55
CA MET H 406 -11.08 -17.53 -38.91
C MET H 406 -11.28 -17.44 -37.40
N ASP H 407 -11.38 -18.59 -36.73
CA ASP H 407 -11.51 -18.58 -35.29
C ASP H 407 -10.14 -18.38 -34.64
N GLU H 408 -10.16 -18.16 -33.32
CA GLU H 408 -8.98 -17.85 -32.54
C GLU H 408 -7.92 -18.93 -32.76
N GLN H 409 -8.32 -20.20 -32.65
CA GLN H 409 -7.40 -21.31 -32.72
C GLN H 409 -6.72 -21.35 -34.10
N THR H 410 -7.55 -21.14 -35.14
CA THR H 410 -7.11 -21.16 -36.53
C THR H 410 -6.03 -20.11 -36.72
N LEU H 411 -6.29 -18.90 -36.20
CA LEU H 411 -5.40 -17.75 -36.34
C LEU H 411 -4.03 -18.07 -35.74
N VAL H 412 -4.02 -18.70 -34.57
CA VAL H 412 -2.81 -19.02 -33.84
C VAL H 412 -1.99 -20.01 -34.65
N GLU H 413 -2.65 -21.08 -35.10
CA GLU H 413 -2.00 -22.19 -35.79
C GLU H 413 -1.40 -21.73 -37.12
N LYS H 414 -2.17 -20.93 -37.88
CA LYS H 414 -1.72 -20.43 -39.15
C LYS H 414 -0.48 -19.58 -38.97
N ALA H 415 -0.48 -18.76 -37.92
CA ALA H 415 0.65 -17.89 -37.60
C ALA H 415 1.86 -18.74 -37.27
N LEU H 416 1.65 -19.80 -36.48
CA LEU H 416 2.73 -20.67 -36.02
C LEU H 416 3.32 -21.39 -37.21
N ALA H 417 2.46 -21.81 -38.14
CA ALA H 417 2.88 -22.38 -39.40
C ALA H 417 3.80 -21.42 -40.15
N ALA H 418 3.56 -20.11 -40.04
CA ALA H 418 4.40 -19.15 -40.71
C ALA H 418 5.63 -18.81 -39.87
N LYS H 419 5.85 -19.58 -38.79
CA LYS H 419 6.98 -19.43 -37.88
C LYS H 419 6.88 -18.16 -37.03
N ALA H 420 5.64 -17.76 -36.71
CA ALA H 420 5.36 -16.60 -35.88
C ALA H 420 4.44 -17.01 -34.73
N LYS H 421 4.93 -16.78 -33.49
CA LYS H 421 4.17 -17.12 -32.30
C LYS H 421 3.39 -15.90 -31.82
N VAL H 422 2.08 -16.09 -31.72
CA VAL H 422 1.15 -15.05 -31.32
C VAL H 422 0.27 -15.59 -30.20
N TYR H 423 -0.35 -14.67 -29.44
CA TYR H 423 -0.91 -15.06 -28.16
C TYR H 423 -2.41 -14.86 -28.19
N PRO H 424 -3.19 -15.97 -28.08
CA PRO H 424 -4.64 -15.89 -28.10
C PRO H 424 -5.10 -15.28 -26.79
N LEU H 425 -6.13 -14.46 -26.86
CA LEU H 425 -6.58 -13.76 -25.66
C LEU H 425 -7.20 -14.75 -24.68
N SER H 426 -7.63 -15.91 -25.16
CA SER H 426 -8.21 -16.94 -24.31
C SER H 426 -7.16 -17.52 -23.35
N ALA H 427 -5.91 -17.24 -23.62
CA ALA H 427 -4.79 -17.64 -22.76
C ALA H 427 -4.84 -16.84 -21.46
N TYR H 428 -5.63 -15.78 -21.49
CA TYR H 428 -5.70 -14.78 -20.44
C TYR H 428 -7.15 -14.63 -19.98
N SER H 429 -7.97 -15.67 -20.19
CA SER H 429 -9.41 -15.52 -20.06
C SER H 429 -10.06 -16.78 -19.54
N LEU H 430 -11.05 -16.62 -18.65
CA LEU H 430 -11.87 -17.70 -18.15
C LEU H 430 -13.19 -17.73 -18.92
N GLU H 431 -13.49 -16.76 -19.79
CA GLU H 431 -14.67 -16.73 -20.62
C GLU H 431 -14.67 -17.87 -21.64
N ARG H 432 -15.77 -18.60 -21.60
CA ARG H 432 -16.16 -19.71 -22.47
C ARG H 432 -16.26 -19.28 -23.93
N ALA H 433 -16.76 -18.05 -24.11
CA ALA H 433 -17.00 -17.50 -25.44
C ALA H 433 -16.22 -16.20 -25.56
N ILE H 434 -15.18 -16.17 -26.40
CA ILE H 434 -14.52 -14.91 -26.66
C ILE H 434 -14.65 -14.56 -28.14
N HIS H 435 -15.46 -13.56 -28.47
CA HIS H 435 -15.78 -13.29 -29.87
C HIS H 435 -15.98 -11.79 -30.10
N PRO H 436 -15.51 -11.20 -31.22
CA PRO H 436 -14.68 -11.88 -32.22
C PRO H 436 -13.31 -12.29 -31.66
N PRO H 437 -12.57 -13.17 -32.39
CA PRO H 437 -11.24 -13.59 -31.96
C PRO H 437 -10.32 -12.41 -31.70
N GLN H 438 -9.52 -12.53 -30.62
CA GLN H 438 -8.54 -11.50 -30.29
C GLN H 438 -7.16 -12.12 -30.09
N ILE H 439 -6.14 -11.44 -30.60
CA ILE H 439 -4.76 -11.88 -30.48
C ILE H 439 -3.93 -10.74 -29.91
N VAL H 440 -3.04 -11.10 -28.98
CA VAL H 440 -2.12 -10.15 -28.37
C VAL H 440 -0.81 -10.26 -29.13
N LEU H 441 -0.27 -9.12 -29.56
CA LEU H 441 1.04 -9.05 -30.17
C LEU H 441 1.96 -8.14 -29.34
N GLY H 442 3.12 -8.66 -28.95
CA GLY H 442 4.15 -7.88 -28.31
C GLY H 442 5.37 -7.75 -29.19
N PHE H 443 6.09 -6.63 -29.10
CA PHE H 443 7.08 -6.29 -30.10
C PHE H 443 8.43 -6.04 -29.45
N GLY H 444 8.57 -6.49 -28.22
CA GLY H 444 9.81 -6.22 -27.52
C GLY H 444 11.00 -6.84 -28.26
N SER H 445 10.85 -8.14 -28.60
CA SER H 445 11.93 -8.96 -29.11
C SER H 445 12.05 -8.86 -30.63
N ILE H 446 11.00 -8.40 -31.32
CA ILE H 446 11.03 -8.26 -32.77
C ILE H 446 12.00 -7.11 -33.10
N PRO H 447 13.07 -7.35 -33.91
CA PRO H 447 14.04 -6.31 -34.20
C PRO H 447 13.41 -5.18 -35.00
N GLU H 448 13.88 -3.95 -34.77
CA GLU H 448 13.18 -2.76 -35.23
C GLU H 448 13.10 -2.75 -36.76
N ASP H 449 14.19 -3.19 -37.39
CA ASP H 449 14.35 -3.15 -38.84
C ASP H 449 13.60 -4.30 -39.51
N GLU H 450 12.93 -5.15 -38.73
CA GLU H 450 12.26 -6.31 -39.28
C GLU H 450 10.78 -6.25 -38.92
N LEU H 451 10.32 -5.14 -38.36
CA LEU H 451 8.96 -5.04 -37.84
C LEU H 451 7.95 -5.27 -38.97
N GLU H 452 8.20 -4.62 -40.11
CA GLU H 452 7.30 -4.67 -41.25
C GLU H 452 7.21 -6.12 -41.75
N GLU H 453 8.37 -6.77 -41.84
CA GLU H 453 8.47 -8.15 -42.27
C GLU H 453 7.66 -9.07 -41.34
N ALA H 454 7.83 -8.84 -40.03
CA ALA H 454 7.22 -9.65 -39.00
C ALA H 454 5.71 -9.53 -39.05
N ILE H 455 5.22 -8.28 -39.16
CA ILE H 455 3.78 -8.07 -39.16
C ILE H 455 3.21 -8.70 -40.44
N ALA H 456 3.95 -8.49 -41.54
CA ALA H 456 3.63 -9.05 -42.84
C ALA H 456 3.45 -10.57 -42.73
N THR H 457 4.41 -11.23 -42.06
CA THR H 457 4.36 -12.68 -41.88
C THR H 457 3.03 -13.13 -41.28
N VAL H 458 2.59 -12.41 -40.25
CA VAL H 458 1.39 -12.81 -39.50
C VAL H 458 0.17 -12.52 -40.36
N LEU H 459 0.14 -11.32 -40.94
CA LEU H 459 -0.98 -10.87 -41.75
C LEU H 459 -1.15 -11.81 -42.94
N ASN H 460 -0.01 -12.14 -43.56
CA ASN H 460 0.03 -13.01 -44.72
C ASN H 460 -0.58 -14.36 -44.38
N ALA H 461 -0.18 -14.93 -43.24
CA ALA H 461 -0.65 -16.24 -42.82
C ALA H 461 -2.15 -16.19 -42.57
N TRP H 462 -2.67 -15.00 -42.29
CA TRP H 462 -4.07 -14.81 -41.98
C TRP H 462 -4.84 -14.46 -43.26
N GLY H 463 -4.15 -14.48 -44.40
CA GLY H 463 -4.79 -14.27 -45.68
C GLY H 463 -4.91 -12.80 -46.08
N PHE H 464 -4.28 -11.91 -45.35
CA PHE H 464 -4.26 -10.50 -45.74
C PHE H 464 -3.09 -10.26 -46.69
N LEU H 465 -3.29 -9.31 -47.61
CA LEU H 465 -2.21 -8.91 -48.47
C LEU H 465 -1.42 -7.83 -47.77
N VAL H 466 -0.10 -7.82 -47.99
CA VAL H 466 0.72 -6.71 -47.53
C VAL H 466 1.34 -5.98 -48.72
N PRO H 467 1.10 -4.64 -48.84
CA PRO H 467 1.59 -3.84 -49.97
C PRO H 467 3.08 -3.93 -50.29
N THR I 104 36.65 111.94 -64.65
CA THR I 104 37.88 112.77 -64.81
C THR I 104 39.07 112.07 -64.14
N ILE I 105 38.80 111.37 -63.03
CA ILE I 105 39.77 110.89 -62.06
C ILE I 105 40.60 109.73 -62.61
N ARG I 106 41.93 109.85 -62.49
CA ARG I 106 42.85 108.92 -63.10
C ARG I 106 43.27 107.87 -62.08
N TYR I 107 43.46 108.33 -60.83
CA TYR I 107 43.90 107.51 -59.71
C TYR I 107 42.94 107.67 -58.54
N ASN I 108 42.34 106.53 -58.13
CA ASN I 108 41.36 106.53 -57.05
C ASN I 108 41.90 105.76 -55.85
N PHE I 109 42.30 106.49 -54.81
CA PHE I 109 42.94 105.87 -53.67
C PHE I 109 41.91 105.42 -52.63
N HIS I 110 40.90 104.68 -53.10
CA HIS I 110 39.82 104.21 -52.24
C HIS I 110 40.26 103.06 -51.35
N PRO I 111 40.01 103.17 -50.03
CA PRO I 111 40.39 102.14 -49.06
C PRO I 111 39.83 100.74 -49.31
N THR I 112 38.68 100.65 -49.99
CA THR I 112 37.99 99.38 -50.09
C THR I 112 38.10 98.80 -51.50
N HIS I 113 38.87 99.45 -52.37
CA HIS I 113 39.00 98.97 -53.73
C HIS I 113 39.88 97.74 -53.77
N ILE I 114 39.69 96.90 -54.78
CA ILE I 114 40.52 95.72 -54.97
C ILE I 114 41.29 95.85 -56.27
N ASP I 115 42.28 94.96 -56.46
CA ASP I 115 42.97 94.87 -57.73
C ASP I 115 42.10 94.08 -58.70
N THR I 116 41.35 94.82 -59.51
CA THR I 116 40.35 94.23 -60.39
C THR I 116 41.00 93.43 -61.53
N THR I 117 42.19 93.88 -61.96
CA THR I 117 42.85 93.34 -63.13
C THR I 117 43.34 91.90 -62.87
N SER I 118 43.58 91.60 -61.57
CA SER I 118 44.17 90.36 -61.09
C SER I 118 43.17 89.20 -60.99
N PHE I 119 41.88 89.49 -61.14
CA PHE I 119 40.89 88.50 -60.74
C PHE I 119 40.86 87.31 -61.69
N PRO I 120 40.66 86.06 -61.22
CA PRO I 120 40.58 84.88 -62.10
C PRO I 120 39.32 84.75 -62.96
N PHE I 121 39.19 85.66 -63.93
CA PHE I 121 38.02 85.68 -64.80
C PHE I 121 37.68 84.30 -65.38
N GLU I 122 38.72 83.57 -65.75
CA GLU I 122 38.52 82.36 -66.54
C GLU I 122 37.86 81.30 -65.65
N GLN I 123 38.35 81.22 -64.41
CA GLN I 123 37.83 80.22 -63.49
C GLN I 123 36.39 80.55 -63.14
N TRP I 124 36.14 81.84 -62.85
CA TRP I 124 34.82 82.28 -62.44
C TRP I 124 33.82 81.91 -63.54
N ARG I 125 34.24 82.19 -64.77
CA ARG I 125 33.42 81.95 -65.93
C ARG I 125 33.13 80.44 -66.05
N LYS I 126 34.15 79.64 -65.73
CA LYS I 126 34.06 78.17 -65.75
C LYS I 126 32.97 77.72 -64.77
N TYR I 127 33.07 78.20 -63.53
CA TYR I 127 32.10 77.80 -62.53
C TYR I 127 30.70 78.27 -62.90
N PHE I 128 30.64 79.47 -63.51
CA PHE I 128 29.36 79.98 -63.96
C PHE I 128 28.73 79.00 -64.94
N LYS I 129 29.55 78.58 -65.92
CA LYS I 129 29.15 77.65 -66.96
C LYS I 129 28.63 76.34 -66.34
N GLN I 130 29.33 75.84 -65.31
CA GLN I 130 28.93 74.61 -64.63
C GLN I 130 27.60 74.77 -63.89
N THR I 131 27.36 75.95 -63.30
CA THR I 131 26.18 76.16 -62.48
C THR I 131 24.93 76.51 -63.30
N MET I 132 25.09 77.42 -64.25
CA MET I 132 23.96 77.99 -64.97
C MET I 132 23.70 77.16 -66.23
N CYS I 133 22.83 76.14 -66.11
CA CYS I 133 22.66 75.15 -67.17
C CYS I 133 21.43 74.27 -66.91
N LYS I 134 20.97 73.58 -67.96
CA LYS I 134 19.69 72.89 -67.99
C LYS I 134 19.50 71.94 -66.79
N GLU I 135 20.60 71.28 -66.35
CA GLU I 135 20.51 70.26 -65.32
C GLU I 135 20.22 70.90 -63.96
N ASN I 136 20.68 72.14 -63.78
CA ASN I 136 20.49 72.86 -62.53
C ASN I 136 19.27 73.78 -62.59
N HIS I 137 18.31 73.45 -63.44
CA HIS I 137 17.24 74.37 -63.74
C HIS I 137 16.50 74.82 -62.48
N ARG I 138 16.53 74.00 -61.42
CA ARG I 138 15.76 74.32 -60.24
C ARG I 138 16.39 75.50 -59.48
N LEU I 139 17.67 75.77 -59.76
CA LEU I 139 18.38 76.91 -59.19
C LEU I 139 17.69 78.24 -59.53
N LEU I 140 16.88 78.26 -60.60
CA LEU I 140 16.21 79.46 -61.02
C LEU I 140 15.06 79.83 -60.08
N LEU I 141 14.52 78.87 -59.33
CA LEU I 141 13.51 79.21 -58.32
C LEU I 141 14.20 79.66 -57.05
N ASN I 142 13.48 80.37 -56.18
CA ASN I 142 14.12 80.90 -54.98
C ASN I 142 14.45 79.80 -53.99
N GLY I 143 15.61 79.92 -53.36
CA GLY I 143 16.08 78.96 -52.36
C GLY I 143 15.73 79.36 -50.93
N ASP I 144 16.57 78.89 -50.00
CA ASP I 144 16.37 79.18 -48.60
C ASP I 144 16.70 80.67 -48.43
N HIS I 145 15.79 81.42 -47.79
CA HIS I 145 16.03 82.82 -47.52
C HIS I 145 17.36 83.11 -46.84
N GLN I 146 17.78 82.23 -45.95
CA GLN I 146 18.92 82.46 -45.08
C GLN I 146 20.22 82.26 -45.86
N GLY I 147 20.10 81.58 -47.01
CA GLY I 147 21.28 81.26 -47.82
C GLY I 147 21.20 79.80 -48.25
N GLU I 148 21.91 79.44 -49.32
CA GLU I 148 21.99 78.03 -49.71
C GLU I 148 22.76 77.26 -48.65
N ALA I 149 22.23 76.09 -48.27
CA ALA I 149 22.89 75.27 -47.26
C ALA I 149 24.32 74.91 -47.70
N SER I 150 24.51 74.49 -48.96
CA SER I 150 25.86 74.29 -49.49
C SER I 150 26.76 75.48 -49.17
N PHE I 151 26.22 76.70 -49.30
CA PHE I 151 27.08 77.87 -49.30
C PHE I 151 27.38 78.21 -47.85
N ARG I 152 26.35 78.06 -47.01
CA ARG I 152 26.49 78.32 -45.58
C ARG I 152 27.55 77.40 -44.99
N ARG I 153 27.51 76.13 -45.45
CA ARG I 153 28.47 75.11 -45.07
C ARG I 153 29.90 75.53 -45.40
N GLU I 154 30.15 75.94 -46.64
CA GLU I 154 31.48 76.41 -47.03
C GLU I 154 31.92 77.63 -46.22
N ILE I 155 30.93 78.45 -45.80
CA ILE I 155 31.27 79.67 -45.10
C ILE I 155 31.79 79.26 -43.73
N ALA I 156 31.06 78.34 -43.09
CA ALA I 156 31.39 77.85 -41.77
C ALA I 156 32.76 77.15 -41.80
N TYR I 157 32.99 76.29 -42.80
CA TYR I 157 34.31 75.72 -43.03
C TYR I 157 35.38 76.82 -43.15
N TYR I 158 35.19 77.75 -44.10
CA TYR I 158 36.17 78.80 -44.39
C TYR I 158 36.49 79.58 -43.10
N LEU I 159 35.44 79.90 -42.32
CA LEU I 159 35.61 80.83 -41.22
C LEU I 159 36.40 80.14 -40.11
N HIS I 160 36.23 78.81 -40.02
CA HIS I 160 36.93 78.00 -39.04
C HIS I 160 38.44 78.01 -39.33
N HIS I 161 38.79 77.56 -40.54
CA HIS I 161 40.20 77.50 -40.91
C HIS I 161 40.90 78.86 -40.92
N SER I 162 40.20 79.94 -41.28
CA SER I 162 40.88 81.21 -41.54
C SER I 162 40.88 82.09 -40.29
N ARG I 163 39.86 81.97 -39.43
CA ARG I 163 39.62 82.98 -38.40
C ARG I 163 39.34 82.33 -37.03
N GLY I 164 39.16 80.99 -37.06
CA GLY I 164 38.90 80.24 -35.86
C GLY I 164 37.46 80.41 -35.38
N VAL I 165 36.58 80.70 -36.34
CA VAL I 165 35.21 80.94 -35.96
C VAL I 165 34.53 79.60 -35.78
N ASN I 166 33.73 79.49 -34.73
CA ASN I 166 33.06 78.22 -34.53
C ASN I 166 31.58 78.45 -34.71
N CYS I 167 31.01 77.89 -35.77
CA CYS I 167 29.55 78.05 -35.94
C CYS I 167 29.02 76.92 -36.80
N THR I 168 27.70 76.68 -36.69
CA THR I 168 27.03 75.74 -37.57
C THR I 168 26.57 76.49 -38.80
N PRO I 169 26.29 75.79 -39.92
CA PRO I 169 25.72 76.43 -41.09
C PRO I 169 24.38 77.11 -40.82
N GLU I 170 23.68 76.65 -39.79
CA GLU I 170 22.34 77.14 -39.54
C GLU I 170 22.43 78.46 -38.78
N GLN I 171 23.64 78.90 -38.47
CA GLN I 171 23.82 80.16 -37.77
C GLN I 171 24.33 81.23 -38.75
N VAL I 172 24.53 80.83 -40.00
CA VAL I 172 25.08 81.73 -41.02
C VAL I 172 23.92 82.31 -41.80
N VAL I 173 23.85 83.65 -41.83
CA VAL I 173 22.91 84.38 -42.67
C VAL I 173 23.64 85.08 -43.80
N VAL I 174 23.20 84.80 -45.03
CA VAL I 174 23.73 85.40 -46.24
C VAL I 174 22.85 86.57 -46.70
N GLY I 175 23.47 87.73 -46.87
CA GLY I 175 22.75 88.89 -47.42
C GLY I 175 23.58 89.78 -48.37
N ALA I 176 22.87 90.67 -49.06
CA ALA I 176 23.46 91.51 -50.09
C ALA I 176 24.17 92.70 -49.45
N GLY I 177 25.41 92.46 -49.01
CA GLY I 177 26.17 93.52 -48.39
C GLY I 177 25.89 93.69 -46.90
N VAL I 178 26.92 94.22 -46.22
CA VAL I 178 26.85 94.42 -44.79
C VAL I 178 25.62 95.24 -44.41
N GLU I 179 25.31 96.26 -45.23
CA GLU I 179 24.20 97.13 -44.90
C GLU I 179 22.89 96.36 -44.83
N THR I 180 22.68 95.38 -45.73
CA THR I 180 21.44 94.60 -45.70
C THR I 180 21.33 93.86 -44.38
N LEU I 181 22.46 93.29 -43.91
CA LEU I 181 22.48 92.44 -42.73
C LEU I 181 22.28 93.27 -41.46
N LEU I 182 23.04 94.37 -41.32
CA LEU I 182 22.80 95.26 -40.19
C LEU I 182 21.35 95.72 -40.11
N GLN I 183 20.68 95.94 -41.26
CA GLN I 183 19.31 96.40 -41.18
C GLN I 183 18.47 95.29 -40.56
N GLN I 184 18.74 94.05 -40.99
CA GLN I 184 17.94 92.95 -40.47
C GLN I 184 18.24 92.78 -38.98
N LEU I 185 19.49 92.99 -38.65
CA LEU I 185 19.90 92.87 -37.27
C LEU I 185 19.15 93.90 -36.41
N PHE I 186 19.05 95.15 -36.89
CA PHE I 186 18.42 96.20 -36.13
C PHE I 186 16.97 95.87 -35.81
N LEU I 187 16.29 95.31 -36.81
CA LEU I 187 14.91 94.85 -36.69
C LEU I 187 14.82 93.70 -35.71
N LEU I 188 15.80 92.79 -35.77
CA LEU I 188 15.79 91.57 -34.98
C LEU I 188 15.92 91.86 -33.50
N LEU I 189 16.93 92.66 -33.12
CA LEU I 189 17.23 92.95 -31.73
C LEU I 189 16.27 93.94 -31.09
N GLY I 190 15.43 94.61 -31.90
CA GLY I 190 14.38 95.48 -31.38
C GLY I 190 14.76 96.95 -31.22
N GLU I 191 13.71 97.75 -31.00
CA GLU I 191 13.71 99.20 -31.17
C GLU I 191 14.37 99.91 -29.99
N SER I 192 14.53 99.19 -28.88
CA SER I 192 14.97 99.77 -27.63
C SER I 192 16.50 99.74 -27.51
N LYS I 193 17.16 98.89 -28.29
CA LYS I 193 18.60 98.69 -28.14
C LYS I 193 19.34 100.00 -28.44
N VAL I 194 20.44 100.21 -27.71
CA VAL I 194 21.33 101.33 -27.94
C VAL I 194 22.69 100.80 -28.41
N TYR I 195 23.21 101.35 -29.52
CA TYR I 195 24.41 100.81 -30.16
C TYR I 195 25.61 101.70 -29.85
N GLY I 196 26.71 101.06 -29.49
CA GLY I 196 27.96 101.79 -29.35
C GLY I 196 28.82 101.53 -30.57
N ILE I 197 29.49 102.59 -31.06
CA ILE I 197 30.24 102.49 -32.30
C ILE I 197 31.61 103.13 -32.11
N GLU I 198 32.55 102.72 -32.97
CA GLU I 198 33.92 103.23 -32.92
C GLU I 198 33.98 104.61 -33.54
N ASP I 199 34.71 105.53 -32.91
CA ASP I 199 35.04 106.83 -33.50
C ASP I 199 36.53 107.11 -33.34
N PRO I 200 37.28 107.43 -34.41
CA PRO I 200 36.75 107.40 -35.78
C PRO I 200 36.53 105.97 -36.27
N GLY I 201 36.00 105.85 -37.50
CA GLY I 201 35.66 104.56 -38.09
C GLY I 201 34.80 104.72 -39.34
N TYR I 202 34.47 103.59 -39.99
CA TYR I 202 33.51 103.62 -41.07
C TYR I 202 32.20 104.19 -40.54
N GLN I 203 31.53 105.00 -41.36
CA GLN I 203 30.39 105.74 -40.85
C GLN I 203 29.08 104.98 -41.14
N LEU I 204 29.18 103.86 -41.86
CA LEU I 204 27.99 103.16 -42.33
C LEU I 204 27.01 102.90 -41.19
N MET I 205 27.55 102.49 -40.05
CA MET I 205 26.73 102.05 -38.94
C MET I 205 25.90 103.24 -38.43
N ARG I 206 26.60 104.36 -38.20
CA ARG I 206 25.93 105.54 -37.70
C ARG I 206 24.86 105.99 -38.69
N LYS I 207 25.24 106.02 -39.97
CA LYS I 207 24.36 106.50 -41.03
C LYS I 207 23.10 105.65 -41.07
N LEU I 208 23.23 104.32 -41.12
CA LEU I 208 22.07 103.45 -41.14
C LEU I 208 21.17 103.70 -39.93
N LEU I 209 21.80 103.94 -38.77
CA LEU I 209 21.04 104.02 -37.54
C LEU I 209 20.15 105.25 -37.54
N SER I 210 20.51 106.26 -38.35
CA SER I 210 19.72 107.47 -38.42
C SER I 210 18.29 107.19 -38.91
N HIS I 211 18.04 106.07 -39.62
CA HIS I 211 16.71 105.77 -40.14
C HIS I 211 15.91 104.87 -39.21
N TYR I 212 16.55 104.38 -38.13
CA TYR I 212 15.89 103.41 -37.26
C TYR I 212 15.64 104.06 -35.91
N PRO I 213 14.64 103.56 -35.14
CA PRO I 213 14.34 104.10 -33.81
C PRO I 213 15.54 104.16 -32.86
N ASN I 214 16.47 103.22 -33.05
CA ASN I 214 17.62 102.94 -32.17
C ASN I 214 18.59 104.11 -32.12
N ASP I 215 19.14 104.39 -30.94
CA ASP I 215 20.12 105.45 -30.75
C ASP I 215 21.53 104.86 -30.75
N TYR I 216 22.54 105.74 -30.88
CA TYR I 216 23.91 105.28 -30.89
C TYR I 216 24.74 106.16 -29.97
N VAL I 217 25.90 105.64 -29.56
CA VAL I 217 26.86 106.37 -28.76
C VAL I 217 28.24 106.04 -29.32
N PRO I 218 29.06 107.06 -29.61
CA PRO I 218 30.43 106.82 -30.10
C PRO I 218 31.39 106.67 -28.93
N PHE I 219 32.43 105.85 -29.15
CA PHE I 219 33.48 105.60 -28.18
C PHE I 219 34.82 105.73 -28.87
N GLN I 220 35.82 106.26 -28.15
CA GLN I 220 37.14 106.48 -28.69
C GLN I 220 37.83 105.14 -28.96
N VAL I 221 38.77 105.15 -29.91
CA VAL I 221 39.63 104.01 -30.16
C VAL I 221 41.07 104.48 -30.01
N ASP I 222 41.92 103.65 -29.41
CA ASP I 222 43.33 103.94 -29.26
C ASP I 222 44.15 102.76 -29.76
N GLU I 223 45.43 102.71 -29.33
CA GLU I 223 46.40 101.74 -29.77
C GLU I 223 45.92 100.33 -29.45
N GLU I 224 45.02 100.21 -28.46
CA GLU I 224 44.58 98.92 -27.91
C GLU I 224 43.11 98.64 -28.24
N GLY I 225 42.52 99.49 -29.07
CA GLY I 225 41.16 99.28 -29.56
C GLY I 225 40.13 100.17 -28.87
N ILE I 226 38.88 99.72 -28.89
CA ILE I 226 37.77 100.53 -28.41
C ILE I 226 37.86 100.73 -26.90
N ASP I 227 37.28 101.84 -26.43
CA ASP I 227 37.37 102.24 -25.04
C ASP I 227 36.33 101.48 -24.21
N VAL I 228 36.72 100.27 -23.77
CA VAL I 228 35.81 99.40 -23.04
C VAL I 228 35.44 100.01 -21.69
N ASP I 229 36.34 100.80 -21.11
CA ASP I 229 36.11 101.42 -19.80
C ASP I 229 34.87 102.31 -19.87
N SER I 230 34.78 103.11 -20.95
CA SER I 230 33.65 103.99 -21.16
C SER I 230 32.39 103.19 -21.44
N ILE I 231 32.53 102.11 -22.24
CA ILE I 231 31.36 101.34 -22.63
C ILE I 231 30.64 100.89 -21.37
N VAL I 232 31.42 100.38 -20.42
CA VAL I 232 30.93 99.75 -19.21
C VAL I 232 30.12 100.72 -18.36
N ARG I 233 30.45 102.02 -18.47
CA ARG I 233 29.82 103.07 -17.68
C ARG I 233 28.57 103.63 -18.37
N THR I 234 28.26 103.15 -19.58
CA THR I 234 27.45 103.93 -20.50
C THR I 234 26.04 103.44 -20.84
N ALA I 235 25.58 102.27 -20.41
CA ALA I 235 24.19 101.94 -20.76
C ALA I 235 23.91 101.65 -22.24
N VAL I 236 24.92 101.36 -23.08
CA VAL I 236 24.71 100.78 -24.39
C VAL I 236 24.39 99.29 -24.22
N ASP I 237 23.73 98.69 -25.23
CA ASP I 237 23.34 97.30 -25.22
C ASP I 237 24.15 96.49 -26.24
N VAL I 238 24.49 97.10 -27.38
CA VAL I 238 25.19 96.38 -28.43
C VAL I 238 26.42 97.16 -28.82
N VAL I 239 27.58 96.49 -28.86
CA VAL I 239 28.80 97.20 -29.18
C VAL I 239 29.29 96.70 -30.52
N TYR I 240 29.47 97.66 -31.43
CA TYR I 240 29.97 97.37 -32.75
C TYR I 240 31.46 97.69 -32.76
N THR I 241 32.29 96.70 -33.12
CA THR I 241 33.72 96.93 -33.12
C THR I 241 34.42 96.09 -34.17
N THR I 242 35.60 96.54 -34.61
CA THR I 242 36.44 95.88 -35.59
C THR I 242 37.72 95.44 -34.89
N PRO I 243 37.69 94.32 -34.13
CA PRO I 243 38.77 94.00 -33.20
C PRO I 243 40.09 93.59 -33.87
N SER I 244 40.00 93.01 -35.07
CA SER I 244 41.16 92.46 -35.75
C SER I 244 42.04 93.55 -36.33
N ARG I 245 41.43 94.63 -36.82
CA ARG I 245 42.17 95.72 -37.45
C ARG I 245 41.22 96.90 -37.68
N HIS I 246 41.29 97.87 -36.78
CA HIS I 246 40.41 99.02 -36.77
C HIS I 246 40.65 99.90 -37.99
N PHE I 247 39.58 100.47 -38.53
CA PHE I 247 39.73 101.41 -39.63
C PHE I 247 39.58 102.83 -39.09
N PRO I 248 40.50 103.77 -39.41
CA PRO I 248 41.56 103.55 -40.40
C PRO I 248 42.97 103.26 -39.91
N TYR I 249 43.18 103.33 -38.58
CA TYR I 249 44.52 103.35 -38.00
C TYR I 249 45.16 101.98 -37.91
N GLY I 250 44.35 100.92 -37.83
CA GLY I 250 44.89 99.56 -37.90
C GLY I 250 45.02 98.89 -36.52
N SER I 251 44.66 99.64 -35.45
CA SER I 251 44.66 99.20 -34.07
C SER I 251 44.07 97.80 -33.91
N VAL I 252 44.60 97.02 -32.96
CA VAL I 252 44.05 95.72 -32.60
C VAL I 252 43.48 95.78 -31.18
N LEU I 253 42.30 95.21 -30.98
CA LEU I 253 41.69 95.18 -29.66
C LEU I 253 42.48 94.18 -28.81
N SER I 254 43.16 94.74 -27.79
CA SER I 254 44.06 94.01 -26.93
C SER I 254 43.33 92.90 -26.21
N ILE I 255 44.12 91.87 -25.88
CA ILE I 255 43.55 90.65 -25.33
C ILE I 255 42.87 90.91 -23.99
N ASN I 256 43.36 91.91 -23.23
CA ASN I 256 42.74 92.32 -21.98
C ASN I 256 41.33 92.84 -22.26
N ARG I 257 41.25 93.75 -23.25
CA ARG I 257 40.02 94.45 -23.54
C ARG I 257 39.00 93.48 -24.12
N ARG I 258 39.49 92.51 -24.92
CA ARG I 258 38.63 91.44 -25.40
C ARG I 258 37.93 90.75 -24.23
N LYS I 259 38.72 90.40 -23.21
CA LYS I 259 38.21 89.69 -22.04
C LYS I 259 37.23 90.59 -21.29
N GLN I 260 37.62 91.86 -21.15
CA GLN I 260 36.81 92.84 -20.42
C GLN I 260 35.46 93.03 -21.10
N LEU I 261 35.50 93.08 -22.45
CA LEU I 261 34.31 93.35 -23.23
C LEU I 261 33.38 92.14 -23.17
N LEU I 262 33.96 90.93 -23.31
CA LEU I 262 33.14 89.73 -23.21
C LEU I 262 32.52 89.64 -21.83
N HIS I 263 33.28 90.07 -20.80
CA HIS I 263 32.77 90.03 -19.45
C HIS I 263 31.55 90.94 -19.35
N TRP I 264 31.70 92.14 -19.94
CA TRP I 264 30.64 93.14 -19.97
C TRP I 264 29.37 92.54 -20.57
N ALA I 265 29.56 91.75 -21.63
CA ALA I 265 28.46 91.20 -22.40
C ALA I 265 27.77 90.10 -21.61
N GLU I 266 28.57 89.35 -20.83
CA GLU I 266 28.12 88.22 -20.03
C GLU I 266 27.20 88.71 -18.91
N ALA I 267 27.38 89.97 -18.52
CA ALA I 267 26.71 90.55 -17.36
C ALA I 267 25.22 90.82 -17.56
N HIS I 268 24.70 90.68 -18.80
CA HIS I 268 23.30 90.98 -19.01
C HIS I 268 22.74 90.25 -20.22
N GLU I 269 21.47 89.83 -20.15
CA GLU I 269 20.82 89.01 -21.15
C GLU I 269 20.67 89.77 -22.47
N ASN I 270 20.55 91.10 -22.40
CA ASN I 270 20.26 91.92 -23.54
C ASN I 270 21.50 92.40 -24.30
N ARG I 271 22.70 92.06 -23.83
CA ARG I 271 23.89 92.64 -24.43
C ARG I 271 24.44 91.71 -25.52
N TYR I 272 24.99 92.34 -26.57
CA TYR I 272 25.67 91.62 -27.64
C TYR I 272 26.86 92.42 -28.13
N ILE I 273 27.73 91.74 -28.87
CA ILE I 273 28.87 92.38 -29.51
C ILE I 273 28.82 92.05 -31.00
N ILE I 274 28.93 93.08 -31.85
CA ILE I 274 29.06 92.83 -33.27
C ILE I 274 30.53 92.94 -33.64
N GLU I 275 31.08 91.82 -34.11
CA GLU I 275 32.47 91.77 -34.50
C GLU I 275 32.49 91.89 -36.03
N ASP I 276 33.03 93.02 -36.49
CA ASP I 276 33.14 93.27 -37.91
C ASP I 276 34.51 92.83 -38.38
N ASP I 277 34.52 91.88 -39.32
CA ASP I 277 35.73 91.44 -39.96
C ASP I 277 35.63 91.64 -41.47
N TYR I 278 34.97 92.75 -41.88
CA TYR I 278 34.85 93.16 -43.27
C TYR I 278 36.25 93.30 -43.86
N ASP I 279 37.22 93.70 -43.03
CA ASP I 279 38.63 93.81 -43.36
C ASP I 279 39.35 92.57 -42.81
N SER I 280 39.14 91.41 -43.45
CA SER I 280 39.61 90.13 -42.91
C SER I 280 41.09 89.85 -43.27
N GLU I 281 41.37 89.82 -44.58
CA GLU I 281 42.33 88.83 -45.08
C GLU I 281 43.77 89.30 -45.11
N PHE I 282 44.02 90.59 -45.25
CA PHE I 282 45.36 90.98 -45.73
C PHE I 282 46.18 91.65 -44.64
N ARG I 283 46.77 90.84 -43.77
CA ARG I 283 47.49 91.29 -42.60
C ARG I 283 48.89 90.70 -42.68
N TYR I 284 49.91 91.45 -42.22
CA TYR I 284 51.19 90.83 -41.93
C TYR I 284 51.61 90.99 -40.49
N THR I 285 51.32 92.16 -39.92
CA THR I 285 52.01 92.51 -38.65
C THR I 285 51.51 91.74 -37.44
N GLY I 286 52.47 91.33 -36.61
CA GLY I 286 52.23 90.59 -35.39
C GLY I 286 52.20 89.08 -35.66
N LYS I 287 52.24 88.29 -34.57
CA LYS I 287 51.63 86.96 -34.56
C LYS I 287 50.11 87.13 -34.64
N THR I 288 49.48 86.35 -35.55
CA THR I 288 48.20 86.69 -36.12
C THR I 288 47.10 86.23 -35.15
N ILE I 289 46.29 87.19 -34.61
CA ILE I 289 45.41 86.92 -33.47
C ILE I 289 43.99 86.59 -33.95
N PRO I 290 43.26 85.67 -33.26
CA PRO I 290 42.00 85.11 -33.81
C PRO I 290 40.76 85.99 -33.59
N SER I 291 39.60 85.52 -34.08
CA SER I 291 38.33 86.19 -33.84
C SER I 291 37.97 86.22 -32.36
N LEU I 292 37.35 87.32 -31.95
CA LEU I 292 36.74 87.46 -30.64
C LEU I 292 35.61 86.43 -30.54
N GLN I 293 35.03 86.03 -31.67
CA GLN I 293 33.92 85.09 -31.66
C GLN I 293 34.40 83.74 -31.16
N SER I 294 35.68 83.44 -31.42
CA SER I 294 36.28 82.16 -31.06
C SER I 294 36.41 82.02 -29.54
N MET I 295 36.63 83.13 -28.83
CA MET I 295 36.61 83.20 -27.37
C MET I 295 35.19 83.21 -26.79
N ASP I 296 34.16 83.39 -27.62
CA ASP I 296 32.86 83.62 -27.02
C ASP I 296 32.26 82.26 -26.67
N VAL I 297 31.96 82.08 -25.39
CA VAL I 297 31.33 80.84 -24.99
C VAL I 297 29.94 81.13 -24.44
N HIS I 298 29.53 82.40 -24.48
CA HIS I 298 28.24 82.74 -23.91
C HIS I 298 27.18 83.20 -24.91
N ASN I 299 27.41 83.00 -26.22
CA ASN I 299 26.44 83.37 -27.23
C ASN I 299 26.18 84.87 -27.24
N LYS I 300 27.26 85.64 -27.30
CA LYS I 300 27.22 87.07 -27.07
C LYS I 300 27.71 87.81 -28.33
N VAL I 301 28.47 87.11 -29.19
CA VAL I 301 29.13 87.74 -30.32
C VAL I 301 28.45 87.38 -31.65
N ILE I 302 28.07 88.43 -32.41
CA ILE I 302 27.57 88.37 -33.77
C ILE I 302 28.73 88.67 -34.71
N TYR I 303 28.99 87.76 -35.67
CA TYR I 303 30.19 87.90 -36.47
C TYR I 303 29.77 88.24 -37.89
N LEU I 304 30.47 89.24 -38.44
CA LEU I 304 30.03 89.91 -39.64
C LEU I 304 31.19 89.94 -40.62
N GLY I 305 30.94 89.48 -41.85
CA GLY I 305 32.01 89.46 -42.82
C GLY I 305 31.46 89.41 -44.24
N ALA I 306 32.35 89.57 -45.21
CA ALA I 306 31.90 89.68 -46.60
C ALA I 306 32.97 89.25 -47.58
N PHE I 307 32.51 88.83 -48.76
CA PHE I 307 33.38 88.58 -49.89
C PHE I 307 33.63 89.85 -50.70
N SER I 308 34.07 90.95 -50.08
CA SER I 308 34.34 92.16 -50.84
C SER I 308 35.85 92.35 -51.07
N LYS I 309 36.68 92.42 -50.01
CA LYS I 309 38.10 92.67 -50.22
C LYS I 309 38.81 91.43 -50.76
N SER I 310 38.40 90.22 -50.32
CA SER I 310 38.60 89.00 -51.10
C SER I 310 37.59 89.04 -52.23
N LEU I 311 37.77 88.19 -53.24
CA LEU I 311 36.73 88.14 -54.29
C LEU I 311 36.38 89.49 -54.96
N ILE I 312 35.08 89.86 -54.97
CA ILE I 312 34.52 90.89 -55.85
C ILE I 312 33.50 91.78 -55.14
N PRO I 313 33.79 93.07 -54.83
CA PRO I 313 32.82 93.89 -54.10
C PRO I 313 31.43 94.00 -54.74
N SER I 314 31.36 93.95 -56.07
CA SER I 314 30.13 94.34 -56.75
C SER I 314 29.13 93.18 -56.83
N VAL I 315 29.53 92.00 -56.32
CA VAL I 315 28.64 90.85 -56.35
C VAL I 315 27.67 90.91 -55.17
N ARG I 316 28.03 91.75 -54.19
CA ARG I 316 27.27 92.02 -52.98
C ARG I 316 26.94 90.73 -52.25
N ILE I 317 27.97 89.99 -51.80
CA ILE I 317 27.76 88.80 -51.01
C ILE I 317 28.40 88.95 -49.63
N SER I 318 27.55 88.92 -48.60
CA SER I 318 28.02 89.09 -47.23
C SER I 318 27.37 88.05 -46.33
N TYR I 319 27.94 87.89 -45.13
CA TYR I 319 27.44 86.91 -44.20
C TYR I 319 27.47 87.48 -42.78
N MET I 320 26.48 87.08 -42.02
CA MET I 320 26.47 87.36 -40.61
C MET I 320 26.26 86.04 -39.87
N VAL I 321 27.08 85.80 -38.83
CA VAL I 321 27.01 84.61 -38.01
C VAL I 321 26.34 84.95 -36.68
N LEU I 322 25.16 84.36 -36.45
CA LEU I 322 24.38 84.67 -35.27
C LEU I 322 24.61 83.63 -34.17
N PRO I 323 24.75 84.05 -32.89
CA PRO I 323 24.58 83.13 -31.76
C PRO I 323 23.29 82.33 -31.89
N ALA I 324 23.32 81.06 -31.46
CA ALA I 324 22.30 80.12 -31.90
C ALA I 324 20.89 80.52 -31.46
N PRO I 325 20.64 81.10 -30.25
CA PRO I 325 19.32 81.65 -29.93
C PRO I 325 18.81 82.69 -30.93
N LEU I 326 19.67 83.66 -31.33
CA LEU I 326 19.34 84.68 -32.32
C LEU I 326 19.05 84.03 -33.66
N ALA I 327 19.85 83.05 -34.06
CA ALA I 327 19.62 82.39 -35.33
C ALA I 327 18.22 81.79 -35.35
N HIS I 328 17.73 81.32 -34.20
CA HIS I 328 16.45 80.64 -34.22
C HIS I 328 15.35 81.67 -34.35
N LEU I 329 15.57 82.79 -33.65
CA LEU I 329 14.65 83.92 -33.67
C LEU I 329 14.60 84.53 -35.08
N TYR I 330 15.78 84.73 -35.70
CA TYR I 330 15.88 85.17 -37.08
C TYR I 330 15.04 84.27 -37.99
N LYS I 331 15.26 82.96 -37.96
CA LYS I 331 14.56 82.08 -38.89
C LYS I 331 13.06 82.19 -38.73
N ASN I 332 12.57 82.63 -37.56
CA ASN I 332 11.13 82.71 -37.30
C ASN I 332 10.58 84.06 -37.73
N LYS I 333 11.25 85.12 -37.27
CA LYS I 333 10.86 86.51 -37.50
C LYS I 333 10.81 86.81 -39.00
N PHE I 334 11.80 86.31 -39.75
CA PHE I 334 11.93 86.64 -41.15
C PHE I 334 11.59 85.45 -42.04
N SER I 335 10.65 84.62 -41.60
CA SER I 335 10.37 83.36 -42.30
C SER I 335 9.87 83.60 -43.73
N TYR I 336 9.29 84.78 -43.99
CA TYR I 336 8.57 85.03 -45.23
C TYR I 336 9.45 85.79 -46.22
N TYR I 337 10.64 86.24 -45.79
CA TYR I 337 11.59 86.90 -46.66
C TYR I 337 12.14 85.94 -47.71
N HIS I 338 12.82 86.53 -48.70
CA HIS I 338 13.54 85.80 -49.73
C HIS I 338 14.97 86.29 -49.61
N SER I 339 15.89 85.50 -50.16
CA SER I 339 17.29 85.87 -50.12
C SER I 339 17.48 87.17 -50.91
N THR I 340 18.46 87.97 -50.49
CA THR I 340 18.84 89.09 -51.30
C THR I 340 20.07 88.79 -52.14
N VAL I 341 20.47 87.52 -52.25
CA VAL I 341 21.66 87.16 -53.03
C VAL I 341 21.30 86.10 -54.04
N SER I 342 21.82 86.26 -55.26
CA SER I 342 21.45 85.35 -56.32
C SER I 342 21.85 83.93 -55.95
N ARG I 343 20.90 82.97 -56.02
CA ARG I 343 21.23 81.57 -55.87
C ARG I 343 22.38 81.17 -56.80
N ILE I 344 22.29 81.58 -58.06
CA ILE I 344 23.29 81.18 -59.02
C ILE I 344 24.66 81.61 -58.48
N ASP I 345 24.73 82.83 -57.94
CA ASP I 345 26.03 83.38 -57.57
C ASP I 345 26.52 82.63 -56.33
N GLN I 346 25.58 82.28 -55.45
CA GLN I 346 25.89 81.51 -54.26
C GLN I 346 26.53 80.17 -54.67
N GLN I 347 25.83 79.43 -55.55
CA GLN I 347 26.32 78.17 -56.07
C GLN I 347 27.69 78.30 -56.70
N VAL I 348 27.87 79.33 -57.53
CA VAL I 348 29.15 79.57 -58.19
C VAL I 348 30.22 79.73 -57.11
N LEU I 349 30.01 80.63 -56.15
CA LEU I 349 31.02 80.90 -55.15
C LEU I 349 31.25 79.64 -54.29
N THR I 350 30.17 78.88 -54.04
CA THR I 350 30.26 77.62 -53.31
C THR I 350 31.30 76.72 -53.98
N ALA I 351 31.11 76.46 -55.28
CA ALA I 351 32.06 75.67 -56.06
C ALA I 351 33.47 76.26 -55.99
N PHE I 352 33.61 77.55 -56.27
CA PHE I 352 34.91 78.19 -56.31
C PHE I 352 35.64 77.93 -54.99
N MET I 353 34.87 77.79 -53.91
CA MET I 353 35.48 77.65 -52.60
C MET I 353 35.87 76.19 -52.38
N LYS I 354 34.90 75.30 -52.63
CA LYS I 354 35.03 73.87 -52.42
C LYS I 354 36.27 73.30 -53.13
N GLN I 355 36.47 73.66 -54.40
CA GLN I 355 37.57 73.11 -55.19
C GLN I 355 38.87 73.87 -54.94
N GLY I 356 38.92 74.74 -53.93
CA GLY I 356 40.20 75.28 -53.48
C GLY I 356 40.68 76.52 -54.24
N ASP I 357 39.95 76.90 -55.30
CA ASP I 357 40.26 78.08 -56.11
C ASP I 357 40.15 79.37 -55.30
N PHE I 358 39.17 79.43 -54.39
CA PHE I 358 39.08 80.58 -53.50
C PHE I 358 40.38 80.71 -52.71
N GLU I 359 40.88 79.57 -52.21
CA GLU I 359 42.03 79.63 -51.33
C GLU I 359 43.26 80.04 -52.15
N LYS I 360 43.34 79.52 -53.39
CA LYS I 360 44.43 79.91 -54.29
C LYS I 360 44.35 81.42 -54.55
N HIS I 361 43.13 81.91 -54.86
CA HIS I 361 42.90 83.31 -55.14
C HIS I 361 43.45 84.16 -53.99
N LEU I 362 43.06 83.80 -52.76
CA LEU I 362 43.43 84.57 -51.59
C LEU I 362 44.95 84.69 -51.47
N ASN I 363 45.66 83.58 -51.72
CA ASN I 363 47.10 83.55 -51.52
C ASN I 363 47.76 84.42 -52.58
N ARG I 364 47.30 84.24 -53.82
CA ARG I 364 47.82 85.00 -54.95
C ARG I 364 47.66 86.50 -54.71
N MET I 365 46.48 86.89 -54.21
CA MET I 365 46.18 88.29 -53.99
C MET I 365 47.03 88.83 -52.85
N ARG I 366 47.24 88.00 -51.81
CA ARG I 366 47.95 88.42 -50.63
C ARG I 366 49.35 88.87 -51.04
N LYS I 367 49.93 88.12 -51.99
CA LYS I 367 51.26 88.40 -52.50
C LYS I 367 51.25 89.74 -53.21
N ILE I 368 50.27 89.91 -54.11
CA ILE I 368 50.17 91.13 -54.90
C ILE I 368 50.02 92.36 -54.00
N TYR I 369 49.10 92.29 -53.03
CA TYR I 369 48.86 93.44 -52.19
C TYR I 369 50.13 93.76 -51.37
N ARG I 370 50.84 92.70 -50.96
CA ARG I 370 52.06 92.87 -50.17
C ARG I 370 53.09 93.67 -50.98
N ARG I 371 53.28 93.29 -52.25
CA ARG I 371 54.21 93.99 -53.12
C ARG I 371 53.85 95.47 -53.25
N LYS I 372 52.56 95.73 -53.53
CA LYS I 372 52.07 97.09 -53.70
C LYS I 372 52.36 97.93 -52.46
N LEU I 373 52.03 97.36 -51.29
CA LEU I 373 52.19 98.08 -50.03
C LEU I 373 53.66 98.42 -49.81
N GLU I 374 54.53 97.45 -50.12
CA GLU I 374 55.96 97.60 -49.91
C GLU I 374 56.54 98.67 -50.83
N LYS I 375 56.09 98.70 -52.08
CA LYS I 375 56.52 99.73 -53.02
C LYS I 375 56.09 101.11 -52.52
N VAL I 376 54.88 101.19 -51.99
CA VAL I 376 54.32 102.44 -51.53
C VAL I 376 55.12 102.97 -50.34
N LEU I 377 55.43 102.07 -49.40
CA LEU I 377 56.18 102.45 -48.22
C LEU I 377 57.60 102.86 -48.62
N SER I 378 58.18 102.10 -49.56
CA SER I 378 59.49 102.36 -50.12
C SER I 378 59.58 103.81 -50.60
N LEU I 379 58.54 104.27 -51.28
CA LEU I 379 58.53 105.63 -51.81
C LEU I 379 58.29 106.65 -50.69
N LEU I 380 57.32 106.39 -49.82
CA LEU I 380 56.88 107.40 -48.87
C LEU I 380 57.85 107.60 -47.70
N LYS I 381 58.67 106.57 -47.41
CA LYS I 381 59.59 106.62 -46.28
C LYS I 381 60.63 107.71 -46.46
N ARG I 382 60.71 108.24 -47.69
CA ARG I 382 61.70 109.23 -48.07
C ARG I 382 61.34 110.61 -47.53
N TYR I 383 60.11 110.78 -47.03
CA TYR I 383 59.59 112.09 -46.65
C TYR I 383 59.22 112.05 -45.16
N GLU I 384 59.99 111.27 -44.39
CA GLU I 384 59.62 110.84 -43.05
C GLU I 384 59.49 112.00 -42.07
N ASP I 385 59.91 113.20 -42.50
CA ASP I 385 59.90 114.38 -41.65
C ASP I 385 58.56 115.11 -41.76
N LYS I 386 57.87 115.00 -42.91
CA LYS I 386 56.70 115.82 -43.20
C LYS I 386 55.46 114.97 -43.44
N LEU I 387 55.67 113.68 -43.73
CA LEU I 387 54.61 112.69 -43.86
C LEU I 387 54.86 111.54 -42.89
N LEU I 388 53.92 111.36 -41.96
CA LEU I 388 53.99 110.24 -41.03
C LEU I 388 52.93 109.22 -41.42
N ILE I 389 53.32 107.94 -41.43
CA ILE I 389 52.46 106.84 -41.84
C ILE I 389 51.91 106.13 -40.59
N ILE I 390 50.63 105.77 -40.62
CA ILE I 390 49.98 105.05 -39.53
C ILE I 390 49.33 103.76 -40.05
N GLY I 391 49.55 102.66 -39.31
CA GLY I 391 48.95 101.36 -39.58
C GLY I 391 49.54 100.70 -40.83
N GLU I 392 50.85 100.85 -41.00
CA GLU I 392 51.49 100.77 -42.30
C GLU I 392 51.54 99.35 -42.85
N ARG I 393 51.42 98.34 -41.98
CA ARG I 393 51.79 96.99 -42.47
C ARG I 393 50.56 96.09 -42.54
N SER I 394 49.39 96.72 -42.67
CA SER I 394 48.12 96.01 -42.63
C SER I 394 47.10 96.71 -43.50
N GLY I 395 46.32 95.89 -44.20
CA GLY I 395 45.25 96.37 -45.05
C GLY I 395 45.77 96.81 -46.41
N LEU I 396 44.86 97.39 -47.20
CA LEU I 396 45.12 97.84 -48.55
C LEU I 396 45.24 99.36 -48.56
N HIS I 397 45.48 99.94 -47.38
CA HIS I 397 45.49 101.39 -47.24
C HIS I 397 46.39 101.80 -46.07
N ILE I 398 46.78 103.09 -46.07
CA ILE I 398 47.58 103.70 -45.01
C ILE I 398 46.97 105.07 -44.69
N VAL I 399 47.35 105.61 -43.54
CA VAL I 399 47.01 106.99 -43.22
C VAL I 399 48.29 107.81 -43.24
N LEU I 400 48.24 108.98 -43.89
CA LEU I 400 49.32 109.95 -43.87
C LEU I 400 48.89 111.14 -43.03
N VAL I 401 49.72 111.50 -42.05
CA VAL I 401 49.65 112.80 -41.41
C VAL I 401 50.54 113.74 -42.20
N VAL I 402 49.96 114.87 -42.63
CA VAL I 402 50.65 115.77 -43.55
C VAL I 402 50.90 117.10 -42.84
N LYS I 403 52.17 117.50 -42.78
CA LYS I 403 52.59 118.68 -42.04
C LYS I 403 53.00 119.79 -43.01
N ASN I 404 52.31 119.91 -44.15
CA ASN I 404 52.74 120.82 -45.22
C ASN I 404 52.05 122.16 -45.09
N GLY I 405 51.32 122.40 -44.01
CA GLY I 405 50.76 123.71 -43.75
C GLY I 405 49.50 123.92 -44.59
N MET I 406 49.28 123.05 -45.59
CA MET I 406 47.99 122.98 -46.26
C MET I 406 47.01 122.28 -45.32
N ASP I 407 45.77 122.78 -45.26
CA ASP I 407 44.75 122.13 -44.46
C ASP I 407 44.19 120.92 -45.20
N GLU I 408 43.38 120.13 -44.50
CA GLU I 408 42.81 118.89 -45.00
C GLU I 408 42.09 119.14 -46.33
N GLN I 409 41.23 120.17 -46.34
CA GLN I 409 40.41 120.47 -47.50
C GLN I 409 41.28 120.81 -48.72
N THR I 410 42.32 121.62 -48.46
CA THR I 410 43.25 122.08 -49.47
C THR I 410 43.92 120.88 -50.13
N LEU I 411 44.38 119.94 -49.27
CA LEU I 411 45.09 118.75 -49.70
C LEU I 411 44.22 117.91 -50.64
N VAL I 412 42.93 117.77 -50.29
CA VAL I 412 41.98 116.97 -51.05
C VAL I 412 41.81 117.59 -52.45
N GLU I 413 41.55 118.92 -52.45
CA GLU I 413 41.23 119.65 -53.67
C GLU I 413 42.42 119.65 -54.64
N LYS I 414 43.63 119.90 -54.10
CA LYS I 414 44.83 119.94 -54.91
C LYS I 414 45.06 118.58 -55.58
N ALA I 415 44.81 117.51 -54.81
CA ALA I 415 44.97 116.16 -55.32
C ALA I 415 43.97 115.90 -56.44
N LEU I 416 42.72 116.35 -56.22
CA LEU I 416 41.62 116.12 -57.16
C LEU I 416 41.92 116.87 -58.46
N ALA I 417 42.47 118.09 -58.31
CA ALA I 417 42.93 118.86 -59.44
C ALA I 417 43.97 118.08 -60.25
N ALA I 418 44.79 117.27 -59.58
CA ALA I 418 45.80 116.50 -60.29
C ALA I 418 45.21 115.18 -60.79
N LYS I 419 43.88 115.04 -60.71
CA LYS I 419 43.14 113.87 -61.17
C LYS I 419 43.39 112.65 -60.28
N ALA I 420 43.62 112.89 -58.98
CA ALA I 420 43.81 111.85 -57.99
C ALA I 420 42.86 112.06 -56.82
N LYS I 421 42.03 111.03 -56.54
CA LYS I 421 41.05 111.12 -55.47
C LYS I 421 41.62 110.52 -54.19
N VAL I 422 41.64 111.33 -53.12
CA VAL I 422 42.16 110.93 -51.83
C VAL I 422 41.13 111.25 -50.74
N TYR I 423 41.27 110.60 -49.58
CA TYR I 423 40.16 110.52 -48.63
C TYR I 423 40.52 111.20 -47.32
N PRO I 424 39.82 112.31 -47.00
CA PRO I 424 40.07 113.05 -45.76
C PRO I 424 39.59 112.23 -44.57
N LEU I 425 40.40 112.24 -43.51
CA LEU I 425 40.10 111.42 -42.36
C LEU I 425 38.87 111.93 -41.63
N SER I 426 38.54 113.21 -41.81
CA SER I 426 37.40 113.82 -41.14
C SER I 426 36.09 113.20 -41.64
N ALA I 427 36.18 112.48 -42.77
CA ALA I 427 35.03 111.80 -43.35
C ALA I 427 34.63 110.65 -42.45
N TYR I 428 35.53 110.30 -41.52
CA TYR I 428 35.43 109.08 -40.73
C TYR I 428 35.39 109.40 -39.24
N SER I 429 35.09 110.67 -38.91
CA SER I 429 35.23 111.18 -37.57
C SER I 429 34.04 112.08 -37.17
N LEU I 430 33.61 111.93 -35.92
CA LEU I 430 32.56 112.79 -35.39
C LEU I 430 33.16 114.02 -34.69
N GLU I 431 34.40 113.87 -34.20
CA GLU I 431 35.21 114.97 -33.68
C GLU I 431 35.65 115.84 -34.84
N ARG I 432 35.22 117.11 -34.86
CA ARG I 432 35.51 117.99 -35.99
C ARG I 432 36.94 118.52 -35.90
N ALA I 433 37.58 118.39 -34.73
CA ALA I 433 38.97 118.78 -34.52
C ALA I 433 39.88 117.70 -35.09
N ILE I 434 40.61 118.02 -36.16
CA ILE I 434 41.23 117.01 -37.02
C ILE I 434 42.64 117.47 -37.41
N HIS I 435 43.59 117.43 -36.45
CA HIS I 435 44.86 118.09 -36.68
C HIS I 435 46.04 117.28 -36.13
N PRO I 436 47.19 117.20 -36.82
CA PRO I 436 47.37 117.74 -38.19
C PRO I 436 46.51 117.02 -39.23
N PRO I 437 46.33 117.60 -40.44
CA PRO I 437 45.53 116.96 -41.48
C PRO I 437 45.97 115.53 -41.76
N GLN I 438 44.98 114.64 -41.95
CA GLN I 438 45.27 113.25 -42.27
C GLN I 438 44.49 112.83 -43.51
N ILE I 439 45.18 112.09 -44.38
CA ILE I 439 44.58 111.56 -45.59
C ILE I 439 44.77 110.04 -45.62
N VAL I 440 43.69 109.34 -46.01
CA VAL I 440 43.72 107.90 -46.20
C VAL I 440 44.01 107.65 -47.67
N LEU I 441 45.01 106.79 -47.93
CA LEU I 441 45.28 106.32 -49.28
C LEU I 441 45.12 104.81 -49.35
N GLY I 442 44.29 104.34 -50.29
CA GLY I 442 44.14 102.93 -50.57
C GLY I 442 44.68 102.61 -51.96
N PHE I 443 45.24 101.42 -52.13
CA PHE I 443 46.02 101.12 -53.32
C PHE I 443 45.49 99.87 -53.98
N GLY I 444 44.24 99.51 -53.64
CA GLY I 444 43.68 98.32 -54.24
C GLY I 444 43.63 98.43 -55.77
N SER I 445 43.07 99.56 -56.23
CA SER I 445 42.73 99.77 -57.62
C SER I 445 43.89 100.35 -58.42
N ILE I 446 44.87 100.96 -57.74
CA ILE I 446 46.03 101.54 -58.42
C ILE I 446 46.86 100.40 -59.00
N PRO I 447 47.10 100.35 -60.33
CA PRO I 447 47.83 99.20 -60.90
C PRO I 447 49.28 99.22 -60.43
N GLU I 448 49.85 98.01 -60.27
CA GLU I 448 51.11 97.84 -59.56
C GLU I 448 52.23 98.62 -60.26
N ASP I 449 52.20 98.60 -61.59
CA ASP I 449 53.25 99.17 -62.41
C ASP I 449 53.07 100.69 -62.56
N GLU I 450 52.07 101.26 -61.89
CA GLU I 450 51.84 102.69 -61.98
C GLU I 450 51.91 103.35 -60.61
N LEU I 451 52.30 102.56 -59.58
CA LEU I 451 52.22 103.02 -58.21
C LEU I 451 53.08 104.27 -57.99
N GLU I 452 54.30 104.23 -58.55
CA GLU I 452 55.26 105.31 -58.36
C GLU I 452 54.71 106.59 -58.96
N GLU I 453 54.14 106.46 -60.17
CA GLU I 453 53.56 107.57 -60.89
C GLU I 453 52.40 108.17 -60.08
N ALA I 454 51.56 107.29 -59.53
CA ALA I 454 50.36 107.68 -58.81
C ALA I 454 50.74 108.45 -57.54
N ILE I 455 51.71 107.92 -56.80
CA ILE I 455 52.09 108.56 -55.55
C ILE I 455 52.72 109.91 -55.86
N ALA I 456 53.55 109.89 -56.92
CA ALA I 456 54.21 111.09 -57.43
C ALA I 456 53.16 112.17 -57.73
N THR I 457 52.08 111.78 -58.42
CA THR I 457 51.02 112.71 -58.78
C THR I 457 50.48 113.45 -57.55
N VAL I 458 50.25 112.68 -56.47
CA VAL I 458 49.63 113.23 -55.27
C VAL I 458 50.63 114.13 -54.56
N LEU I 459 51.87 113.61 -54.41
CA LEU I 459 52.90 114.33 -53.70
C LEU I 459 53.19 115.65 -54.42
N ASN I 460 53.27 115.56 -55.75
CA ASN I 460 53.55 116.70 -56.60
C ASN I 460 52.48 117.78 -56.39
N ALA I 461 51.22 117.37 -56.40
CA ALA I 461 50.11 118.30 -56.26
C ALA I 461 50.14 118.96 -54.89
N TRP I 462 50.81 118.29 -53.93
CA TRP I 462 50.88 118.79 -52.57
C TRP I 462 52.15 119.64 -52.38
N GLY I 463 52.89 119.84 -53.49
CA GLY I 463 54.05 120.71 -53.46
C GLY I 463 55.31 120.03 -52.93
N PHE I 464 55.30 118.69 -52.91
CA PHE I 464 56.51 117.97 -52.58
C PHE I 464 57.38 117.81 -53.82
N LEU I 465 58.69 117.71 -53.58
CA LEU I 465 59.64 117.50 -54.65
C LEU I 465 59.70 116.00 -54.94
N VAL I 466 59.72 115.63 -56.22
CA VAL I 466 59.24 114.34 -56.70
C VAL I 466 60.30 113.75 -57.62
N PRO I 467 60.54 112.42 -57.59
CA PRO I 467 61.47 111.78 -58.52
C PRO I 467 61.03 111.90 -59.98
N ARG I 468 62.01 111.76 -60.88
CA ARG I 468 62.02 112.36 -62.21
C ARG I 468 60.95 111.76 -63.14
N GLY I 469 61.09 110.49 -63.54
CA GLY I 469 60.17 109.84 -64.47
C GLY I 469 58.81 109.55 -63.80
N SER I 470 57.76 110.25 -64.25
CA SER I 470 56.43 110.18 -63.65
C SER I 470 55.42 110.81 -64.62
N THR J 104 37.67 25.92 -39.43
CA THR J 104 37.75 27.35 -39.78
C THR J 104 36.57 27.73 -40.68
N ILE J 105 35.96 28.85 -40.34
CA ILE J 105 34.76 29.45 -40.94
C ILE J 105 35.08 30.00 -42.33
N ARG J 106 34.25 29.64 -43.30
CA ARG J 106 34.47 29.99 -44.69
C ARG J 106 33.70 31.25 -45.05
N TYR J 107 32.47 31.35 -44.51
CA TYR J 107 31.55 32.45 -44.74
C TYR J 107 31.07 33.04 -43.41
N ASN J 108 31.36 34.34 -43.22
CA ASN J 108 31.03 35.01 -41.97
C ASN J 108 29.99 36.09 -42.22
N PHE J 109 28.74 35.81 -41.82
CA PHE J 109 27.64 36.71 -42.10
C PHE J 109 27.49 37.79 -41.04
N HIS J 110 28.60 38.46 -40.72
CA HIS J 110 28.62 39.47 -39.67
C HIS J 110 27.95 40.76 -40.13
N PRO J 111 27.01 41.30 -39.33
CA PRO J 111 26.30 42.54 -39.65
C PRO J 111 27.17 43.77 -39.88
N THR J 112 28.34 43.80 -39.26
CA THR J 112 29.15 45.02 -39.27
C THR J 112 30.37 44.87 -40.17
N HIS J 113 30.47 43.76 -40.90
CA HIS J 113 31.62 43.55 -41.77
C HIS J 113 31.47 44.41 -43.01
N ILE J 114 32.61 44.75 -43.63
CA ILE J 114 32.61 45.51 -44.88
C ILE J 114 33.19 44.65 -45.98
N ASP J 115 33.04 45.13 -47.22
CA ASP J 115 33.71 44.50 -48.34
C ASP J 115 35.17 44.95 -48.38
N THR J 116 36.03 44.13 -47.79
CA THR J 116 37.42 44.48 -47.60
C THR J 116 38.20 44.53 -48.92
N THR J 117 37.79 43.69 -49.87
CA THR J 117 38.52 43.52 -51.13
C THR J 117 38.39 44.77 -51.99
N SER J 118 37.30 45.55 -51.78
CA SER J 118 36.91 46.71 -52.55
C SER J 118 37.66 47.99 -52.15
N PHE J 119 38.41 47.95 -51.06
CA PHE J 119 38.89 49.20 -50.48
C PHE J 119 39.98 49.84 -51.34
N PRO J 120 40.01 51.19 -51.49
CA PRO J 120 41.08 51.86 -52.24
C PRO J 120 42.47 51.87 -51.61
N PHE J 121 43.08 50.68 -51.56
CA PHE J 121 44.41 50.53 -50.96
C PHE J 121 45.42 51.56 -51.46
N GLU J 122 45.35 51.83 -52.77
CA GLU J 122 46.41 52.59 -53.41
C GLU J 122 46.33 54.04 -52.91
N GLN J 123 45.10 54.55 -52.82
CA GLN J 123 44.90 55.93 -52.42
C GLN J 123 45.31 56.09 -50.96
N TRP J 124 44.87 55.12 -50.14
CA TRP J 124 45.13 55.19 -48.71
C TRP J 124 46.64 55.26 -48.50
N ARG J 125 47.32 54.39 -49.23
CA ARG J 125 48.77 54.26 -49.12
C ARG J 125 49.42 55.59 -49.54
N LYS J 126 48.83 56.23 -50.57
CA LYS J 126 49.30 57.51 -51.08
C LYS J 126 49.22 58.57 -49.97
N TYR J 127 48.04 58.66 -49.35
CA TYR J 127 47.86 59.68 -48.32
C TYR J 127 48.76 59.39 -47.13
N PHE J 128 48.96 58.09 -46.83
CA PHE J 128 49.86 57.72 -45.76
C PHE J 128 51.26 58.28 -46.05
N LYS J 129 51.71 58.05 -47.29
CA LYS J 129 53.02 58.49 -47.77
C LYS J 129 53.16 60.02 -47.60
N GLN J 130 52.10 60.75 -47.97
CA GLN J 130 52.09 62.21 -47.86
C GLN J 130 52.17 62.66 -46.40
N THR J 131 51.50 61.95 -45.48
CA THR J 131 51.40 62.38 -44.10
C THR J 131 52.62 61.97 -43.27
N MET J 132 53.05 60.71 -43.42
CA MET J 132 54.08 60.15 -42.56
C MET J 132 55.46 60.39 -43.19
N CYS J 133 56.08 61.52 -42.85
CA CYS J 133 57.29 61.98 -43.54
C CYS J 133 57.98 63.10 -42.78
N LYS J 134 59.26 63.35 -43.11
CA LYS J 134 60.14 64.22 -42.33
C LYS J 134 59.54 65.60 -42.09
N GLU J 135 58.79 66.14 -43.07
CA GLU J 135 58.25 67.49 -42.99
C GLU J 135 57.16 67.58 -41.92
N ASN J 136 56.43 66.47 -41.72
CA ASN J 136 55.34 66.41 -40.76
C ASN J 136 55.81 65.82 -39.44
N HIS J 137 57.09 65.97 -39.12
CA HIS J 137 57.67 65.30 -37.98
C HIS J 137 56.90 65.65 -36.70
N ARG J 138 56.23 66.79 -36.67
CA ARG J 138 55.57 67.24 -35.46
C ARG J 138 54.35 66.38 -35.16
N LEU J 139 53.82 65.71 -36.21
CA LEU J 139 52.68 64.82 -36.08
C LEU J 139 52.98 63.66 -35.15
N LEU J 140 54.27 63.37 -34.90
CA LEU J 140 54.63 62.25 -34.05
C LEU J 140 54.37 62.59 -32.58
N LEU J 141 54.30 63.88 -32.20
CA LEU J 141 53.91 64.21 -30.84
C LEU J 141 52.40 64.20 -30.71
N ASN J 142 51.89 64.12 -29.48
CA ASN J 142 50.45 64.01 -29.30
C ASN J 142 49.79 65.36 -29.60
N GLY J 143 48.62 65.30 -30.25
CA GLY J 143 47.86 66.49 -30.61
C GLY J 143 46.83 66.93 -29.60
N ASP J 144 45.77 67.56 -30.10
CA ASP J 144 44.64 67.93 -29.25
C ASP J 144 43.96 66.62 -28.84
N HIS J 145 43.74 66.45 -27.54
CA HIS J 145 43.06 65.26 -27.04
C HIS J 145 41.71 65.00 -27.73
N GLN J 146 41.00 66.07 -28.08
CA GLN J 146 39.63 65.97 -28.54
C GLN J 146 39.62 65.50 -30.01
N GLY J 147 40.76 65.60 -30.66
CA GLY J 147 40.87 65.31 -32.08
C GLY J 147 41.64 66.43 -32.77
N GLU J 148 42.22 66.15 -33.94
CA GLU J 148 42.85 67.19 -34.72
C GLU J 148 41.79 68.18 -35.23
N ALA J 149 42.07 69.48 -35.12
CA ALA J 149 41.14 70.49 -35.58
C ALA J 149 40.79 70.30 -37.07
N SER J 150 41.80 70.10 -37.92
CA SER J 150 41.54 69.76 -39.32
C SER J 150 40.51 68.64 -39.44
N PHE J 151 40.60 67.64 -38.56
CA PHE J 151 39.84 66.42 -38.79
C PHE J 151 38.43 66.66 -38.29
N ARG J 152 38.34 67.38 -37.16
CA ARG J 152 37.06 67.71 -36.59
C ARG J 152 36.24 68.55 -37.58
N ARG J 153 36.94 69.47 -38.24
CA ARG J 153 36.39 70.33 -39.28
C ARG J 153 35.78 69.51 -40.42
N GLU J 154 36.55 68.57 -40.97
CA GLU J 154 36.04 67.69 -42.03
C GLU J 154 34.85 66.87 -41.56
N ILE J 155 34.82 66.55 -40.26
CA ILE J 155 33.76 65.69 -39.75
C ILE J 155 32.49 66.51 -39.78
N ALA J 156 32.60 67.75 -39.28
CA ALA J 156 31.46 68.66 -39.20
C ALA J 156 30.94 68.95 -40.62
N TYR J 157 31.83 69.24 -41.56
CA TYR J 157 31.45 69.35 -42.96
C TYR J 157 30.72 68.10 -43.44
N TYR J 158 31.36 66.93 -43.31
CA TYR J 158 30.81 65.66 -43.81
C TYR J 158 29.41 65.44 -43.21
N LEU J 159 29.25 65.73 -41.92
CA LEU J 159 28.04 65.34 -41.22
C LEU J 159 26.90 66.24 -41.70
N HIS J 160 27.25 67.48 -42.06
CA HIS J 160 26.28 68.44 -42.56
C HIS J 160 25.74 67.97 -43.91
N HIS J 161 26.63 67.76 -44.89
CA HIS J 161 26.20 67.32 -46.21
C HIS J 161 25.50 65.97 -46.21
N SER J 162 25.89 65.03 -45.35
CA SER J 162 25.41 63.66 -45.47
C SER J 162 24.17 63.43 -44.61
N ARG J 163 24.06 64.13 -43.48
CA ARG J 163 23.09 63.76 -42.45
C ARG J 163 22.33 64.99 -41.93
N GLY J 164 22.78 66.18 -42.34
CA GLY J 164 22.14 67.43 -41.94
C GLY J 164 22.50 67.83 -40.52
N VAL J 165 23.65 67.36 -40.07
CA VAL J 165 24.02 67.62 -38.70
C VAL J 165 24.59 69.04 -38.61
N ASN J 166 24.17 69.77 -37.59
CA ASN J 166 24.70 71.11 -37.46
C ASN J 166 25.54 71.19 -36.21
N CYS J 167 26.85 71.37 -36.39
CA CYS J 167 27.72 71.48 -35.22
C CYS J 167 29.00 72.22 -35.62
N THR J 168 29.69 72.76 -34.61
CA THR J 168 30.99 73.34 -34.82
C THR J 168 32.03 72.25 -34.66
N PRO J 169 33.25 72.43 -35.19
CA PRO J 169 34.34 71.49 -34.95
C PRO J 169 34.67 71.31 -33.47
N GLU J 170 34.34 72.31 -32.66
CA GLU J 170 34.74 72.29 -31.25
C GLU J 170 33.76 71.43 -30.47
N GLN J 171 32.73 70.93 -31.15
CA GLN J 171 31.75 70.08 -30.49
C GLN J 171 31.98 68.61 -30.86
N VAL J 172 32.97 68.37 -31.71
CA VAL J 172 33.24 67.03 -32.21
C VAL J 172 34.35 66.41 -31.36
N VAL J 173 34.06 65.25 -30.77
CA VAL J 173 35.05 64.46 -30.04
C VAL J 173 35.38 63.18 -30.82
N VAL J 174 36.69 63.01 -31.08
CA VAL J 174 37.22 61.84 -31.77
C VAL J 174 37.75 60.81 -30.76
N GLY J 175 37.25 59.57 -30.87
CA GLY J 175 37.77 58.49 -30.04
C GLY J 175 37.85 57.12 -30.73
N ALA J 176 38.57 56.20 -30.08
CA ALA J 176 38.85 54.89 -30.66
C ALA J 176 37.66 53.96 -30.49
N GLY J 177 36.71 54.08 -31.41
CA GLY J 177 35.52 53.24 -31.36
C GLY J 177 34.43 53.79 -30.45
N VAL J 178 33.20 53.39 -30.80
CA VAL J 178 32.04 53.86 -30.08
C VAL J 178 32.16 53.58 -28.59
N GLU J 179 32.72 52.41 -28.24
CA GLU J 179 32.85 52.04 -26.84
C GLU J 179 33.67 53.05 -26.06
N THR J 180 34.76 53.55 -26.65
CA THR J 180 35.60 54.52 -25.96
C THR J 180 34.80 55.77 -25.63
N LEU J 181 33.97 56.21 -26.60
CA LEU J 181 33.23 57.46 -26.48
C LEU J 181 32.08 57.33 -25.47
N LEU J 182 31.27 56.26 -25.58
CA LEU J 182 30.26 56.01 -24.56
C LEU J 182 30.85 55.98 -23.14
N GLN J 183 32.06 55.44 -22.97
CA GLN J 183 32.62 55.39 -21.63
C GLN J 183 32.86 56.83 -21.15
N GLN J 184 33.38 57.66 -22.06
CA GLN J 184 33.69 59.02 -21.65
C GLN J 184 32.38 59.75 -21.37
N LEU J 185 31.37 59.42 -22.17
CA LEU J 185 30.08 60.05 -21.99
C LEU J 185 29.53 59.70 -20.61
N PHE J 186 29.65 58.42 -20.20
CA PHE J 186 29.07 57.99 -18.93
C PHE J 186 29.69 58.75 -17.77
N LEU J 187 31.01 58.95 -17.84
CA LEU J 187 31.76 59.71 -16.86
C LEU J 187 31.34 61.17 -16.87
N LEU J 188 31.11 61.71 -18.07
CA LEU J 188 30.79 63.11 -18.26
C LEU J 188 29.44 63.48 -17.64
N LEU J 189 28.40 62.72 -17.98
CA LEU J 189 27.03 63.00 -17.53
C LEU J 189 26.80 62.64 -16.05
N GLY J 190 27.72 61.88 -15.43
CA GLY J 190 27.63 61.59 -14.01
C GLY J 190 26.91 60.29 -13.66
N GLU J 191 27.11 59.91 -12.38
CA GLU J 191 26.85 58.57 -11.87
C GLU J 191 25.37 58.31 -11.61
N SER J 192 24.59 59.38 -11.57
CA SER J 192 23.19 59.32 -11.18
C SER J 192 22.28 59.06 -12.38
N LYS J 193 22.77 59.32 -13.60
CA LYS J 193 21.92 59.25 -14.78
C LYS J 193 21.43 57.82 -14.97
N VAL J 194 20.19 57.70 -15.47
CA VAL J 194 19.60 56.43 -15.85
C VAL J 194 19.39 56.40 -17.36
N TYR J 195 19.83 55.33 -18.02
CA TYR J 195 19.83 55.24 -19.48
C TYR J 195 18.69 54.36 -19.95
N GLY J 196 17.96 54.81 -20.96
CA GLY J 196 17.01 53.96 -21.64
C GLY J 196 17.62 53.46 -22.93
N ILE J 197 17.35 52.19 -23.26
CA ILE J 197 17.97 51.58 -24.42
C ILE J 197 16.90 50.82 -25.20
N GLU J 198 17.19 50.60 -26.48
CA GLU J 198 16.30 49.87 -27.38
C GLU J 198 16.42 48.38 -27.10
N ASP J 199 15.27 47.69 -27.09
CA ASP J 199 15.25 46.23 -27.08
C ASP J 199 14.26 45.72 -28.13
N PRO J 200 14.67 44.81 -29.04
CA PRO J 200 16.07 44.38 -29.16
C PRO J 200 16.95 45.47 -29.76
N GLY J 201 18.25 45.20 -29.87
CA GLY J 201 19.23 46.18 -30.33
C GLY J 201 20.66 45.73 -30.08
N TYR J 202 21.64 46.53 -30.52
CA TYR J 202 23.02 46.26 -30.17
C TYR J 202 23.16 46.20 -28.66
N GLN J 203 23.95 45.23 -28.17
CA GLN J 203 23.97 45.03 -26.73
C GLN J 203 25.11 45.81 -26.09
N LEU J 204 25.95 46.45 -26.92
CA LEU J 204 27.13 47.13 -26.42
C LEU J 204 26.80 48.07 -25.28
N MET J 205 25.71 48.80 -25.43
CA MET J 205 25.35 49.84 -24.49
C MET J 205 25.06 49.21 -23.12
N ARG J 206 24.21 48.18 -23.14
CA ARG J 206 23.86 47.52 -21.90
C ARG J 206 25.10 46.93 -21.24
N LYS J 207 25.91 46.26 -22.06
CA LYS J 207 27.11 45.57 -21.60
C LYS J 207 28.06 46.56 -20.93
N LEU J 208 28.37 47.67 -21.59
CA LEU J 208 29.24 48.68 -21.01
C LEU J 208 28.69 49.18 -19.69
N LEU J 209 27.36 49.35 -19.63
CA LEU J 209 26.76 49.98 -18.46
C LEU J 209 26.91 49.09 -17.24
N SER J 210 27.10 47.78 -17.47
CA SER J 210 27.27 46.86 -16.35
C SER J 210 28.50 47.20 -15.51
N HIS J 211 29.48 47.93 -16.06
CA HIS J 211 30.69 48.26 -15.32
C HIS J 211 30.61 49.63 -14.65
N TYR J 212 29.54 50.38 -14.93
CA TYR J 212 29.43 51.75 -14.44
C TYR J 212 28.31 51.83 -13.42
N PRO J 213 28.37 52.82 -12.49
CA PRO J 213 27.32 52.99 -11.47
C PRO J 213 25.90 53.08 -12.03
N ASN J 214 25.79 53.63 -13.25
CA ASN J 214 24.57 54.01 -13.93
C ASN J 214 23.71 52.78 -14.24
N ASP J 215 22.38 52.92 -14.08
CA ASP J 215 21.43 51.85 -14.39
C ASP J 215 20.81 52.07 -15.75
N TYR J 216 20.12 51.05 -16.25
CA TYR J 216 19.50 51.14 -17.57
C TYR J 216 18.08 50.61 -17.48
N VAL J 217 17.26 50.96 -18.47
CA VAL J 217 15.90 50.48 -18.62
C VAL J 217 15.70 50.21 -20.11
N PRO J 218 15.21 49.03 -20.48
CA PRO J 218 14.94 48.72 -21.89
C PRO J 218 13.53 49.17 -22.28
N PHE J 219 13.38 49.55 -23.55
CA PHE J 219 12.10 49.94 -24.11
C PHE J 219 11.91 49.23 -25.45
N GLN J 220 10.67 48.85 -25.77
CA GLN J 220 10.36 48.12 -26.99
C GLN J 220 10.56 49.02 -28.20
N VAL J 221 10.81 48.39 -29.34
CA VAL J 221 10.84 49.09 -30.62
C VAL J 221 9.83 48.42 -31.54
N ASP J 222 9.11 49.23 -32.33
CA ASP J 222 8.16 48.72 -33.30
C ASP J 222 8.43 49.36 -34.66
N GLU J 223 7.42 49.31 -35.54
CA GLU J 223 7.52 49.76 -36.92
C GLU J 223 7.88 51.24 -36.97
N GLU J 224 7.60 51.97 -35.89
CA GLU J 224 7.75 53.42 -35.84
C GLU J 224 8.87 53.85 -34.88
N GLY J 225 9.63 52.87 -34.38
CA GLY J 225 10.81 53.14 -33.57
C GLY J 225 10.57 52.88 -32.08
N ILE J 226 11.37 53.55 -31.25
CA ILE J 226 11.37 53.29 -29.81
C ILE J 226 10.04 53.75 -29.20
N ASP J 227 9.67 53.13 -28.09
CA ASP J 227 8.40 53.36 -27.42
C ASP J 227 8.48 54.61 -26.56
N VAL J 228 8.23 55.77 -27.19
CA VAL J 228 8.36 57.04 -26.52
C VAL J 228 7.30 57.17 -25.41
N ASP J 229 6.14 56.52 -25.60
CA ASP J 229 5.05 56.61 -24.62
C ASP J 229 5.54 56.08 -23.28
N SER J 230 6.25 54.94 -23.30
CA SER J 230 6.80 54.33 -22.10
C SER J 230 7.90 55.22 -21.52
N ILE J 231 8.74 55.78 -22.39
CA ILE J 231 9.87 56.55 -21.91
C ILE J 231 9.34 57.66 -21.00
N VAL J 232 8.29 58.32 -21.47
CA VAL J 232 7.73 59.52 -20.85
C VAL J 232 7.18 59.20 -19.46
N ARG J 233 6.77 57.94 -19.24
CA ARG J 233 6.19 57.52 -17.98
C ARG J 233 7.25 57.02 -17.00
N THR J 234 8.53 57.00 -17.42
CA THR J 234 9.56 56.18 -16.80
C THR J 234 10.68 57.09 -16.32
N ALA J 235 11.46 56.72 -15.31
CA ALA J 235 12.32 57.77 -14.73
C ALA J 235 13.73 57.88 -15.37
N VAL J 236 13.83 57.66 -16.68
CA VAL J 236 15.10 57.71 -17.37
C VAL J 236 15.49 59.15 -17.65
N ASP J 237 16.81 59.38 -17.76
CA ASP J 237 17.39 60.69 -18.00
C ASP J 237 17.96 60.78 -19.42
N VAL J 238 18.53 59.68 -19.91
CA VAL J 238 19.19 59.69 -21.22
C VAL J 238 18.63 58.56 -22.06
N VAL J 239 18.23 58.88 -23.29
CA VAL J 239 17.64 57.86 -24.13
C VAL J 239 18.59 57.60 -25.27
N TYR J 240 18.97 56.34 -25.41
CA TYR J 240 19.84 55.89 -26.49
C TYR J 240 18.96 55.30 -27.58
N THR J 241 19.05 55.83 -28.80
CA THR J 241 18.22 55.32 -29.87
C THR J 241 18.93 55.44 -31.22
N THR J 242 18.53 54.60 -32.16
CA THR J 242 19.05 54.55 -33.53
C THR J 242 17.93 54.97 -34.48
N PRO J 243 17.63 56.28 -34.60
CA PRO J 243 16.41 56.74 -35.26
C PRO J 243 16.36 56.52 -36.76
N SER J 244 17.52 56.51 -37.41
CA SER J 244 17.61 56.45 -38.87
C SER J 244 17.27 55.04 -39.39
N ARG J 245 17.70 54.02 -38.64
CA ARG J 245 17.53 52.64 -39.03
C ARG J 245 17.92 51.73 -37.87
N HIS J 246 16.92 51.27 -37.15
CA HIS J 246 17.07 50.46 -35.96
C HIS J 246 17.72 49.12 -36.29
N PHE J 247 18.58 48.64 -35.39
CA PHE J 247 19.16 47.33 -35.56
C PHE J 247 18.45 46.35 -34.63
N PRO J 248 18.00 45.17 -35.12
CA PRO J 248 18.29 44.69 -36.47
C PRO J 248 17.21 44.84 -37.54
N TYR J 249 16.01 45.27 -37.14
CA TYR J 249 14.82 45.19 -37.95
C TYR J 249 14.73 46.30 -39.01
N GLY J 250 15.37 47.45 -38.79
CA GLY J 250 15.47 48.47 -39.83
C GLY J 250 14.46 49.62 -39.67
N SER J 251 13.60 49.52 -38.65
CA SER J 251 12.59 50.51 -38.26
C SER J 251 13.15 51.93 -38.31
N VAL J 252 12.30 52.91 -38.67
CA VAL J 252 12.65 54.32 -38.61
C VAL J 252 11.79 55.01 -37.55
N LEU J 253 12.42 55.86 -36.73
CA LEU J 253 11.69 56.59 -35.71
C LEU J 253 10.84 57.65 -36.41
N SER J 254 9.52 57.45 -36.32
CA SER J 254 8.52 58.27 -36.99
C SER J 254 8.63 59.72 -36.55
N ILE J 255 8.23 60.59 -37.46
CA ILE J 255 8.45 62.01 -37.29
C ILE J 255 7.67 62.53 -36.07
N ASN J 256 6.51 61.90 -35.76
CA ASN J 256 5.78 62.25 -34.55
C ASN J 256 6.59 61.94 -33.31
N ARG J 257 7.15 60.74 -33.29
CA ARG J 257 7.85 60.24 -32.12
C ARG J 257 9.14 61.06 -31.91
N ARG J 258 9.78 61.44 -33.04
CA ARG J 258 10.92 62.34 -32.95
C ARG J 258 10.55 63.62 -32.19
N LYS J 259 9.41 64.20 -32.57
CA LYS J 259 8.94 65.44 -31.97
C LYS J 259 8.62 65.20 -30.50
N GLN J 260 7.95 64.09 -30.23
CA GLN J 260 7.52 63.73 -28.88
C GLN J 260 8.74 63.56 -27.97
N LEU J 261 9.78 62.91 -28.52
CA LEU J 261 10.97 62.59 -27.75
C LEU J 261 11.73 63.88 -27.47
N LEU J 262 11.87 64.73 -28.49
CA LEU J 262 12.56 66.00 -28.29
C LEU J 262 11.81 66.84 -27.26
N HIS J 263 10.47 66.75 -27.30
CA HIS J 263 9.66 67.49 -26.35
C HIS J 263 9.97 67.02 -24.94
N TRP J 264 10.03 65.68 -24.80
CA TRP J 264 10.35 65.02 -23.53
C TRP J 264 11.67 65.56 -22.99
N ALA J 265 12.64 65.74 -23.88
CA ALA J 265 13.99 66.13 -23.52
C ALA J 265 14.03 67.59 -23.10
N GLU J 266 13.17 68.40 -23.74
CA GLU J 266 13.08 69.83 -23.51
C GLU J 266 12.53 70.11 -22.11
N ALA J 267 11.78 69.14 -21.57
CA ALA J 267 11.04 69.28 -20.33
C ALA J 267 11.92 69.29 -19.08
N HIS J 268 13.23 69.00 -19.20
CA HIS J 268 14.06 68.94 -18.00
C HIS J 268 15.54 69.16 -18.33
N GLU J 269 16.25 69.81 -17.41
CA GLU J 269 17.63 70.24 -17.61
C GLU J 269 18.57 69.04 -17.73
N ASN J 270 18.19 67.91 -17.08
CA ASN J 270 19.07 66.77 -16.98
C ASN J 270 18.90 65.76 -18.12
N ARG J 271 17.96 66.01 -19.04
CA ARG J 271 17.65 64.99 -20.03
C ARG J 271 18.48 65.20 -21.29
N TYR J 272 18.85 64.09 -21.93
CA TYR J 272 19.54 64.12 -23.22
C TYR J 272 19.09 62.93 -24.06
N ILE J 273 19.42 62.98 -25.35
CA ILE J 273 19.16 61.90 -26.27
C ILE J 273 20.47 61.55 -26.97
N ILE J 274 20.82 60.26 -27.00
CA ILE J 274 21.95 59.81 -27.78
C ILE J 274 21.42 59.25 -29.09
N GLU J 275 21.82 59.90 -30.18
CA GLU J 275 21.45 59.45 -31.50
C GLU J 275 22.63 58.67 -32.05
N ASP J 276 22.42 57.36 -32.20
CA ASP J 276 23.42 56.48 -32.77
C ASP J 276 23.16 56.38 -34.26
N ASP J 277 24.16 56.78 -35.06
CA ASP J 277 24.11 56.63 -36.49
C ASP J 277 25.30 55.80 -36.97
N TYR J 278 25.69 54.80 -36.17
CA TYR J 278 26.74 53.85 -36.49
C TYR J 278 26.40 53.18 -37.83
N ASP J 279 25.11 52.96 -38.06
CA ASP J 279 24.62 52.24 -39.23
C ASP J 279 24.08 53.15 -40.34
N SER J 280 24.67 54.33 -40.65
CA SER J 280 23.88 55.34 -41.33
C SER J 280 23.84 55.26 -42.86
N GLU J 281 24.96 54.93 -43.50
CA GLU J 281 25.25 55.46 -44.82
C GLU J 281 24.65 54.68 -45.99
N PHE J 282 24.26 53.42 -45.79
CA PHE J 282 23.82 52.62 -46.91
C PHE J 282 22.32 52.34 -46.80
N ARG J 283 21.53 53.32 -47.30
CA ARG J 283 20.11 53.16 -47.52
C ARG J 283 19.84 53.25 -49.02
N TYR J 284 18.90 52.42 -49.50
CA TYR J 284 18.66 52.27 -50.93
C TYR J 284 17.23 52.68 -51.29
N THR J 285 16.30 52.57 -50.31
CA THR J 285 14.89 52.79 -50.61
C THR J 285 14.23 53.58 -49.47
N GLY J 286 13.13 54.23 -49.81
CA GLY J 286 12.47 55.17 -48.92
C GLY J 286 13.03 56.58 -49.09
N LYS J 287 12.26 57.57 -48.62
CA LYS J 287 12.71 58.95 -48.56
C LYS J 287 13.77 59.08 -47.47
N THR J 288 14.88 59.74 -47.82
CA THR J 288 16.10 59.71 -47.03
C THR J 288 15.96 60.78 -45.93
N ILE J 289 15.43 60.36 -44.76
CA ILE J 289 15.05 61.29 -43.69
C ILE J 289 16.26 61.67 -42.82
N PRO J 290 16.35 62.93 -42.33
CA PRO J 290 17.59 63.44 -41.73
C PRO J 290 17.82 63.05 -40.26
N SER J 291 18.95 63.49 -39.70
CA SER J 291 19.26 63.28 -38.29
C SER J 291 18.24 63.97 -37.38
N LEU J 292 17.95 63.32 -36.26
CA LEU J 292 17.19 63.90 -35.17
C LEU J 292 17.97 65.09 -34.62
N GLN J 293 19.30 65.10 -34.77
CA GLN J 293 20.12 66.16 -34.23
C GLN J 293 19.82 67.46 -34.97
N SER J 294 19.45 67.32 -36.25
CA SER J 294 19.17 68.45 -37.13
C SER J 294 17.91 69.20 -36.69
N MET J 295 16.93 68.49 -36.10
CA MET J 295 15.75 69.07 -35.47
C MET J 295 16.04 69.63 -34.07
N ASP J 296 17.19 69.35 -33.50
CA ASP J 296 17.33 69.70 -32.09
C ASP J 296 17.74 71.17 -32.01
N VAL J 297 16.91 71.94 -31.32
CA VAL J 297 17.25 73.35 -31.15
C VAL J 297 17.49 73.64 -29.69
N HIS J 298 17.42 72.61 -28.84
CA HIS J 298 17.57 72.85 -27.41
C HIS J 298 18.82 72.27 -26.76
N ASN J 299 19.80 71.81 -27.58
CA ASN J 299 21.04 71.25 -27.06
C ASN J 299 20.79 70.00 -26.22
N LYS J 300 20.03 69.09 -26.82
CA LYS J 300 19.50 67.94 -26.11
C LYS J 300 20.05 66.64 -26.71
N VAL J 301 20.52 66.69 -27.97
CA VAL J 301 20.90 65.52 -28.72
C VAL J 301 22.43 65.39 -28.84
N ILE J 302 22.97 64.23 -28.42
CA ILE J 302 24.35 63.81 -28.59
C ILE J 302 24.41 62.88 -29.80
N TYR J 303 25.29 63.20 -30.76
CA TYR J 303 25.26 62.47 -32.01
C TYR J 303 26.53 61.64 -32.10
N LEU J 304 26.34 60.37 -32.50
CA LEU J 304 27.37 59.37 -32.36
C LEU J 304 27.52 58.67 -33.70
N GLY J 305 28.76 58.56 -34.18
CA GLY J 305 28.97 57.88 -35.45
C GLY J 305 30.41 57.45 -35.61
N ALA J 306 30.68 56.67 -36.67
CA ALA J 306 32.00 56.11 -36.84
C ALA J 306 32.34 55.87 -38.31
N PHE J 307 33.64 55.84 -38.58
CA PHE J 307 34.17 55.40 -39.84
C PHE J 307 34.35 53.88 -39.86
N SER J 308 33.30 53.09 -39.55
CA SER J 308 33.45 51.64 -39.62
C SER J 308 32.81 51.05 -40.87
N LYS J 309 31.50 51.28 -41.10
CA LYS J 309 30.84 50.72 -42.26
C LYS J 309 31.25 51.44 -43.55
N SER J 310 31.45 52.77 -43.48
CA SER J 310 32.27 53.48 -44.42
C SER J 310 33.71 53.16 -44.05
N LEU J 311 34.66 53.42 -44.93
CA LEU J 311 36.07 53.22 -44.57
C LEU J 311 36.44 51.83 -44.02
N ILE J 312 37.04 51.77 -42.81
CA ILE J 312 37.77 50.61 -42.30
C ILE J 312 37.49 50.34 -40.82
N PRO J 313 36.74 49.28 -40.42
CA PRO J 313 36.44 49.07 -39.00
C PRO J 313 37.67 48.99 -38.08
N SER J 314 38.79 48.47 -38.59
CA SER J 314 39.88 48.09 -37.71
C SER J 314 40.79 49.28 -37.39
N VAL J 315 40.49 50.44 -37.97
CA VAL J 315 41.29 51.63 -37.72
C VAL J 315 40.84 52.30 -36.43
N ARG J 316 39.63 51.91 -36.00
CA ARG J 316 39.00 52.36 -34.76
C ARG J 316 38.93 53.88 -34.71
N ILE J 317 38.21 54.49 -35.67
CA ILE J 317 38.00 55.92 -35.65
C ILE J 317 36.51 56.24 -35.53
N SER J 318 36.13 56.89 -34.43
CA SER J 318 34.74 57.23 -34.19
C SER J 318 34.63 58.66 -33.69
N TYR J 319 33.40 59.19 -33.74
CA TYR J 319 33.18 60.58 -33.35
C TYR J 319 31.88 60.68 -32.57
N MET J 320 31.91 61.58 -31.61
CA MET J 320 30.70 61.94 -30.90
C MET J 320 30.57 63.47 -30.95
N VAL J 321 29.37 63.96 -31.30
CA VAL J 321 29.07 65.39 -31.37
C VAL J 321 28.27 65.80 -30.14
N LEU J 322 28.86 66.68 -29.34
CA LEU J 322 28.24 67.09 -28.09
C LEU J 322 27.51 68.42 -28.24
N PRO J 323 26.30 68.59 -27.67
CA PRO J 323 25.72 69.91 -27.45
C PRO J 323 26.72 70.84 -26.77
N ALA J 324 26.66 72.13 -27.14
CA ALA J 324 27.79 73.00 -26.87
C ALA J 324 28.10 73.14 -25.38
N PRO J 325 27.10 73.21 -24.45
CA PRO J 325 27.41 73.15 -23.01
C PRO J 325 28.24 71.93 -22.58
N LEU J 326 27.86 70.73 -23.05
CA LEU J 326 28.57 69.49 -22.77
C LEU J 326 29.98 69.55 -23.34
N ALA J 327 30.11 70.06 -24.57
CA ALA J 327 31.43 70.14 -25.16
C ALA J 327 32.35 71.00 -24.28
N HIS J 328 31.80 72.01 -23.60
CA HIS J 328 32.67 72.90 -22.84
C HIS J 328 33.09 72.17 -21.57
N LEU J 329 32.14 71.43 -21.01
CA LEU J 329 32.35 70.64 -19.82
C LEU J 329 33.36 69.52 -20.11
N TYR J 330 33.18 68.83 -21.24
CA TYR J 330 34.13 67.84 -21.72
C TYR J 330 35.54 68.42 -21.77
N LYS J 331 35.74 69.54 -22.46
CA LYS J 331 37.09 70.07 -22.63
C LYS J 331 37.74 70.36 -21.27
N ASN J 332 36.93 70.58 -20.22
CA ASN J 332 37.46 70.93 -18.91
C ASN J 332 37.76 69.66 -18.09
N LYS J 333 36.76 68.78 -18.02
CA LYS J 333 36.77 67.56 -17.24
C LYS J 333 37.91 66.65 -17.69
N PHE J 334 38.13 66.54 -19.00
CA PHE J 334 39.08 65.61 -19.55
C PHE J 334 40.31 66.31 -20.12
N SER J 335 40.68 67.45 -19.52
CA SER J 335 41.74 68.29 -20.08
C SER J 335 43.07 67.54 -20.14
N TYR J 336 43.27 66.52 -19.30
CA TYR J 336 44.56 65.90 -19.10
C TYR J 336 44.69 64.62 -19.93
N TYR J 337 43.59 64.17 -20.54
CA TYR J 337 43.61 63.00 -21.41
C TYR J 337 44.42 63.26 -22.67
N HIS J 338 44.69 62.17 -23.39
CA HIS J 338 45.34 62.20 -24.69
C HIS J 338 44.35 61.54 -25.63
N SER J 339 44.52 61.78 -26.92
CA SER J 339 43.66 61.15 -27.90
C SER J 339 43.85 59.64 -27.85
N THR J 340 42.80 58.91 -28.15
CA THR J 340 42.94 57.48 -28.34
C THR J 340 43.02 57.12 -29.82
N VAL J 341 43.22 58.11 -30.71
CA VAL J 341 43.29 57.81 -32.14
C VAL J 341 44.58 58.39 -32.70
N SER J 342 45.24 57.59 -33.54
CA SER J 342 46.54 57.99 -34.05
C SER J 342 46.41 59.32 -34.79
N ARG J 343 47.24 60.33 -34.42
CA ARG J 343 47.31 61.55 -35.20
C ARG J 343 47.54 61.26 -36.67
N ILE J 344 48.50 60.37 -36.95
CA ILE J 344 48.84 60.09 -38.34
C ILE J 344 47.56 59.66 -39.06
N ASP J 345 46.75 58.82 -38.41
CA ASP J 345 45.61 58.22 -39.10
C ASP J 345 44.56 59.31 -39.28
N GLN J 346 44.46 60.19 -38.30
CA GLN J 346 43.54 61.32 -38.36
C GLN J 346 43.88 62.19 -39.58
N GLN J 347 45.15 62.60 -39.67
CA GLN J 347 45.65 63.39 -40.78
C GLN J 347 45.40 62.71 -42.13
N VAL J 348 45.70 61.41 -42.20
CA VAL J 348 45.47 60.64 -43.41
C VAL J 348 44.01 60.74 -43.79
N LEU J 349 43.10 60.40 -42.86
CA LEU J 349 41.68 60.41 -43.18
C LEU J 349 41.21 61.82 -43.51
N THR J 350 41.79 62.83 -42.84
CA THR J 350 41.48 64.21 -43.10
C THR J 350 41.71 64.49 -44.59
N ALA J 351 42.92 64.20 -45.07
CA ALA J 351 43.26 64.37 -46.48
C ALA J 351 42.29 63.59 -47.38
N PHE J 352 42.11 62.30 -47.09
CA PHE J 352 41.28 61.45 -47.92
C PHE J 352 39.90 62.09 -48.09
N MET J 353 39.47 62.85 -47.07
CA MET J 353 38.13 63.39 -47.07
C MET J 353 38.14 64.68 -47.88
N LYS J 354 39.09 65.56 -47.55
CA LYS J 354 39.23 66.88 -48.14
C LYS J 354 39.29 66.81 -49.67
N GLN J 355 40.11 65.91 -50.21
CA GLN J 355 40.30 65.80 -51.65
C GLN J 355 39.21 64.95 -52.31
N GLY J 356 38.14 64.62 -51.59
CA GLY J 356 36.94 64.08 -52.23
C GLY J 356 36.95 62.56 -52.44
N ASP J 357 38.09 61.92 -52.11
CA ASP J 357 38.28 60.49 -52.23
C ASP J 357 37.34 59.71 -51.29
N PHE J 358 37.13 60.27 -50.10
CA PHE J 358 36.15 59.65 -49.21
C PHE J 358 34.79 59.60 -49.89
N GLU J 359 34.42 60.71 -50.55
CA GLU J 359 33.09 60.78 -51.11
C GLU J 359 32.98 59.81 -52.28
N LYS J 360 34.06 59.71 -53.08
CA LYS J 360 34.12 58.74 -54.16
C LYS J 360 33.95 57.32 -53.60
N HIS J 361 34.73 57.03 -52.52
CA HIS J 361 34.69 55.73 -51.87
C HIS J 361 33.24 55.38 -51.52
N LEU J 362 32.57 56.32 -50.85
CA LEU J 362 31.23 56.08 -50.36
C LEU J 362 30.29 55.67 -51.50
N ASN J 363 30.41 56.38 -52.64
CA ASN J 363 29.49 56.18 -53.76
C ASN J 363 29.76 54.81 -54.37
N ARG J 364 31.05 54.52 -54.57
CA ARG J 364 31.47 53.26 -55.14
C ARG J 364 30.94 52.09 -54.29
N MET J 365 31.06 52.24 -52.97
CA MET J 365 30.68 51.17 -52.07
C MET J 365 29.15 51.00 -52.08
N ARG J 366 28.45 52.14 -52.17
CA ARG J 366 26.99 52.13 -52.09
C ARG J 366 26.46 51.24 -53.21
N LYS J 367 27.10 51.36 -54.38
CA LYS J 367 26.72 50.61 -55.55
C LYS J 367 26.94 49.12 -55.29
N ILE J 368 28.15 48.80 -54.79
CA ILE J 368 28.50 47.41 -54.54
C ILE J 368 27.55 46.76 -53.55
N TYR J 369 27.29 47.44 -52.43
CA TYR J 369 26.45 46.85 -51.40
C TYR J 369 25.03 46.66 -51.96
N ARG J 370 24.59 47.61 -52.79
CA ARG J 370 23.25 47.54 -53.38
C ARG J 370 23.11 46.27 -54.22
N ARG J 371 24.12 46.01 -55.06
CA ARG J 371 24.12 44.81 -55.90
C ARG J 371 24.03 43.56 -55.04
N LYS J 372 24.89 43.47 -54.02
CA LYS J 372 24.94 42.32 -53.15
C LYS J 372 23.57 42.07 -52.51
N LEU J 373 22.96 43.14 -51.97
CA LEU J 373 21.69 43.03 -51.27
C LEU J 373 20.63 42.50 -52.23
N GLU J 374 20.65 43.03 -53.47
CA GLU J 374 19.65 42.69 -54.45
C GLU J 374 19.78 41.22 -54.88
N LYS J 375 21.03 40.75 -55.04
CA LYS J 375 21.27 39.35 -55.36
C LYS J 375 20.75 38.45 -54.24
N VAL J 376 20.97 38.88 -52.99
CA VAL J 376 20.59 38.09 -51.83
C VAL J 376 19.07 37.97 -51.75
N LEU J 377 18.39 39.10 -51.98
CA LEU J 377 16.94 39.11 -51.93
C LEU J 377 16.37 38.29 -53.06
N SER J 378 16.99 38.43 -54.25
CA SER J 378 16.64 37.68 -55.44
C SER J 378 16.59 36.18 -55.12
N LEU J 379 17.58 35.70 -54.37
CA LEU J 379 17.65 34.29 -54.04
C LEU J 379 16.63 33.93 -52.95
N LEU J 380 16.54 34.75 -51.90
CA LEU J 380 15.78 34.37 -50.72
C LEU J 380 14.27 34.50 -50.91
N LYS J 381 13.83 35.35 -51.86
CA LYS J 381 12.42 35.61 -52.07
C LYS J 381 11.69 34.34 -52.51
N ARG J 382 12.48 33.33 -52.89
CA ARG J 382 11.97 32.09 -53.46
C ARG J 382 11.42 31.17 -52.37
N TYR J 383 11.67 31.49 -51.09
CA TYR J 383 11.34 30.61 -49.98
C TYR J 383 10.36 31.31 -49.05
N GLU J 384 9.51 32.16 -49.64
CA GLU J 384 8.73 33.17 -48.93
C GLU J 384 7.74 32.56 -47.94
N ASP J 385 7.57 31.25 -47.99
CA ASP J 385 6.61 30.56 -47.14
C ASP J 385 7.26 30.16 -45.81
N LYS J 386 8.59 29.93 -45.81
CA LYS J 386 9.26 29.34 -44.64
C LYS J 386 10.34 30.27 -44.09
N LEU J 387 10.77 31.24 -44.91
CA LEU J 387 11.68 32.29 -44.52
C LEU J 387 11.03 33.65 -44.78
N LEU J 388 10.84 34.43 -43.71
CA LEU J 388 10.40 35.81 -43.85
C LEU J 388 11.56 36.76 -43.61
N ILE J 389 11.68 37.76 -44.49
CA ILE J 389 12.76 38.73 -44.45
C ILE J 389 12.23 40.02 -43.81
N ILE J 390 13.07 40.62 -42.95
CA ILE J 390 12.72 41.87 -42.26
C ILE J 390 13.80 42.92 -42.52
N GLY J 391 13.36 44.14 -42.86
CA GLY J 391 14.20 45.32 -43.02
C GLY J 391 15.09 45.24 -44.24
N GLU J 392 14.50 44.74 -45.33
CA GLU J 392 15.25 44.20 -46.46
C GLU J 392 15.90 45.29 -47.29
N ARG J 393 15.49 46.56 -47.14
CA ARG J 393 15.95 47.54 -48.12
C ARG J 393 16.92 48.54 -47.50
N SER J 394 17.56 48.11 -46.41
CA SER J 394 18.44 48.97 -45.63
C SER J 394 19.58 48.16 -45.03
N GLY J 395 20.77 48.77 -45.04
CA GLY J 395 21.90 48.22 -44.31
C GLY J 395 22.62 47.15 -45.12
N LEU J 396 23.58 46.49 -44.46
CA LEU J 396 24.42 45.45 -45.03
C LEU J 396 23.94 44.09 -44.52
N HIS J 397 22.71 44.04 -44.00
CA HIS J 397 22.23 42.82 -43.36
C HIS J 397 20.70 42.73 -43.43
N ILE J 398 20.17 41.52 -43.21
CA ILE J 398 18.74 41.25 -43.16
C ILE J 398 18.47 40.33 -41.97
N VAL J 399 17.20 40.24 -41.58
CA VAL J 399 16.78 39.26 -40.59
C VAL J 399 15.90 38.23 -41.29
N LEU J 400 16.14 36.95 -41.02
CA LEU J 400 15.28 35.85 -41.47
C LEU J 400 14.55 35.30 -40.26
N VAL J 401 13.22 35.21 -40.35
CA VAL J 401 12.43 34.38 -39.47
C VAL J 401 12.33 33.00 -40.11
N VAL J 402 12.71 31.97 -39.36
CA VAL J 402 12.84 30.63 -39.93
C VAL J 402 11.82 29.70 -39.28
N LYS J 403 10.99 29.07 -40.12
CA LYS J 403 9.91 28.22 -39.67
C LYS J 403 10.24 26.75 -39.97
N ASN J 404 11.44 26.33 -39.60
CA ASN J 404 11.90 24.98 -39.87
C ASN J 404 11.46 24.00 -38.78
N GLY J 405 10.94 24.53 -37.68
CA GLY J 405 10.75 23.75 -36.47
C GLY J 405 12.09 23.40 -35.82
N MET J 406 13.20 23.70 -36.51
CA MET J 406 14.51 23.79 -35.90
C MET J 406 14.54 25.03 -35.01
N ASP J 407 15.10 24.88 -33.80
CA ASP J 407 15.19 26.03 -32.90
C ASP J 407 16.40 26.87 -33.30
N GLU J 408 16.49 28.05 -32.68
CA GLU J 408 17.51 29.04 -32.98
C GLU J 408 18.90 28.40 -32.88
N GLN J 409 19.14 27.69 -31.77
CA GLN J 409 20.44 27.12 -31.48
C GLN J 409 20.82 26.10 -32.57
N THR J 410 19.85 25.27 -32.95
CA THR J 410 20.02 24.23 -33.95
C THR J 410 20.46 24.85 -35.27
N LEU J 411 19.76 25.94 -35.65
CA LEU J 411 20.00 26.63 -36.91
C LEU J 411 21.43 27.16 -36.95
N VAL J 412 21.91 27.74 -35.82
CA VAL J 412 23.24 28.32 -35.72
C VAL J 412 24.27 27.22 -35.93
N GLU J 413 24.10 26.12 -35.18
CA GLU J 413 25.06 25.02 -35.14
C GLU J 413 25.17 24.35 -36.49
N LYS J 414 24.03 24.09 -37.13
CA LYS J 414 23.99 23.43 -38.44
C LYS J 414 24.76 24.29 -39.46
N ALA J 415 24.54 25.61 -39.38
CA ALA J 415 25.20 26.54 -40.28
C ALA J 415 26.71 26.51 -40.04
N LEU J 416 27.10 26.49 -38.76
CA LEU J 416 28.50 26.53 -38.36
C LEU J 416 29.20 25.26 -38.82
N ALA J 417 28.47 24.15 -38.70
CA ALA J 417 28.93 22.87 -39.22
C ALA J 417 29.22 22.98 -40.72
N ALA J 418 28.43 23.78 -41.45
CA ALA J 418 28.68 23.92 -42.88
C ALA J 418 29.72 25.00 -43.16
N LYS J 419 30.40 25.46 -42.09
CA LYS J 419 31.48 26.43 -42.14
C LYS J 419 30.94 27.84 -42.48
N ALA J 420 29.71 28.13 -42.03
CA ALA J 420 29.09 29.43 -42.18
C ALA J 420 28.61 29.96 -40.84
N LYS J 421 29.10 31.14 -40.45
CA LYS J 421 28.76 31.74 -39.16
C LYS J 421 27.59 32.70 -39.35
N VAL J 422 26.51 32.45 -38.58
CA VAL J 422 25.30 33.25 -38.63
C VAL J 422 24.91 33.67 -37.20
N TYR J 423 24.07 34.70 -37.10
CA TYR J 423 23.94 35.43 -35.84
C TYR J 423 22.52 35.31 -35.29
N PRO J 424 22.36 34.66 -34.13
CA PRO J 424 21.06 34.47 -33.52
C PRO J 424 20.56 35.79 -32.97
N LEU J 425 19.26 36.05 -33.19
CA LEU J 425 18.70 37.33 -32.83
C LEU J 425 18.65 37.48 -31.32
N SER J 426 18.65 36.35 -30.60
CA SER J 426 18.57 36.37 -29.14
C SER J 426 19.81 37.03 -28.53
N ALA J 427 20.87 37.16 -29.37
CA ALA J 427 22.11 37.79 -28.96
C ALA J 427 21.85 39.28 -28.72
N TYR J 428 20.71 39.76 -29.24
CA TYR J 428 20.41 41.17 -29.36
C TYR J 428 19.13 41.51 -28.60
N SER J 429 18.73 40.62 -27.68
CA SER J 429 17.39 40.68 -27.10
C SER J 429 17.42 40.31 -25.61
N LEU J 430 16.60 41.04 -24.83
CA LEU J 430 16.45 40.74 -23.41
C LEU J 430 15.21 39.86 -23.20
N GLU J 431 14.28 39.86 -24.17
CA GLU J 431 13.09 39.04 -24.18
C GLU J 431 13.42 37.56 -24.25
N ARG J 432 12.86 36.85 -23.28
CA ARG J 432 12.87 35.41 -23.15
C ARG J 432 12.08 34.74 -24.28
N ALA J 433 11.09 35.44 -24.83
CA ALA J 433 10.37 35.01 -26.01
C ALA J 433 11.22 35.00 -27.31
N ILE J 434 11.68 33.80 -27.68
CA ILE J 434 12.68 33.66 -28.72
C ILE J 434 12.03 33.11 -30.00
N HIS J 435 10.77 33.44 -30.32
CA HIS J 435 10.03 32.59 -31.24
C HIS J 435 9.17 33.39 -32.21
N PRO J 436 9.07 33.02 -33.52
CA PRO J 436 9.89 31.94 -34.11
C PRO J 436 11.37 32.31 -34.16
N PRO J 437 12.28 31.32 -34.38
CA PRO J 437 13.71 31.60 -34.47
C PRO J 437 14.01 32.67 -35.51
N GLN J 438 14.97 33.54 -35.20
CA GLN J 438 15.40 34.56 -36.15
C GLN J 438 16.91 34.58 -36.24
N ILE J 439 17.42 34.74 -37.45
CA ILE J 439 18.85 34.81 -37.71
C ILE J 439 19.14 36.09 -38.49
N VAL J 440 20.22 36.77 -38.10
CA VAL J 440 20.72 37.95 -38.77
C VAL J 440 21.81 37.48 -39.74
N LEU J 441 21.69 37.89 -41.00
CA LEU J 441 22.75 37.67 -41.98
C LEU J 441 23.27 39.00 -42.49
N GLY J 442 24.59 39.21 -42.38
CA GLY J 442 25.25 40.35 -43.00
C GLY J 442 26.15 39.91 -44.14
N PHE J 443 26.28 40.75 -45.16
CA PHE J 443 26.87 40.32 -46.40
C PHE J 443 28.03 41.24 -46.77
N GLY J 444 28.53 41.98 -45.78
CA GLY J 444 29.62 42.87 -46.06
C GLY J 444 30.83 42.11 -46.59
N SER J 445 31.21 41.05 -45.86
CA SER J 445 32.46 40.33 -46.07
C SER J 445 32.31 39.22 -47.11
N ILE J 446 31.07 38.78 -47.38
CA ILE J 446 30.82 37.74 -48.37
C ILE J 446 31.15 38.31 -49.75
N PRO J 447 32.08 37.71 -50.53
CA PRO J 447 32.46 38.28 -51.82
C PRO J 447 31.28 38.19 -52.81
N GLU J 448 31.18 39.19 -53.69
CA GLU J 448 29.98 39.38 -54.51
C GLU J 448 29.75 38.15 -55.39
N ASP J 449 30.84 37.60 -55.92
CA ASP J 449 30.80 36.50 -56.87
C ASP J 449 30.60 35.16 -56.16
N GLU J 450 30.45 35.17 -54.83
CA GLU J 450 30.26 33.94 -54.09
C GLU J 450 28.94 33.95 -53.31
N LEU J 451 28.12 34.98 -53.55
CA LEU J 451 26.95 35.20 -52.73
C LEU J 451 25.99 34.02 -52.78
N GLU J 452 25.76 33.53 -54.01
CA GLU J 452 24.79 32.47 -54.25
C GLU J 452 25.28 31.22 -53.54
N GLU J 453 26.60 30.94 -53.65
CA GLU J 453 27.21 29.79 -53.01
C GLU J 453 27.04 29.86 -51.50
N ALA J 454 27.29 31.05 -50.95
CA ALA J 454 27.26 31.29 -49.51
C ALA J 454 25.84 31.09 -48.97
N ILE J 455 24.86 31.66 -49.66
CA ILE J 455 23.49 31.56 -49.16
C ILE J 455 23.06 30.10 -49.26
N ALA J 456 23.44 29.47 -50.38
CA ALA J 456 23.19 28.06 -50.65
C ALA J 456 23.73 27.22 -49.49
N THR J 457 24.97 27.50 -49.06
CA THR J 457 25.61 26.75 -47.96
C THR J 457 24.73 26.76 -46.72
N VAL J 458 24.17 27.93 -46.38
CA VAL J 458 23.39 28.09 -45.15
C VAL J 458 22.05 27.38 -45.33
N LEU J 459 21.40 27.63 -46.47
CA LEU J 459 20.10 27.07 -46.75
C LEU J 459 20.20 25.54 -46.76
N ASN J 460 21.24 25.05 -47.41
CA ASN J 460 21.50 23.63 -47.54
C ASN J 460 21.62 22.99 -46.16
N ALA J 461 22.41 23.61 -45.29
CA ALA J 461 22.64 23.09 -43.95
C ALA J 461 21.34 23.08 -43.15
N TRP J 462 20.39 23.93 -43.56
CA TRP J 462 19.11 24.04 -42.88
C TRP J 462 18.09 23.12 -43.53
N GLY J 463 18.54 22.30 -44.51
CA GLY J 463 17.69 21.30 -45.13
C GLY J 463 16.80 21.86 -46.24
N PHE J 464 17.11 23.06 -46.73
CA PHE J 464 16.38 23.59 -47.87
C PHE J 464 17.00 23.08 -49.17
N LEU J 465 16.17 23.05 -50.20
CA LEU J 465 16.57 22.67 -51.53
C LEU J 465 17.21 23.87 -52.22
N VAL J 466 18.26 23.61 -52.99
CA VAL J 466 19.15 24.63 -53.52
C VAL J 466 19.25 24.50 -55.04
N PRO J 467 19.33 25.61 -55.83
CA PRO J 467 19.34 25.55 -57.30
C PRO J 467 20.37 24.63 -58.00
N LEU K 3 -32.59 -23.37 -21.37
CA LEU K 3 -33.87 -24.13 -21.43
C LEU K 3 -33.99 -24.75 -22.82
N LEU K 4 -33.17 -25.77 -23.11
CA LEU K 4 -33.08 -26.23 -24.50
C LEU K 4 -34.24 -27.19 -24.81
N TRP K 5 -35.13 -26.69 -25.68
CA TRP K 5 -36.22 -27.38 -26.36
C TRP K 5 -35.66 -28.30 -27.44
N CYS K 6 -36.39 -29.38 -27.76
CA CYS K 6 -36.15 -30.26 -28.91
C CYS K 6 -37.46 -30.92 -29.38
N GLU K 7 -37.32 -31.47 -30.59
CA GLU K 7 -38.44 -32.04 -31.32
C GLU K 7 -38.77 -33.39 -30.69
N LEU K 8 -40.02 -33.57 -30.25
CA LEU K 8 -40.50 -34.83 -29.70
C LEU K 8 -41.71 -35.35 -30.47
N ASN K 9 -41.62 -36.59 -30.94
CA ASN K 9 -42.73 -37.21 -31.63
C ASN K 9 -43.08 -38.53 -30.97
N ARG K 10 -44.31 -38.61 -30.43
CA ARG K 10 -44.67 -39.76 -29.60
C ARG K 10 -45.05 -40.94 -30.48
N ASP K 11 -45.23 -40.68 -31.79
CA ASP K 11 -45.52 -41.68 -32.83
C ASP K 11 -44.30 -42.58 -33.09
N LEU K 12 -43.08 -42.12 -32.82
CA LEU K 12 -41.88 -42.89 -33.08
C LEU K 12 -41.87 -44.14 -32.18
N PRO K 13 -41.15 -45.21 -32.61
CA PRO K 13 -40.90 -46.34 -31.72
C PRO K 13 -40.01 -45.98 -30.52
N THR K 14 -39.14 -44.99 -30.69
CA THR K 14 -38.31 -44.56 -29.57
C THR K 14 -39.23 -43.90 -28.55
N PRO K 15 -39.15 -44.28 -27.25
CA PRO K 15 -39.99 -43.63 -26.24
C PRO K 15 -39.51 -42.20 -25.97
N LEU K 16 -40.39 -41.35 -25.44
CA LEU K 16 -40.06 -39.94 -25.36
C LEU K 16 -38.82 -39.70 -24.53
N TYR K 17 -38.70 -40.37 -23.38
CA TYR K 17 -37.56 -40.11 -22.51
C TYR K 17 -36.26 -40.35 -23.31
N GLU K 18 -36.25 -41.32 -24.22
CA GLU K 18 -35.03 -41.64 -24.94
C GLU K 18 -34.72 -40.55 -25.96
N GLN K 19 -35.78 -39.96 -26.57
CA GLN K 19 -35.66 -38.90 -27.57
C GLN K 19 -35.03 -37.65 -26.92
N LEU K 20 -35.54 -37.27 -25.74
CA LEU K 20 -35.01 -36.18 -24.97
C LEU K 20 -33.57 -36.46 -24.55
N TYR K 21 -33.28 -37.67 -24.06
CA TYR K 21 -31.91 -38.02 -23.72
C TYR K 21 -31.03 -37.89 -24.97
N ALA K 22 -31.49 -38.42 -26.10
CA ALA K 22 -30.67 -38.46 -27.31
C ALA K 22 -30.23 -37.05 -27.67
N HIS K 23 -31.16 -36.10 -27.50
CA HIS K 23 -30.90 -34.72 -27.83
C HIS K 23 -29.83 -34.18 -26.88
N ILE K 24 -30.14 -34.13 -25.59
CA ILE K 24 -29.17 -33.66 -24.60
C ILE K 24 -27.80 -34.34 -24.71
N LYS K 25 -27.77 -35.65 -25.01
CA LYS K 25 -26.51 -36.36 -25.27
C LYS K 25 -25.75 -35.69 -26.41
N THR K 26 -26.42 -35.50 -27.56
CA THR K 26 -25.84 -34.88 -28.75
C THR K 26 -25.35 -33.45 -28.47
N GLU K 27 -26.10 -32.66 -27.67
CA GLU K 27 -25.74 -31.30 -27.27
C GLU K 27 -24.49 -31.31 -26.39
N ILE K 28 -24.21 -32.45 -25.75
CA ILE K 28 -23.02 -32.52 -24.92
C ILE K 28 -21.83 -33.14 -25.68
N THR K 29 -22.08 -34.11 -26.56
CA THR K 29 -21.02 -34.66 -27.41
C THR K 29 -20.48 -33.64 -28.41
N GLU K 30 -21.34 -32.74 -28.94
CA GLU K 30 -20.91 -31.72 -29.89
C GLU K 30 -20.72 -30.38 -29.16
N GLY K 31 -20.82 -30.41 -27.83
CA GLY K 31 -20.38 -29.33 -26.94
C GLY K 31 -21.18 -28.03 -27.00
N ARG K 32 -22.35 -28.02 -27.67
CA ARG K 32 -23.25 -26.87 -27.78
C ARG K 32 -23.85 -26.47 -26.41
N ILE K 33 -24.06 -27.45 -25.54
CA ILE K 33 -24.13 -27.22 -24.11
C ILE K 33 -22.76 -27.67 -23.60
N GLY K 34 -22.06 -26.79 -22.90
CA GLY K 34 -20.67 -27.10 -22.55
C GLY K 34 -20.56 -27.73 -21.16
N TYR K 35 -19.36 -28.27 -20.84
CA TYR K 35 -19.00 -28.73 -19.51
C TYR K 35 -19.46 -27.72 -18.46
N GLY K 36 -20.06 -28.19 -17.36
CA GLY K 36 -20.29 -27.36 -16.21
C GLY K 36 -21.65 -26.68 -16.23
N THR K 37 -22.27 -26.57 -17.44
CA THR K 37 -23.61 -26.01 -17.62
C THR K 37 -24.65 -26.78 -16.81
N LYS K 38 -25.42 -26.06 -15.99
CA LYS K 38 -26.56 -26.63 -15.29
C LYS K 38 -27.70 -26.88 -16.27
N LEU K 39 -28.30 -28.08 -16.19
CA LEU K 39 -29.48 -28.35 -17.00
C LEU K 39 -30.70 -27.79 -16.28
N PRO K 40 -31.80 -27.49 -17.01
CA PRO K 40 -33.00 -26.91 -16.38
C PRO K 40 -33.64 -27.87 -15.39
N SER K 41 -34.36 -27.36 -14.39
CA SER K 41 -35.01 -28.26 -13.44
C SER K 41 -36.00 -29.20 -14.14
N LYS K 42 -36.22 -30.36 -13.53
CA LYS K 42 -37.16 -31.35 -14.06
C LYS K 42 -38.56 -30.75 -14.18
N ARG K 43 -38.95 -29.87 -13.24
CA ARG K 43 -40.27 -29.24 -13.23
C ARG K 43 -40.45 -28.38 -14.48
N LYS K 44 -39.49 -27.49 -14.71
CA LYS K 44 -39.52 -26.44 -15.71
C LYS K 44 -39.43 -27.03 -17.14
N LEU K 45 -38.47 -27.94 -17.39
CA LEU K 45 -38.25 -28.48 -18.73
C LEU K 45 -39.45 -29.35 -19.12
N ALA K 46 -40.03 -30.00 -18.11
CA ALA K 46 -41.22 -30.81 -18.27
C ALA K 46 -42.35 -29.91 -18.77
N ASP K 47 -42.60 -28.82 -18.03
CA ASP K 47 -43.71 -27.95 -18.31
C ASP K 47 -43.52 -27.28 -19.68
N SER K 48 -42.26 -27.01 -20.04
CA SER K 48 -41.86 -26.48 -21.33
C SER K 48 -42.15 -27.45 -22.47
N LEU K 49 -41.77 -28.73 -22.34
CA LEU K 49 -41.85 -29.66 -23.44
C LEU K 49 -43.21 -30.37 -23.46
N LYS K 50 -44.09 -30.01 -22.50
CA LYS K 50 -45.35 -30.71 -22.35
C LYS K 50 -45.13 -32.19 -22.03
N LEU K 51 -44.22 -32.49 -21.09
CA LEU K 51 -43.88 -33.85 -20.67
C LEU K 51 -44.25 -34.02 -19.21
N SER K 52 -44.28 -35.28 -18.76
CA SER K 52 -44.35 -35.60 -17.35
C SER K 52 -42.98 -35.31 -16.76
N GLN K 53 -42.88 -34.82 -15.51
CA GLN K 53 -41.55 -34.65 -14.94
C GLN K 53 -40.75 -35.97 -15.00
N ASN K 54 -41.42 -37.10 -14.72
CA ASN K 54 -40.77 -38.40 -14.72
C ASN K 54 -39.98 -38.59 -16.02
N THR K 55 -40.50 -38.09 -17.16
CA THR K 55 -39.90 -38.36 -18.45
C THR K 55 -38.56 -37.63 -18.54
N VAL K 56 -38.54 -36.42 -17.96
CA VAL K 56 -37.33 -35.63 -17.83
C VAL K 56 -36.38 -36.44 -16.95
N GLU K 57 -36.87 -36.74 -15.73
CA GLU K 57 -36.16 -37.47 -14.69
C GLU K 57 -35.51 -38.74 -15.28
N ALA K 58 -36.29 -39.46 -16.09
CA ALA K 58 -35.84 -40.60 -16.89
C ALA K 58 -34.63 -40.27 -17.77
N ALA K 59 -34.72 -39.19 -18.55
CA ALA K 59 -33.66 -38.88 -19.51
C ALA K 59 -32.40 -38.41 -18.77
N TYR K 60 -32.61 -37.60 -17.73
CA TYR K 60 -31.57 -37.11 -16.84
C TYR K 60 -30.83 -38.27 -16.19
N GLU K 61 -31.61 -39.15 -15.55
CA GLU K 61 -31.16 -40.37 -14.89
C GLU K 61 -30.17 -41.12 -15.79
N GLN K 62 -30.55 -41.30 -17.06
CA GLN K 62 -29.77 -42.04 -18.03
C GLN K 62 -28.51 -41.27 -18.41
N LEU K 63 -28.63 -39.94 -18.58
CA LEU K 63 -27.46 -39.15 -18.94
C LEU K 63 -26.43 -39.27 -17.83
N VAL K 64 -26.89 -39.34 -16.56
CA VAL K 64 -26.00 -39.47 -15.41
C VAL K 64 -25.34 -40.86 -15.41
N ALA K 65 -26.18 -41.89 -15.44
CA ALA K 65 -25.79 -43.29 -15.30
C ALA K 65 -24.88 -43.74 -16.44
N GLU K 66 -24.91 -43.04 -17.58
CA GLU K 66 -24.07 -43.40 -18.71
C GLU K 66 -22.92 -42.38 -18.85
N GLY K 67 -22.75 -41.52 -17.83
CA GLY K 67 -21.59 -40.65 -17.62
C GLY K 67 -21.40 -39.51 -18.62
N TYR K 68 -22.51 -38.88 -19.06
CA TYR K 68 -22.54 -37.66 -19.85
C TYR K 68 -22.88 -36.46 -18.98
N VAL K 69 -23.50 -36.74 -17.83
CA VAL K 69 -23.89 -35.72 -16.88
C VAL K 69 -23.54 -36.24 -15.50
N GLU K 70 -23.64 -35.35 -14.51
CA GLU K 70 -23.32 -35.64 -13.13
C GLU K 70 -24.38 -34.94 -12.30
N VAL K 71 -25.00 -35.63 -11.33
CA VAL K 71 -25.67 -34.86 -10.30
C VAL K 71 -24.57 -34.22 -9.46
N ILE K 72 -24.65 -32.90 -9.26
CA ILE K 72 -23.80 -32.27 -8.27
C ILE K 72 -24.64 -32.10 -7.00
N PRO K 73 -24.53 -33.09 -6.09
CA PRO K 73 -25.72 -33.62 -5.41
C PRO K 73 -26.67 -32.58 -4.83
N ARG K 74 -26.20 -31.32 -4.76
CA ARG K 74 -26.88 -30.32 -3.93
C ARG K 74 -27.53 -29.22 -4.79
N LYS K 75 -27.25 -29.20 -6.10
CA LYS K 75 -27.73 -28.12 -6.99
C LYS K 75 -28.20 -28.60 -8.37
N GLY K 76 -28.64 -29.86 -8.50
CA GLY K 76 -29.17 -30.34 -9.77
C GLY K 76 -28.10 -31.03 -10.61
N PHE K 77 -28.28 -31.02 -11.94
CA PHE K 77 -27.55 -31.90 -12.86
C PHE K 77 -26.65 -31.05 -13.76
N TYR K 78 -25.37 -31.42 -13.86
CA TYR K 78 -24.37 -30.64 -14.60
C TYR K 78 -23.64 -31.49 -15.64
N VAL K 79 -23.28 -30.86 -16.76
CA VAL K 79 -22.70 -31.60 -17.86
C VAL K 79 -21.22 -31.85 -17.58
N GLN K 80 -20.76 -33.06 -17.96
CA GLN K 80 -19.35 -33.43 -18.11
C GLN K 80 -19.28 -34.80 -18.76
N ALA K 81 -18.58 -34.88 -19.91
CA ALA K 81 -18.47 -36.12 -20.71
C ALA K 81 -17.08 -36.74 -20.55
N TYR K 82 -17.02 -38.06 -20.33
CA TYR K 82 -15.75 -38.78 -20.30
C TYR K 82 -15.18 -38.90 -21.72
N GLU K 83 -13.85 -38.74 -21.82
CA GLU K 83 -13.26 -38.37 -23.10
C GLU K 83 -11.93 -39.11 -23.32
#